data_1BY1
#
_entry.id   1BY1
#
_cell.length_a   1.000
_cell.length_b   1.000
_cell.length_c   1.000
_cell.angle_alpha   90.00
_cell.angle_beta   90.00
_cell.angle_gamma   90.00
#
_symmetry.space_group_name_H-M   'P 1'
#
_entity_poly.entity_id   1
_entity_poly.type   'polypeptide(L)'
_entity_poly.pdbx_seq_one_letter_code
;MKGFDTTAINKSYYNVVLQNILETENEYSKELQTVLSTYLRPLQTSEKLSSANISYLMGNLEEICSFQQMLVQSLEECTK
LPEAQQRVGGCFLNLMPQMKTLYLTYCANHPSAVNVLTEHSEELGEFMETKGASSPGILVLTTGLSKPFMRLDKYPTLLK
ELERHMEDYHTDRQDIQKSMAAFKNLSAQCQEVRKRKELELQILTEAIR
;
_entity_poly.pdbx_strand_id   A
#
# COMPACT_ATOMS: atom_id res chain seq x y z
N MET A 1 14.00 17.85 -8.54
CA MET A 1 13.33 19.17 -8.46
C MET A 1 14.26 20.24 -7.90
N LYS A 2 15.55 20.15 -8.20
CA LYS A 2 16.52 21.10 -7.72
C LYS A 2 16.03 22.54 -7.87
N GLY A 3 15.19 22.77 -8.88
CA GLY A 3 14.63 24.10 -9.10
C GLY A 3 13.25 24.06 -9.70
N PHE A 4 12.27 23.66 -8.90
CA PHE A 4 10.89 23.57 -9.36
C PHE A 4 10.17 24.92 -9.22
N ASP A 5 10.93 25.99 -8.95
CA ASP A 5 10.35 27.31 -8.78
C ASP A 5 11.41 28.33 -8.35
N THR A 6 12.37 27.87 -7.58
CA THR A 6 13.44 28.74 -7.09
C THR A 6 12.93 29.77 -6.09
N THR A 7 11.69 29.60 -5.63
CA THR A 7 11.11 30.53 -4.66
C THR A 7 11.71 30.34 -3.27
N ALA A 8 11.98 31.45 -2.60
CA ALA A 8 12.56 31.41 -1.26
C ALA A 8 11.62 30.74 -0.27
N ILE A 9 11.91 29.48 0.05
CA ILE A 9 11.11 28.70 1.01
C ILE A 9 11.16 29.34 2.39
N ASN A 10 10.09 29.15 3.16
CA ASN A 10 10.01 29.67 4.52
C ASN A 10 8.57 29.61 5.01
N LYS A 11 8.31 28.74 5.98
CA LYS A 11 6.97 28.56 6.53
C LYS A 11 6.03 27.89 5.53
N SER A 12 6.60 27.33 4.47
CA SER A 12 5.81 26.65 3.43
C SER A 12 5.53 25.19 3.82
N TYR A 13 4.30 24.92 4.27
CA TYR A 13 3.91 23.56 4.67
C TYR A 13 4.01 22.61 3.48
N TYR A 14 3.73 23.13 2.28
CA TYR A 14 3.80 22.35 1.06
C TYR A 14 5.09 21.53 1.00
N ASN A 15 6.21 22.22 0.84
CA ASN A 15 7.51 21.57 0.75
C ASN A 15 7.81 20.70 1.98
N VAL A 16 7.09 20.94 3.07
CA VAL A 16 7.31 20.20 4.31
C VAL A 16 6.54 18.89 4.32
N VAL A 17 5.35 18.91 3.74
CA VAL A 17 4.50 17.72 3.69
C VAL A 17 5.02 16.72 2.66
N LEU A 18 5.23 17.19 1.44
CA LEU A 18 5.73 16.33 0.38
C LEU A 18 7.07 15.72 0.79
N GLN A 19 7.80 16.44 1.63
CA GLN A 19 9.11 15.99 2.11
C GLN A 19 8.96 14.91 3.17
N ASN A 20 8.25 15.23 4.24
CA ASN A 20 8.04 14.28 5.33
C ASN A 20 7.58 12.94 4.80
N ILE A 21 6.57 12.99 3.95
CA ILE A 21 6.00 11.80 3.35
C ILE A 21 7.09 10.97 2.68
N LEU A 22 8.12 11.65 2.15
CA LEU A 22 9.23 10.94 1.53
C LEU A 22 9.79 9.93 2.51
N GLU A 23 10.34 10.43 3.62
CA GLU A 23 10.92 9.59 4.67
C GLU A 23 10.12 8.30 4.88
N THR A 24 8.79 8.42 4.90
CA THR A 24 7.93 7.28 5.11
C THR A 24 7.81 6.40 3.86
N GLU A 25 7.21 6.94 2.80
CA GLU A 25 7.04 6.18 1.58
C GLU A 25 8.38 5.72 1.02
N ASN A 26 9.42 6.49 1.30
CA ASN A 26 10.75 6.14 0.86
C ASN A 26 11.13 4.80 1.41
N GLU A 27 11.16 4.71 2.74
CA GLU A 27 11.48 3.44 3.39
C GLU A 27 10.50 2.36 2.94
N TYR A 28 9.32 2.77 2.50
CA TYR A 28 8.34 1.83 1.98
C TYR A 28 8.82 1.29 0.64
N SER A 29 9.18 2.20 -0.26
CA SER A 29 9.69 1.83 -1.57
C SER A 29 11.08 1.21 -1.46
N LYS A 30 11.80 1.62 -0.43
CA LYS A 30 13.15 1.13 -0.18
C LYS A 30 13.13 -0.36 0.19
N GLU A 31 12.15 -0.75 1.00
CA GLU A 31 12.03 -2.15 1.42
C GLU A 31 11.71 -3.05 0.23
N LEU A 32 10.79 -2.61 -0.62
CA LEU A 32 10.39 -3.38 -1.78
C LEU A 32 11.52 -3.44 -2.80
N GLN A 33 12.17 -2.31 -3.03
CA GLN A 33 13.27 -2.26 -3.99
C GLN A 33 14.35 -3.27 -3.61
N THR A 34 14.59 -3.41 -2.31
CA THR A 34 15.62 -4.32 -1.81
C THR A 34 15.23 -5.78 -2.09
N VAL A 35 14.24 -6.28 -1.37
CA VAL A 35 13.78 -7.65 -1.53
C VAL A 35 13.51 -7.96 -3.01
N LEU A 36 12.94 -7.01 -3.72
CA LEU A 36 12.66 -7.17 -5.14
C LEU A 36 13.90 -7.62 -5.90
N SER A 37 14.86 -6.71 -6.05
CA SER A 37 16.11 -7.01 -6.76
C SER A 37 17.01 -7.97 -5.97
N THR A 38 16.72 -8.13 -4.69
CA THR A 38 17.53 -9.00 -3.84
C THR A 38 17.23 -10.47 -4.11
N TYR A 39 15.99 -10.87 -3.86
CA TYR A 39 15.63 -12.27 -4.02
C TYR A 39 14.30 -12.47 -4.75
N LEU A 40 13.57 -11.40 -4.99
CA LEU A 40 12.28 -11.48 -5.67
C LEU A 40 12.44 -11.49 -7.19
N ARG A 41 13.51 -10.87 -7.67
CA ARG A 41 13.77 -10.79 -9.11
C ARG A 41 13.43 -12.09 -9.84
N PRO A 42 13.88 -13.24 -9.32
CA PRO A 42 13.61 -14.54 -9.93
C PRO A 42 12.12 -14.89 -9.91
N LEU A 43 11.55 -14.97 -8.71
CA LEU A 43 10.14 -15.29 -8.56
C LEU A 43 9.27 -14.22 -9.20
N GLN A 44 9.82 -13.02 -9.37
CA GLN A 44 9.09 -11.90 -9.96
C GLN A 44 8.34 -12.33 -11.22
N THR A 45 8.89 -13.32 -11.92
CA THR A 45 8.28 -13.80 -13.16
C THR A 45 7.15 -14.80 -12.90
N SER A 46 6.74 -14.94 -11.64
CA SER A 46 5.68 -15.88 -11.29
C SER A 46 6.17 -17.32 -11.44
N GLU A 47 7.47 -17.51 -11.26
CA GLU A 47 8.10 -18.82 -11.40
C GLU A 47 7.30 -19.94 -10.74
N LYS A 48 7.32 -19.96 -9.41
CA LYS A 48 6.62 -21.02 -8.66
C LYS A 48 5.23 -20.58 -8.25
N LEU A 49 5.03 -19.27 -8.12
CA LEU A 49 3.73 -18.73 -7.73
C LEU A 49 2.99 -18.14 -8.93
N SER A 50 3.08 -18.83 -10.06
CA SER A 50 2.46 -18.37 -11.29
C SER A 50 0.94 -18.22 -11.14
N SER A 51 0.22 -19.32 -11.26
CA SER A 51 -1.23 -19.29 -11.15
C SER A 51 -1.67 -19.70 -9.75
N ALA A 52 -2.89 -19.31 -9.36
CA ALA A 52 -3.42 -19.66 -8.06
C ALA A 52 -2.67 -18.93 -6.94
N ASN A 53 -1.39 -19.26 -6.80
CA ASN A 53 -0.55 -18.67 -5.76
C ASN A 53 -0.59 -17.15 -5.83
N ILE A 54 -0.92 -16.62 -7.01
CA ILE A 54 -1.02 -15.17 -7.20
C ILE A 54 -1.87 -14.54 -6.08
N SER A 55 -3.13 -14.97 -5.99
CA SER A 55 -4.05 -14.45 -4.98
C SER A 55 -3.37 -14.34 -3.61
N TYR A 56 -2.36 -15.17 -3.37
CA TYR A 56 -1.68 -15.18 -2.09
C TYR A 56 -0.55 -14.14 -2.02
N LEU A 57 0.64 -14.52 -2.48
CA LEU A 57 1.80 -13.65 -2.36
C LEU A 57 1.98 -12.74 -3.57
N MET A 58 2.30 -13.33 -4.70
CA MET A 58 2.56 -12.56 -5.91
C MET A 58 1.45 -11.54 -6.18
N GLY A 59 0.22 -12.05 -6.35
CA GLY A 59 -0.92 -11.19 -6.64
C GLY A 59 -0.88 -9.86 -5.91
N ASN A 60 -0.31 -9.86 -4.70
CA ASN A 60 -0.18 -8.65 -3.91
C ASN A 60 1.14 -7.94 -4.19
N LEU A 61 2.22 -8.51 -3.67
CA LEU A 61 3.56 -7.93 -3.82
C LEU A 61 3.96 -7.80 -5.28
N GLU A 62 3.72 -8.84 -6.08
CA GLU A 62 4.09 -8.84 -7.48
C GLU A 62 3.53 -7.59 -8.19
N GLU A 63 2.35 -7.16 -7.74
CA GLU A 63 1.69 -5.99 -8.32
C GLU A 63 2.21 -4.70 -7.70
N ILE A 64 2.41 -4.71 -6.40
CA ILE A 64 2.92 -3.54 -5.70
C ILE A 64 4.23 -3.08 -6.34
N CYS A 65 4.94 -4.00 -7.01
CA CYS A 65 6.20 -3.67 -7.65
C CYS A 65 6.07 -2.38 -8.47
N SER A 66 5.30 -2.44 -9.56
CA SER A 66 5.08 -1.28 -10.40
C SER A 66 4.40 -0.17 -9.59
N PHE A 67 3.53 -0.56 -8.67
CA PHE A 67 2.82 0.40 -7.84
C PHE A 67 3.79 1.27 -7.04
N GLN A 68 4.54 0.65 -6.13
CA GLN A 68 5.50 1.38 -5.31
C GLN A 68 6.37 2.33 -6.15
N GLN A 69 6.57 2.00 -7.42
CA GLN A 69 7.38 2.84 -8.30
C GLN A 69 6.60 4.05 -8.80
N MET A 70 5.34 3.83 -9.17
CA MET A 70 4.48 4.91 -9.65
C MET A 70 3.88 5.66 -8.46
N LEU A 71 3.70 4.94 -7.35
CA LEU A 71 3.12 5.49 -6.12
C LEU A 71 3.55 6.94 -5.90
N VAL A 72 4.86 7.15 -5.82
CA VAL A 72 5.42 8.47 -5.58
C VAL A 72 5.70 9.21 -6.90
N GLN A 73 6.26 8.48 -7.86
CA GLN A 73 6.60 9.05 -9.16
C GLN A 73 5.36 9.50 -9.95
N SER A 74 4.19 9.10 -9.47
CA SER A 74 2.95 9.46 -10.16
C SER A 74 2.55 10.90 -9.88
N LEU A 75 2.16 11.16 -8.63
CA LEU A 75 1.69 12.49 -8.26
C LEU A 75 2.83 13.42 -7.83
N GLU A 76 3.67 12.94 -6.92
CA GLU A 76 4.75 13.77 -6.40
C GLU A 76 5.60 14.35 -7.51
N GLU A 77 5.76 13.60 -8.59
CA GLU A 77 6.56 14.05 -9.71
C GLU A 77 5.98 15.32 -10.34
N CYS A 78 4.67 15.48 -10.24
CA CYS A 78 4.01 16.64 -10.82
C CYS A 78 3.88 17.78 -9.81
N THR A 79 3.48 17.43 -8.59
CA THR A 79 3.34 18.43 -7.54
C THR A 79 4.65 19.20 -7.37
N LYS A 80 5.75 18.44 -7.16
CA LYS A 80 7.08 19.03 -7.03
C LYS A 80 7.31 20.09 -8.10
N LEU A 81 7.30 19.66 -9.36
CA LEU A 81 7.40 20.60 -10.46
C LEU A 81 6.14 21.44 -10.45
N PRO A 82 6.11 22.59 -11.14
CA PRO A 82 4.93 23.48 -11.16
C PRO A 82 3.60 22.72 -11.15
N GLU A 83 3.14 22.36 -9.95
CA GLU A 83 1.92 21.59 -9.80
C GLU A 83 0.75 22.25 -10.51
N ALA A 84 0.64 23.57 -10.37
CA ALA A 84 -0.44 24.30 -11.02
C ALA A 84 -1.78 23.95 -10.38
N GLN A 85 -2.17 22.70 -10.50
CA GLN A 85 -3.44 22.23 -9.94
C GLN A 85 -3.39 20.74 -9.61
N GLN A 86 -2.26 20.28 -9.05
CA GLN A 86 -2.10 18.88 -8.70
C GLN A 86 -3.30 18.34 -7.92
N ARG A 87 -3.32 17.03 -7.69
CA ARG A 87 -4.42 16.38 -6.96
C ARG A 87 -4.07 14.95 -6.60
N VAL A 88 -3.66 14.73 -5.36
CA VAL A 88 -3.29 13.40 -4.90
C VAL A 88 -4.46 12.43 -5.04
N GLY A 89 -5.66 12.92 -4.76
CA GLY A 89 -6.85 12.08 -4.85
C GLY A 89 -7.11 11.64 -6.27
N GLY A 90 -7.33 12.60 -7.16
CA GLY A 90 -7.61 12.29 -8.56
C GLY A 90 -6.74 11.18 -9.11
N CYS A 91 -5.48 11.16 -8.70
CA CYS A 91 -4.55 10.15 -9.16
C CYS A 91 -4.72 8.85 -8.38
N PHE A 92 -4.51 8.91 -7.06
CA PHE A 92 -4.68 7.74 -6.20
C PHE A 92 -6.00 7.03 -6.49
N LEU A 93 -6.99 7.81 -6.92
CA LEU A 93 -8.31 7.27 -7.23
C LEU A 93 -8.24 6.28 -8.39
N ASN A 94 -7.19 6.36 -9.18
CA ASN A 94 -7.01 5.46 -10.31
C ASN A 94 -6.25 4.21 -9.91
N LEU A 95 -5.36 4.35 -8.92
CA LEU A 95 -4.55 3.23 -8.46
C LEU A 95 -5.26 2.47 -7.34
N MET A 96 -6.30 3.07 -6.78
CA MET A 96 -7.05 2.43 -5.70
C MET A 96 -7.75 1.16 -6.17
N PRO A 97 -8.52 1.26 -7.27
CA PRO A 97 -9.27 0.13 -7.81
C PRO A 97 -8.47 -1.18 -7.75
N GLN A 98 -7.17 -1.09 -7.94
CA GLN A 98 -6.29 -2.26 -7.89
C GLN A 98 -5.77 -2.50 -6.49
N MET A 99 -5.54 -1.40 -5.76
CA MET A 99 -5.04 -1.48 -4.40
C MET A 99 -6.09 -2.10 -3.48
N LYS A 100 -7.35 -1.74 -3.70
CA LYS A 100 -8.46 -2.25 -2.91
C LYS A 100 -8.47 -3.78 -2.95
N THR A 101 -8.03 -4.34 -4.06
CA THR A 101 -8.01 -5.78 -4.22
C THR A 101 -6.85 -6.40 -3.47
N LEU A 102 -5.68 -5.77 -3.55
CA LEU A 102 -4.48 -6.27 -2.89
C LEU A 102 -4.53 -6.02 -1.39
N TYR A 103 -5.24 -4.97 -0.98
CA TYR A 103 -5.34 -4.61 0.43
C TYR A 103 -6.31 -5.54 1.16
N LEU A 104 -7.50 -5.68 0.61
CA LEU A 104 -8.53 -6.51 1.22
C LEU A 104 -8.06 -7.97 1.34
N THR A 105 -7.51 -8.50 0.26
CA THR A 105 -7.03 -9.88 0.23
C THR A 105 -5.95 -10.11 1.28
N TYR A 106 -4.89 -9.30 1.22
CA TYR A 106 -3.76 -9.44 2.14
C TYR A 106 -4.21 -9.56 3.58
N CYS A 107 -5.09 -8.67 4.00
CA CYS A 107 -5.58 -8.65 5.36
C CYS A 107 -6.30 -9.95 5.70
N ALA A 108 -6.99 -10.52 4.73
CA ALA A 108 -7.75 -11.74 4.96
C ALA A 108 -6.90 -12.99 4.70
N ASN A 109 -5.91 -12.83 3.83
CA ASN A 109 -5.01 -13.94 3.50
C ASN A 109 -3.79 -13.97 4.44
N HIS A 110 -3.58 -12.88 5.19
CA HIS A 110 -2.45 -12.78 6.11
C HIS A 110 -2.22 -14.08 6.87
N PRO A 111 -3.27 -14.59 7.54
CA PRO A 111 -3.19 -15.84 8.31
C PRO A 111 -2.53 -16.97 7.54
N SER A 112 -2.98 -17.16 6.30
CA SER A 112 -2.43 -18.20 5.44
C SER A 112 -1.00 -17.86 5.02
N ALA A 113 -0.71 -16.56 4.90
CA ALA A 113 0.62 -16.12 4.50
C ALA A 113 1.69 -16.77 5.35
N VAL A 114 1.67 -16.48 6.66
CA VAL A 114 2.66 -17.04 7.57
C VAL A 114 2.78 -18.55 7.39
N ASN A 115 1.68 -19.21 7.08
CA ASN A 115 1.67 -20.65 6.88
C ASN A 115 2.55 -21.05 5.70
N VAL A 116 2.25 -20.51 4.52
CA VAL A 116 2.99 -20.83 3.30
C VAL A 116 4.50 -20.70 3.51
N LEU A 117 4.90 -19.72 4.30
CA LEU A 117 6.31 -19.50 4.57
C LEU A 117 6.95 -20.70 5.27
N THR A 118 6.63 -20.89 6.54
CA THR A 118 7.19 -22.00 7.30
C THR A 118 7.02 -23.32 6.56
N GLU A 119 6.02 -23.35 5.67
CA GLU A 119 5.76 -24.54 4.87
C GLU A 119 6.61 -24.53 3.60
N HIS A 120 7.03 -23.34 3.16
CA HIS A 120 7.87 -23.22 1.98
C HIS A 120 9.23 -22.66 2.33
N SER A 121 9.61 -22.78 3.60
CA SER A 121 10.89 -22.26 4.05
C SER A 121 12.05 -22.95 3.33
N GLU A 122 11.85 -24.21 2.94
CA GLU A 122 12.88 -24.99 2.28
C GLU A 122 12.83 -24.84 0.75
N GLU A 123 11.62 -24.86 0.20
CA GLU A 123 11.48 -24.75 -1.25
C GLU A 123 11.70 -23.32 -1.72
N LEU A 124 11.02 -22.37 -1.09
CA LEU A 124 11.19 -20.98 -1.43
C LEU A 124 12.53 -20.47 -0.90
N GLY A 125 12.93 -20.98 0.27
CA GLY A 125 14.20 -20.60 0.85
C GLY A 125 15.39 -21.02 -0.01
N GLU A 126 15.14 -21.89 -0.97
CA GLU A 126 16.20 -22.38 -1.86
C GLU A 126 16.37 -21.48 -3.08
N PHE A 127 15.26 -21.12 -3.72
CA PHE A 127 15.32 -20.30 -4.92
C PHE A 127 15.92 -18.92 -4.59
N MET A 128 15.52 -18.36 -3.46
CA MET A 128 15.98 -17.05 -3.04
C MET A 128 17.48 -16.89 -3.23
N GLU A 129 18.24 -17.88 -2.79
CA GLU A 129 19.69 -17.79 -2.89
C GLU A 129 20.13 -17.64 -4.34
N THR A 130 20.37 -18.77 -5.02
CA THR A 130 20.85 -18.75 -6.40
C THR A 130 22.00 -17.75 -6.56
N LYS A 131 22.71 -17.50 -5.45
CA LYS A 131 23.82 -16.56 -5.43
C LYS A 131 24.19 -16.19 -4.00
N GLY A 132 23.26 -15.55 -3.31
CA GLY A 132 23.50 -15.16 -1.93
C GLY A 132 22.44 -14.21 -1.41
N ALA A 133 21.25 -14.74 -1.17
CA ALA A 133 20.13 -13.96 -0.68
C ALA A 133 20.43 -13.36 0.68
N SER A 134 19.45 -12.71 1.27
CA SER A 134 19.60 -12.10 2.59
C SER A 134 19.92 -13.15 3.66
N SER A 135 19.61 -12.82 4.91
CA SER A 135 19.89 -13.71 6.04
C SER A 135 18.63 -14.37 6.59
N PRO A 136 17.53 -13.62 6.78
CA PRO A 136 16.27 -14.19 7.28
C PRO A 136 15.56 -15.06 6.22
N GLY A 137 16.31 -15.98 5.61
CA GLY A 137 15.75 -16.85 4.57
C GLY A 137 14.85 -16.10 3.60
N ILE A 138 13.81 -16.76 3.12
CA ILE A 138 12.87 -16.15 2.19
C ILE A 138 11.67 -15.55 2.91
N LEU A 139 11.55 -15.84 4.20
CA LEU A 139 10.46 -15.31 4.99
C LEU A 139 10.53 -13.78 5.12
N VAL A 140 11.65 -13.20 4.65
CA VAL A 140 11.85 -11.76 4.68
C VAL A 140 10.59 -11.01 4.25
N LEU A 141 9.81 -11.65 3.37
CA LEU A 141 8.59 -11.06 2.87
C LEU A 141 7.73 -10.51 3.99
N THR A 142 6.97 -11.39 4.65
CA THR A 142 6.08 -11.00 5.75
C THR A 142 6.73 -9.94 6.63
N THR A 143 7.82 -10.32 7.28
CA THR A 143 8.52 -9.42 8.19
C THR A 143 8.71 -8.03 7.59
N GLY A 144 9.49 -7.96 6.52
CA GLY A 144 9.73 -6.67 5.89
C GLY A 144 8.50 -6.10 5.19
N LEU A 145 7.48 -6.93 5.03
CA LEU A 145 6.25 -6.50 4.37
C LEU A 145 5.12 -6.29 5.37
N SER A 146 5.47 -6.12 6.63
CA SER A 146 4.47 -5.88 7.67
C SER A 146 4.43 -4.41 8.07
N LYS A 147 5.55 -3.72 7.86
CA LYS A 147 5.64 -2.30 8.18
C LYS A 147 5.02 -1.45 7.08
N PRO A 148 5.41 -1.71 5.81
CA PRO A 148 4.93 -0.93 4.66
C PRO A 148 3.41 -0.77 4.64
N PHE A 149 2.70 -1.70 5.29
CA PHE A 149 1.24 -1.62 5.35
C PHE A 149 0.78 -0.71 6.50
N MET A 150 1.74 -0.09 7.20
CA MET A 150 1.42 0.82 8.29
C MET A 150 1.37 2.26 7.78
N ARG A 151 2.12 2.54 6.72
CA ARG A 151 2.18 3.88 6.14
C ARG A 151 0.84 4.32 5.55
N LEU A 152 -0.11 3.39 5.46
CA LEU A 152 -1.43 3.70 4.93
C LEU A 152 -2.21 4.63 5.86
N ASP A 153 -1.84 4.62 7.14
CA ASP A 153 -2.52 5.48 8.12
C ASP A 153 -2.08 6.94 7.99
N LYS A 154 -1.03 7.19 7.20
CA LYS A 154 -0.53 8.55 7.01
C LYS A 154 -0.97 9.13 5.66
N TYR A 155 -1.44 8.28 4.77
CA TYR A 155 -1.90 8.72 3.45
C TYR A 155 -2.81 9.94 3.55
N PRO A 156 -3.87 9.84 4.37
CA PRO A 156 -4.84 10.93 4.54
C PRO A 156 -4.18 12.28 4.82
N THR A 157 -2.93 12.25 5.28
CA THR A 157 -2.20 13.47 5.60
C THR A 157 -2.05 14.34 4.36
N LEU A 158 -1.54 13.76 3.28
CA LEU A 158 -1.39 14.49 2.03
C LEU A 158 -2.75 14.85 1.47
N LEU A 159 -3.69 13.91 1.58
CA LEU A 159 -5.05 14.12 1.09
C LEU A 159 -5.72 15.26 1.85
N LYS A 160 -5.17 15.61 3.00
CA LYS A 160 -5.75 16.65 3.84
C LYS A 160 -5.22 18.04 3.46
N GLU A 161 -3.91 18.24 3.59
CA GLU A 161 -3.31 19.55 3.32
C GLU A 161 -2.88 19.69 1.86
N LEU A 162 -2.42 18.61 1.26
CA LEU A 162 -1.95 18.63 -0.12
C LEU A 162 -3.11 18.80 -1.11
N GLU A 163 -4.29 18.37 -0.72
CA GLU A 163 -5.46 18.47 -1.58
C GLU A 163 -6.20 19.80 -1.38
N ARG A 164 -6.19 20.29 -0.15
CA ARG A 164 -6.86 21.54 0.17
C ARG A 164 -6.09 22.73 -0.35
N HIS A 165 -4.77 22.65 -0.28
CA HIS A 165 -3.90 23.73 -0.72
C HIS A 165 -4.04 24.93 0.20
N MET A 166 -5.22 25.55 0.19
CA MET A 166 -5.49 26.73 1.02
C MET A 166 -6.90 26.65 1.60
N GLU A 167 -7.19 25.56 2.29
CA GLU A 167 -8.50 25.37 2.90
C GLU A 167 -9.59 25.26 1.83
N ASP A 168 -10.07 26.39 1.33
CA ASP A 168 -11.11 26.40 0.30
C ASP A 168 -12.41 25.82 0.85
N TYR A 169 -13.44 25.80 0.01
CA TYR A 169 -14.74 25.26 0.41
C TYR A 169 -15.72 25.34 -0.75
N HIS A 170 -15.65 26.43 -1.50
CA HIS A 170 -16.52 26.62 -2.65
C HIS A 170 -16.38 25.46 -3.63
N THR A 171 -15.17 24.91 -3.71
CA THR A 171 -14.88 23.79 -4.61
C THR A 171 -13.48 23.23 -4.32
N ASP A 172 -12.96 22.45 -5.27
CA ASP A 172 -11.65 21.83 -5.11
C ASP A 172 -11.69 20.75 -4.04
N ARG A 173 -11.90 21.15 -2.78
CA ARG A 173 -11.95 20.20 -1.67
C ARG A 173 -12.96 19.10 -1.94
N GLN A 174 -14.02 19.45 -2.67
CA GLN A 174 -15.08 18.49 -3.00
C GLN A 174 -14.52 17.12 -3.39
N ASP A 175 -13.29 17.10 -3.91
CA ASP A 175 -12.66 15.85 -4.32
C ASP A 175 -12.16 15.06 -3.11
N ILE A 176 -11.70 15.77 -2.08
CA ILE A 176 -11.19 15.14 -0.87
C ILE A 176 -12.22 14.21 -0.24
N GLN A 177 -13.49 14.54 -0.43
CA GLN A 177 -14.58 13.72 0.10
C GLN A 177 -14.47 12.30 -0.41
N LYS A 178 -14.28 12.18 -1.72
CA LYS A 178 -14.16 10.87 -2.36
C LYS A 178 -12.77 10.28 -2.13
N SER A 179 -11.76 11.16 -2.03
CA SER A 179 -10.38 10.71 -1.82
C SER A 179 -10.22 10.09 -0.44
N MET A 180 -10.61 10.83 0.59
CA MET A 180 -10.51 10.36 1.96
C MET A 180 -11.49 9.22 2.20
N ALA A 181 -12.60 9.24 1.48
CA ALA A 181 -13.64 8.23 1.62
C ALA A 181 -13.21 6.88 1.04
N ALA A 182 -12.25 6.91 0.13
CA ALA A 182 -11.76 5.68 -0.49
C ALA A 182 -10.61 5.09 0.30
N PHE A 183 -9.48 5.80 0.32
CA PHE A 183 -8.30 5.35 1.05
C PHE A 183 -8.65 4.92 2.46
N LYS A 184 -9.59 5.63 3.07
CA LYS A 184 -10.04 5.32 4.42
C LYS A 184 -10.92 4.07 4.44
N ASN A 185 -11.89 4.02 3.52
CA ASN A 185 -12.81 2.90 3.44
C ASN A 185 -12.06 1.58 3.41
N LEU A 186 -10.80 1.62 2.98
CA LEU A 186 -9.98 0.42 2.89
C LEU A 186 -9.80 -0.22 4.25
N SER A 187 -9.32 0.57 5.20
CA SER A 187 -9.07 0.09 6.55
C SER A 187 -10.38 -0.11 7.32
N ALA A 188 -11.37 0.73 7.02
CA ALA A 188 -12.67 0.65 7.68
C ALA A 188 -13.40 -0.65 7.34
N GLN A 189 -13.13 -1.19 6.16
CA GLN A 189 -13.76 -2.43 5.72
C GLN A 189 -13.06 -3.65 6.34
N CYS A 190 -11.74 -3.61 6.35
CA CYS A 190 -10.93 -4.70 6.89
C CYS A 190 -11.44 -5.12 8.27
N GLN A 191 -11.77 -4.14 9.09
CA GLN A 191 -12.24 -4.41 10.43
C GLN A 191 -13.67 -4.96 10.43
N GLU A 192 -14.41 -4.66 9.36
CA GLU A 192 -15.79 -5.12 9.24
C GLU A 192 -15.85 -6.45 8.48
N VAL A 193 -14.86 -6.68 7.62
CA VAL A 193 -14.80 -7.90 6.83
C VAL A 193 -14.76 -9.13 7.73
N ARG A 194 -13.88 -9.11 8.71
CA ARG A 194 -13.74 -10.25 9.62
C ARG A 194 -15.08 -10.58 10.26
N LYS A 195 -15.74 -9.57 10.80
CA LYS A 195 -17.04 -9.76 11.43
C LYS A 195 -18.15 -9.87 10.39
N ARG A 196 -17.83 -9.58 9.13
CA ARG A 196 -18.82 -9.64 8.05
C ARG A 196 -19.70 -10.88 8.14
N LYS A 197 -20.93 -10.69 8.63
CA LYS A 197 -21.91 -11.78 8.72
C LYS A 197 -21.56 -12.76 9.84
N GLU A 198 -20.53 -12.45 10.63
CA GLU A 198 -20.13 -13.33 11.71
C GLU A 198 -20.82 -12.94 13.02
N LEU A 199 -20.92 -11.63 13.25
CA LEU A 199 -21.52 -11.11 14.47
C LEU A 199 -23.05 -11.17 14.43
N GLU A 200 -23.60 -11.26 13.23
CA GLU A 200 -25.05 -11.30 13.07
C GLU A 200 -25.66 -12.46 13.85
N LEU A 201 -25.13 -13.66 13.62
CA LEU A 201 -25.58 -14.87 14.31
C LEU A 201 -27.09 -14.89 14.53
N GLN A 202 -27.84 -14.83 13.44
CA GLN A 202 -29.31 -14.84 13.52
C GLN A 202 -29.86 -16.02 12.72
N ILE A 203 -29.52 -16.07 11.44
CA ILE A 203 -29.97 -17.15 10.58
C ILE A 203 -28.96 -18.30 10.57
N LEU A 204 -27.74 -18.03 11.03
CA LEU A 204 -26.69 -19.05 11.07
C LEU A 204 -27.09 -20.17 12.02
N THR A 205 -26.69 -21.39 11.67
CA THR A 205 -27.01 -22.55 12.49
C THR A 205 -26.07 -23.70 12.16
N GLU A 206 -24.78 -23.46 12.31
CA GLU A 206 -23.77 -24.47 12.04
C GLU A 206 -24.07 -25.76 12.79
N ALA A 207 -23.47 -26.86 12.33
CA ALA A 207 -23.66 -28.17 12.96
C ALA A 207 -22.40 -28.58 13.72
N ILE A 208 -21.82 -27.64 14.45
CA ILE A 208 -20.61 -27.92 15.23
C ILE A 208 -20.86 -29.02 16.25
N ARG A 209 -19.85 -29.83 16.51
CA ARG A 209 -19.98 -30.90 17.49
C ARG A 209 -19.26 -30.55 18.78
N MET A 1 10.73 19.76 -6.97
CA MET A 1 12.17 19.58 -7.20
C MET A 1 12.52 19.67 -8.69
N LYS A 2 13.80 19.90 -8.98
CA LYS A 2 14.26 19.99 -10.37
C LYS A 2 13.70 21.23 -11.05
N GLY A 3 12.39 21.23 -11.30
CA GLY A 3 11.77 22.36 -11.96
C GLY A 3 10.88 23.17 -11.02
N PHE A 4 10.90 22.83 -9.74
CA PHE A 4 10.07 23.53 -8.76
C PHE A 4 10.70 23.48 -7.38
N ASP A 5 11.52 24.49 -7.08
CA ASP A 5 12.18 24.58 -5.79
C ASP A 5 12.92 25.90 -5.64
N THR A 6 12.34 26.95 -6.20
CA THR A 6 12.95 28.28 -6.11
C THR A 6 12.23 29.14 -5.09
N THR A 7 11.54 28.51 -4.16
CA THR A 7 10.81 29.23 -3.13
C THR A 7 11.78 29.91 -2.15
N ALA A 8 11.71 31.24 -2.10
CA ALA A 8 12.59 32.00 -1.21
C ALA A 8 12.20 31.81 0.25
N ILE A 9 13.15 31.34 1.04
CA ILE A 9 12.96 31.10 2.48
C ILE A 9 11.77 30.18 2.76
N ASN A 10 11.99 29.20 3.62
CA ASN A 10 10.94 28.24 3.99
C ASN A 10 9.66 28.97 4.40
N LYS A 11 8.57 28.66 3.71
CA LYS A 11 7.28 29.29 3.99
C LYS A 11 6.14 28.47 3.42
N SER A 12 6.28 28.08 2.16
CA SER A 12 5.26 27.30 1.48
C SER A 12 5.14 25.90 2.09
N TYR A 13 4.04 25.68 2.82
CA TYR A 13 3.81 24.40 3.46
C TYR A 13 3.42 23.34 2.42
N TYR A 14 2.77 23.78 1.37
CA TYR A 14 2.35 22.88 0.30
C TYR A 14 3.53 22.07 -0.22
N ASN A 15 4.68 22.71 -0.33
CA ASN A 15 5.90 22.06 -0.82
C ASN A 15 6.59 21.27 0.28
N VAL A 16 6.35 21.66 1.53
CA VAL A 16 6.96 20.99 2.67
C VAL A 16 6.28 19.67 2.95
N VAL A 17 4.96 19.66 2.86
CA VAL A 17 4.17 18.47 3.10
C VAL A 17 4.56 17.34 2.15
N LEU A 18 4.46 17.61 0.86
CA LEU A 18 4.81 16.63 -0.16
C LEU A 18 6.18 16.04 0.11
N GLN A 19 7.15 16.93 0.30
CA GLN A 19 8.52 16.52 0.57
C GLN A 19 8.57 15.57 1.77
N ASN A 20 7.81 15.88 2.81
CA ASN A 20 7.77 15.03 4.00
C ASN A 20 7.36 13.61 3.61
N ILE A 21 6.47 13.53 2.62
CA ILE A 21 6.00 12.26 2.13
C ILE A 21 7.10 11.54 1.34
N LEU A 22 7.91 12.32 0.62
CA LEU A 22 9.02 11.75 -0.14
C LEU A 22 9.92 10.94 0.77
N GLU A 23 10.05 11.42 2.01
CA GLU A 23 10.85 10.73 3.02
C GLU A 23 10.13 9.48 3.51
N THR A 24 8.82 9.61 3.68
CA THR A 24 8.00 8.52 4.16
C THR A 24 7.85 7.44 3.09
N GLU A 25 7.48 7.83 1.88
CA GLU A 25 7.34 6.86 0.80
C GLU A 25 8.68 6.23 0.45
N ASN A 26 9.76 6.97 0.72
CA ASN A 26 11.10 6.48 0.45
C ASN A 26 11.34 5.17 1.21
N GLU A 27 10.98 5.16 2.47
CA GLU A 27 11.13 3.95 3.27
C GLU A 27 10.26 2.83 2.73
N TYR A 28 9.20 3.21 2.02
CA TYR A 28 8.29 2.24 1.43
C TYR A 28 8.78 1.80 0.05
N SER A 29 9.33 2.73 -0.71
CA SER A 29 9.84 2.44 -2.04
C SER A 29 11.27 1.91 -1.99
N LYS A 30 11.99 2.28 -0.95
CA LYS A 30 13.37 1.84 -0.79
C LYS A 30 13.43 0.43 -0.20
N GLU A 31 12.41 0.07 0.58
CA GLU A 31 12.34 -1.25 1.18
C GLU A 31 12.03 -2.31 0.12
N LEU A 32 11.03 -2.04 -0.72
CA LEU A 32 10.65 -2.97 -1.77
C LEU A 32 11.81 -3.25 -2.71
N GLN A 33 12.57 -2.20 -3.02
CA GLN A 33 13.71 -2.30 -3.91
C GLN A 33 14.72 -3.31 -3.38
N THR A 34 14.82 -3.41 -2.06
CA THR A 34 15.75 -4.32 -1.42
C THR A 34 15.41 -5.79 -1.73
N VAL A 35 14.34 -6.27 -1.11
CA VAL A 35 13.92 -7.66 -1.30
C VAL A 35 13.71 -7.98 -2.77
N LEU A 36 12.99 -7.12 -3.48
CA LEU A 36 12.72 -7.33 -4.89
C LEU A 36 14.00 -7.70 -5.64
N SER A 37 14.99 -6.83 -5.57
CA SER A 37 16.26 -7.05 -6.26
C SER A 37 17.18 -8.00 -5.48
N THR A 38 16.93 -8.18 -4.19
CA THR A 38 17.77 -9.03 -3.36
C THR A 38 17.54 -10.51 -3.65
N TYR A 39 16.32 -10.98 -3.43
CA TYR A 39 16.03 -12.40 -3.60
C TYR A 39 14.74 -12.66 -4.39
N LEU A 40 13.96 -11.61 -4.65
CA LEU A 40 12.71 -11.76 -5.36
C LEU A 40 12.91 -11.77 -6.87
N ARG A 41 14.00 -11.15 -7.32
CA ARG A 41 14.31 -11.06 -8.76
C ARG A 41 13.93 -12.33 -9.52
N PRO A 42 14.45 -13.49 -9.11
CA PRO A 42 14.17 -14.76 -9.79
C PRO A 42 12.68 -15.12 -9.77
N LEU A 43 12.10 -15.16 -8.58
CA LEU A 43 10.69 -15.50 -8.42
C LEU A 43 9.78 -14.45 -9.07
N GLN A 44 10.30 -13.24 -9.21
CA GLN A 44 9.54 -12.13 -9.78
C GLN A 44 8.76 -12.55 -11.03
N THR A 45 9.23 -13.58 -11.74
CA THR A 45 8.57 -14.05 -12.95
C THR A 45 7.44 -15.03 -12.63
N SER A 46 7.06 -15.13 -11.35
CA SER A 46 6.02 -16.04 -10.94
C SER A 46 6.45 -17.49 -11.16
N GLU A 47 7.77 -17.70 -11.19
CA GLU A 47 8.31 -19.03 -11.41
C GLU A 47 7.62 -20.08 -10.54
N LYS A 48 8.03 -20.15 -9.28
CA LYS A 48 7.48 -21.13 -8.35
C LYS A 48 6.14 -20.66 -7.77
N LEU A 49 5.81 -19.39 -7.96
CA LEU A 49 4.56 -18.83 -7.45
C LEU A 49 3.65 -18.41 -8.59
N SER A 50 3.60 -19.21 -9.64
CA SER A 50 2.76 -18.92 -10.79
C SER A 50 1.30 -18.77 -10.38
N SER A 51 0.39 -18.95 -11.33
CA SER A 51 -1.04 -18.85 -11.06
C SER A 51 -1.41 -19.55 -9.75
N ALA A 52 -2.56 -19.18 -9.19
CA ALA A 52 -3.01 -19.73 -7.91
C ALA A 52 -2.23 -19.14 -6.75
N ASN A 53 -0.91 -19.30 -6.76
CA ASN A 53 -0.06 -18.77 -5.69
C ASN A 53 -0.19 -17.25 -5.60
N ILE A 54 -0.64 -16.63 -6.68
CA ILE A 54 -0.82 -15.19 -6.72
C ILE A 54 -1.83 -14.74 -5.67
N SER A 55 -3.01 -15.35 -5.69
CA SER A 55 -4.07 -15.02 -4.74
C SER A 55 -3.52 -14.99 -3.30
N TYR A 56 -2.43 -15.72 -3.06
CA TYR A 56 -1.86 -15.79 -1.72
C TYR A 56 -0.85 -14.67 -1.46
N LEU A 57 0.42 -14.92 -1.78
CA LEU A 57 1.49 -13.95 -1.51
C LEU A 57 1.71 -12.99 -2.66
N MET A 58 2.40 -13.48 -3.69
CA MET A 58 2.76 -12.67 -4.85
C MET A 58 1.68 -11.68 -5.24
N GLY A 59 0.44 -12.19 -5.39
CA GLY A 59 -0.67 -11.34 -5.78
C GLY A 59 -0.65 -9.96 -5.14
N ASN A 60 -0.10 -9.88 -3.93
CA ASN A 60 0.00 -8.61 -3.22
C ASN A 60 1.34 -7.94 -3.52
N LEU A 61 2.41 -8.49 -2.96
CA LEU A 61 3.74 -7.93 -3.13
C LEU A 61 4.16 -7.87 -4.60
N GLU A 62 3.97 -8.97 -5.31
CA GLU A 62 4.38 -9.05 -6.70
C GLU A 62 3.76 -7.91 -7.52
N GLU A 63 2.59 -7.47 -7.11
CA GLU A 63 1.90 -6.38 -7.80
C GLU A 63 2.43 -5.02 -7.36
N ILE A 64 2.53 -4.84 -6.04
CA ILE A 64 3.00 -3.58 -5.47
C ILE A 64 4.28 -3.10 -6.17
N CYS A 65 5.05 -4.05 -6.70
CA CYS A 65 6.30 -3.72 -7.38
C CYS A 65 6.11 -2.58 -8.37
N SER A 66 5.31 -2.82 -9.40
CA SER A 66 5.04 -1.78 -10.39
C SER A 66 4.32 -0.59 -9.75
N PHE A 67 3.67 -0.85 -8.61
CA PHE A 67 2.96 0.19 -7.88
C PHE A 67 3.94 1.15 -7.22
N GLN A 68 4.82 0.60 -6.37
CA GLN A 68 5.80 1.42 -5.66
C GLN A 68 6.53 2.36 -6.61
N GLN A 69 6.60 1.97 -7.89
CA GLN A 69 7.27 2.79 -8.89
C GLN A 69 6.39 3.97 -9.30
N MET A 70 5.15 3.67 -9.68
CA MET A 70 4.21 4.69 -10.13
C MET A 70 3.60 5.45 -8.95
N LEU A 71 3.55 4.79 -7.80
CA LEU A 71 2.96 5.39 -6.60
C LEU A 71 3.35 6.85 -6.45
N VAL A 72 4.64 7.10 -6.20
CA VAL A 72 5.14 8.45 -6.02
C VAL A 72 5.49 9.11 -7.35
N GLN A 73 6.05 8.33 -8.26
CA GLN A 73 6.47 8.85 -9.56
C GLN A 73 5.31 9.35 -10.41
N SER A 74 4.09 8.97 -10.03
CA SER A 74 2.90 9.33 -10.82
C SER A 74 2.41 10.74 -10.53
N LEU A 75 1.90 10.96 -9.33
CA LEU A 75 1.27 12.23 -8.98
C LEU A 75 2.25 13.26 -8.39
N GLU A 76 3.26 12.80 -7.66
CA GLU A 76 4.18 13.73 -7.03
C GLU A 76 5.05 14.45 -8.03
N GLU A 77 5.71 13.70 -8.91
CA GLU A 77 6.59 14.30 -9.90
C GLU A 77 5.88 15.38 -10.68
N CYS A 78 4.56 15.30 -10.73
CA CYS A 78 3.78 16.28 -11.48
C CYS A 78 3.45 17.48 -10.60
N THR A 79 2.77 17.24 -9.48
CA THR A 79 2.42 18.31 -8.56
C THR A 79 3.65 19.14 -8.21
N LYS A 80 4.75 18.44 -7.93
CA LYS A 80 6.02 19.08 -7.58
C LYS A 80 6.32 20.21 -8.56
N LEU A 81 6.23 19.91 -9.85
CA LEU A 81 6.44 20.92 -10.87
C LEU A 81 5.45 22.06 -10.65
N PRO A 82 5.38 23.05 -11.56
CA PRO A 82 4.45 24.18 -11.41
C PRO A 82 3.00 23.72 -11.54
N GLU A 83 2.57 22.85 -10.62
CA GLU A 83 1.21 22.34 -10.63
C GLU A 83 0.94 21.54 -11.90
N ALA A 84 0.06 20.55 -11.78
CA ALA A 84 -0.32 19.72 -12.90
C ALA A 84 -1.76 19.23 -12.75
N GLN A 85 -2.07 18.70 -11.57
CA GLN A 85 -3.41 18.21 -11.29
C GLN A 85 -3.93 18.69 -9.93
N GLN A 86 -3.04 18.79 -8.96
CA GLN A 86 -3.41 19.24 -7.61
C GLN A 86 -4.50 18.35 -7.01
N ARG A 87 -4.70 17.17 -7.58
CA ARG A 87 -5.74 16.26 -7.09
C ARG A 87 -5.21 14.83 -6.95
N VAL A 88 -4.68 14.51 -5.78
CA VAL A 88 -4.16 13.17 -5.52
C VAL A 88 -5.22 12.12 -5.75
N GLY A 89 -6.42 12.38 -5.22
CA GLY A 89 -7.51 11.44 -5.38
C GLY A 89 -7.75 11.06 -6.83
N GLY A 90 -7.86 12.05 -7.70
CA GLY A 90 -8.09 11.79 -9.11
C GLY A 90 -7.18 10.71 -9.66
N CYS A 91 -5.98 10.59 -9.09
CA CYS A 91 -5.03 9.57 -9.51
C CYS A 91 -5.24 8.29 -8.71
N PHE A 92 -4.97 8.36 -7.42
CA PHE A 92 -5.16 7.21 -6.53
C PHE A 92 -6.52 6.56 -6.77
N LEU A 93 -7.49 7.38 -7.19
CA LEU A 93 -8.85 6.91 -7.45
C LEU A 93 -8.92 6.04 -8.71
N ASN A 94 -7.95 6.20 -9.60
CA ASN A 94 -7.93 5.43 -10.84
C ASN A 94 -7.34 4.05 -10.60
N LEU A 95 -6.39 4.01 -9.67
CA LEU A 95 -5.72 2.76 -9.33
C LEU A 95 -6.43 2.07 -8.16
N MET A 96 -7.30 2.82 -7.47
CA MET A 96 -8.03 2.29 -6.34
C MET A 96 -8.61 0.90 -6.65
N PRO A 97 -9.29 0.77 -7.80
CA PRO A 97 -9.88 -0.51 -8.23
C PRO A 97 -8.92 -1.68 -8.04
N GLN A 98 -7.62 -1.40 -8.06
CA GLN A 98 -6.61 -2.44 -7.87
C GLN A 98 -6.25 -2.59 -6.40
N MET A 99 -6.16 -1.46 -5.71
CA MET A 99 -5.83 -1.46 -4.30
C MET A 99 -6.83 -2.30 -3.51
N LYS A 100 -8.10 -2.19 -3.85
CA LYS A 100 -9.15 -2.94 -3.16
C LYS A 100 -8.89 -4.43 -3.25
N THR A 101 -8.39 -4.87 -4.40
CA THR A 101 -8.11 -6.29 -4.62
C THR A 101 -6.93 -6.76 -3.79
N LEU A 102 -5.90 -5.93 -3.72
CA LEU A 102 -4.68 -6.26 -2.98
C LEU A 102 -4.85 -5.99 -1.49
N TYR A 103 -5.44 -4.84 -1.16
CA TYR A 103 -5.63 -4.45 0.23
C TYR A 103 -6.52 -5.42 0.98
N LEU A 104 -7.74 -5.61 0.49
CA LEU A 104 -8.69 -6.51 1.13
C LEU A 104 -8.06 -7.86 1.40
N THR A 105 -7.15 -8.27 0.52
CA THR A 105 -6.49 -9.56 0.65
C THR A 105 -5.35 -9.49 1.67
N TYR A 106 -4.64 -8.37 1.70
CA TYR A 106 -3.52 -8.19 2.62
C TYR A 106 -3.93 -8.59 4.04
N CYS A 107 -5.09 -8.09 4.46
CA CYS A 107 -5.60 -8.36 5.81
C CYS A 107 -5.77 -9.86 6.05
N ALA A 108 -6.67 -10.48 5.30
CA ALA A 108 -6.96 -11.90 5.45
C ALA A 108 -5.79 -12.77 5.00
N ASN A 109 -4.83 -12.17 4.30
CA ASN A 109 -3.68 -12.92 3.80
C ASN A 109 -2.54 -12.92 4.82
N HIS A 110 -2.57 -11.97 5.75
CA HIS A 110 -1.53 -11.87 6.76
C HIS A 110 -1.29 -13.21 7.46
N PRO A 111 -2.38 -13.88 7.89
CA PRO A 111 -2.28 -15.17 8.59
C PRO A 111 -1.69 -16.26 7.71
N SER A 112 -1.92 -16.15 6.41
CA SER A 112 -1.41 -17.13 5.45
C SER A 112 0.00 -16.75 5.00
N ALA A 113 0.22 -15.46 4.78
CA ALA A 113 1.51 -14.96 4.32
C ALA A 113 2.65 -15.55 5.15
N VAL A 114 2.70 -15.19 6.43
CA VAL A 114 3.73 -15.67 7.33
C VAL A 114 3.88 -17.19 7.23
N ASN A 115 2.74 -17.88 7.15
CA ASN A 115 2.72 -19.33 7.06
C ASN A 115 3.33 -19.80 5.73
N VAL A 116 2.95 -19.14 4.65
CA VAL A 116 3.44 -19.49 3.32
C VAL A 116 4.96 -19.68 3.32
N LEU A 117 5.68 -18.70 3.87
CA LEU A 117 7.13 -18.76 3.91
C LEU A 117 7.60 -19.78 4.94
N THR A 118 7.20 -19.59 6.20
CA THR A 118 7.56 -20.53 7.25
C THR A 118 7.25 -21.95 6.81
N GLU A 119 6.27 -22.09 5.93
CA GLU A 119 5.89 -23.38 5.38
C GLU A 119 6.69 -23.68 4.10
N HIS A 120 7.07 -22.62 3.39
CA HIS A 120 7.84 -22.79 2.16
C HIS A 120 9.30 -22.41 2.38
N SER A 121 9.77 -22.57 3.60
CA SER A 121 11.14 -22.23 3.95
C SER A 121 12.15 -23.02 3.11
N GLU A 122 11.83 -24.28 2.82
CA GLU A 122 12.73 -25.16 2.06
C GLU A 122 12.55 -24.99 0.55
N GLU A 123 11.31 -24.80 0.11
CA GLU A 123 11.01 -24.65 -1.32
C GLU A 123 11.47 -23.29 -1.81
N LEU A 124 10.83 -22.25 -1.32
CA LEU A 124 11.18 -20.90 -1.71
C LEU A 124 12.61 -20.57 -1.31
N GLY A 125 13.07 -21.19 -0.22
CA GLY A 125 14.42 -20.96 0.25
C GLY A 125 15.45 -21.68 -0.63
N GLU A 126 15.00 -22.66 -1.38
CA GLU A 126 15.88 -23.42 -2.25
C GLU A 126 16.24 -22.59 -3.49
N PHE A 127 15.24 -21.97 -4.10
CA PHE A 127 15.48 -21.14 -5.28
C PHE A 127 16.39 -19.97 -4.92
N MET A 128 16.25 -19.51 -3.68
CA MET A 128 17.06 -18.40 -3.18
C MET A 128 18.42 -18.90 -2.72
N GLU A 129 18.51 -20.20 -2.40
CA GLU A 129 19.76 -20.80 -1.94
C GLU A 129 20.83 -20.71 -3.04
N THR A 130 20.39 -20.76 -4.29
CA THR A 130 21.29 -20.68 -5.42
C THR A 130 21.37 -19.26 -5.97
N LYS A 131 21.05 -18.28 -5.12
CA LYS A 131 21.07 -16.89 -5.54
C LYS A 131 22.05 -16.07 -4.69
N GLY A 132 22.08 -16.35 -3.39
CA GLY A 132 22.98 -15.64 -2.51
C GLY A 132 22.31 -14.50 -1.76
N ALA A 133 21.04 -14.69 -1.39
CA ALA A 133 20.30 -13.66 -0.67
C ALA A 133 21.01 -13.30 0.63
N SER A 134 20.29 -12.64 1.52
CA SER A 134 20.86 -12.23 2.81
C SER A 134 20.96 -13.43 3.77
N SER A 135 20.68 -13.21 5.06
CA SER A 135 20.84 -14.28 6.05
C SER A 135 19.52 -14.87 6.56
N PRO A 136 18.36 -14.17 6.51
CA PRO A 136 17.09 -14.72 6.97
C PRO A 136 16.38 -15.51 5.87
N GLY A 137 17.14 -16.31 5.12
CA GLY A 137 16.58 -17.14 4.07
C GLY A 137 15.60 -16.41 3.19
N ILE A 138 14.47 -17.05 2.92
CA ILE A 138 13.44 -16.47 2.06
C ILE A 138 12.27 -15.90 2.87
N LEU A 139 12.21 -16.25 4.15
CA LEU A 139 11.14 -15.77 5.03
C LEU A 139 11.28 -14.27 5.32
N VAL A 140 12.37 -13.66 4.86
CA VAL A 140 12.63 -12.22 5.07
C VAL A 140 11.34 -11.40 5.00
N LEU A 141 10.39 -11.85 4.19
CA LEU A 141 9.11 -11.15 4.03
C LEU A 141 8.56 -10.66 5.37
N THR A 142 8.50 -11.55 6.35
CA THR A 142 7.94 -11.21 7.66
C THR A 142 8.50 -9.89 8.17
N THR A 143 9.79 -9.89 8.50
CA THR A 143 10.43 -8.68 9.04
C THR A 143 10.52 -7.59 7.98
N GLY A 144 10.97 -7.96 6.79
CA GLY A 144 11.11 -7.00 5.71
C GLY A 144 9.83 -6.29 5.36
N LEU A 145 8.80 -7.07 5.07
CA LEU A 145 7.50 -6.51 4.68
C LEU A 145 6.53 -6.48 5.84
N SER A 146 7.06 -6.45 7.06
CA SER A 146 6.23 -6.43 8.26
C SER A 146 5.19 -5.32 8.16
N LYS A 147 5.61 -4.11 8.49
CA LYS A 147 4.72 -2.95 8.42
C LYS A 147 4.09 -2.85 7.03
N PRO A 148 2.78 -3.14 6.91
CA PRO A 148 2.07 -3.10 5.65
C PRO A 148 1.40 -1.75 5.40
N PHE A 149 0.42 -1.40 6.25
CA PHE A 149 -0.30 -0.14 6.09
C PHE A 149 0.21 0.93 7.06
N MET A 150 1.33 0.65 7.73
CA MET A 150 1.90 1.62 8.67
C MET A 150 2.15 2.95 7.98
N ARG A 151 2.28 2.91 6.65
CA ARG A 151 2.55 4.12 5.87
C ARG A 151 1.25 4.78 5.38
N LEU A 152 0.14 4.05 5.44
CA LEU A 152 -1.14 4.57 4.99
C LEU A 152 -1.73 5.55 6.01
N ASP A 153 -1.19 5.55 7.23
CA ASP A 153 -1.67 6.44 8.28
C ASP A 153 -1.32 7.90 7.98
N LYS A 154 -0.42 8.12 7.03
CA LYS A 154 0.01 9.46 6.67
C LYS A 154 -0.65 9.91 5.36
N TYR A 155 -1.06 8.94 4.56
CA TYR A 155 -1.70 9.22 3.27
C TYR A 155 -2.73 10.34 3.35
N PRO A 156 -3.73 10.19 4.24
CA PRO A 156 -4.80 11.17 4.40
C PRO A 156 -4.28 12.60 4.55
N THR A 157 -3.00 12.73 4.92
CA THR A 157 -2.40 14.05 5.11
C THR A 157 -2.36 14.82 3.80
N LEU A 158 -1.81 14.21 2.76
CA LEU A 158 -1.72 14.85 1.46
C LEU A 158 -3.11 15.13 0.91
N LEU A 159 -3.97 14.12 0.96
CA LEU A 159 -5.34 14.24 0.47
C LEU A 159 -6.01 15.50 1.02
N LYS A 160 -5.76 15.81 2.29
CA LYS A 160 -6.37 16.97 2.95
C LYS A 160 -5.49 18.22 2.82
N GLU A 161 -4.26 18.13 3.34
CA GLU A 161 -3.34 19.26 3.33
C GLU A 161 -3.11 19.78 1.92
N LEU A 162 -3.01 18.87 0.97
CA LEU A 162 -2.76 19.23 -0.42
C LEU A 162 -3.98 19.89 -1.06
N GLU A 163 -5.16 19.39 -0.72
CA GLU A 163 -6.41 19.93 -1.27
C GLU A 163 -6.69 21.34 -0.74
N ARG A 164 -6.07 21.70 0.38
CA ARG A 164 -6.28 23.01 0.98
C ARG A 164 -5.40 24.06 0.32
N HIS A 165 -4.17 23.68 -0.01
CA HIS A 165 -3.21 24.59 -0.63
C HIS A 165 -2.79 25.70 0.34
N MET A 166 -3.74 26.53 0.74
CA MET A 166 -3.46 27.62 1.67
C MET A 166 -4.67 27.93 2.55
N GLU A 167 -5.14 26.93 3.27
CA GLU A 167 -6.29 27.08 4.15
C GLU A 167 -7.41 27.90 3.49
N ASP A 168 -7.55 27.75 2.17
CA ASP A 168 -8.58 28.46 1.41
C ASP A 168 -9.92 28.42 2.15
N TYR A 169 -10.70 29.49 2.00
CA TYR A 169 -11.99 29.57 2.67
C TYR A 169 -13.16 29.24 1.73
N HIS A 170 -12.85 28.74 0.54
CA HIS A 170 -13.89 28.36 -0.42
C HIS A 170 -14.28 26.89 -0.24
N THR A 171 -13.95 26.33 0.92
CA THR A 171 -14.28 24.93 1.20
C THR A 171 -13.81 24.01 0.08
N ASP A 172 -14.68 23.74 -0.89
CA ASP A 172 -14.33 22.85 -2.00
C ASP A 172 -13.93 21.46 -1.50
N ARG A 173 -14.25 21.15 -0.24
CA ARG A 173 -13.90 19.86 0.33
C ARG A 173 -14.79 18.75 -0.22
N GLN A 174 -16.01 19.11 -0.60
CA GLN A 174 -16.96 18.14 -1.14
C GLN A 174 -16.29 17.20 -2.15
N ASP A 175 -15.23 17.68 -2.80
CA ASP A 175 -14.49 16.88 -3.77
C ASP A 175 -13.67 15.79 -3.09
N ILE A 176 -13.15 16.09 -1.90
CA ILE A 176 -12.32 15.14 -1.17
C ILE A 176 -13.16 13.99 -0.61
N GLN A 177 -14.41 14.29 -0.28
CA GLN A 177 -15.31 13.28 0.26
C GLN A 177 -15.34 12.05 -0.65
N LYS A 178 -15.11 12.29 -1.94
CA LYS A 178 -15.13 11.20 -2.92
C LYS A 178 -13.84 10.39 -2.88
N SER A 179 -12.73 11.07 -2.61
CA SER A 179 -11.43 10.39 -2.55
C SER A 179 -11.17 9.84 -1.16
N MET A 180 -11.30 10.70 -0.16
CA MET A 180 -11.08 10.29 1.23
C MET A 180 -11.96 9.09 1.58
N ALA A 181 -13.19 9.12 1.08
CA ALA A 181 -14.15 8.05 1.34
C ALA A 181 -13.80 6.78 0.57
N ALA A 182 -12.94 6.90 -0.44
CA ALA A 182 -12.53 5.74 -1.23
C ALA A 182 -11.30 5.08 -0.62
N PHE A 183 -10.23 5.86 -0.49
CA PHE A 183 -8.99 5.37 0.07
C PHE A 183 -9.21 4.79 1.47
N LYS A 184 -10.13 5.39 2.21
CA LYS A 184 -10.43 4.96 3.58
C LYS A 184 -11.31 3.71 3.59
N ASN A 185 -12.26 3.66 2.67
CA ASN A 185 -13.16 2.51 2.55
C ASN A 185 -12.36 1.21 2.50
N LEU A 186 -11.10 1.30 2.09
CA LEU A 186 -10.24 0.13 2.01
C LEU A 186 -9.87 -0.35 3.40
N SER A 187 -9.42 0.57 4.25
CA SER A 187 -9.05 0.26 5.61
C SER A 187 -10.29 0.10 6.49
N ALA A 188 -11.36 0.81 6.14
CA ALA A 188 -12.62 0.74 6.89
C ALA A 188 -13.28 -0.62 6.69
N GLN A 189 -13.02 -1.25 5.55
CA GLN A 189 -13.60 -2.56 5.24
C GLN A 189 -12.93 -3.67 6.05
N CYS A 190 -11.63 -3.82 5.85
CA CYS A 190 -10.87 -4.86 6.53
C CYS A 190 -11.19 -4.89 8.02
N GLN A 191 -11.57 -3.73 8.56
CA GLN A 191 -11.92 -3.60 9.96
C GLN A 191 -13.20 -4.35 10.29
N GLU A 192 -14.19 -4.22 9.42
CA GLU A 192 -15.48 -4.87 9.63
C GLU A 192 -15.51 -6.24 8.93
N VAL A 193 -14.72 -6.36 7.88
CA VAL A 193 -14.66 -7.61 7.12
C VAL A 193 -14.31 -8.78 8.04
N ARG A 194 -13.33 -8.56 8.90
CA ARG A 194 -12.90 -9.59 9.84
C ARG A 194 -14.09 -10.18 10.60
N LYS A 195 -14.88 -9.30 11.21
CA LYS A 195 -16.04 -9.72 11.99
C LYS A 195 -17.21 -10.10 11.09
N ARG A 196 -17.15 -9.66 9.84
CA ARG A 196 -18.21 -9.95 8.86
C ARG A 196 -18.63 -11.41 8.92
N LYS A 197 -17.70 -12.31 8.59
CA LYS A 197 -17.99 -13.74 8.59
C LYS A 197 -18.14 -14.28 10.02
N GLU A 198 -17.82 -13.46 11.01
CA GLU A 198 -17.96 -13.86 12.41
C GLU A 198 -19.36 -13.54 12.91
N LEU A 199 -19.78 -12.30 12.70
CA LEU A 199 -21.10 -11.85 13.13
C LEU A 199 -22.19 -12.24 12.14
N GLU A 200 -21.79 -12.67 10.93
CA GLU A 200 -22.73 -13.08 9.90
C GLU A 200 -23.90 -13.87 10.48
N LEU A 201 -23.56 -14.87 11.27
CA LEU A 201 -24.57 -15.70 11.92
C LEU A 201 -25.36 -16.50 10.90
N GLN A 202 -24.71 -17.52 10.34
CA GLN A 202 -25.35 -18.38 9.35
C GLN A 202 -25.21 -19.85 9.75
N ILE A 203 -23.98 -20.26 10.03
CA ILE A 203 -23.71 -21.63 10.44
C ILE A 203 -23.69 -21.75 11.96
N LEU A 204 -23.44 -20.62 12.64
CA LEU A 204 -23.39 -20.60 14.10
C LEU A 204 -24.59 -21.32 14.71
N THR A 205 -24.43 -21.78 15.94
CA THR A 205 -25.50 -22.49 16.64
C THR A 205 -25.88 -23.77 15.89
N GLU A 206 -25.27 -24.89 16.29
CA GLU A 206 -25.56 -26.18 15.68
C GLU A 206 -27.06 -26.47 15.74
N ALA A 207 -27.57 -27.15 14.71
CA ALA A 207 -28.98 -27.48 14.64
C ALA A 207 -29.20 -28.99 14.79
N ILE A 208 -28.36 -29.78 14.13
CA ILE A 208 -28.47 -31.23 14.18
C ILE A 208 -28.53 -31.70 15.63
N ARG A 209 -28.78 -32.98 15.82
CA ARG A 209 -28.88 -33.55 17.17
C ARG A 209 -29.93 -32.81 17.99
N MET A 1 -15.31 27.00 5.38
CA MET A 1 -14.18 27.82 4.85
C MET A 1 -12.93 27.64 5.70
N LYS A 2 -13.03 28.03 6.97
CA LYS A 2 -11.92 27.94 7.89
C LYS A 2 -11.36 26.51 7.93
N GLY A 3 -10.17 26.33 7.38
CA GLY A 3 -9.55 25.02 7.35
C GLY A 3 -9.58 24.40 5.96
N PHE A 4 -9.55 25.26 4.94
CA PHE A 4 -9.57 24.80 3.56
C PHE A 4 -10.88 24.10 3.26
N ASP A 5 -11.03 23.63 2.01
CA ASP A 5 -12.24 22.93 1.60
C ASP A 5 -13.40 23.92 1.43
N THR A 6 -13.50 24.46 0.23
CA THR A 6 -14.56 25.42 -0.10
C THR A 6 -15.16 25.11 -1.47
N THR A 7 -14.30 24.93 -2.46
CA THR A 7 -14.73 24.64 -3.82
C THR A 7 -15.49 25.82 -4.41
N ALA A 8 -15.65 25.81 -5.73
CA ALA A 8 -16.34 26.89 -6.43
C ALA A 8 -15.54 28.18 -6.33
N ILE A 9 -15.87 29.14 -7.19
CA ILE A 9 -15.19 30.43 -7.20
C ILE A 9 -13.68 30.30 -7.06
N ASN A 10 -13.11 29.24 -7.62
CA ASN A 10 -11.66 29.04 -7.56
C ASN A 10 -11.26 27.85 -8.43
N LYS A 11 -10.29 28.07 -9.31
CA LYS A 11 -9.80 27.02 -10.20
C LYS A 11 -8.42 26.53 -9.76
N SER A 12 -8.12 26.68 -8.48
CA SER A 12 -6.82 26.26 -7.95
C SER A 12 -6.52 24.81 -8.31
N TYR A 13 -5.36 24.58 -8.95
CA TYR A 13 -4.95 23.24 -9.35
C TYR A 13 -4.52 22.41 -8.14
N TYR A 14 -3.86 23.07 -7.20
CA TYR A 14 -3.40 22.41 -5.98
C TYR A 14 -4.51 21.56 -5.39
N ASN A 15 -5.69 22.15 -5.23
CA ASN A 15 -6.84 21.45 -4.67
C ASN A 15 -7.42 20.43 -5.65
N VAL A 16 -7.18 20.63 -6.95
CA VAL A 16 -7.68 19.72 -7.97
C VAL A 16 -6.91 18.41 -7.98
N VAL A 17 -5.59 18.52 -7.87
CA VAL A 17 -4.72 17.34 -7.87
C VAL A 17 -5.00 16.45 -6.68
N LEU A 18 -4.84 17.00 -5.48
CA LEU A 18 -5.06 16.23 -4.26
C LEU A 18 -6.41 15.54 -4.30
N GLN A 19 -7.42 16.26 -4.79
CA GLN A 19 -8.75 15.72 -4.90
C GLN A 19 -8.75 14.43 -5.73
N ASN A 20 -8.12 14.50 -6.89
CA ASN A 20 -8.02 13.34 -7.76
C ASN A 20 -7.35 12.19 -7.01
N ILE A 21 -6.44 12.55 -6.12
CA ILE A 21 -5.72 11.58 -5.32
C ILE A 21 -6.63 10.98 -4.26
N LEU A 22 -7.59 11.78 -3.76
CA LEU A 22 -8.56 11.26 -2.81
C LEU A 22 -9.30 10.09 -3.45
N GLU A 23 -9.46 10.18 -4.76
CA GLU A 23 -10.08 9.11 -5.53
C GLU A 23 -9.10 7.96 -5.70
N THR A 24 -7.87 8.31 -6.03
CA THR A 24 -6.83 7.31 -6.21
C THR A 24 -6.61 6.53 -4.91
N GLU A 25 -6.48 7.26 -3.82
CA GLU A 25 -6.29 6.63 -2.52
C GLU A 25 -7.53 5.84 -2.14
N ASN A 26 -8.70 6.37 -2.50
CA ASN A 26 -9.96 5.72 -2.21
C ASN A 26 -9.92 4.29 -2.71
N GLU A 27 -9.20 4.07 -3.80
CA GLU A 27 -9.05 2.72 -4.35
C GLU A 27 -8.25 1.86 -3.38
N TYR A 28 -7.31 2.49 -2.67
CA TYR A 28 -6.50 1.80 -1.67
C TYR A 28 -7.33 1.49 -0.43
N SER A 29 -8.13 2.47 0.01
CA SER A 29 -8.94 2.32 1.22
C SER A 29 -10.21 1.52 0.96
N LYS A 30 -10.92 1.86 -0.12
CA LYS A 30 -12.17 1.21 -0.45
C LYS A 30 -11.97 -0.29 -0.70
N GLU A 31 -10.88 -0.62 -1.39
CA GLU A 31 -10.55 -1.99 -1.71
C GLU A 31 -10.39 -2.80 -0.44
N LEU A 32 -9.53 -2.32 0.45
CA LEU A 32 -9.28 -2.98 1.73
C LEU A 32 -10.58 -3.10 2.52
N GLN A 33 -11.33 -2.02 2.57
CA GLN A 33 -12.61 -2.00 3.27
C GLN A 33 -13.49 -3.15 2.80
N THR A 34 -13.39 -3.45 1.52
CA THR A 34 -14.16 -4.55 0.91
C THR A 34 -13.89 -5.87 1.64
N VAL A 35 -12.61 -6.17 1.86
CA VAL A 35 -12.23 -7.39 2.56
C VAL A 35 -12.14 -7.15 4.07
N LEU A 36 -11.27 -6.22 4.47
CA LEU A 36 -11.10 -5.88 5.88
C LEU A 36 -12.44 -5.77 6.60
N SER A 37 -13.14 -4.68 6.33
CA SER A 37 -14.41 -4.39 6.97
C SER A 37 -15.56 -5.14 6.30
N THR A 38 -15.45 -6.46 6.29
CA THR A 38 -16.48 -7.29 5.67
C THR A 38 -16.35 -8.74 6.13
N TYR A 39 -15.31 -9.42 5.65
CA TYR A 39 -15.09 -10.82 6.00
C TYR A 39 -13.77 -11.01 6.78
N LEU A 40 -12.88 -10.02 6.70
CA LEU A 40 -11.60 -10.09 7.39
C LEU A 40 -11.74 -9.63 8.84
N ARG A 41 -12.75 -8.82 9.11
CA ARG A 41 -12.98 -8.27 10.45
C ARG A 41 -12.63 -9.26 11.56
N PRO A 42 -13.11 -10.52 11.44
CA PRO A 42 -12.83 -11.55 12.44
C PRO A 42 -11.35 -11.92 12.51
N LEU A 43 -10.86 -12.58 11.46
CA LEU A 43 -9.47 -13.04 11.42
C LEU A 43 -8.49 -11.87 11.41
N GLN A 44 -8.98 -10.66 11.15
CA GLN A 44 -8.12 -9.47 11.10
C GLN A 44 -7.19 -9.42 12.30
N THR A 45 -7.59 -10.05 13.40
CA THR A 45 -6.79 -10.07 14.61
C THR A 45 -5.70 -11.16 14.56
N SER A 46 -5.53 -11.78 13.39
CA SER A 46 -4.54 -12.83 13.21
C SER A 46 -4.92 -14.10 13.96
N GLU A 47 -6.23 -14.27 14.17
CA GLU A 47 -6.76 -15.43 14.91
C GLU A 47 -5.96 -16.70 14.64
N LYS A 48 -6.29 -17.39 13.55
CA LYS A 48 -5.60 -18.62 13.19
C LYS A 48 -4.25 -18.34 12.53
N LEU A 49 -4.03 -17.10 12.11
CA LEU A 49 -2.78 -16.72 11.46
C LEU A 49 -1.87 -15.92 12.40
N SER A 50 -1.84 -16.31 13.68
CA SER A 50 -1.02 -15.62 14.67
C SER A 50 0.27 -16.38 14.95
N SER A 51 1.10 -16.57 13.93
CA SER A 51 2.38 -17.28 14.09
C SER A 51 3.00 -17.62 12.74
N ALA A 52 4.00 -16.84 12.33
CA ALA A 52 4.68 -17.06 11.06
C ALA A 52 3.87 -16.55 9.87
N ASN A 53 2.66 -17.05 9.74
CA ASN A 53 1.76 -16.65 8.65
C ASN A 53 1.82 -15.15 8.38
N ILE A 54 2.10 -14.37 9.43
CA ILE A 54 2.15 -12.93 9.30
C ILE A 54 3.04 -12.52 8.11
N SER A 55 4.31 -12.88 8.18
CA SER A 55 5.26 -12.55 7.12
C SER A 55 4.70 -12.90 5.74
N TYR A 56 3.78 -13.85 5.71
CA TYR A 56 3.18 -14.29 4.45
C TYR A 56 2.06 -13.35 4.01
N LEU A 57 0.85 -13.61 4.50
CA LEU A 57 -0.31 -12.81 4.11
C LEU A 57 -0.55 -11.63 5.06
N MET A 58 -1.16 -11.93 6.20
CA MET A 58 -1.51 -10.92 7.20
C MET A 58 -0.45 -9.83 7.34
N GLY A 59 0.78 -10.21 7.71
CA GLY A 59 1.85 -9.24 7.89
C GLY A 59 1.83 -8.14 6.84
N ASN A 60 1.35 -8.46 5.65
CA ASN A 60 1.27 -7.48 4.58
C ASN A 60 -0.07 -6.78 4.58
N LEU A 61 -1.11 -7.49 4.17
CA LEU A 61 -2.46 -6.96 4.10
C LEU A 61 -2.95 -6.48 5.47
N GLU A 62 -2.77 -7.31 6.50
CA GLU A 62 -3.24 -6.97 7.84
C GLU A 62 -2.66 -5.62 8.30
N GLU A 63 -1.53 -5.25 7.73
CA GLU A 63 -0.87 -3.98 8.06
C GLU A 63 -1.48 -2.83 7.26
N ILE A 64 -1.81 -3.08 6.01
CA ILE A 64 -2.40 -2.06 5.15
C ILE A 64 -3.61 -1.42 5.83
N CYS A 65 -4.24 -2.18 6.73
CA CYS A 65 -5.43 -1.69 7.45
C CYS A 65 -5.21 -0.27 7.97
N SER A 66 -4.30 -0.13 8.93
CA SER A 66 -4.00 1.17 9.51
C SER A 66 -3.15 2.02 8.57
N PHE A 67 -2.26 1.36 7.83
CA PHE A 67 -1.39 2.05 6.89
C PHE A 67 -2.20 2.85 5.90
N GLN A 68 -3.28 2.25 5.40
CA GLN A 68 -4.16 2.92 4.46
C GLN A 68 -4.98 4.01 5.16
N GLN A 69 -5.14 3.88 6.47
CA GLN A 69 -5.92 4.81 7.25
C GLN A 69 -5.12 6.08 7.56
N MET A 70 -3.87 5.88 7.97
CA MET A 70 -3.01 7.02 8.31
C MET A 70 -2.46 7.66 7.04
N LEU A 71 -2.07 6.82 6.09
CA LEU A 71 -1.49 7.28 4.82
C LEU A 71 -2.21 8.53 4.29
N VAL A 72 -3.54 8.45 4.22
CA VAL A 72 -4.35 9.57 3.74
C VAL A 72 -4.57 10.62 4.82
N GLN A 73 -5.01 10.17 6.00
CA GLN A 73 -5.30 11.08 7.12
C GLN A 73 -4.05 11.80 7.62
N SER A 74 -2.89 11.32 7.22
CA SER A 74 -1.65 11.90 7.69
C SER A 74 -1.26 13.16 6.91
N LEU A 75 -1.04 13.01 5.62
CA LEU A 75 -0.57 14.12 4.77
C LEU A 75 -1.70 14.98 4.24
N GLU A 76 -2.82 14.37 3.86
CA GLU A 76 -3.94 15.11 3.29
C GLU A 76 -4.52 16.07 4.30
N GLU A 77 -4.86 15.57 5.48
CA GLU A 77 -5.45 16.41 6.52
C GLU A 77 -4.60 17.64 6.76
N CYS A 78 -3.31 17.51 6.50
CA CYS A 78 -2.39 18.60 6.72
C CYS A 78 -2.35 19.53 5.51
N THR A 79 -1.99 18.97 4.34
CA THR A 79 -1.94 19.73 3.10
C THR A 79 -3.18 20.60 2.95
N LYS A 80 -4.35 19.94 2.97
CA LYS A 80 -5.63 20.65 2.89
C LYS A 80 -5.60 21.90 3.75
N LEU A 81 -5.23 21.73 5.01
CA LEU A 81 -5.07 22.86 5.90
C LEU A 81 -3.96 23.74 5.36
N PRO A 82 -4.23 25.04 5.08
CA PRO A 82 -3.26 25.96 4.50
C PRO A 82 -1.80 25.61 4.81
N GLU A 83 -1.24 24.70 4.00
CA GLU A 83 0.15 24.28 4.19
C GLU A 83 0.42 23.91 5.65
N ALA A 84 0.86 24.90 6.44
CA ALA A 84 1.17 24.65 7.85
C ALA A 84 2.41 23.77 7.98
N GLN A 85 2.31 22.51 7.53
CA GLN A 85 3.42 21.57 7.62
C GLN A 85 3.39 20.55 6.48
N GLN A 86 2.71 20.89 5.40
CA GLN A 86 2.60 20.02 4.24
C GLN A 86 3.97 19.43 3.85
N ARG A 87 4.08 18.11 3.95
CA ARG A 87 5.32 17.41 3.59
C ARG A 87 5.00 16.01 3.09
N VAL A 88 4.61 15.91 1.82
CA VAL A 88 4.28 14.63 1.21
C VAL A 88 5.50 13.73 1.18
N GLY A 89 6.65 14.30 0.85
CA GLY A 89 7.86 13.52 0.81
C GLY A 89 8.16 12.87 2.14
N GLY A 90 8.11 13.65 3.22
CA GLY A 90 8.41 13.11 4.53
C GLY A 90 7.34 12.17 5.07
N CYS A 91 6.10 12.39 4.67
CA CYS A 91 5.00 11.56 5.12
C CYS A 91 5.10 10.15 4.54
N PHE A 92 4.87 10.03 3.23
CA PHE A 92 4.98 8.75 2.54
C PHE A 92 6.27 8.02 2.92
N LEU A 93 7.30 8.81 3.22
CA LEU A 93 8.60 8.25 3.58
C LEU A 93 8.57 7.65 4.99
N ASN A 94 7.61 8.09 5.81
CA ASN A 94 7.48 7.58 7.17
C ASN A 94 7.00 6.13 7.12
N LEU A 95 6.22 5.83 6.09
CA LEU A 95 5.71 4.47 5.90
C LEU A 95 6.66 3.64 5.04
N MET A 96 7.67 4.29 4.44
CA MET A 96 8.64 3.60 3.58
C MET A 96 9.07 2.28 4.18
N PRO A 97 9.51 2.28 5.44
CA PRO A 97 9.95 1.07 6.12
C PRO A 97 8.98 -0.10 5.93
N GLN A 98 7.69 0.19 6.06
CA GLN A 98 6.66 -0.84 5.92
C GLN A 98 6.34 -1.08 4.45
N MET A 99 6.13 -0.01 3.69
CA MET A 99 5.81 -0.10 2.27
C MET A 99 6.84 -0.94 1.52
N LYS A 100 8.12 -0.63 1.74
CA LYS A 100 9.22 -1.34 1.09
C LYS A 100 9.29 -2.80 1.52
N THR A 101 8.85 -3.05 2.74
CA THR A 101 8.88 -4.40 3.29
C THR A 101 7.67 -5.22 2.86
N LEU A 102 6.49 -4.60 2.91
CA LEU A 102 5.26 -5.29 2.55
C LEU A 102 5.10 -5.40 1.03
N TYR A 103 5.70 -4.47 0.30
CA TYR A 103 5.65 -4.51 -1.15
C TYR A 103 6.64 -5.53 -1.70
N LEU A 104 7.86 -5.51 -1.18
CA LEU A 104 8.91 -6.43 -1.64
C LEU A 104 8.56 -7.88 -1.32
N THR A 105 8.12 -8.13 -0.09
CA THR A 105 7.77 -9.48 0.32
C THR A 105 6.52 -9.97 -0.41
N TYR A 106 5.59 -9.06 -0.66
CA TYR A 106 4.36 -9.43 -1.35
C TYR A 106 4.65 -9.99 -2.74
N CYS A 107 5.23 -9.16 -3.60
CA CYS A 107 5.55 -9.56 -4.95
C CYS A 107 6.28 -10.90 -4.97
N ALA A 108 7.09 -11.15 -3.94
CA ALA A 108 7.83 -12.40 -3.83
C ALA A 108 6.98 -13.49 -3.20
N ASN A 109 5.95 -13.09 -2.45
CA ASN A 109 5.07 -14.06 -1.80
C ASN A 109 3.89 -14.42 -2.71
N HIS A 110 3.64 -13.61 -3.73
CA HIS A 110 2.52 -13.86 -4.66
C HIS A 110 2.39 -15.35 -5.00
N PRO A 111 3.50 -16.00 -5.38
CA PRO A 111 3.49 -17.42 -5.75
C PRO A 111 3.08 -18.32 -4.58
N SER A 112 3.75 -18.18 -3.45
CA SER A 112 3.45 -18.98 -2.27
C SER A 112 2.07 -18.62 -1.72
N ALA A 113 1.62 -17.40 -1.99
CA ALA A 113 0.33 -16.93 -1.50
C ALA A 113 -0.80 -17.81 -2.00
N VAL A 114 -0.86 -18.02 -3.30
CA VAL A 114 -1.90 -18.85 -3.89
C VAL A 114 -1.98 -20.21 -3.19
N ASN A 115 -0.82 -20.77 -2.84
CA ASN A 115 -0.77 -22.07 -2.19
C ASN A 115 -1.38 -21.99 -0.78
N VAL A 116 -1.00 -20.97 -0.02
CA VAL A 116 -1.50 -20.78 1.34
C VAL A 116 -3.01 -20.77 1.39
N LEU A 117 -3.64 -20.03 0.46
CA LEU A 117 -5.09 -19.94 0.41
C LEU A 117 -5.71 -21.22 -0.11
N THR A 118 -5.33 -21.63 -1.31
CA THR A 118 -5.84 -22.86 -1.89
C THR A 118 -5.72 -24.00 -0.87
N GLU A 119 -4.71 -23.89 -0.02
CA GLU A 119 -4.48 -24.87 1.03
C GLU A 119 -5.27 -24.52 2.28
N HIS A 120 -5.51 -23.23 2.48
CA HIS A 120 -6.28 -22.78 3.63
C HIS A 120 -7.70 -22.41 3.22
N SER A 121 -8.16 -22.98 2.11
CA SER A 121 -9.49 -22.71 1.60
C SER A 121 -10.55 -23.15 2.62
N GLU A 122 -10.32 -24.29 3.28
CA GLU A 122 -11.26 -24.82 4.27
C GLU A 122 -11.01 -24.25 5.66
N GLU A 123 -9.75 -24.07 6.01
CA GLU A 123 -9.39 -23.54 7.31
C GLU A 123 -9.86 -22.11 7.47
N LEU A 124 -9.42 -21.23 6.58
CA LEU A 124 -9.82 -19.83 6.62
C LEU A 124 -11.32 -19.71 6.35
N GLY A 125 -11.83 -20.59 5.49
CA GLY A 125 -13.24 -20.59 5.19
C GLY A 125 -14.06 -21.11 6.37
N GLU A 126 -13.40 -21.92 7.20
CA GLU A 126 -14.05 -22.48 8.39
C GLU A 126 -14.53 -21.38 9.32
N PHE A 127 -13.61 -20.53 9.76
CA PHE A 127 -13.96 -19.45 10.67
C PHE A 127 -14.98 -18.49 10.04
N MET A 128 -14.77 -18.19 8.77
CA MET A 128 -15.64 -17.29 8.02
C MET A 128 -16.98 -17.94 7.70
N GLU A 129 -17.00 -19.27 7.63
CA GLU A 129 -18.22 -19.99 7.28
C GLU A 129 -19.38 -19.55 8.14
N THR A 130 -19.10 -19.11 9.36
CA THR A 130 -20.14 -18.68 10.27
C THR A 130 -20.26 -17.16 10.29
N LYS A 131 -19.88 -16.53 9.19
CA LYS A 131 -19.91 -15.08 9.11
C LYS A 131 -20.69 -14.60 7.89
N GLY A 132 -20.49 -15.27 6.77
CA GLY A 132 -21.18 -14.90 5.54
C GLY A 132 -20.31 -14.05 4.64
N ALA A 133 -19.21 -14.64 4.18
CA ALA A 133 -18.29 -13.96 3.28
C ALA A 133 -19.04 -13.37 2.10
N SER A 134 -18.28 -12.77 1.19
CA SER A 134 -18.87 -12.16 0.01
C SER A 134 -19.29 -13.23 -1.01
N SER A 135 -18.32 -13.76 -1.76
CA SER A 135 -18.61 -14.79 -2.77
C SER A 135 -17.41 -15.70 -3.01
N PRO A 136 -16.24 -15.15 -3.36
CA PRO A 136 -15.04 -15.96 -3.57
C PRO A 136 -14.46 -16.49 -2.26
N GLY A 137 -15.31 -17.10 -1.43
CA GLY A 137 -14.86 -17.65 -0.16
C GLY A 137 -13.98 -16.69 0.62
N ILE A 138 -12.83 -17.18 1.07
CA ILE A 138 -11.89 -16.39 1.84
C ILE A 138 -10.67 -16.00 1.00
N LEU A 139 -10.51 -16.63 -0.15
CA LEU A 139 -9.38 -16.36 -1.04
C LEU A 139 -9.49 -14.99 -1.71
N VAL A 140 -10.60 -14.29 -1.49
CA VAL A 140 -10.80 -12.96 -2.06
C VAL A 140 -9.54 -12.10 -1.93
N LEU A 141 -8.75 -12.35 -0.90
CA LEU A 141 -7.53 -11.59 -0.64
C LEU A 141 -6.71 -11.38 -1.90
N THR A 142 -5.92 -12.39 -2.28
CA THR A 142 -5.07 -12.28 -3.46
C THR A 142 -5.82 -11.73 -4.67
N THR A 143 -6.88 -12.43 -5.06
CA THR A 143 -7.68 -12.03 -6.22
C THR A 143 -7.93 -10.52 -6.23
N GLY A 144 -8.62 -10.02 -5.21
CA GLY A 144 -8.93 -8.61 -5.13
C GLY A 144 -7.73 -7.75 -4.75
N LEU A 145 -6.73 -8.37 -4.15
CA LEU A 145 -5.53 -7.62 -3.73
C LEU A 145 -4.38 -7.82 -4.71
N SER A 146 -4.72 -8.05 -5.96
CA SER A 146 -3.74 -8.26 -7.02
C SER A 146 -3.34 -6.93 -7.69
N LYS A 147 -3.63 -5.81 -7.04
CA LYS A 147 -3.27 -4.51 -7.59
C LYS A 147 -3.24 -3.44 -6.50
N PRO A 148 -2.40 -3.66 -5.47
CA PRO A 148 -2.27 -2.73 -4.34
C PRO A 148 -1.21 -1.66 -4.56
N PHE A 149 -0.16 -2.03 -5.30
CA PHE A 149 0.93 -1.10 -5.56
C PHE A 149 0.71 -0.28 -6.82
N MET A 150 -0.50 -0.36 -7.39
CA MET A 150 -0.81 0.40 -8.59
C MET A 150 -0.65 1.89 -8.35
N ARG A 151 -0.80 2.31 -7.09
CA ARG A 151 -0.69 3.72 -6.73
C ARG A 151 0.65 4.30 -7.15
N LEU A 152 1.70 3.48 -7.10
CA LEU A 152 3.03 3.95 -7.44
C LEU A 152 3.06 4.60 -8.82
N ASP A 153 2.12 4.20 -9.68
CA ASP A 153 2.06 4.74 -11.04
C ASP A 153 1.46 6.13 -11.07
N LYS A 154 0.82 6.54 -9.98
CA LYS A 154 0.20 7.85 -9.91
C LYS A 154 0.77 8.67 -8.76
N TYR A 155 1.26 7.99 -7.73
CA TYR A 155 1.83 8.65 -6.56
C TYR A 155 2.70 9.85 -6.94
N PRO A 156 3.72 9.62 -7.77
CA PRO A 156 4.65 10.68 -8.21
C PRO A 156 3.95 11.96 -8.66
N THR A 157 2.68 11.86 -9.03
CA THR A 157 1.92 13.02 -9.48
C THR A 157 1.93 14.10 -8.43
N LEU A 158 1.54 13.72 -7.23
CA LEU A 158 1.54 14.64 -6.11
C LEU A 158 2.97 15.08 -5.80
N LEU A 159 3.89 14.12 -5.90
CA LEU A 159 5.30 14.38 -5.64
C LEU A 159 5.88 15.36 -6.67
N LYS A 160 5.30 15.39 -7.86
CA LYS A 160 5.83 16.25 -8.93
C LYS A 160 5.19 17.64 -8.94
N GLU A 161 3.87 17.70 -9.09
CA GLU A 161 3.17 18.98 -9.20
C GLU A 161 2.99 19.65 -7.84
N LEU A 162 2.62 18.87 -6.84
CA LEU A 162 2.38 19.42 -5.51
C LEU A 162 3.65 20.04 -4.94
N GLU A 163 4.77 19.36 -5.17
CA GLU A 163 6.06 19.82 -4.69
C GLU A 163 6.54 21.06 -5.45
N ARG A 164 5.90 21.36 -6.59
CA ARG A 164 6.28 22.53 -7.38
C ARG A 164 6.46 23.75 -6.49
N HIS A 165 5.45 24.05 -5.67
CA HIS A 165 5.52 25.20 -4.76
C HIS A 165 5.87 26.47 -5.51
N MET A 166 4.85 27.10 -6.09
CA MET A 166 5.04 28.34 -6.84
C MET A 166 6.21 28.23 -7.80
N GLU A 167 6.47 26.99 -8.25
CA GLU A 167 7.56 26.73 -9.17
C GLU A 167 8.91 27.06 -8.54
N ASP A 168 9.96 26.38 -8.98
CA ASP A 168 11.30 26.60 -8.46
C ASP A 168 11.38 26.22 -6.99
N TYR A 169 12.42 25.47 -6.64
CA TYR A 169 12.63 25.05 -5.27
C TYR A 169 13.82 25.76 -4.61
N HIS A 170 14.46 26.68 -5.34
CA HIS A 170 15.61 27.42 -4.80
C HIS A 170 16.62 26.49 -4.15
N THR A 171 17.05 25.45 -4.87
CA THR A 171 18.00 24.47 -4.37
C THR A 171 17.34 23.55 -3.35
N ASP A 172 18.09 22.56 -2.85
CA ASP A 172 17.56 21.61 -1.87
C ASP A 172 16.56 20.64 -2.51
N ARG A 173 16.40 20.71 -3.83
CA ARG A 173 15.47 19.85 -4.54
C ARG A 173 15.84 18.37 -4.41
N GLN A 174 17.13 18.10 -4.26
CA GLN A 174 17.62 16.73 -4.14
C GLN A 174 16.75 15.90 -3.19
N ASP A 175 16.12 16.58 -2.22
CA ASP A 175 15.24 15.93 -1.26
C ASP A 175 14.03 15.30 -1.95
N ILE A 176 13.68 15.86 -3.10
CA ILE A 176 12.56 15.36 -3.89
C ILE A 176 12.93 14.05 -4.60
N GLN A 177 14.14 14.00 -5.15
CA GLN A 177 14.60 12.81 -5.85
C GLN A 177 14.52 11.60 -4.93
N LYS A 178 14.96 11.79 -3.69
CA LYS A 178 14.94 10.72 -2.70
C LYS A 178 13.53 10.21 -2.48
N SER A 179 12.55 11.11 -2.60
CA SER A 179 11.14 10.75 -2.40
C SER A 179 10.61 9.96 -3.58
N MET A 180 10.66 10.57 -4.77
CA MET A 180 10.22 9.91 -5.99
C MET A 180 11.02 8.65 -6.27
N ALA A 181 12.32 8.72 -6.02
CA ALA A 181 13.21 7.59 -6.25
C ALA A 181 12.95 6.49 -5.21
N ALA A 182 12.38 6.88 -4.08
CA ALA A 182 12.07 5.94 -3.01
C ALA A 182 10.75 5.22 -3.30
N PHE A 183 9.75 5.99 -3.72
CA PHE A 183 8.45 5.45 -4.07
C PHE A 183 8.55 4.61 -5.34
N LYS A 184 9.44 5.02 -6.23
CA LYS A 184 9.65 4.33 -7.51
C LYS A 184 10.47 3.06 -7.35
N ASN A 185 11.62 3.19 -6.68
CA ASN A 185 12.53 2.06 -6.47
C ASN A 185 11.76 0.83 -6.01
N LEU A 186 10.65 1.07 -5.36
CA LEU A 186 9.81 -0.01 -4.84
C LEU A 186 9.48 -1.01 -5.95
N SER A 187 8.86 -0.52 -7.02
CA SER A 187 8.51 -1.37 -8.15
C SER A 187 9.75 -1.77 -8.95
N ALA A 188 10.61 -0.78 -9.21
CA ALA A 188 11.84 -1.02 -9.98
C ALA A 188 12.60 -2.21 -9.43
N GLN A 189 12.41 -2.46 -8.14
CA GLN A 189 13.09 -3.56 -7.47
C GLN A 189 12.34 -4.87 -7.66
N CYS A 190 11.01 -4.80 -7.58
CA CYS A 190 10.17 -5.99 -7.73
C CYS A 190 10.40 -6.65 -9.09
N GLN A 191 10.91 -5.87 -10.04
CA GLN A 191 11.16 -6.38 -11.39
C GLN A 191 12.43 -7.23 -11.43
N GLU A 192 13.39 -6.89 -10.58
CA GLU A 192 14.65 -7.61 -10.54
C GLU A 192 14.59 -8.76 -9.55
N VAL A 193 13.84 -8.57 -8.47
CA VAL A 193 13.69 -9.59 -7.44
C VAL A 193 13.25 -10.91 -8.05
N ARG A 194 12.43 -10.82 -9.09
CA ARG A 194 11.93 -12.00 -9.78
C ARG A 194 13.05 -12.99 -10.05
N LYS A 195 14.11 -12.50 -10.65
CA LYS A 195 15.27 -13.32 -10.97
C LYS A 195 16.03 -13.73 -9.72
N ARG A 196 15.83 -13.00 -8.63
CA ARG A 196 16.53 -13.28 -7.38
C ARG A 196 16.33 -14.74 -6.95
N LYS A 197 15.09 -15.10 -6.66
CA LYS A 197 14.79 -16.44 -6.21
C LYS A 197 14.73 -17.42 -7.39
N GLU A 198 14.64 -16.90 -8.61
CA GLU A 198 14.56 -17.72 -9.80
C GLU A 198 15.96 -18.18 -10.22
N LEU A 199 16.92 -17.28 -10.17
CA LEU A 199 18.29 -17.59 -10.55
C LEU A 199 18.91 -18.55 -9.55
N GLU A 200 18.42 -18.52 -8.30
CA GLU A 200 18.90 -19.38 -7.26
C GLU A 200 18.87 -20.86 -7.65
N LEU A 201 18.98 -21.71 -6.64
CA LEU A 201 18.98 -23.15 -6.82
C LEU A 201 20.22 -23.62 -7.56
N GLN A 202 21.37 -23.12 -7.10
CA GLN A 202 22.65 -23.51 -7.68
C GLN A 202 23.59 -23.99 -6.58
N ILE A 203 23.86 -23.12 -5.61
CA ILE A 203 24.71 -23.46 -4.48
C ILE A 203 23.92 -24.27 -3.43
N LEU A 204 22.61 -24.44 -3.66
CA LEU A 204 21.72 -25.16 -2.74
C LEU A 204 22.43 -26.34 -2.04
N THR A 205 22.22 -26.44 -0.74
CA THR A 205 22.83 -27.51 0.06
C THR A 205 21.85 -28.64 0.29
N GLU A 206 22.14 -29.47 1.28
CA GLU A 206 21.28 -30.59 1.63
C GLU A 206 19.83 -30.16 1.67
N ALA A 207 18.92 -31.12 1.47
CA ALA A 207 17.49 -30.83 1.49
C ALA A 207 16.93 -31.00 2.91
N ILE A 208 17.69 -31.66 3.78
CA ILE A 208 17.26 -31.85 5.15
C ILE A 208 17.49 -30.60 5.99
N ARG A 209 16.43 -29.84 6.20
CA ARG A 209 16.53 -28.62 7.00
C ARG A 209 17.70 -27.75 6.51
N MET A 1 -8.99 21.76 9.54
CA MET A 1 -10.13 22.53 10.10
C MET A 1 -11.39 22.31 9.27
N LYS A 2 -12.08 21.21 9.54
CA LYS A 2 -13.29 20.88 8.82
C LYS A 2 -13.01 20.68 7.32
N GLY A 3 -11.75 20.42 6.99
CA GLY A 3 -11.38 20.22 5.60
C GLY A 3 -10.68 21.41 5.00
N PHE A 4 -10.18 22.30 5.85
CA PHE A 4 -9.48 23.49 5.38
C PHE A 4 -10.43 24.36 4.56
N ASP A 5 -11.27 25.13 5.23
CA ASP A 5 -12.20 26.03 4.55
C ASP A 5 -11.58 27.41 4.37
N THR A 6 -11.67 27.94 3.15
CA THR A 6 -11.12 29.26 2.85
C THR A 6 -12.12 30.09 2.06
N THR A 7 -12.69 29.49 1.02
CA THR A 7 -13.65 30.18 0.16
C THR A 7 -12.95 31.21 -0.73
N ALA A 8 -11.62 31.10 -0.84
CA ALA A 8 -10.85 32.01 -1.66
C ALA A 8 -11.40 32.07 -3.08
N ILE A 9 -11.26 33.22 -3.73
CA ILE A 9 -11.74 33.41 -5.09
C ILE A 9 -11.27 32.28 -6.00
N ASN A 10 -12.22 31.61 -6.66
CA ASN A 10 -11.90 30.51 -7.58
C ASN A 10 -11.19 29.37 -6.85
N LYS A 11 -11.65 28.14 -7.12
CA LYS A 11 -11.06 26.96 -6.50
C LYS A 11 -9.62 26.76 -6.96
N SER A 12 -8.72 26.62 -6.00
CA SER A 12 -7.30 26.42 -6.28
C SER A 12 -7.07 25.04 -6.89
N TYR A 13 -6.26 24.99 -7.93
CA TYR A 13 -5.93 23.73 -8.59
C TYR A 13 -5.36 22.73 -7.60
N TYR A 14 -4.66 23.25 -6.58
CA TYR A 14 -4.04 22.41 -5.56
C TYR A 14 -5.09 21.52 -4.88
N ASN A 15 -6.22 22.13 -4.50
CA ASN A 15 -7.29 21.41 -3.83
C ASN A 15 -7.98 20.43 -4.78
N VAL A 16 -7.79 20.62 -6.08
CA VAL A 16 -8.39 19.75 -7.08
C VAL A 16 -7.53 18.51 -7.30
N VAL A 17 -6.23 18.65 -7.10
CA VAL A 17 -5.29 17.55 -7.30
C VAL A 17 -5.53 16.44 -6.28
N LEU A 18 -5.66 16.83 -5.01
CA LEU A 18 -5.91 15.86 -3.96
C LEU A 18 -7.28 15.24 -4.15
N GLN A 19 -8.23 16.07 -4.60
CA GLN A 19 -9.57 15.61 -4.88
C GLN A 19 -9.56 14.42 -5.84
N ASN A 20 -8.90 14.61 -6.98
CA ASN A 20 -8.81 13.56 -7.98
C ASN A 20 -8.26 12.28 -7.35
N ILE A 21 -7.05 12.39 -6.83
CA ILE A 21 -6.39 11.27 -6.18
C ILE A 21 -7.26 10.67 -5.09
N LEU A 22 -7.86 11.54 -4.27
CA LEU A 22 -8.72 11.08 -3.18
C LEU A 22 -9.69 10.01 -3.68
N GLU A 23 -10.49 10.36 -4.67
CA GLU A 23 -11.43 9.43 -5.27
C GLU A 23 -10.74 8.12 -5.64
N THR A 24 -9.62 8.23 -6.36
CA THR A 24 -8.86 7.07 -6.77
C THR A 24 -8.43 6.25 -5.56
N GLU A 25 -8.04 6.94 -4.48
CA GLU A 25 -7.62 6.26 -3.26
C GLU A 25 -8.81 5.59 -2.56
N ASN A 26 -9.96 6.23 -2.66
CA ASN A 26 -11.16 5.68 -2.04
C ASN A 26 -11.39 4.25 -2.49
N GLU A 27 -11.02 3.96 -3.74
CA GLU A 27 -11.16 2.60 -4.30
C GLU A 27 -10.24 1.62 -3.58
N TYR A 28 -9.08 2.11 -3.18
CA TYR A 28 -8.11 1.28 -2.48
C TYR A 28 -8.49 1.16 -1.01
N SER A 29 -8.95 2.27 -0.46
CA SER A 29 -9.36 2.33 0.95
C SER A 29 -10.70 1.63 1.16
N LYS A 30 -11.66 1.94 0.32
CA LYS A 30 -13.01 1.37 0.42
C LYS A 30 -13.00 -0.14 0.10
N GLU A 31 -11.95 -0.59 -0.59
CA GLU A 31 -11.84 -1.99 -0.94
C GLU A 31 -11.46 -2.84 0.26
N LEU A 32 -10.36 -2.48 0.93
CA LEU A 32 -9.91 -3.22 2.10
C LEU A 32 -10.96 -3.15 3.21
N GLN A 33 -11.53 -1.96 3.40
CA GLN A 33 -12.57 -1.76 4.39
C GLN A 33 -13.68 -2.79 4.22
N THR A 34 -14.05 -3.04 2.97
CA THR A 34 -15.11 -3.99 2.66
C THR A 34 -14.80 -5.38 3.25
N VAL A 35 -13.84 -6.07 2.64
CA VAL A 35 -13.45 -7.40 3.09
C VAL A 35 -13.17 -7.43 4.60
N LEU A 36 -12.55 -6.36 5.10
CA LEU A 36 -12.24 -6.27 6.53
C LEU A 36 -13.48 -6.49 7.38
N SER A 37 -14.38 -5.51 7.39
CA SER A 37 -15.60 -5.58 8.17
C SER A 37 -16.56 -6.65 7.65
N THR A 38 -16.27 -7.20 6.48
CA THR A 38 -17.15 -8.21 5.89
C THR A 38 -16.86 -9.60 6.43
N TYR A 39 -15.67 -10.12 6.13
CA TYR A 39 -15.33 -11.48 6.56
C TYR A 39 -13.95 -11.57 7.24
N LEU A 40 -13.15 -10.51 7.16
CA LEU A 40 -11.82 -10.51 7.76
C LEU A 40 -11.85 -10.11 9.24
N ARG A 41 -12.89 -9.37 9.62
CA ARG A 41 -13.04 -8.90 10.99
C ARG A 41 -12.65 -9.95 12.03
N PRO A 42 -13.22 -11.15 11.94
CA PRO A 42 -12.95 -12.24 12.89
C PRO A 42 -11.45 -12.56 13.00
N LEU A 43 -10.85 -12.92 11.87
CA LEU A 43 -9.43 -13.27 11.83
C LEU A 43 -8.53 -12.07 12.11
N GLN A 44 -9.12 -10.87 12.15
CA GLN A 44 -8.37 -9.64 12.39
C GLN A 44 -7.38 -9.79 13.54
N THR A 45 -7.66 -10.70 14.46
CA THR A 45 -6.79 -10.93 15.60
C THR A 45 -5.68 -11.94 15.29
N SER A 46 -5.43 -12.17 14.00
CA SER A 46 -4.39 -13.10 13.59
C SER A 46 -4.72 -14.53 14.06
N GLU A 47 -5.99 -14.77 14.36
CA GLU A 47 -6.41 -16.09 14.84
C GLU A 47 -5.99 -17.18 13.86
N LYS A 48 -5.01 -17.99 14.28
CA LYS A 48 -4.49 -19.09 13.46
C LYS A 48 -3.39 -18.63 12.51
N LEU A 49 -3.31 -17.33 12.27
CA LEU A 49 -2.30 -16.78 11.37
C LEU A 49 -1.37 -15.82 12.11
N SER A 50 -1.10 -16.11 13.38
CA SER A 50 -0.21 -15.26 14.17
C SER A 50 1.22 -15.79 14.13
N SER A 51 2.17 -14.89 13.91
CA SER A 51 3.58 -15.27 13.86
C SER A 51 3.84 -16.21 12.69
N ALA A 52 4.91 -15.95 11.95
CA ALA A 52 5.28 -16.76 10.78
C ALA A 52 4.36 -16.44 9.60
N ASN A 53 3.08 -16.75 9.75
CA ASN A 53 2.08 -16.49 8.71
C ASN A 53 2.13 -15.03 8.27
N ILE A 54 2.57 -14.16 9.17
CA ILE A 54 2.67 -12.74 8.86
C ILE A 54 3.47 -12.53 7.57
N SER A 55 4.73 -12.95 7.60
CA SER A 55 5.61 -12.82 6.44
C SER A 55 4.90 -13.23 5.15
N TYR A 56 3.95 -14.15 5.26
CA TYR A 56 3.23 -14.63 4.09
C TYR A 56 2.09 -13.67 3.70
N LEU A 57 0.90 -13.89 4.24
CA LEU A 57 -0.26 -13.05 3.90
C LEU A 57 -0.43 -11.87 4.84
N MET A 58 -0.97 -12.15 6.04
CA MET A 58 -1.24 -11.13 7.04
C MET A 58 -0.24 -9.97 7.02
N GLY A 59 1.05 -10.30 7.09
CA GLY A 59 2.08 -9.28 7.08
C GLY A 59 1.81 -8.16 6.09
N ASN A 60 1.12 -8.50 5.01
CA ASN A 60 0.77 -7.50 4.00
C ASN A 60 -0.56 -6.85 4.34
N LEU A 61 -1.64 -7.60 4.15
CA LEU A 61 -2.98 -7.10 4.41
C LEU A 61 -3.15 -6.66 5.86
N GLU A 62 -2.82 -7.55 6.79
CA GLU A 62 -2.98 -7.26 8.22
C GLU A 62 -2.28 -5.95 8.59
N GLU A 63 -1.28 -5.58 7.81
CA GLU A 63 -0.54 -4.35 8.07
C GLU A 63 -1.17 -3.18 7.32
N ILE A 64 -1.45 -3.37 6.04
CA ILE A 64 -2.08 -2.33 5.22
C ILE A 64 -3.26 -1.69 5.96
N CYS A 65 -3.91 -2.46 6.82
CA CYS A 65 -5.04 -1.94 7.60
C CYS A 65 -4.64 -0.64 8.29
N SER A 66 -3.72 -0.76 9.25
CA SER A 66 -3.22 0.41 9.97
C SER A 66 -2.74 1.48 8.99
N PHE A 67 -2.19 1.03 7.86
CA PHE A 67 -1.68 1.94 6.84
C PHE A 67 -2.81 2.70 6.16
N GLN A 68 -3.78 1.98 5.61
CA GLN A 68 -4.90 2.60 4.92
C GLN A 68 -5.45 3.79 5.70
N GLN A 69 -5.29 3.75 7.01
CA GLN A 69 -5.76 4.83 7.87
C GLN A 69 -4.84 6.04 7.75
N MET A 70 -3.57 5.85 8.09
CA MET A 70 -2.58 6.92 8.01
C MET A 70 -2.25 7.28 6.55
N LEU A 71 -2.37 6.31 5.65
CA LEU A 71 -2.06 6.52 4.24
C LEU A 71 -2.56 7.88 3.74
N VAL A 72 -3.88 8.01 3.66
CA VAL A 72 -4.50 9.25 3.18
C VAL A 72 -4.77 10.24 4.31
N GLN A 73 -5.21 9.74 5.45
CA GLN A 73 -5.57 10.59 6.58
C GLN A 73 -4.37 11.32 7.19
N SER A 74 -3.16 10.85 6.88
CA SER A 74 -1.96 11.46 7.46
C SER A 74 -1.43 12.62 6.65
N LEU A 75 -1.10 12.36 5.39
CA LEU A 75 -0.49 13.37 4.53
C LEU A 75 -1.50 14.38 3.99
N GLU A 76 -2.74 13.93 3.80
CA GLU A 76 -3.78 14.80 3.25
C GLU A 76 -4.33 15.76 4.30
N GLU A 77 -4.66 15.23 5.47
CA GLU A 77 -5.17 16.05 6.55
C GLU A 77 -4.25 17.23 6.82
N CYS A 78 -2.96 17.03 6.58
CA CYS A 78 -1.99 18.08 6.83
C CYS A 78 -1.94 19.06 5.66
N THR A 79 -1.70 18.54 4.47
CA THR A 79 -1.70 19.37 3.26
C THR A 79 -2.97 20.19 3.19
N LYS A 80 -4.11 19.48 3.34
CA LYS A 80 -5.42 20.10 3.34
C LYS A 80 -5.42 21.36 4.18
N LEU A 81 -4.98 21.23 5.43
CA LEU A 81 -4.85 22.37 6.31
C LEU A 81 -4.06 23.47 5.61
N PRO A 82 -3.89 24.65 6.22
CA PRO A 82 -3.16 25.76 5.59
C PRO A 82 -1.70 25.43 5.30
N GLU A 83 -1.47 24.38 4.49
CA GLU A 83 -0.11 23.98 4.14
C GLU A 83 0.73 23.71 5.38
N ALA A 84 1.84 23.01 5.19
CA ALA A 84 2.75 22.70 6.27
C ALA A 84 4.06 22.16 5.70
N GLN A 85 3.92 21.24 4.74
CA GLN A 85 5.08 20.61 4.10
C GLN A 85 4.94 20.58 2.59
N GLN A 86 3.72 20.29 2.11
CA GLN A 86 3.47 20.19 0.67
C GLN A 86 4.37 19.15 0.02
N ARG A 87 4.95 18.27 0.83
CA ARG A 87 5.82 17.23 0.31
C ARG A 87 5.32 15.85 0.72
N VAL A 88 4.55 15.21 -0.17
CA VAL A 88 4.04 13.87 0.10
C VAL A 88 5.15 12.96 0.57
N GLY A 89 6.32 13.14 -0.02
CA GLY A 89 7.48 12.34 0.33
C GLY A 89 7.73 12.30 1.83
N GLY A 90 7.91 13.48 2.41
CA GLY A 90 8.20 13.58 3.83
C GLY A 90 7.37 12.64 4.69
N CYS A 91 6.13 12.40 4.28
CA CYS A 91 5.25 11.52 5.04
C CYS A 91 5.43 10.06 4.61
N PHE A 92 5.30 9.82 3.32
CA PHE A 92 5.47 8.47 2.77
C PHE A 92 6.84 7.89 3.14
N LEU A 93 7.82 8.78 3.31
CA LEU A 93 9.17 8.36 3.66
C LEU A 93 9.23 7.84 5.11
N ASN A 94 8.25 8.25 5.92
CA ASN A 94 8.19 7.81 7.31
C ASN A 94 7.66 6.39 7.40
N LEU A 95 6.80 6.04 6.46
CA LEU A 95 6.22 4.70 6.43
C LEU A 95 7.05 3.75 5.57
N MET A 96 8.04 4.30 4.86
CA MET A 96 8.90 3.48 4.00
C MET A 96 9.39 2.24 4.73
N PRO A 97 10.13 2.42 5.85
CA PRO A 97 10.67 1.31 6.63
C PRO A 97 9.76 0.09 6.66
N GLN A 98 8.46 0.33 6.83
CA GLN A 98 7.47 -0.73 6.89
C GLN A 98 7.02 -1.13 5.48
N MET A 99 6.54 -0.15 4.72
CA MET A 99 6.06 -0.41 3.37
C MET A 99 7.08 -1.20 2.57
N LYS A 100 8.36 -0.94 2.81
CA LYS A 100 9.42 -1.63 2.09
C LYS A 100 9.35 -3.14 2.32
N THR A 101 9.09 -3.53 3.58
CA THR A 101 9.03 -4.93 3.94
C THR A 101 7.80 -5.61 3.32
N LEU A 102 6.64 -4.99 3.47
CA LEU A 102 5.41 -5.55 2.92
C LEU A 102 5.49 -5.68 1.40
N TYR A 103 5.88 -4.58 0.74
CA TYR A 103 6.00 -4.58 -0.71
C TYR A 103 6.87 -5.74 -1.18
N LEU A 104 8.16 -5.68 -0.85
CA LEU A 104 9.10 -6.72 -1.24
C LEU A 104 8.56 -8.10 -0.96
N THR A 105 8.02 -8.30 0.24
CA THR A 105 7.50 -9.60 0.62
C THR A 105 6.29 -9.97 -0.23
N TYR A 106 5.31 -9.08 -0.27
CA TYR A 106 4.10 -9.31 -1.05
C TYR A 106 4.41 -9.63 -2.50
N CYS A 107 5.14 -8.73 -3.15
CA CYS A 107 5.50 -8.89 -4.55
C CYS A 107 6.16 -10.24 -4.81
N ALA A 108 7.12 -10.60 -3.97
CA ALA A 108 7.84 -11.86 -4.12
C ALA A 108 7.03 -13.04 -3.61
N ASN A 109 6.07 -12.76 -2.71
CA ASN A 109 5.23 -13.80 -2.14
C ASN A 109 3.97 -14.02 -2.98
N HIS A 110 3.65 -13.03 -3.82
CA HIS A 110 2.47 -13.09 -4.68
C HIS A 110 2.25 -14.49 -5.26
N PRO A 111 3.30 -15.08 -5.86
CA PRO A 111 3.21 -16.41 -6.45
C PRO A 111 2.73 -17.44 -5.43
N SER A 112 3.20 -17.30 -4.20
CA SER A 112 2.83 -18.20 -3.12
C SER A 112 1.50 -17.78 -2.51
N ALA A 113 1.23 -16.48 -2.49
CA ALA A 113 -0.01 -15.96 -1.92
C ALA A 113 -1.22 -16.77 -2.36
N VAL A 114 -1.38 -16.92 -3.67
CA VAL A 114 -2.47 -17.71 -4.23
C VAL A 114 -2.45 -19.12 -3.64
N ASN A 115 -1.26 -19.59 -3.28
CA ASN A 115 -1.11 -20.92 -2.73
C ASN A 115 -1.58 -20.99 -1.28
N VAL A 116 -1.22 -19.98 -0.50
CA VAL A 116 -1.61 -19.93 0.91
C VAL A 116 -3.11 -20.15 1.07
N LEU A 117 -3.88 -19.64 0.13
CA LEU A 117 -5.33 -19.80 0.18
C LEU A 117 -5.74 -21.22 -0.16
N THR A 118 -5.34 -21.68 -1.35
CA THR A 118 -5.64 -23.05 -1.76
C THR A 118 -5.25 -24.04 -0.67
N GLU A 119 -4.28 -23.64 0.15
CA GLU A 119 -3.82 -24.47 1.26
C GLU A 119 -4.62 -24.14 2.52
N HIS A 120 -5.10 -22.90 2.61
CA HIS A 120 -5.89 -22.47 3.75
C HIS A 120 -7.36 -22.31 3.35
N SER A 121 -7.79 -23.12 2.39
CA SER A 121 -9.16 -23.06 1.90
C SER A 121 -10.16 -23.44 3.00
N GLU A 122 -9.93 -24.59 3.62
CA GLU A 122 -10.81 -25.07 4.69
C GLU A 122 -10.45 -24.46 6.04
N GLU A 123 -9.20 -24.06 6.19
CA GLU A 123 -8.72 -23.49 7.45
C GLU A 123 -9.33 -22.11 7.70
N LEU A 124 -9.06 -21.20 6.78
CA LEU A 124 -9.58 -19.84 6.88
C LEU A 124 -11.09 -19.84 6.73
N GLY A 125 -11.59 -20.81 5.97
CA GLY A 125 -13.03 -20.95 5.78
C GLY A 125 -13.70 -21.52 7.01
N GLU A 126 -12.94 -22.30 7.76
CA GLU A 126 -13.46 -22.94 8.96
C GLU A 126 -13.87 -21.89 10.01
N PHE A 127 -13.01 -20.91 10.24
CA PHE A 127 -13.31 -19.87 11.21
C PHE A 127 -14.50 -19.03 10.76
N MET A 128 -14.56 -18.74 9.47
CA MET A 128 -15.64 -17.94 8.91
C MET A 128 -16.88 -18.78 8.64
N GLU A 129 -16.71 -20.11 8.58
CA GLU A 129 -17.82 -21.01 8.31
C GLU A 129 -19.04 -20.67 9.17
N THR A 130 -18.79 -20.49 10.47
CA THR A 130 -19.85 -20.21 11.42
C THR A 130 -20.18 -18.72 11.50
N LYS A 131 -19.73 -17.95 10.51
CA LYS A 131 -20.03 -16.53 10.46
C LYS A 131 -20.92 -16.19 9.28
N GLY A 132 -20.37 -16.34 8.07
CA GLY A 132 -21.13 -16.04 6.88
C GLY A 132 -20.26 -15.52 5.75
N ALA A 133 -19.26 -16.32 5.35
CA ALA A 133 -18.37 -15.95 4.26
C ALA A 133 -19.12 -15.78 2.96
N SER A 134 -18.64 -14.89 2.11
CA SER A 134 -19.28 -14.63 0.82
C SER A 134 -19.31 -15.89 -0.04
N SER A 135 -19.77 -15.74 -1.28
CA SER A 135 -19.88 -16.87 -2.20
C SER A 135 -18.51 -17.44 -2.55
N PRO A 136 -17.51 -16.58 -2.82
CA PRO A 136 -16.16 -17.02 -3.14
C PRO A 136 -15.37 -17.47 -1.90
N GLY A 137 -16.02 -18.23 -1.01
CA GLY A 137 -15.35 -18.69 0.20
C GLY A 137 -14.49 -17.61 0.84
N ILE A 138 -13.43 -18.02 1.54
CA ILE A 138 -12.53 -17.06 2.18
C ILE A 138 -11.35 -16.72 1.26
N LEU A 139 -11.33 -17.28 0.06
CA LEU A 139 -10.24 -17.01 -0.88
C LEU A 139 -10.34 -15.60 -1.46
N VAL A 140 -11.49 -14.93 -1.24
CA VAL A 140 -11.71 -13.56 -1.72
C VAL A 140 -10.44 -12.72 -1.73
N LEU A 141 -9.58 -12.95 -0.75
CA LEU A 141 -8.32 -12.22 -0.64
C LEU A 141 -7.60 -12.13 -1.98
N THR A 142 -7.46 -13.27 -2.66
CA THR A 142 -6.79 -13.31 -3.96
C THR A 142 -7.38 -12.28 -4.92
N THR A 143 -8.68 -12.40 -5.19
CA THR A 143 -9.35 -11.50 -6.11
C THR A 143 -9.44 -10.09 -5.54
N GLY A 144 -9.90 -9.99 -4.30
CA GLY A 144 -10.06 -8.69 -3.67
C GLY A 144 -8.74 -7.94 -3.53
N LEU A 145 -7.65 -8.68 -3.33
CA LEU A 145 -6.34 -8.06 -3.15
C LEU A 145 -5.45 -8.28 -4.37
N SER A 146 -6.06 -8.55 -5.52
CA SER A 146 -5.32 -8.80 -6.76
C SER A 146 -4.91 -7.50 -7.45
N LYS A 147 -5.18 -6.36 -6.83
CA LYS A 147 -4.83 -5.06 -7.41
C LYS A 147 -4.86 -3.96 -6.35
N PRO A 148 -3.97 -4.02 -5.36
CA PRO A 148 -3.91 -3.04 -4.27
C PRO A 148 -2.98 -1.86 -4.55
N PHE A 149 -1.78 -2.16 -5.04
CA PHE A 149 -0.80 -1.11 -5.33
C PHE A 149 -0.83 -0.68 -6.79
N MET A 150 -1.85 -1.11 -7.52
CA MET A 150 -1.98 -0.75 -8.93
C MET A 150 -2.26 0.74 -9.09
N ARG A 151 -2.73 1.39 -8.03
CA ARG A 151 -3.06 2.82 -8.08
C ARG A 151 -1.82 3.70 -7.97
N LEU A 152 -0.68 3.10 -7.71
CA LEU A 152 0.56 3.85 -7.58
C LEU A 152 1.00 4.49 -8.90
N ASP A 153 0.38 4.06 -10.00
CA ASP A 153 0.72 4.59 -11.33
C ASP A 153 0.52 6.10 -11.38
N LYS A 154 -0.32 6.63 -10.50
CA LYS A 154 -0.60 8.05 -10.46
C LYS A 154 0.08 8.72 -9.26
N TYR A 155 0.41 7.93 -8.25
CA TYR A 155 1.07 8.43 -7.04
C TYR A 155 2.12 9.49 -7.34
N PRO A 156 3.13 9.15 -8.15
CA PRO A 156 4.23 10.06 -8.48
C PRO A 156 3.75 11.46 -8.84
N THR A 157 2.50 11.57 -9.25
CA THR A 157 1.95 12.85 -9.66
C THR A 157 1.90 13.81 -8.47
N LEU A 158 1.21 13.40 -7.41
CA LEU A 158 1.12 14.23 -6.21
C LEU A 158 2.51 14.55 -5.70
N LEU A 159 3.41 13.60 -5.87
CA LEU A 159 4.79 13.77 -5.44
C LEU A 159 5.46 14.93 -6.18
N LYS A 160 5.04 15.15 -7.42
CA LYS A 160 5.61 16.21 -8.24
C LYS A 160 4.82 17.52 -8.12
N GLU A 161 3.55 17.48 -8.47
CA GLU A 161 2.71 18.67 -8.45
C GLU A 161 2.58 19.25 -7.05
N LEU A 162 2.44 18.38 -6.06
CA LEU A 162 2.26 18.83 -4.68
C LEU A 162 3.56 19.38 -4.12
N GLU A 163 4.67 18.74 -4.49
CA GLU A 163 5.99 19.11 -4.01
C GLU A 163 6.46 20.47 -4.56
N ARG A 164 6.01 20.81 -5.77
CA ARG A 164 6.39 22.07 -6.40
C ARG A 164 6.26 23.25 -5.44
N HIS A 165 5.37 23.12 -4.46
CA HIS A 165 5.15 24.18 -3.48
C HIS A 165 4.50 25.39 -4.15
N MET A 166 5.33 26.24 -4.75
CA MET A 166 4.83 27.41 -5.45
C MET A 166 5.15 27.36 -6.94
N GLU A 167 5.50 26.16 -7.42
CA GLU A 167 5.83 25.96 -8.83
C GLU A 167 7.07 26.78 -9.23
N ASP A 168 6.88 28.08 -9.35
CA ASP A 168 7.94 28.99 -9.75
C ASP A 168 9.19 28.83 -8.87
N TYR A 169 10.29 28.45 -9.50
CA TYR A 169 11.56 28.27 -8.80
C TYR A 169 11.49 27.12 -7.80
N HIS A 170 12.09 25.99 -8.18
CA HIS A 170 12.11 24.81 -7.32
C HIS A 170 13.41 24.05 -7.49
N THR A 171 14.52 24.69 -7.14
CA THR A 171 15.84 24.06 -7.24
C THR A 171 15.99 22.92 -6.25
N ASP A 172 15.12 22.86 -5.25
CA ASP A 172 15.18 21.83 -4.22
C ASP A 172 14.50 20.53 -4.67
N ARG A 173 14.20 20.41 -5.96
CA ARG A 173 13.56 19.22 -6.48
C ARG A 173 14.34 17.96 -6.11
N GLN A 174 15.63 18.13 -5.83
CA GLN A 174 16.49 17.01 -5.46
C GLN A 174 15.81 16.11 -4.44
N ASP A 175 14.95 16.72 -3.63
CA ASP A 175 14.22 15.98 -2.60
C ASP A 175 13.21 15.03 -3.22
N ILE A 176 12.64 15.44 -4.35
CA ILE A 176 11.67 14.62 -5.05
C ILE A 176 12.33 13.37 -5.63
N GLN A 177 13.51 13.56 -6.20
CA GLN A 177 14.26 12.43 -6.77
C GLN A 177 14.45 11.33 -5.74
N LYS A 178 14.51 11.72 -4.47
CA LYS A 178 14.69 10.76 -3.38
C LYS A 178 13.38 10.04 -3.03
N SER A 179 12.28 10.78 -3.11
CA SER A 179 10.97 10.21 -2.78
C SER A 179 10.49 9.28 -3.88
N MET A 180 10.45 9.80 -5.11
CA MET A 180 10.03 9.01 -6.26
C MET A 180 10.94 7.80 -6.46
N ALA A 181 12.23 7.99 -6.21
CA ALA A 181 13.22 6.93 -6.35
C ALA A 181 13.07 5.89 -5.23
N ALA A 182 12.40 6.28 -4.14
CA ALA A 182 12.20 5.36 -3.02
C ALA A 182 10.89 4.59 -3.18
N PHE A 183 9.87 5.27 -3.68
CA PHE A 183 8.57 4.66 -3.89
C PHE A 183 8.61 3.66 -5.05
N LYS A 184 9.39 4.00 -6.07
CA LYS A 184 9.52 3.16 -7.26
C LYS A 184 10.51 2.02 -7.00
N ASN A 185 11.59 2.34 -6.30
CA ASN A 185 12.63 1.38 -5.97
C ASN A 185 12.03 0.07 -5.46
N LEU A 186 10.83 0.18 -4.89
CA LEU A 186 10.14 -0.99 -4.37
C LEU A 186 9.83 -1.97 -5.48
N SER A 187 9.33 -1.44 -6.60
CA SER A 187 9.00 -2.27 -7.75
C SER A 187 10.25 -2.63 -8.53
N ALA A 188 11.17 -1.68 -8.59
CA ALA A 188 12.42 -1.87 -9.30
C ALA A 188 13.16 -3.07 -8.75
N GLN A 189 13.26 -3.12 -7.42
CA GLN A 189 13.96 -4.21 -6.76
C GLN A 189 13.21 -5.54 -6.91
N CYS A 190 11.88 -5.50 -6.81
CA CYS A 190 11.07 -6.70 -6.93
C CYS A 190 11.22 -7.33 -8.32
N GLN A 191 11.41 -6.49 -9.33
CA GLN A 191 11.57 -6.97 -10.70
C GLN A 191 12.58 -8.12 -10.78
N GLU A 192 13.59 -8.08 -9.91
CA GLU A 192 14.62 -9.12 -9.90
C GLU A 192 14.36 -10.13 -8.78
N VAL A 193 13.87 -9.64 -7.65
CA VAL A 193 13.58 -10.51 -6.50
C VAL A 193 12.64 -11.64 -6.89
N ARG A 194 11.83 -11.41 -7.91
CA ARG A 194 10.87 -12.40 -8.38
C ARG A 194 11.54 -13.74 -8.63
N LYS A 195 12.65 -13.71 -9.36
CA LYS A 195 13.39 -14.93 -9.68
C LYS A 195 14.58 -15.12 -8.73
N ARG A 196 15.16 -14.01 -8.28
CA ARG A 196 16.31 -14.05 -7.36
C ARG A 196 16.15 -15.11 -6.28
N LYS A 197 16.85 -16.23 -6.43
CA LYS A 197 16.81 -17.31 -5.46
C LYS A 197 15.38 -17.78 -5.17
N GLU A 198 14.45 -17.42 -6.04
CA GLU A 198 13.06 -17.84 -5.89
C GLU A 198 12.88 -19.25 -6.44
N LEU A 199 13.64 -19.55 -7.49
CA LEU A 199 13.61 -20.85 -8.13
C LEU A 199 13.97 -21.95 -7.13
N GLU A 200 15.20 -21.90 -6.61
CA GLU A 200 15.65 -22.88 -5.64
C GLU A 200 17.05 -22.54 -5.13
N LEU A 201 17.98 -22.40 -6.07
CA LEU A 201 19.37 -22.09 -5.74
C LEU A 201 19.86 -22.91 -4.55
N GLN A 202 20.08 -24.20 -4.77
CA GLN A 202 20.55 -25.08 -3.72
C GLN A 202 22.02 -25.40 -3.92
N ILE A 203 22.32 -26.24 -4.92
CA ILE A 203 23.71 -26.59 -5.22
C ILE A 203 24.40 -25.49 -6.05
N LEU A 204 23.63 -24.49 -6.46
CA LEU A 204 24.16 -23.39 -7.25
C LEU A 204 24.73 -22.29 -6.37
N THR A 205 24.35 -22.30 -5.09
CA THR A 205 24.84 -21.31 -4.14
C THR A 205 26.18 -21.75 -3.55
N GLU A 206 27.25 -21.07 -3.93
CA GLU A 206 28.57 -21.37 -3.43
C GLU A 206 28.69 -21.02 -1.95
N ALA A 207 29.89 -21.14 -1.40
CA ALA A 207 30.14 -20.81 0.01
C ALA A 207 30.98 -19.54 0.11
N ILE A 208 32.09 -19.51 -0.63
CA ILE A 208 32.98 -18.36 -0.62
C ILE A 208 32.28 -17.12 -1.15
N ARG A 209 32.21 -16.08 -0.34
CA ARG A 209 31.55 -14.83 -0.73
C ARG A 209 32.58 -13.71 -0.91
N MET A 1 -13.55 26.48 8.32
CA MET A 1 -13.76 25.14 7.71
C MET A 1 -13.21 24.05 8.62
N LYS A 2 -14.10 23.28 9.22
CA LYS A 2 -13.72 22.19 10.10
C LYS A 2 -12.73 21.25 9.41
N GLY A 3 -11.47 21.32 9.84
CA GLY A 3 -10.43 20.49 9.26
C GLY A 3 -9.09 21.20 9.22
N PHE A 4 -9.05 22.36 8.57
CA PHE A 4 -7.82 23.14 8.47
C PHE A 4 -8.08 24.47 7.75
N ASP A 5 -7.93 25.57 8.47
CA ASP A 5 -8.16 26.90 7.91
C ASP A 5 -7.26 27.13 6.70
N THR A 6 -7.31 28.33 6.16
CA THR A 6 -6.49 28.68 4.99
C THR A 6 -6.99 27.96 3.74
N THR A 7 -8.31 27.82 3.63
CA THR A 7 -8.92 27.19 2.48
C THR A 7 -10.20 27.91 2.09
N ALA A 8 -10.05 29.07 1.47
CA ALA A 8 -11.20 29.86 1.07
C ALA A 8 -10.79 30.99 0.12
N ILE A 9 -10.37 30.62 -1.08
CA ILE A 9 -9.93 31.62 -2.06
C ILE A 9 -9.49 30.97 -3.37
N ASN A 10 -10.31 31.10 -4.41
CA ASN A 10 -10.00 30.53 -5.71
C ASN A 10 -9.95 29.01 -5.64
N LYS A 11 -10.48 28.36 -6.67
CA LYS A 11 -10.51 26.91 -6.71
C LYS A 11 -9.09 26.33 -6.80
N SER A 12 -8.39 26.31 -5.68
CA SER A 12 -7.01 25.80 -5.64
C SER A 12 -6.97 24.31 -5.96
N TYR A 13 -6.06 23.93 -6.87
CA TYR A 13 -5.89 22.53 -7.26
C TYR A 13 -5.45 21.69 -6.07
N TYR A 14 -4.68 22.30 -5.17
CA TYR A 14 -4.20 21.62 -3.97
C TYR A 14 -5.34 20.88 -3.28
N ASN A 15 -6.29 21.65 -2.76
CA ASN A 15 -7.44 21.11 -2.06
C ASN A 15 -8.30 20.22 -2.96
N VAL A 16 -8.11 20.35 -4.27
CA VAL A 16 -8.88 19.57 -5.21
C VAL A 16 -8.22 18.21 -5.46
N VAL A 17 -6.89 18.22 -5.57
CA VAL A 17 -6.15 17.00 -5.80
C VAL A 17 -6.25 16.05 -4.62
N LEU A 18 -5.86 16.52 -3.44
CA LEU A 18 -5.91 15.70 -2.24
C LEU A 18 -7.30 15.13 -2.05
N GLN A 19 -8.30 15.96 -2.27
CA GLN A 19 -9.68 15.54 -2.14
C GLN A 19 -9.98 14.36 -3.05
N ASN A 20 -9.60 14.49 -4.32
CA ASN A 20 -9.82 13.41 -5.28
C ASN A 20 -9.13 12.13 -4.82
N ILE A 21 -7.99 12.30 -4.16
CA ILE A 21 -7.25 11.17 -3.63
C ILE A 21 -8.04 10.47 -2.53
N LEU A 22 -8.81 11.24 -1.76
CA LEU A 22 -9.63 10.64 -0.72
C LEU A 22 -10.62 9.66 -1.34
N GLU A 23 -11.03 9.96 -2.55
CA GLU A 23 -11.94 9.11 -3.30
C GLU A 23 -11.21 7.90 -3.84
N THR A 24 -10.09 8.16 -4.51
CA THR A 24 -9.29 7.09 -5.09
C THR A 24 -8.74 6.18 -4.01
N GLU A 25 -8.26 6.77 -2.91
CA GLU A 25 -7.71 5.98 -1.81
C GLU A 25 -8.79 5.16 -1.15
N ASN A 26 -10.02 5.68 -1.16
CA ASN A 26 -11.16 4.99 -0.58
C ASN A 26 -11.35 3.62 -1.22
N GLU A 27 -11.04 3.52 -2.50
CA GLU A 27 -11.12 2.25 -3.22
C GLU A 27 -10.02 1.32 -2.75
N TYR A 28 -8.92 1.89 -2.27
CA TYR A 28 -7.82 1.13 -1.76
C TYR A 28 -8.05 0.79 -0.29
N SER A 29 -8.64 1.73 0.44
CA SER A 29 -8.92 1.55 1.87
C SER A 29 -10.20 0.72 2.07
N LYS A 30 -11.26 1.10 1.36
CA LYS A 30 -12.52 0.38 1.46
C LYS A 30 -12.32 -1.07 1.03
N GLU A 31 -11.49 -1.27 0.01
CA GLU A 31 -11.19 -2.61 -0.49
C GLU A 31 -10.63 -3.48 0.62
N LEU A 32 -9.69 -2.94 1.38
CA LEU A 32 -9.09 -3.66 2.48
C LEU A 32 -10.10 -3.81 3.62
N GLN A 33 -10.85 -2.74 3.90
CA GLN A 33 -11.85 -2.77 4.95
C GLN A 33 -12.95 -3.76 4.64
N THR A 34 -13.39 -3.77 3.38
CA THR A 34 -14.42 -4.70 2.93
C THR A 34 -14.07 -6.13 3.34
N VAL A 35 -13.10 -6.72 2.66
CA VAL A 35 -12.65 -8.07 2.97
C VAL A 35 -12.34 -8.22 4.46
N LEU A 36 -11.65 -7.25 5.03
CA LEU A 36 -11.29 -7.29 6.44
C LEU A 36 -12.50 -7.59 7.32
N SER A 37 -13.47 -6.69 7.27
CA SER A 37 -14.68 -6.81 8.08
C SER A 37 -15.69 -7.81 7.48
N THR A 38 -15.50 -8.15 6.22
CA THR A 38 -16.41 -9.07 5.53
C THR A 38 -16.18 -10.52 5.96
N TYR A 39 -15.00 -11.04 5.65
CA TYR A 39 -14.70 -12.43 5.95
C TYR A 39 -13.37 -12.60 6.69
N LEU A 40 -12.60 -11.52 6.82
CA LEU A 40 -11.31 -11.61 7.49
C LEU A 40 -11.46 -11.47 9.01
N ARG A 41 -12.51 -10.77 9.43
CA ARG A 41 -12.77 -10.54 10.85
C ARG A 41 -12.63 -11.82 11.67
N PRO A 42 -13.30 -12.91 11.26
CA PRO A 42 -13.22 -14.19 11.97
C PRO A 42 -11.79 -14.62 12.27
N LEU A 43 -10.87 -14.16 11.43
CA LEU A 43 -9.46 -14.50 11.57
C LEU A 43 -8.87 -13.88 12.84
N GLN A 44 -9.60 -12.95 13.45
CA GLN A 44 -9.14 -12.28 14.67
C GLN A 44 -8.51 -13.26 15.65
N THR A 45 -9.26 -14.28 16.06
CA THR A 45 -8.76 -15.25 17.02
C THR A 45 -7.69 -16.16 16.41
N SER A 46 -7.49 -16.04 15.11
CA SER A 46 -6.49 -16.84 14.43
C SER A 46 -5.11 -16.20 14.49
N GLU A 47 -5.05 -14.94 14.94
CA GLU A 47 -3.78 -14.22 15.01
C GLU A 47 -3.14 -14.13 13.62
N LYS A 48 -3.98 -13.91 12.62
CA LYS A 48 -3.55 -13.84 11.23
C LYS A 48 -2.50 -14.89 10.91
N LEU A 49 -2.98 -15.97 10.34
CA LEU A 49 -2.15 -17.10 9.92
C LEU A 49 -1.00 -17.36 10.89
N SER A 50 -1.26 -17.18 12.17
CA SER A 50 -0.24 -17.40 13.19
C SER A 50 0.41 -18.76 13.03
N SER A 51 1.49 -18.81 12.25
CA SER A 51 2.20 -20.06 12.01
C SER A 51 3.35 -19.86 11.02
N ALA A 52 4.03 -18.72 11.14
CA ALA A 52 5.15 -18.39 10.26
C ALA A 52 4.70 -18.14 8.83
N ASN A 53 3.39 -18.04 8.62
CA ASN A 53 2.85 -17.75 7.30
C ASN A 53 3.05 -16.28 6.93
N ILE A 54 3.43 -15.45 7.91
CA ILE A 54 3.66 -14.03 7.69
C ILE A 54 4.47 -13.79 6.42
N SER A 55 5.71 -14.27 6.41
CA SER A 55 6.57 -14.11 5.25
C SER A 55 5.85 -14.44 3.94
N TYR A 56 4.80 -15.25 4.03
CA TYR A 56 4.05 -15.64 2.84
C TYR A 56 2.95 -14.63 2.50
N LEU A 57 1.75 -14.83 3.05
CA LEU A 57 0.61 -13.95 2.76
C LEU A 57 0.49 -12.80 3.75
N MET A 58 -0.03 -13.10 4.94
CA MET A 58 -0.25 -12.10 5.98
C MET A 58 0.85 -11.03 6.01
N GLY A 59 2.11 -11.49 6.04
CA GLY A 59 3.23 -10.56 6.08
C GLY A 59 3.05 -9.35 5.19
N ASN A 60 2.30 -9.53 4.12
CA ASN A 60 2.02 -8.45 3.19
C ASN A 60 0.75 -7.71 3.59
N LEU A 61 -0.40 -8.34 3.37
CA LEU A 61 -1.68 -7.74 3.69
C LEU A 61 -1.78 -7.40 5.16
N GLU A 62 -1.48 -8.36 6.03
CA GLU A 62 -1.59 -8.18 7.46
C GLU A 62 -0.89 -6.89 7.91
N GLU A 63 0.21 -6.58 7.24
CA GLU A 63 0.96 -5.36 7.57
C GLU A 63 0.28 -4.13 6.99
N ILE A 64 -0.16 -4.22 5.74
CA ILE A 64 -0.83 -3.11 5.08
C ILE A 64 -1.97 -2.59 5.95
N CYS A 65 -2.51 -3.47 6.79
CA CYS A 65 -3.61 -3.12 7.69
C CYS A 65 -3.33 -1.77 8.36
N SER A 66 -2.35 -1.76 9.25
CA SER A 66 -1.97 -0.53 9.94
C SER A 66 -1.60 0.55 8.93
N PHE A 67 -0.97 0.13 7.85
CA PHE A 67 -0.57 1.04 6.79
C PHE A 67 -1.78 1.79 6.22
N GLN A 68 -2.68 1.07 5.57
CA GLN A 68 -3.86 1.67 4.94
C GLN A 68 -4.50 2.73 5.84
N GLN A 69 -4.36 2.56 7.16
CA GLN A 69 -4.91 3.50 8.13
C GLN A 69 -4.04 4.75 8.24
N MET A 70 -2.74 4.54 8.33
CA MET A 70 -1.79 5.64 8.43
C MET A 70 -1.57 6.27 7.06
N LEU A 71 -1.61 5.44 6.02
CA LEU A 71 -1.38 5.88 4.65
C LEU A 71 -2.00 7.26 4.39
N VAL A 72 -3.33 7.33 4.42
CA VAL A 72 -4.06 8.57 4.17
C VAL A 72 -4.09 9.47 5.41
N GLN A 73 -4.28 8.88 6.59
CA GLN A 73 -4.38 9.65 7.83
C GLN A 73 -3.04 10.29 8.24
N SER A 74 -1.93 9.80 7.68
CA SER A 74 -0.61 10.31 8.05
C SER A 74 -0.15 11.47 7.16
N LEU A 75 -0.29 11.31 5.85
CA LEU A 75 0.18 12.33 4.91
C LEU A 75 -0.87 13.41 4.64
N GLU A 76 -2.14 13.00 4.54
CA GLU A 76 -3.20 13.96 4.25
C GLU A 76 -3.50 14.84 5.45
N GLU A 77 -3.78 14.23 6.60
CA GLU A 77 -4.04 14.98 7.82
C GLU A 77 -2.96 16.01 8.06
N CYS A 78 -1.76 15.68 7.58
CA CYS A 78 -0.63 16.57 7.72
C CYS A 78 -0.79 17.77 6.79
N THR A 79 -0.91 17.50 5.50
CA THR A 79 -1.11 18.55 4.51
C THR A 79 -2.30 19.39 4.91
N LYS A 80 -3.40 18.71 5.28
CA LYS A 80 -4.60 19.39 5.77
C LYS A 80 -4.22 20.36 6.87
N LEU A 81 -3.66 19.83 7.95
CA LEU A 81 -3.14 20.67 9.02
C LEU A 81 -2.08 21.58 8.41
N PRO A 82 -1.53 22.56 9.16
CA PRO A 82 -0.55 23.50 8.61
C PRO A 82 0.49 22.81 7.72
N GLU A 83 0.14 22.60 6.45
CA GLU A 83 1.02 21.91 5.51
C GLU A 83 2.46 22.41 5.63
N ALA A 84 2.62 23.73 5.64
CA ALA A 84 3.94 24.33 5.76
C ALA A 84 4.80 24.06 4.53
N GLN A 85 5.07 22.79 4.27
CA GLN A 85 5.91 22.40 3.14
C GLN A 85 5.16 21.54 2.13
N GLN A 86 4.15 20.81 2.59
CA GLN A 86 3.38 19.96 1.68
C GLN A 86 4.28 18.89 1.05
N ARG A 87 5.25 18.40 1.83
CA ARG A 87 6.18 17.40 1.32
C ARG A 87 5.72 15.98 1.67
N VAL A 88 4.99 15.35 0.75
CA VAL A 88 4.52 13.99 0.95
C VAL A 88 5.68 13.03 1.14
N GLY A 89 6.73 13.22 0.35
CA GLY A 89 7.90 12.36 0.45
C GLY A 89 8.34 12.14 1.88
N GLY A 90 8.46 13.24 2.62
CA GLY A 90 8.89 13.15 4.00
C GLY A 90 8.20 12.05 4.79
N CYS A 91 6.89 11.91 4.59
CA CYS A 91 6.12 10.90 5.30
C CYS A 91 6.25 9.54 4.61
N PHE A 92 6.02 9.52 3.31
CA PHE A 92 6.12 8.29 2.53
C PHE A 92 7.50 7.65 2.66
N LEU A 93 8.50 8.50 2.87
CA LEU A 93 9.87 8.04 3.03
C LEU A 93 10.04 7.25 4.32
N ASN A 94 9.26 7.62 5.34
CA ASN A 94 9.33 6.96 6.64
C ASN A 94 8.70 5.58 6.58
N LEU A 95 7.81 5.38 5.62
CA LEU A 95 7.15 4.10 5.43
C LEU A 95 7.93 3.21 4.46
N MET A 96 8.88 3.80 3.74
CA MET A 96 9.69 3.06 2.77
C MET A 96 10.29 1.80 3.39
N PRO A 97 10.96 1.96 4.54
CA PRO A 97 11.60 0.84 5.25
C PRO A 97 10.74 -0.43 5.22
N GLN A 98 9.51 -0.30 5.67
CA GLN A 98 8.58 -1.43 5.67
C GLN A 98 8.06 -1.70 4.27
N MET A 99 7.78 -0.62 3.54
CA MET A 99 7.27 -0.74 2.19
C MET A 99 8.21 -1.59 1.31
N LYS A 100 9.48 -1.21 1.27
CA LYS A 100 10.46 -1.91 0.46
C LYS A 100 10.46 -3.39 0.79
N THR A 101 10.06 -3.72 2.01
CA THR A 101 10.02 -5.10 2.43
C THR A 101 8.76 -5.79 1.93
N LEU A 102 7.61 -5.14 2.11
CA LEU A 102 6.33 -5.71 1.69
C LEU A 102 6.15 -5.63 0.18
N TYR A 103 6.42 -4.47 -0.39
CA TYR A 103 6.25 -4.27 -1.83
C TYR A 103 7.12 -5.23 -2.63
N LEU A 104 8.40 -5.30 -2.27
CA LEU A 104 9.35 -6.15 -2.98
C LEU A 104 8.92 -7.61 -2.91
N THR A 105 8.41 -8.02 -1.76
CA THR A 105 7.97 -9.38 -1.54
C THR A 105 6.61 -9.62 -2.19
N TYR A 106 5.76 -8.60 -2.15
CA TYR A 106 4.42 -8.71 -2.70
C TYR A 106 4.44 -9.25 -4.13
N CYS A 107 5.47 -8.85 -4.89
CA CYS A 107 5.58 -9.28 -6.28
C CYS A 107 6.27 -10.63 -6.40
N ALA A 108 7.17 -10.91 -5.46
CA ALA A 108 7.89 -12.19 -5.45
C ALA A 108 7.00 -13.33 -4.99
N ASN A 109 6.11 -13.05 -4.04
CA ASN A 109 5.23 -14.07 -3.51
C ASN A 109 3.94 -14.20 -4.32
N HIS A 110 3.70 -13.24 -5.21
CA HIS A 110 2.51 -13.25 -6.06
C HIS A 110 2.20 -14.65 -6.59
N PRO A 111 3.11 -15.23 -7.40
CA PRO A 111 2.93 -16.56 -7.97
C PRO A 111 2.74 -17.63 -6.90
N SER A 112 3.31 -17.39 -5.72
CA SER A 112 3.21 -18.32 -4.61
C SER A 112 1.88 -18.17 -3.86
N ALA A 113 1.46 -16.93 -3.70
CA ALA A 113 0.21 -16.63 -3.00
C ALA A 113 -0.96 -17.44 -3.59
N VAL A 114 -1.02 -17.49 -4.92
CA VAL A 114 -2.08 -18.22 -5.59
C VAL A 114 -2.16 -19.65 -5.08
N ASN A 115 -0.99 -20.27 -4.94
CA ASN A 115 -0.92 -21.65 -4.47
C ASN A 115 -1.32 -21.76 -3.01
N VAL A 116 -0.75 -20.88 -2.18
CA VAL A 116 -1.05 -20.87 -0.75
C VAL A 116 -2.57 -20.88 -0.50
N LEU A 117 -3.33 -20.19 -1.35
CA LEU A 117 -4.79 -20.13 -1.19
C LEU A 117 -5.44 -21.48 -1.46
N THR A 118 -5.33 -21.96 -2.70
CA THR A 118 -5.90 -23.24 -3.03
C THR A 118 -5.47 -24.30 -2.02
N GLU A 119 -4.29 -24.08 -1.44
CA GLU A 119 -3.75 -24.98 -0.43
C GLU A 119 -4.32 -24.65 0.95
N HIS A 120 -4.71 -23.39 1.15
CA HIS A 120 -5.28 -22.97 2.42
C HIS A 120 -6.74 -22.56 2.26
N SER A 121 -7.39 -23.15 1.27
CA SER A 121 -8.79 -22.85 0.99
C SER A 121 -9.72 -23.44 2.05
N GLU A 122 -9.34 -24.59 2.61
CA GLU A 122 -10.17 -25.28 3.58
C GLU A 122 -10.10 -24.62 4.96
N GLU A 123 -8.88 -24.44 5.49
CA GLU A 123 -8.69 -23.85 6.81
C GLU A 123 -9.12 -22.38 6.81
N LEU A 124 -8.64 -21.64 5.82
CA LEU A 124 -9.02 -20.24 5.68
C LEU A 124 -10.49 -20.18 5.30
N GLY A 125 -10.92 -21.16 4.51
CA GLY A 125 -12.31 -21.25 4.13
C GLY A 125 -13.21 -21.38 5.36
N GLU A 126 -12.68 -21.97 6.41
CA GLU A 126 -13.43 -22.13 7.65
C GLU A 126 -13.79 -20.76 8.23
N PHE A 127 -12.77 -19.97 8.56
CA PHE A 127 -13.01 -18.62 9.10
C PHE A 127 -13.76 -17.77 8.09
N MET A 128 -13.54 -18.03 6.80
CA MET A 128 -14.19 -17.29 5.73
C MET A 128 -15.71 -17.30 5.89
N GLU A 129 -16.26 -18.46 6.25
CA GLU A 129 -17.71 -18.61 6.44
C GLU A 129 -18.29 -17.45 7.26
N THR A 130 -18.20 -17.57 8.59
CA THR A 130 -18.72 -16.58 9.53
C THR A 130 -20.15 -16.19 9.22
N LYS A 131 -20.87 -17.06 8.51
CA LYS A 131 -22.26 -16.80 8.17
C LYS A 131 -22.40 -15.46 7.43
N GLY A 132 -21.29 -14.97 6.88
CA GLY A 132 -21.32 -13.71 6.16
C GLY A 132 -20.07 -13.49 5.32
N ALA A 133 -19.60 -14.56 4.69
CA ALA A 133 -18.40 -14.50 3.87
C ALA A 133 -18.65 -13.74 2.58
N SER A 134 -17.59 -13.39 1.88
CA SER A 134 -17.71 -12.65 0.64
C SER A 134 -18.28 -13.55 -0.47
N SER A 135 -17.94 -13.25 -1.72
CA SER A 135 -18.47 -14.02 -2.85
C SER A 135 -17.42 -14.94 -3.45
N PRO A 136 -16.18 -14.46 -3.67
CA PRO A 136 -15.09 -15.28 -4.22
C PRO A 136 -14.50 -16.26 -3.19
N GLY A 137 -15.37 -16.95 -2.44
CA GLY A 137 -14.90 -17.91 -1.45
C GLY A 137 -13.87 -17.30 -0.51
N ILE A 138 -12.79 -18.04 -0.25
CA ILE A 138 -11.74 -17.57 0.63
C ILE A 138 -10.50 -17.13 -0.16
N LEU A 139 -10.46 -17.49 -1.45
CA LEU A 139 -9.34 -17.12 -2.31
C LEU A 139 -9.38 -15.63 -2.66
N VAL A 140 -10.42 -14.92 -2.21
CA VAL A 140 -10.60 -13.50 -2.49
C VAL A 140 -9.27 -12.74 -2.52
N LEU A 141 -8.32 -13.15 -1.69
CA LEU A 141 -7.00 -12.50 -1.60
C LEU A 141 -6.54 -11.99 -2.96
N THR A 142 -6.16 -12.90 -3.84
CA THR A 142 -5.69 -12.55 -5.17
C THR A 142 -6.60 -11.51 -5.84
N THR A 143 -7.63 -11.99 -6.54
CA THR A 143 -8.56 -11.11 -7.26
C THR A 143 -8.99 -9.90 -6.41
N GLY A 144 -9.57 -10.17 -5.25
CA GLY A 144 -10.07 -9.09 -4.41
C GLY A 144 -9.04 -8.04 -4.07
N LEU A 145 -7.93 -8.47 -3.46
CA LEU A 145 -6.86 -7.57 -3.03
C LEU A 145 -5.87 -7.29 -4.15
N SER A 146 -6.29 -7.47 -5.40
CA SER A 146 -5.42 -7.22 -6.53
C SER A 146 -5.62 -5.81 -7.09
N LYS A 147 -6.66 -5.11 -6.63
CA LYS A 147 -6.93 -3.75 -7.07
C LYS A 147 -5.95 -2.75 -6.47
N PRO A 148 -5.67 -2.85 -5.15
CA PRO A 148 -4.77 -1.92 -4.47
C PRO A 148 -3.51 -1.61 -5.27
N PHE A 149 -3.11 -2.52 -6.14
CA PHE A 149 -1.92 -2.34 -6.95
C PHE A 149 -2.17 -1.39 -8.13
N MET A 150 -3.39 -0.86 -8.24
CA MET A 150 -3.72 0.05 -9.33
C MET A 150 -3.50 1.51 -8.92
N ARG A 151 -3.87 1.84 -7.68
CA ARG A 151 -3.73 3.20 -7.20
C ARG A 151 -2.34 3.78 -7.48
N LEU A 152 -1.36 2.91 -7.61
CA LEU A 152 0.00 3.35 -7.89
C LEU A 152 0.04 4.29 -9.10
N ASP A 153 -0.97 4.21 -9.95
CA ASP A 153 -1.05 5.05 -11.13
C ASP A 153 -1.41 6.49 -10.76
N LYS A 154 -1.96 6.67 -9.57
CA LYS A 154 -2.33 8.01 -9.08
C LYS A 154 -1.34 8.52 -8.04
N TYR A 155 -0.60 7.60 -7.44
CA TYR A 155 0.40 7.95 -6.43
C TYR A 155 1.20 9.19 -6.84
N PRO A 156 1.96 9.10 -7.94
CA PRO A 156 2.77 10.21 -8.42
C PRO A 156 1.97 11.49 -8.64
N THR A 157 0.64 11.38 -8.70
CA THR A 157 -0.21 12.55 -8.89
C THR A 157 0.03 13.55 -7.77
N LEU A 158 -0.17 13.09 -6.54
CA LEU A 158 0.03 13.94 -5.37
C LEU A 158 1.48 14.38 -5.28
N LEU A 159 2.38 13.44 -5.56
CA LEU A 159 3.80 13.69 -5.50
C LEU A 159 4.19 14.86 -6.40
N LYS A 160 3.58 14.91 -7.58
CA LYS A 160 3.87 15.97 -8.56
C LYS A 160 2.95 17.17 -8.38
N GLU A 161 1.64 16.91 -8.34
CA GLU A 161 0.66 17.98 -8.23
C GLU A 161 0.82 18.76 -6.94
N LEU A 162 0.99 18.04 -5.84
CA LEU A 162 1.14 18.66 -4.53
C LEU A 162 2.44 19.44 -4.46
N GLU A 163 3.51 18.84 -5.00
CA GLU A 163 4.82 19.47 -4.98
C GLU A 163 4.80 20.83 -5.67
N ARG A 164 3.87 20.99 -6.61
CA ARG A 164 3.72 22.26 -7.33
C ARG A 164 3.76 23.45 -6.38
N HIS A 165 3.16 23.29 -5.21
CA HIS A 165 3.13 24.35 -4.22
C HIS A 165 2.53 25.64 -4.80
N MET A 166 1.48 25.49 -5.61
CA MET A 166 0.83 26.64 -6.23
C MET A 166 1.72 27.26 -7.30
N GLU A 167 2.47 26.41 -7.99
CA GLU A 167 3.38 26.83 -9.05
C GLU A 167 4.14 28.11 -8.66
N ASP A 168 3.71 29.27 -9.16
CA ASP A 168 4.36 30.53 -8.83
C ASP A 168 5.87 30.46 -9.08
N TYR A 169 6.29 29.54 -9.95
CA TYR A 169 7.71 29.37 -10.27
C TYR A 169 8.56 29.37 -9.01
N HIS A 170 8.87 28.18 -8.53
CA HIS A 170 9.70 28.04 -7.34
C HIS A 170 10.22 26.60 -7.22
N THR A 171 11.14 26.39 -6.28
CA THR A 171 11.72 25.07 -6.06
C THR A 171 12.24 24.48 -7.36
N ASP A 172 12.41 23.16 -7.37
CA ASP A 172 12.89 22.45 -8.56
C ASP A 172 12.50 20.98 -8.49
N ARG A 173 11.95 20.47 -9.60
CA ARG A 173 11.52 19.07 -9.65
C ARG A 173 12.60 18.13 -9.17
N GLN A 174 13.85 18.55 -9.35
CA GLN A 174 15.00 17.76 -8.93
C GLN A 174 14.79 17.14 -7.54
N ASP A 175 13.98 17.79 -6.71
CA ASP A 175 13.70 17.28 -5.36
C ASP A 175 12.75 16.10 -5.41
N ILE A 176 11.83 16.11 -6.37
CA ILE A 176 10.86 15.02 -6.52
C ILE A 176 11.52 13.76 -7.07
N GLN A 177 12.58 13.95 -7.86
CA GLN A 177 13.30 12.83 -8.45
C GLN A 177 13.72 11.85 -7.37
N LYS A 178 14.16 12.39 -6.24
CA LYS A 178 14.58 11.56 -5.11
C LYS A 178 13.38 10.85 -4.50
N SER A 179 12.19 11.43 -4.66
CA SER A 179 10.98 10.84 -4.11
C SER A 179 10.40 9.79 -5.07
N MET A 180 10.18 10.20 -6.31
CA MET A 180 9.61 9.33 -7.33
C MET A 180 10.54 8.17 -7.67
N ALA A 181 11.81 8.50 -7.89
CA ALA A 181 12.81 7.50 -8.23
C ALA A 181 12.87 6.41 -7.16
N ALA A 182 12.47 6.76 -5.95
CA ALA A 182 12.48 5.81 -4.83
C ALA A 182 11.19 5.01 -4.77
N PHE A 183 10.06 5.69 -4.99
CA PHE A 183 8.76 5.03 -4.97
C PHE A 183 8.60 4.14 -6.21
N LYS A 184 9.22 4.55 -7.31
CA LYS A 184 9.18 3.79 -8.55
C LYS A 184 10.19 2.65 -8.53
N ASN A 185 11.38 2.94 -8.02
CA ASN A 185 12.44 1.93 -7.95
C ASN A 185 11.90 0.65 -7.33
N LEU A 186 10.86 0.78 -6.52
CA LEU A 186 10.23 -0.37 -5.90
C LEU A 186 9.65 -1.31 -6.94
N SER A 187 8.84 -0.76 -7.84
CA SER A 187 8.22 -1.56 -8.88
C SER A 187 9.19 -1.84 -10.02
N ALA A 188 10.04 -0.86 -10.32
CA ALA A 188 11.03 -1.01 -11.38
C ALA A 188 11.91 -2.23 -11.14
N GLN A 189 12.18 -2.52 -9.87
CA GLN A 189 13.03 -3.65 -9.52
C GLN A 189 12.24 -4.95 -9.47
N CYS A 190 11.04 -4.90 -8.92
CA CYS A 190 10.18 -6.06 -8.81
C CYS A 190 10.06 -6.80 -10.14
N GLN A 191 10.29 -6.09 -11.24
CA GLN A 191 10.18 -6.68 -12.56
C GLN A 191 11.03 -7.94 -12.68
N GLU A 192 12.21 -7.92 -12.08
CA GLU A 192 13.13 -9.04 -12.13
C GLU A 192 13.42 -9.60 -10.73
N VAL A 193 14.25 -8.90 -9.96
CA VAL A 193 14.60 -9.31 -8.60
C VAL A 193 15.13 -10.75 -8.58
N ARG A 194 15.85 -11.13 -9.64
CA ARG A 194 16.42 -12.47 -9.74
C ARG A 194 17.41 -12.74 -8.62
N LYS A 195 18.57 -12.11 -8.70
CA LYS A 195 19.61 -12.30 -7.69
C LYS A 195 19.75 -11.06 -6.81
N ARG A 196 18.72 -10.23 -6.78
CA ARG A 196 18.75 -9.02 -5.97
C ARG A 196 19.09 -9.34 -4.52
N LYS A 197 18.13 -9.89 -3.79
CA LYS A 197 18.32 -10.23 -2.39
C LYS A 197 18.43 -11.74 -2.19
N GLU A 198 18.70 -12.46 -3.27
CA GLU A 198 18.86 -13.89 -3.20
C GLU A 198 20.26 -14.25 -2.74
N LEU A 199 21.24 -13.69 -3.43
CA LEU A 199 22.65 -13.94 -3.13
C LEU A 199 22.92 -13.88 -1.62
N GLU A 200 22.39 -12.86 -0.94
CA GLU A 200 22.60 -12.72 0.50
C GLU A 200 22.13 -13.97 1.25
N LEU A 201 22.22 -13.93 2.57
CA LEU A 201 21.75 -15.04 3.39
C LEU A 201 20.24 -14.95 3.60
N GLN A 202 19.51 -15.67 2.77
CA GLN A 202 18.06 -15.72 2.84
C GLN A 202 17.54 -16.80 1.89
N ILE A 203 17.97 -16.70 0.63
CA ILE A 203 17.66 -17.70 -0.36
C ILE A 203 18.87 -18.63 -0.54
N LEU A 204 20.05 -18.13 -0.15
CA LEU A 204 21.28 -18.91 -0.23
C LEU A 204 21.15 -20.20 0.57
N THR A 205 21.75 -21.28 0.07
CA THR A 205 21.70 -22.57 0.74
C THR A 205 23.11 -23.09 1.03
N GLU A 206 23.23 -24.40 1.22
CA GLU A 206 24.54 -25.00 1.46
C GLU A 206 24.93 -25.91 0.31
N ALA A 207 23.95 -26.61 -0.25
CA ALA A 207 24.17 -27.50 -1.37
C ALA A 207 22.90 -28.25 -1.73
N ILE A 208 22.55 -29.24 -0.90
CA ILE A 208 21.34 -30.02 -1.12
C ILE A 208 20.09 -29.20 -0.85
N ARG A 209 19.07 -29.41 -1.67
CA ARG A 209 17.81 -28.68 -1.54
C ARG A 209 16.97 -29.24 -0.40
N MET A 1 -14.14 24.30 10.34
CA MET A 1 -12.95 24.57 9.49
C MET A 1 -12.01 23.36 9.43
N LYS A 2 -12.42 22.25 10.05
CA LYS A 2 -11.62 21.04 10.05
C LYS A 2 -11.36 20.56 8.62
N GLY A 3 -10.10 20.34 8.29
CA GLY A 3 -9.74 19.88 6.95
C GLY A 3 -9.14 20.98 6.10
N PHE A 4 -8.99 22.18 6.67
CA PHE A 4 -8.41 23.29 5.94
C PHE A 4 -9.19 23.59 4.65
N ASP A 5 -10.31 24.30 4.79
CA ASP A 5 -11.13 24.64 3.64
C ASP A 5 -10.47 25.76 2.82
N THR A 6 -10.29 25.51 1.53
CA THR A 6 -9.68 26.48 0.65
C THR A 6 -10.61 26.84 -0.51
N THR A 7 -11.85 27.18 -0.17
CA THR A 7 -12.85 27.53 -1.17
C THR A 7 -12.48 28.84 -1.87
N ALA A 8 -11.46 28.79 -2.71
CA ALA A 8 -11.03 29.96 -3.46
C ALA A 8 -12.11 30.43 -4.41
N ILE A 9 -11.86 31.56 -5.06
CA ILE A 9 -12.83 32.12 -6.00
C ILE A 9 -12.51 31.70 -7.43
N ASN A 10 -11.28 31.26 -7.68
CA ASN A 10 -10.86 30.81 -9.00
C ASN A 10 -10.31 29.39 -8.95
N LYS A 11 -11.12 28.47 -8.41
CA LYS A 11 -10.73 27.07 -8.30
C LYS A 11 -9.39 26.92 -7.59
N SER A 12 -9.03 25.67 -7.28
CA SER A 12 -7.79 25.37 -6.58
C SER A 12 -7.46 23.87 -6.68
N TYR A 13 -6.62 23.52 -7.64
CA TYR A 13 -6.23 22.12 -7.83
C TYR A 13 -5.57 21.56 -6.58
N TYR A 14 -4.82 22.41 -5.89
CA TYR A 14 -4.12 22.00 -4.67
C TYR A 14 -5.03 21.18 -3.75
N ASN A 15 -6.12 21.78 -3.32
CA ASN A 15 -7.06 21.13 -2.42
C ASN A 15 -7.93 20.10 -3.14
N VAL A 16 -8.00 20.20 -4.46
CA VAL A 16 -8.80 19.27 -5.25
C VAL A 16 -8.08 17.95 -5.45
N VAL A 17 -6.82 18.03 -5.85
CA VAL A 17 -6.01 16.85 -6.08
C VAL A 17 -6.04 15.91 -4.88
N LEU A 18 -5.67 16.42 -3.71
CA LEU A 18 -5.67 15.62 -2.50
C LEU A 18 -7.05 15.01 -2.30
N GLN A 19 -8.07 15.84 -2.37
CA GLN A 19 -9.44 15.38 -2.23
C GLN A 19 -9.73 14.22 -3.16
N ASN A 20 -9.42 14.41 -4.44
CA ASN A 20 -9.63 13.36 -5.44
C ASN A 20 -8.92 12.09 -5.01
N ILE A 21 -7.77 12.27 -4.37
CA ILE A 21 -6.99 11.15 -3.86
C ILE A 21 -7.69 10.53 -2.65
N LEU A 22 -8.28 11.37 -1.81
CA LEU A 22 -9.03 10.87 -0.65
C LEU A 22 -10.16 9.97 -1.11
N GLU A 23 -10.70 10.27 -2.28
CA GLU A 23 -11.80 9.50 -2.86
C GLU A 23 -11.29 8.14 -3.36
N THR A 24 -10.24 8.18 -4.17
CA THR A 24 -9.65 6.97 -4.71
C THR A 24 -9.07 6.11 -3.60
N GLU A 25 -8.27 6.71 -2.72
CA GLU A 25 -7.66 5.99 -1.63
C GLU A 25 -8.73 5.42 -0.69
N ASN A 26 -9.87 6.10 -0.60
CA ASN A 26 -10.96 5.62 0.24
C ASN A 26 -11.35 4.21 -0.18
N GLU A 27 -11.34 3.97 -1.48
CA GLU A 27 -11.65 2.65 -2.01
C GLU A 27 -10.56 1.64 -1.63
N TYR A 28 -9.36 2.15 -1.36
CA TYR A 28 -8.24 1.32 -0.97
C TYR A 28 -8.27 1.07 0.55
N SER A 29 -8.60 2.12 1.30
CA SER A 29 -8.64 2.03 2.75
C SER A 29 -9.97 1.45 3.24
N LYS A 30 -11.05 1.77 2.54
CA LYS A 30 -12.37 1.29 2.91
C LYS A 30 -12.54 -0.19 2.61
N GLU A 31 -11.92 -0.65 1.53
CA GLU A 31 -12.01 -2.06 1.14
C GLU A 31 -11.25 -2.95 2.11
N LEU A 32 -10.03 -2.54 2.45
CA LEU A 32 -9.19 -3.30 3.36
C LEU A 32 -9.90 -3.54 4.70
N GLN A 33 -10.29 -2.46 5.36
CA GLN A 33 -10.96 -2.55 6.65
C GLN A 33 -12.12 -3.54 6.59
N THR A 34 -12.83 -3.53 5.47
CA THR A 34 -13.96 -4.44 5.27
C THR A 34 -13.51 -5.89 5.39
N VAL A 35 -12.73 -6.36 4.43
CA VAL A 35 -12.25 -7.74 4.43
C VAL A 35 -11.57 -8.09 5.77
N LEU A 36 -10.48 -7.40 6.09
CA LEU A 36 -9.75 -7.64 7.33
C LEU A 36 -10.69 -7.86 8.52
N SER A 37 -11.62 -6.93 8.72
CA SER A 37 -12.55 -7.00 9.84
C SER A 37 -13.72 -7.96 9.58
N THR A 38 -14.01 -8.22 8.31
CA THR A 38 -15.14 -9.05 7.94
C THR A 38 -14.86 -10.54 8.09
N TYR A 39 -13.79 -11.03 7.46
CA TYR A 39 -13.49 -12.46 7.50
C TYR A 39 -12.06 -12.76 7.95
N LEU A 40 -11.22 -11.73 8.01
CA LEU A 40 -9.83 -11.91 8.42
C LEU A 40 -9.69 -11.89 9.94
N ARG A 41 -10.60 -11.17 10.60
CA ARG A 41 -10.58 -11.04 12.06
C ARG A 41 -10.21 -12.35 12.74
N PRO A 42 -10.87 -13.46 12.36
CA PRO A 42 -10.57 -14.78 12.93
C PRO A 42 -9.11 -15.16 12.74
N LEU A 43 -8.60 -14.86 11.55
CA LEU A 43 -7.21 -15.15 11.22
C LEU A 43 -6.24 -14.23 11.96
N GLN A 44 -6.76 -13.13 12.50
CA GLN A 44 -5.93 -12.16 13.22
C GLN A 44 -4.96 -12.83 14.18
N THR A 45 -5.33 -14.00 14.67
CA THR A 45 -4.49 -14.75 15.60
C THR A 45 -3.39 -15.51 14.89
N SER A 46 -3.23 -15.28 13.59
CA SER A 46 -2.22 -15.97 12.80
C SER A 46 -2.58 -17.45 12.68
N GLU A 47 -3.88 -17.74 12.80
CA GLU A 47 -4.37 -19.11 12.72
C GLU A 47 -3.89 -19.78 11.44
N LYS A 48 -2.99 -20.75 11.60
CA LYS A 48 -2.43 -21.51 10.48
C LYS A 48 -1.22 -20.80 9.86
N LEU A 49 -1.34 -19.50 9.64
CA LEU A 49 -0.25 -18.73 9.05
C LEU A 49 0.63 -18.10 10.11
N SER A 50 0.84 -18.83 11.21
CA SER A 50 1.68 -18.35 12.30
C SER A 50 3.14 -18.75 12.09
N SER A 51 3.66 -18.43 10.92
CA SER A 51 5.05 -18.76 10.59
C SER A 51 5.52 -17.93 9.39
N ALA A 52 6.37 -18.51 8.55
CA ALA A 52 6.89 -17.81 7.38
C ALA A 52 5.77 -17.27 6.50
N ASN A 53 4.56 -17.81 6.66
CA ASN A 53 3.42 -17.39 5.86
C ASN A 53 3.31 -15.87 5.81
N ILE A 54 3.82 -15.21 6.84
CA ILE A 54 3.77 -13.75 6.91
C ILE A 54 4.46 -13.14 5.68
N SER A 55 5.76 -13.37 5.55
CA SER A 55 6.53 -12.83 4.44
C SER A 55 5.80 -13.00 3.10
N TYR A 56 4.93 -14.01 3.01
CA TYR A 56 4.20 -14.28 1.79
C TYR A 56 2.96 -13.38 1.67
N LEU A 57 1.85 -13.82 2.27
CA LEU A 57 0.59 -13.08 2.20
C LEU A 57 0.45 -12.08 3.35
N MET A 58 0.04 -12.58 4.50
CA MET A 58 -0.21 -11.74 5.68
C MET A 58 0.80 -10.61 5.83
N GLY A 59 2.09 -10.96 5.91
CA GLY A 59 3.15 -9.97 6.07
C GLY A 59 2.90 -8.69 5.29
N ASN A 60 2.24 -8.83 4.15
CA ASN A 60 1.93 -7.68 3.31
C ASN A 60 0.59 -7.06 3.72
N LEU A 61 -0.50 -7.65 3.24
CA LEU A 61 -1.84 -7.17 3.51
C LEU A 61 -2.08 -6.98 5.01
N GLU A 62 -1.64 -7.96 5.81
CA GLU A 62 -1.85 -7.91 7.25
C GLU A 62 -1.21 -6.66 7.86
N GLU A 63 -0.10 -6.23 7.26
CA GLU A 63 0.62 -5.07 7.75
C GLU A 63 0.03 -3.78 7.16
N ILE A 64 -0.41 -3.85 5.92
CA ILE A 64 -1.01 -2.70 5.26
C ILE A 64 -2.12 -2.11 6.13
N CYS A 65 -2.74 -2.93 6.97
CA CYS A 65 -3.83 -2.48 7.83
C CYS A 65 -3.47 -1.16 8.52
N SER A 66 -2.30 -1.10 9.14
CA SER A 66 -1.86 0.12 9.81
C SER A 66 -1.40 1.15 8.79
N PHE A 67 -0.80 0.67 7.70
CA PHE A 67 -0.33 1.53 6.63
C PHE A 67 -1.50 2.25 5.96
N GLN A 68 -2.37 1.48 5.33
CA GLN A 68 -3.53 2.04 4.63
C GLN A 68 -4.25 3.06 5.52
N GLN A 69 -4.14 2.91 6.83
CA GLN A 69 -4.77 3.83 7.75
C GLN A 69 -4.00 5.16 7.78
N MET A 70 -2.70 5.08 8.03
CA MET A 70 -1.85 6.26 8.09
C MET A 70 -1.57 6.81 6.70
N LEU A 71 -1.57 5.93 5.70
CA LEU A 71 -1.30 6.29 4.31
C LEU A 71 -1.85 7.68 3.96
N VAL A 72 -3.17 7.82 4.06
CA VAL A 72 -3.82 9.07 3.74
C VAL A 72 -3.91 9.99 4.95
N GLN A 73 -4.23 9.41 6.11
CA GLN A 73 -4.42 10.17 7.32
C GLN A 73 -3.11 10.74 7.88
N SER A 74 -1.98 10.31 7.34
CA SER A 74 -0.69 10.77 7.84
C SER A 74 -0.23 12.07 7.20
N LEU A 75 -0.10 12.07 5.88
CA LEU A 75 0.41 13.23 5.16
C LEU A 75 -0.66 14.27 4.89
N GLU A 76 -1.89 13.83 4.63
CA GLU A 76 -2.97 14.75 4.33
C GLU A 76 -3.40 15.56 5.56
N GLU A 77 -3.70 14.87 6.64
CA GLU A 77 -4.13 15.53 7.87
C GLU A 77 -3.19 16.63 8.27
N CYS A 78 -1.92 16.49 7.88
CA CYS A 78 -0.92 17.49 8.23
C CYS A 78 -0.80 18.56 7.15
N THR A 79 -0.54 18.14 5.91
CA THR A 79 -0.44 19.08 4.80
C THR A 79 -1.63 20.04 4.80
N LYS A 80 -2.83 19.45 4.78
CA LYS A 80 -4.07 20.21 4.80
C LYS A 80 -4.00 21.30 5.86
N LEU A 81 -3.72 20.88 7.10
CA LEU A 81 -3.54 21.83 8.17
C LEU A 81 -2.32 22.66 7.85
N PRO A 82 -2.38 23.99 8.06
CA PRO A 82 -1.29 24.92 7.73
C PRO A 82 0.10 24.29 7.82
N GLU A 83 0.51 23.60 6.74
CA GLU A 83 1.81 22.93 6.70
C GLU A 83 2.95 23.94 6.69
N ALA A 84 4.05 23.55 7.31
CA ALA A 84 5.26 24.38 7.32
C ALA A 84 6.19 23.95 6.20
N GLN A 85 6.36 22.64 6.05
CA GLN A 85 7.20 22.08 4.99
C GLN A 85 6.84 20.61 4.73
N GLN A 86 5.55 20.28 4.84
CA GLN A 86 5.11 18.90 4.64
C GLN A 86 5.03 18.56 3.15
N ARG A 87 6.02 17.79 2.69
CA ARG A 87 6.08 17.35 1.30
C ARG A 87 5.86 15.86 1.19
N VAL A 88 4.84 15.45 0.42
CA VAL A 88 4.53 14.04 0.25
C VAL A 88 5.79 13.22 -0.02
N GLY A 89 6.72 13.79 -0.78
CA GLY A 89 7.95 13.10 -1.10
C GLY A 89 8.78 12.78 0.14
N GLY A 90 9.06 13.81 0.94
CA GLY A 90 9.86 13.61 2.14
C GLY A 90 9.14 12.78 3.18
N CYS A 91 7.82 12.72 3.10
CA CYS A 91 7.02 11.96 4.05
C CYS A 91 7.09 10.46 3.74
N PHE A 92 6.54 10.07 2.59
CA PHE A 92 6.56 8.67 2.18
C PHE A 92 7.98 8.11 2.22
N LEU A 93 8.96 8.99 2.02
CA LEU A 93 10.37 8.59 2.00
C LEU A 93 10.80 8.03 3.36
N ASN A 94 10.12 8.45 4.41
CA ASN A 94 10.44 7.99 5.76
C ASN A 94 9.79 6.65 6.03
N LEU A 95 8.62 6.44 5.44
CA LEU A 95 7.88 5.19 5.63
C LEU A 95 8.25 4.16 4.56
N MET A 96 8.91 4.62 3.48
CA MET A 96 9.31 3.72 2.40
C MET A 96 9.94 2.44 2.92
N PRO A 97 10.93 2.57 3.82
CA PRO A 97 11.65 1.41 4.39
C PRO A 97 10.72 0.26 4.76
N GLN A 98 9.48 0.57 5.09
CA GLN A 98 8.51 -0.45 5.45
C GLN A 98 7.75 -0.94 4.22
N MET A 99 7.39 0.01 3.36
CA MET A 99 6.67 -0.30 2.14
C MET A 99 7.56 -1.03 1.16
N LYS A 100 8.80 -0.56 1.03
CA LYS A 100 9.75 -1.17 0.12
C LYS A 100 9.84 -2.68 0.34
N THR A 101 9.66 -3.09 1.59
CA THR A 101 9.72 -4.49 1.96
C THR A 101 8.45 -5.23 1.51
N LEU A 102 7.31 -4.58 1.68
CA LEU A 102 6.02 -5.18 1.31
C LEU A 102 5.76 -5.05 -0.19
N TYR A 103 6.11 -3.90 -0.76
CA TYR A 103 5.90 -3.64 -2.18
C TYR A 103 6.55 -4.73 -3.04
N LEU A 104 7.88 -4.83 -2.96
CA LEU A 104 8.62 -5.79 -3.74
C LEU A 104 8.04 -7.19 -3.62
N THR A 105 7.97 -7.71 -2.39
CA THR A 105 7.47 -9.05 -2.15
C THR A 105 6.09 -9.26 -2.77
N TYR A 106 5.21 -8.28 -2.59
CA TYR A 106 3.85 -8.38 -3.12
C TYR A 106 3.87 -8.78 -4.59
N CYS A 107 4.52 -7.97 -5.42
CA CYS A 107 4.60 -8.22 -6.85
C CYS A 107 5.37 -9.52 -7.14
N ALA A 108 6.21 -9.94 -6.19
CA ALA A 108 7.01 -11.14 -6.37
C ALA A 108 6.20 -12.41 -6.08
N ASN A 109 5.63 -12.48 -4.88
CA ASN A 109 4.87 -13.66 -4.46
C ASN A 109 3.47 -13.68 -5.08
N HIS A 110 3.10 -12.63 -5.80
CA HIS A 110 1.77 -12.53 -6.42
C HIS A 110 1.32 -13.87 -7.01
N PRO A 111 2.04 -14.37 -8.03
CA PRO A 111 1.70 -15.65 -8.68
C PRO A 111 1.72 -16.82 -7.70
N SER A 112 2.36 -16.62 -6.55
CA SER A 112 2.44 -17.67 -5.53
C SER A 112 1.27 -17.60 -4.57
N ALA A 113 0.95 -16.38 -4.13
CA ALA A 113 -0.15 -16.15 -3.21
C ALA A 113 -1.41 -16.90 -3.64
N VAL A 114 -1.74 -16.76 -4.92
CA VAL A 114 -2.92 -17.41 -5.48
C VAL A 114 -2.92 -18.91 -5.23
N ASN A 115 -1.73 -19.51 -5.18
CA ASN A 115 -1.60 -20.94 -4.94
C ASN A 115 -1.90 -21.28 -3.49
N VAL A 116 -1.30 -20.51 -2.58
CA VAL A 116 -1.49 -20.73 -1.15
C VAL A 116 -2.97 -20.87 -0.80
N LEU A 117 -3.77 -19.91 -1.24
CA LEU A 117 -5.21 -19.93 -0.96
C LEU A 117 -5.91 -21.07 -1.66
N THR A 118 -5.86 -21.07 -2.99
CA THR A 118 -6.48 -22.13 -3.77
C THR A 118 -6.08 -23.50 -3.22
N GLU A 119 -4.90 -23.56 -2.60
CA GLU A 119 -4.40 -24.78 -2.02
C GLU A 119 -4.85 -24.92 -0.57
N HIS A 120 -5.12 -23.78 0.08
CA HIS A 120 -5.55 -23.77 1.47
C HIS A 120 -7.01 -23.32 1.58
N SER A 121 -7.77 -23.59 0.52
CA SER A 121 -9.19 -23.22 0.50
C SER A 121 -9.94 -23.82 1.67
N GLU A 122 -9.63 -25.09 1.96
CA GLU A 122 -10.29 -25.81 3.05
C GLU A 122 -9.79 -25.35 4.42
N GLU A 123 -8.51 -25.02 4.51
CA GLU A 123 -7.92 -24.60 5.77
C GLU A 123 -8.44 -23.22 6.18
N LEU A 124 -8.24 -22.25 5.29
CA LEU A 124 -8.70 -20.89 5.54
C LEU A 124 -10.22 -20.83 5.61
N GLY A 125 -10.87 -21.60 4.74
CA GLY A 125 -12.32 -21.64 4.74
C GLY A 125 -12.88 -22.27 6.00
N GLU A 126 -12.08 -23.15 6.61
CA GLU A 126 -12.50 -23.82 7.83
C GLU A 126 -12.74 -22.81 8.94
N PHE A 127 -11.73 -21.98 9.22
CA PHE A 127 -11.84 -20.99 10.27
C PHE A 127 -12.89 -19.94 9.92
N MET A 128 -13.12 -19.75 8.62
CA MET A 128 -14.09 -18.78 8.15
C MET A 128 -15.51 -19.35 8.16
N GLU A 129 -15.60 -20.68 8.10
CA GLU A 129 -16.91 -21.35 8.09
C GLU A 129 -17.78 -20.86 9.24
N THR A 130 -17.17 -20.37 10.30
CA THR A 130 -17.90 -19.86 11.45
C THR A 130 -18.07 -18.35 11.38
N LYS A 131 -18.03 -17.81 10.16
CA LYS A 131 -18.16 -16.38 9.96
C LYS A 131 -19.25 -16.07 8.94
N GLY A 132 -19.26 -16.82 7.86
CA GLY A 132 -20.25 -16.62 6.82
C GLY A 132 -19.79 -15.59 5.79
N ALA A 133 -18.62 -15.83 5.20
CA ALA A 133 -18.05 -14.91 4.22
C ALA A 133 -19.10 -14.43 3.22
N SER A 134 -18.75 -13.39 2.47
CA SER A 134 -19.64 -12.80 1.48
C SER A 134 -20.04 -13.83 0.43
N SER A 135 -19.17 -14.05 -0.55
CA SER A 135 -19.46 -15.01 -1.62
C SER A 135 -18.21 -15.75 -2.08
N PRO A 136 -17.12 -15.05 -2.46
CA PRO A 136 -15.88 -15.72 -2.89
C PRO A 136 -15.16 -16.42 -1.74
N GLY A 137 -15.89 -17.25 -0.99
CA GLY A 137 -15.29 -17.98 0.12
C GLY A 137 -14.31 -17.16 0.93
N ILE A 138 -13.10 -17.68 1.10
CA ILE A 138 -12.06 -17.01 1.88
C ILE A 138 -10.92 -16.52 0.99
N LEU A 139 -10.89 -16.97 -0.26
CA LEU A 139 -9.82 -16.57 -1.19
C LEU A 139 -9.93 -15.10 -1.60
N VAL A 140 -11.00 -14.42 -1.15
CA VAL A 140 -11.22 -13.01 -1.47
C VAL A 140 -9.92 -12.21 -1.48
N LEU A 141 -8.97 -12.61 -0.63
CA LEU A 141 -7.69 -11.91 -0.49
C LEU A 141 -7.17 -11.40 -1.84
N THR A 142 -6.60 -12.29 -2.64
CA THR A 142 -6.05 -11.92 -3.94
C THR A 142 -6.99 -10.97 -4.70
N THR A 143 -8.10 -11.51 -5.19
CA THR A 143 -9.06 -10.71 -5.95
C THR A 143 -9.38 -9.40 -5.27
N GLY A 144 -10.09 -9.47 -4.14
CA GLY A 144 -10.47 -8.27 -3.42
C GLY A 144 -9.30 -7.35 -3.13
N LEU A 145 -8.10 -7.92 -3.05
CA LEU A 145 -6.90 -7.15 -2.77
C LEU A 145 -6.06 -6.93 -4.02
N SER A 146 -6.70 -7.04 -5.19
CA SER A 146 -6.01 -6.84 -6.45
C SER A 146 -6.43 -5.52 -7.10
N LYS A 147 -7.64 -5.06 -6.76
CA LYS A 147 -8.17 -3.81 -7.31
C LYS A 147 -7.77 -2.59 -6.46
N PRO A 148 -7.78 -2.70 -5.12
CA PRO A 148 -7.48 -1.57 -4.23
C PRO A 148 -6.11 -0.96 -4.48
N PHE A 149 -5.24 -1.68 -5.19
CA PHE A 149 -3.89 -1.19 -5.47
C PHE A 149 -3.84 -0.41 -6.78
N MET A 150 -4.99 -0.16 -7.38
CA MET A 150 -5.06 0.56 -8.65
C MET A 150 -4.75 2.04 -8.45
N ARG A 151 -5.05 2.54 -7.25
CA ARG A 151 -4.79 3.94 -6.90
C ARG A 151 -3.39 4.37 -7.35
N LEU A 152 -2.46 3.41 -7.33
CA LEU A 152 -1.07 3.68 -7.71
C LEU A 152 -0.98 4.27 -9.11
N ASP A 153 -2.04 4.12 -9.90
CA ASP A 153 -2.05 4.64 -11.27
C ASP A 153 -2.03 6.17 -11.29
N LYS A 154 -2.86 6.78 -10.46
CA LYS A 154 -2.94 8.24 -10.39
C LYS A 154 -2.00 8.79 -9.32
N TYR A 155 -1.57 7.91 -8.41
CA TYR A 155 -0.68 8.29 -7.32
C TYR A 155 0.41 9.25 -7.76
N PRO A 156 1.10 8.97 -8.89
CA PRO A 156 2.20 9.80 -9.33
C PRO A 156 1.85 11.29 -9.33
N THR A 157 0.56 11.59 -9.40
CA THR A 157 0.11 12.99 -9.45
C THR A 157 0.46 13.74 -8.17
N LEU A 158 0.14 13.13 -7.04
CA LEU A 158 0.43 13.74 -5.75
C LEU A 158 1.93 13.91 -5.55
N LEU A 159 2.66 12.82 -5.78
CA LEU A 159 4.10 12.82 -5.61
C LEU A 159 4.77 13.91 -6.44
N LYS A 160 4.26 14.14 -7.64
CA LYS A 160 4.84 15.14 -8.54
C LYS A 160 4.20 16.52 -8.37
N GLU A 161 2.86 16.55 -8.26
CA GLU A 161 2.13 17.81 -8.17
C GLU A 161 2.05 18.34 -6.74
N LEU A 162 1.89 17.44 -5.78
CA LEU A 162 1.77 17.85 -4.38
C LEU A 162 3.10 18.38 -3.84
N GLU A 163 4.20 17.77 -4.25
CA GLU A 163 5.52 18.19 -3.80
C GLU A 163 5.78 19.65 -4.14
N ARG A 164 5.27 20.08 -5.29
CA ARG A 164 5.43 21.47 -5.71
C ARG A 164 4.68 22.42 -4.78
N HIS A 165 3.67 21.89 -4.11
CA HIS A 165 2.87 22.68 -3.18
C HIS A 165 1.96 23.65 -3.94
N MET A 166 2.57 24.67 -4.53
CA MET A 166 1.80 25.68 -5.26
C MET A 166 2.64 26.31 -6.38
N GLU A 167 3.72 25.64 -6.75
CA GLU A 167 4.60 26.13 -7.80
C GLU A 167 5.02 27.58 -7.54
N ASP A 168 5.84 28.12 -8.44
CA ASP A 168 6.33 29.49 -8.30
C ASP A 168 7.03 29.66 -6.96
N TYR A 169 7.72 30.80 -6.79
CA TYR A 169 8.43 31.10 -5.56
C TYR A 169 9.48 30.04 -5.25
N HIS A 170 10.73 30.38 -5.55
CA HIS A 170 11.87 29.50 -5.30
C HIS A 170 11.54 28.04 -5.66
N THR A 171 11.03 27.30 -4.69
CA THR A 171 10.68 25.90 -4.90
C THR A 171 11.87 25.10 -5.44
N ASP A 172 11.63 23.84 -5.76
CA ASP A 172 12.67 22.98 -6.28
C ASP A 172 12.09 21.66 -6.77
N ARG A 173 11.66 21.65 -8.03
CA ARG A 173 11.09 20.48 -8.64
C ARG A 173 12.08 19.34 -8.64
N GLN A 174 13.36 19.68 -8.83
CA GLN A 174 14.41 18.69 -8.84
C GLN A 174 14.37 17.82 -7.59
N ASP A 175 13.75 18.34 -6.53
CA ASP A 175 13.63 17.60 -5.27
C ASP A 175 12.70 16.41 -5.43
N ILE A 176 11.69 16.55 -6.30
CA ILE A 176 10.73 15.48 -6.55
C ILE A 176 11.41 14.32 -7.26
N GLN A 177 12.41 14.63 -8.08
CA GLN A 177 13.13 13.60 -8.81
C GLN A 177 13.66 12.53 -7.85
N LYS A 178 13.94 12.95 -6.62
CA LYS A 178 14.43 12.03 -5.60
C LYS A 178 13.28 11.24 -4.97
N SER A 179 12.13 11.90 -4.81
CA SER A 179 10.96 11.26 -4.23
C SER A 179 10.26 10.37 -5.24
N MET A 180 10.03 10.91 -6.44
CA MET A 180 9.38 10.18 -7.51
C MET A 180 10.24 8.99 -7.95
N ALA A 181 11.55 9.14 -7.82
CA ALA A 181 12.48 8.10 -8.21
C ALA A 181 12.55 6.99 -7.16
N ALA A 182 12.14 7.31 -5.93
CA ALA A 182 12.15 6.35 -4.84
C ALA A 182 10.85 5.54 -4.83
N PHE A 183 9.75 6.23 -5.08
CA PHE A 183 8.43 5.59 -5.10
C PHE A 183 8.23 4.81 -6.40
N LYS A 184 8.74 5.38 -7.50
CA LYS A 184 8.62 4.73 -8.81
C LYS A 184 9.47 3.46 -8.88
N ASN A 185 10.73 3.58 -8.46
CA ASN A 185 11.64 2.45 -8.45
C ASN A 185 11.00 1.23 -7.81
N LEU A 186 10.04 1.48 -6.94
CA LEU A 186 9.34 0.40 -6.25
C LEU A 186 8.70 -0.55 -7.26
N SER A 187 7.85 -0.01 -8.14
CA SER A 187 7.20 -0.82 -9.16
C SER A 187 8.18 -1.12 -10.29
N ALA A 188 9.06 -0.17 -10.58
CA ALA A 188 10.06 -0.34 -11.62
C ALA A 188 10.95 -1.54 -11.33
N GLN A 189 11.17 -1.81 -10.05
CA GLN A 189 12.01 -2.93 -9.64
C GLN A 189 11.26 -4.25 -9.79
N CYS A 190 9.97 -4.24 -9.45
CA CYS A 190 9.15 -5.44 -9.54
C CYS A 190 9.25 -6.06 -10.94
N GLN A 191 9.59 -5.24 -11.92
CA GLN A 191 9.72 -5.71 -13.30
C GLN A 191 10.94 -6.60 -13.48
N GLU A 192 11.92 -6.46 -12.59
CA GLU A 192 13.14 -7.25 -12.67
C GLU A 192 13.36 -8.05 -11.39
N VAL A 193 13.70 -7.35 -10.31
CA VAL A 193 13.94 -7.99 -9.03
C VAL A 193 14.93 -9.12 -9.16
N ARG A 194 15.80 -9.03 -10.16
CA ARG A 194 16.81 -10.05 -10.34
C ARG A 194 17.83 -9.99 -9.25
N LYS A 195 17.78 -11.00 -8.41
CA LYS A 195 18.73 -11.17 -7.32
C LYS A 195 18.33 -10.35 -6.10
N ARG A 196 17.43 -9.39 -6.28
CA ARG A 196 16.99 -8.55 -5.18
C ARG A 196 16.36 -9.39 -4.08
N LYS A 197 15.16 -9.90 -4.33
CA LYS A 197 14.44 -10.73 -3.36
C LYS A 197 14.78 -12.21 -3.55
N GLU A 198 15.38 -12.54 -4.70
CA GLU A 198 15.75 -13.92 -5.00
C GLU A 198 16.76 -14.44 -3.98
N LEU A 199 17.77 -13.64 -3.68
CA LEU A 199 18.81 -14.02 -2.73
C LEU A 199 18.21 -14.45 -1.41
N GLU A 200 17.23 -13.68 -0.94
CA GLU A 200 16.55 -13.95 0.34
C GLU A 200 17.53 -14.46 1.40
N LEU A 201 17.01 -15.12 2.42
CA LEU A 201 17.85 -15.66 3.49
C LEU A 201 17.05 -16.59 4.39
N GLN A 202 16.94 -17.84 3.97
CA GLN A 202 16.22 -18.86 4.73
C GLN A 202 16.31 -20.19 4.01
N ILE A 203 16.10 -20.16 2.70
CA ILE A 203 16.20 -21.36 1.88
C ILE A 203 17.37 -21.25 0.90
N LEU A 204 18.07 -20.11 0.91
CA LEU A 204 19.20 -19.89 0.02
C LEU A 204 20.13 -21.11 -0.03
N THR A 205 20.78 -21.31 -1.17
CA THR A 205 21.67 -22.45 -1.38
C THR A 205 22.63 -22.62 -0.20
N GLU A 206 22.90 -23.87 0.16
CA GLU A 206 23.81 -24.16 1.26
C GLU A 206 24.82 -25.23 0.87
N ALA A 207 24.35 -26.46 0.67
CA ALA A 207 25.22 -27.55 0.28
C ALA A 207 24.42 -28.81 -0.05
N ILE A 208 23.26 -28.62 -0.67
CA ILE A 208 22.41 -29.74 -1.06
C ILE A 208 22.90 -30.38 -2.36
N ARG A 209 23.10 -31.70 -2.33
CA ARG A 209 23.57 -32.44 -3.50
C ARG A 209 22.68 -32.17 -4.71
N MET A 1 -6.03 21.49 15.27
CA MET A 1 -6.89 20.38 15.78
C MET A 1 -6.55 19.06 15.09
N LYS A 2 -6.80 17.96 15.79
CA LYS A 2 -6.52 16.64 15.25
C LYS A 2 -7.50 16.28 14.13
N GLY A 3 -7.29 16.89 12.97
CA GLY A 3 -8.15 16.63 11.83
C GLY A 3 -8.09 17.74 10.79
N PHE A 4 -8.05 18.99 11.27
CA PHE A 4 -7.97 20.14 10.38
C PHE A 4 -9.10 20.10 9.35
N ASP A 5 -10.15 20.88 9.60
CA ASP A 5 -11.28 20.95 8.68
C ASP A 5 -12.16 22.17 8.98
N THR A 6 -11.77 23.30 8.42
CA THR A 6 -12.53 24.54 8.62
C THR A 6 -12.37 25.46 7.42
N THR A 7 -12.30 24.87 6.23
CA THR A 7 -12.16 25.63 4.99
C THR A 7 -13.51 25.75 4.28
N ALA A 8 -14.40 24.80 4.56
CA ALA A 8 -15.72 24.79 3.94
C ALA A 8 -15.63 24.51 2.44
N ILE A 9 -14.49 23.97 2.01
CA ILE A 9 -14.28 23.64 0.59
C ILE A 9 -14.72 24.78 -0.32
N ASN A 10 -14.75 24.51 -1.62
CA ASN A 10 -15.15 25.51 -2.60
C ASN A 10 -14.07 26.57 -2.78
N LYS A 11 -13.83 27.35 -1.71
CA LYS A 11 -12.83 28.39 -1.74
C LYS A 11 -11.51 27.91 -1.16
N SER A 12 -11.02 26.78 -1.69
CA SER A 12 -9.77 26.20 -1.23
C SER A 12 -9.37 25.01 -2.09
N TYR A 13 -8.69 25.27 -3.20
CA TYR A 13 -8.25 24.21 -4.09
C TYR A 13 -7.37 23.21 -3.34
N TYR A 14 -6.68 23.70 -2.32
CA TYR A 14 -5.81 22.86 -1.51
C TYR A 14 -6.59 21.69 -0.91
N ASN A 15 -7.63 22.01 -0.14
CA ASN A 15 -8.44 20.99 0.51
C ASN A 15 -9.19 20.15 -0.51
N VAL A 16 -9.39 20.69 -1.70
CA VAL A 16 -10.10 19.98 -2.76
C VAL A 16 -9.26 18.82 -3.27
N VAL A 17 -7.95 19.00 -3.27
CA VAL A 17 -7.02 17.98 -3.75
C VAL A 17 -7.02 16.77 -2.83
N LEU A 18 -6.75 17.01 -1.54
CA LEU A 18 -6.74 15.93 -0.57
C LEU A 18 -8.13 15.35 -0.44
N GLN A 19 -9.13 16.18 -0.70
CA GLN A 19 -10.51 15.76 -0.63
C GLN A 19 -10.83 14.70 -1.69
N ASN A 20 -10.47 15.00 -2.94
CA ASN A 20 -10.71 14.07 -4.04
C ASN A 20 -9.94 12.78 -3.82
N ILE A 21 -8.65 12.93 -3.53
CA ILE A 21 -7.79 11.78 -3.28
C ILE A 21 -8.36 10.92 -2.16
N LEU A 22 -8.88 11.56 -1.12
CA LEU A 22 -9.47 10.85 0.00
C LEU A 22 -10.56 9.89 -0.49
N GLU A 23 -11.28 10.29 -1.53
CA GLU A 23 -12.32 9.45 -2.11
C GLU A 23 -11.72 8.15 -2.63
N THR A 24 -10.65 8.29 -3.42
CA THR A 24 -9.98 7.14 -3.98
C THR A 24 -9.40 6.25 -2.89
N GLU A 25 -8.62 6.85 -1.99
CA GLU A 25 -8.01 6.12 -0.89
C GLU A 25 -9.05 5.34 -0.11
N ASN A 26 -10.23 5.95 0.07
CA ASN A 26 -11.32 5.29 0.79
C ASN A 26 -11.59 3.92 0.20
N GLU A 27 -11.55 3.84 -1.13
CA GLU A 27 -11.75 2.57 -1.81
C GLU A 27 -10.63 1.60 -1.46
N TYR A 28 -9.45 2.17 -1.17
CA TYR A 28 -8.28 1.38 -0.81
C TYR A 28 -8.32 1.02 0.68
N SER A 29 -8.75 1.97 1.50
CA SER A 29 -8.83 1.78 2.94
C SER A 29 -10.07 0.96 3.31
N LYS A 30 -11.18 1.28 2.68
CA LYS A 30 -12.45 0.61 2.95
C LYS A 30 -12.43 -0.82 2.41
N GLU A 31 -11.56 -1.09 1.45
CA GLU A 31 -11.45 -2.40 0.85
C GLU A 31 -10.76 -3.38 1.82
N LEU A 32 -9.54 -3.03 2.23
CA LEU A 32 -8.78 -3.88 3.14
C LEU A 32 -9.53 -4.09 4.45
N GLN A 33 -10.12 -3.03 4.97
CA GLN A 33 -10.87 -3.10 6.21
C GLN A 33 -12.00 -4.11 6.11
N THR A 34 -12.63 -4.16 4.94
CA THR A 34 -13.75 -5.08 4.71
C THR A 34 -13.34 -6.52 4.96
N VAL A 35 -12.59 -7.10 4.03
CA VAL A 35 -12.14 -8.48 4.14
C VAL A 35 -11.43 -8.72 5.47
N LEU A 36 -10.65 -7.75 5.90
CA LEU A 36 -9.92 -7.85 7.16
C LEU A 36 -10.86 -8.25 8.30
N SER A 37 -11.82 -7.38 8.60
CA SER A 37 -12.76 -7.60 9.67
C SER A 37 -13.89 -8.56 9.26
N THR A 38 -14.08 -8.73 7.95
CA THR A 38 -15.15 -9.58 7.44
C THR A 38 -14.87 -11.05 7.69
N TYR A 39 -13.77 -11.55 7.12
CA TYR A 39 -13.43 -12.96 7.24
C TYR A 39 -11.97 -13.19 7.62
N LEU A 40 -11.16 -12.13 7.63
CA LEU A 40 -9.74 -12.26 7.94
C LEU A 40 -9.53 -12.34 9.45
N ARG A 41 -10.39 -11.69 10.21
CA ARG A 41 -10.28 -11.68 11.68
C ARG A 41 -9.93 -13.07 12.22
N PRO A 42 -10.74 -14.10 11.88
CA PRO A 42 -10.51 -15.47 12.34
C PRO A 42 -9.05 -15.91 12.20
N LEU A 43 -8.34 -15.28 11.26
CA LEU A 43 -6.94 -15.60 11.02
C LEU A 43 -6.11 -15.54 12.31
N GLN A 44 -6.62 -14.81 13.30
CA GLN A 44 -5.93 -14.65 14.56
C GLN A 44 -5.48 -15.98 15.16
N THR A 45 -6.16 -17.06 14.77
CA THR A 45 -5.82 -18.39 15.29
C THR A 45 -4.81 -19.12 14.42
N SER A 46 -4.66 -18.65 13.19
CA SER A 46 -3.70 -19.24 12.26
C SER A 46 -2.32 -18.62 12.42
N GLU A 47 -2.25 -17.48 13.09
CA GLU A 47 -0.99 -16.80 13.33
C GLU A 47 -0.44 -16.19 12.06
N LYS A 48 -1.26 -15.38 11.39
CA LYS A 48 -0.85 -14.73 10.16
C LYS A 48 -0.33 -15.75 9.16
N LEU A 49 -0.81 -16.98 9.30
CA LEU A 49 -0.41 -18.08 8.43
C LEU A 49 1.07 -18.37 8.58
N SER A 50 1.43 -18.94 9.72
CA SER A 50 2.81 -19.28 10.01
C SER A 50 3.42 -20.11 8.88
N SER A 51 4.63 -20.61 9.10
CA SER A 51 5.33 -21.44 8.11
C SER A 51 5.97 -20.57 7.03
N ALA A 52 6.35 -19.36 7.39
CA ALA A 52 6.98 -18.44 6.45
C ALA A 52 6.04 -18.02 5.34
N ASN A 53 4.74 -18.12 5.59
CA ASN A 53 3.73 -17.75 4.60
C ASN A 53 3.77 -16.24 4.33
N ILE A 54 4.31 -15.48 5.28
CA ILE A 54 4.41 -14.04 5.13
C ILE A 54 5.08 -13.69 3.79
N SER A 55 6.19 -14.34 3.51
CA SER A 55 6.92 -14.09 2.27
C SER A 55 6.01 -14.26 1.05
N TYR A 56 4.92 -15.01 1.21
CA TYR A 56 4.01 -15.26 0.10
C TYR A 56 2.89 -14.21 0.01
N LEU A 57 1.76 -14.49 0.67
CA LEU A 57 0.62 -13.59 0.61
C LEU A 57 0.61 -12.56 1.74
N MET A 58 0.41 -13.06 2.96
CA MET A 58 0.31 -12.21 4.14
C MET A 58 1.32 -11.07 4.13
N GLY A 59 2.59 -11.38 3.87
CA GLY A 59 3.63 -10.36 3.84
C GLY A 59 3.16 -9.07 3.16
N ASN A 60 2.24 -9.21 2.22
CA ASN A 60 1.70 -8.05 1.51
C ASN A 60 0.47 -7.50 2.23
N LEU A 61 -0.65 -8.20 2.09
CA LEU A 61 -1.91 -7.77 2.69
C LEU A 61 -1.79 -7.65 4.21
N GLU A 62 -1.14 -8.62 4.84
CA GLU A 62 -1.00 -8.62 6.30
C GLU A 62 -0.20 -7.40 6.77
N GLU A 63 0.81 -7.04 6.00
CA GLU A 63 1.66 -5.90 6.34
C GLU A 63 1.03 -4.59 5.88
N ILE A 64 0.42 -4.61 4.69
CA ILE A 64 -0.23 -3.42 4.16
C ILE A 64 -1.25 -2.86 5.14
N CYS A 65 -1.75 -3.72 6.03
CA CYS A 65 -2.71 -3.29 7.04
C CYS A 65 -2.16 -2.08 7.79
N SER A 66 -0.93 -2.20 8.26
CA SER A 66 -0.27 -1.12 8.98
C SER A 66 0.00 0.05 8.04
N PHE A 67 0.37 -0.27 6.80
CA PHE A 67 0.63 0.75 5.79
C PHE A 67 -0.63 1.54 5.48
N GLN A 68 -1.67 0.85 5.04
CA GLN A 68 -2.95 1.49 4.70
C GLN A 68 -3.35 2.52 5.74
N GLN A 69 -3.04 2.23 7.01
CA GLN A 69 -3.39 3.12 8.11
C GLN A 69 -2.56 4.40 8.10
N MET A 70 -1.24 4.24 7.94
CA MET A 70 -0.33 5.38 7.92
C MET A 70 -0.32 6.04 6.56
N LEU A 71 -0.55 5.24 5.52
CA LEU A 71 -0.55 5.73 4.14
C LEU A 71 -1.17 7.12 4.02
N VAL A 72 -2.43 7.24 4.39
CA VAL A 72 -3.14 8.51 4.31
C VAL A 72 -2.98 9.34 5.59
N GLN A 73 -3.03 8.66 6.74
CA GLN A 73 -2.96 9.33 8.03
C GLN A 73 -1.58 9.92 8.33
N SER A 74 -0.56 9.45 7.62
CA SER A 74 0.81 9.92 7.87
C SER A 74 1.11 11.22 7.14
N LEU A 75 1.01 11.18 5.83
CA LEU A 75 1.33 12.35 4.99
C LEU A 75 0.27 13.43 5.09
N GLU A 76 -1.00 13.03 5.18
CA GLU A 76 -2.10 13.99 5.25
C GLU A 76 -2.07 14.76 6.57
N GLU A 77 -1.89 14.05 7.66
CA GLU A 77 -1.87 14.66 8.98
C GLU A 77 -0.91 15.84 9.02
N CYS A 78 0.09 15.80 8.15
CA CYS A 78 1.10 16.85 8.11
C CYS A 78 0.63 18.02 7.26
N THR A 79 0.20 17.74 6.04
CA THR A 79 -0.31 18.79 5.17
C THR A 79 -1.47 19.49 5.86
N LYS A 80 -2.42 18.69 6.33
CA LYS A 80 -3.58 19.20 7.05
C LYS A 80 -3.14 20.19 8.13
N LEU A 81 -2.29 19.75 9.04
CA LEU A 81 -1.74 20.65 10.03
C LEU A 81 -0.82 21.62 9.30
N PRO A 82 -0.61 22.84 9.86
CA PRO A 82 0.18 23.88 9.22
C PRO A 82 1.31 23.35 8.34
N GLU A 83 0.97 22.99 7.10
CA GLU A 83 1.93 22.43 6.16
C GLU A 83 3.23 23.23 6.15
N ALA A 84 4.35 22.52 6.20
CA ALA A 84 5.66 23.16 6.14
C ALA A 84 6.01 23.53 4.70
N GLN A 85 5.84 22.57 3.81
CA GLN A 85 6.14 22.78 2.40
C GLN A 85 5.42 21.76 1.51
N GLN A 86 4.38 21.10 2.03
CA GLN A 86 3.64 20.10 1.28
C GLN A 86 4.59 19.16 0.52
N ARG A 87 5.19 18.23 1.24
CA ARG A 87 6.15 17.31 0.63
C ARG A 87 5.72 15.87 0.80
N VAL A 88 4.81 15.41 -0.05
CA VAL A 88 4.36 14.02 0.00
C VAL A 88 5.55 13.09 -0.18
N GLY A 89 6.47 13.50 -1.05
CA GLY A 89 7.65 12.71 -1.31
C GLY A 89 8.43 12.40 -0.04
N GLY A 90 8.88 13.43 0.65
CA GLY A 90 9.65 13.25 1.87
C GLY A 90 9.03 12.23 2.80
N CYS A 91 7.70 12.22 2.86
CA CYS A 91 6.98 11.28 3.71
C CYS A 91 6.96 9.88 3.08
N PHE A 92 6.43 9.81 1.86
CA PHE A 92 6.36 8.55 1.13
C PHE A 92 7.75 7.94 0.98
N LEU A 93 8.77 8.79 1.01
CA LEU A 93 10.15 8.34 0.90
C LEU A 93 10.57 7.53 2.12
N ASN A 94 9.93 7.82 3.25
CA ASN A 94 10.24 7.13 4.50
C ASN A 94 9.58 5.75 4.53
N LEU A 95 8.47 5.63 3.83
CA LEU A 95 7.74 4.38 3.76
C LEU A 95 8.23 3.50 2.60
N MET A 96 9.16 4.04 1.80
CA MET A 96 9.71 3.30 0.66
C MET A 96 10.31 1.98 1.10
N PRO A 97 11.21 2.01 2.10
CA PRO A 97 11.88 0.81 2.61
C PRO A 97 10.93 -0.37 2.77
N GLN A 98 9.78 -0.13 3.40
CA GLN A 98 8.80 -1.19 3.60
C GLN A 98 7.95 -1.38 2.36
N MET A 99 7.53 -0.28 1.76
CA MET A 99 6.69 -0.32 0.56
C MET A 99 7.38 -1.07 -0.57
N LYS A 100 8.65 -0.75 -0.80
CA LYS A 100 9.42 -1.39 -1.86
C LYS A 100 9.46 -2.91 -1.65
N THR A 101 9.66 -3.32 -0.41
CA THR A 101 9.74 -4.73 -0.07
C THR A 101 8.43 -5.45 -0.39
N LEU A 102 7.31 -4.77 -0.13
CA LEU A 102 6.00 -5.36 -0.35
C LEU A 102 5.52 -5.15 -1.79
N TYR A 103 5.60 -3.93 -2.27
CA TYR A 103 5.16 -3.61 -3.63
C TYR A 103 5.68 -4.64 -4.63
N LEU A 104 7.00 -4.63 -4.86
CA LEU A 104 7.62 -5.55 -5.79
C LEU A 104 7.24 -7.00 -5.48
N THR A 105 7.33 -7.37 -4.21
CA THR A 105 7.00 -8.72 -3.78
C THR A 105 5.57 -9.06 -4.21
N TYR A 106 4.67 -8.09 -4.06
CA TYR A 106 3.27 -8.28 -4.43
C TYR A 106 3.15 -8.72 -5.88
N CYS A 107 3.93 -8.09 -6.75
CA CYS A 107 3.92 -8.42 -8.18
C CYS A 107 4.19 -9.91 -8.38
N ALA A 108 5.17 -10.42 -7.65
CA ALA A 108 5.51 -11.84 -7.74
C ALA A 108 4.53 -12.70 -6.94
N ASN A 109 3.79 -12.07 -6.04
CA ASN A 109 2.81 -12.79 -5.21
C ASN A 109 1.49 -12.97 -5.96
N HIS A 110 1.30 -12.22 -7.05
CA HIS A 110 0.08 -12.32 -7.83
C HIS A 110 -0.23 -13.77 -8.18
N PRO A 111 0.67 -14.43 -8.92
CA PRO A 111 0.49 -15.84 -9.32
C PRO A 111 0.52 -16.78 -8.12
N SER A 112 1.41 -16.50 -7.17
CA SER A 112 1.53 -17.33 -5.98
C SER A 112 0.27 -17.26 -5.13
N ALA A 113 -0.28 -16.06 -4.98
CA ALA A 113 -1.50 -15.85 -4.21
C ALA A 113 -2.59 -16.82 -4.64
N VAL A 114 -2.95 -16.77 -5.92
CA VAL A 114 -3.98 -17.64 -6.45
C VAL A 114 -3.63 -19.11 -6.21
N ASN A 115 -2.33 -19.40 -6.14
CA ASN A 115 -1.86 -20.76 -5.91
C ASN A 115 -2.02 -21.17 -4.45
N VAL A 116 -1.58 -20.30 -3.54
CA VAL A 116 -1.69 -20.57 -2.12
C VAL A 116 -3.15 -20.82 -1.72
N LEU A 117 -4.06 -20.07 -2.34
CA LEU A 117 -5.48 -20.20 -2.05
C LEU A 117 -6.03 -21.53 -2.54
N THR A 118 -6.08 -21.70 -3.85
CA THR A 118 -6.60 -22.93 -4.43
C THR A 118 -5.93 -24.14 -3.78
N GLU A 119 -4.73 -23.93 -3.27
CA GLU A 119 -3.99 -24.98 -2.58
C GLU A 119 -4.34 -25.01 -1.10
N HIS A 120 -4.73 -23.85 -0.56
CA HIS A 120 -5.09 -23.76 0.86
C HIS A 120 -6.56 -23.45 1.01
N SER A 121 -7.36 -23.93 0.06
CA SER A 121 -8.80 -23.71 0.10
C SER A 121 -9.41 -24.29 1.37
N GLU A 122 -8.81 -25.39 1.85
CA GLU A 122 -9.29 -26.06 3.05
C GLU A 122 -8.63 -25.49 4.30
N GLU A 123 -7.36 -25.13 4.19
CA GLU A 123 -6.62 -24.59 5.32
C GLU A 123 -7.22 -23.26 5.76
N LEU A 124 -7.24 -22.31 4.83
CA LEU A 124 -7.79 -20.99 5.10
C LEU A 124 -9.28 -21.08 5.42
N GLY A 125 -9.99 -21.92 4.68
CA GLY A 125 -11.42 -22.10 4.90
C GLY A 125 -11.73 -22.77 6.22
N GLU A 126 -10.74 -23.47 6.78
CA GLU A 126 -10.93 -24.18 8.03
C GLU A 126 -10.95 -23.22 9.22
N PHE A 127 -9.99 -22.30 9.26
CA PHE A 127 -9.90 -21.33 10.35
C PHE A 127 -11.07 -20.34 10.29
N MET A 128 -11.51 -20.01 9.09
CA MET A 128 -12.60 -19.06 8.89
C MET A 128 -13.95 -19.68 9.28
N GLU A 129 -13.96 -20.96 9.64
CA GLU A 129 -15.19 -21.65 10.01
C GLU A 129 -15.86 -21.00 11.21
N THR A 130 -15.14 -20.13 11.93
CA THR A 130 -15.68 -19.46 13.10
C THR A 130 -16.36 -18.15 12.74
N LYS A 131 -16.72 -17.98 11.47
CA LYS A 131 -17.37 -16.76 11.01
C LYS A 131 -18.40 -17.06 9.93
N GLY A 132 -17.95 -17.70 8.85
CA GLY A 132 -18.85 -18.02 7.75
C GLY A 132 -18.51 -17.29 6.46
N ALA A 133 -17.43 -16.51 6.49
CA ALA A 133 -17.01 -15.77 5.30
C ALA A 133 -18.18 -15.02 4.68
N SER A 134 -17.94 -14.43 3.51
CA SER A 134 -18.99 -13.71 2.79
C SER A 134 -19.73 -14.65 1.85
N SER A 135 -19.07 -15.02 0.76
CA SER A 135 -19.65 -15.93 -0.22
C SER A 135 -18.61 -16.83 -0.85
N PRO A 136 -17.55 -16.27 -1.45
CA PRO A 136 -16.49 -17.08 -2.06
C PRO A 136 -15.56 -17.69 -1.01
N GLY A 137 -16.14 -18.34 0.00
CA GLY A 137 -15.34 -18.96 1.04
C GLY A 137 -14.28 -18.03 1.59
N ILE A 138 -13.02 -18.40 1.42
CA ILE A 138 -11.91 -17.58 1.90
C ILE A 138 -11.00 -17.13 0.75
N LEU A 139 -11.26 -17.64 -0.45
CA LEU A 139 -10.46 -17.27 -1.61
C LEU A 139 -10.81 -15.87 -2.11
N VAL A 140 -11.81 -15.24 -1.50
CA VAL A 140 -12.23 -13.89 -1.88
C VAL A 140 -11.04 -12.98 -2.19
N LEU A 141 -9.91 -13.26 -1.54
CA LEU A 141 -8.69 -12.47 -1.73
C LEU A 141 -8.48 -12.09 -3.19
N THR A 142 -8.48 -13.08 -4.07
CA THR A 142 -8.26 -12.84 -5.49
C THR A 142 -9.11 -11.67 -6.01
N THR A 143 -10.41 -11.91 -6.15
CA THR A 143 -11.32 -10.90 -6.68
C THR A 143 -11.46 -9.71 -5.73
N GLY A 144 -11.53 -10.00 -4.43
CA GLY A 144 -11.68 -8.94 -3.45
C GLY A 144 -10.54 -7.94 -3.45
N LEU A 145 -9.32 -8.44 -3.53
CA LEU A 145 -8.14 -7.58 -3.52
C LEU A 145 -7.56 -7.39 -4.91
N SER A 146 -8.38 -7.62 -5.94
CA SER A 146 -7.95 -7.45 -7.32
C SER A 146 -7.20 -6.14 -7.52
N LYS A 147 -7.94 -5.04 -7.52
CA LYS A 147 -7.36 -3.71 -7.71
C LYS A 147 -6.09 -3.54 -6.87
N PRO A 148 -4.91 -3.64 -7.50
CA PRO A 148 -3.63 -3.50 -6.82
C PRO A 148 -3.13 -2.06 -6.79
N PHE A 149 -2.50 -1.62 -7.88
CA PHE A 149 -1.96 -0.27 -7.97
C PHE A 149 -2.88 0.65 -8.78
N MET A 150 -4.08 0.18 -9.09
CA MET A 150 -5.03 0.98 -9.86
C MET A 150 -5.23 2.36 -9.24
N ARG A 151 -4.93 2.49 -7.95
CA ARG A 151 -5.09 3.76 -7.25
C ARG A 151 -3.88 4.67 -7.43
N LEU A 152 -2.77 4.10 -7.89
CA LEU A 152 -1.54 4.86 -8.10
C LEU A 152 -1.57 5.65 -9.41
N ASP A 153 -2.50 5.30 -10.30
CA ASP A 153 -2.61 5.98 -11.59
C ASP A 153 -3.01 7.44 -11.42
N LYS A 154 -3.55 7.77 -10.26
CA LYS A 154 -3.99 9.14 -9.97
C LYS A 154 -3.08 9.80 -8.96
N TYR A 155 -2.41 9.00 -8.14
CA TYR A 155 -1.52 9.50 -7.10
C TYR A 155 -0.63 10.62 -7.61
N PRO A 156 0.06 10.41 -8.74
CA PRO A 156 0.96 11.40 -9.32
C PRO A 156 0.36 12.80 -9.30
N THR A 157 -0.96 12.87 -9.28
CA THR A 157 -1.65 14.16 -9.24
C THR A 157 -1.23 14.94 -8.01
N LEU A 158 -1.25 14.28 -6.86
CA LEU A 158 -0.82 14.90 -5.62
C LEU A 158 0.65 15.30 -5.71
N LEU A 159 1.47 14.35 -6.14
CA LEU A 159 2.90 14.57 -6.30
C LEU A 159 3.18 15.65 -7.35
N LYS A 160 2.22 15.88 -8.24
CA LYS A 160 2.39 16.85 -9.31
C LYS A 160 1.92 18.25 -8.90
N GLU A 161 0.65 18.35 -8.51
CA GLU A 161 0.06 19.65 -8.17
C GLU A 161 0.38 20.08 -6.74
N LEU A 162 0.31 19.13 -5.81
CA LEU A 162 0.54 19.42 -4.39
C LEU A 162 1.99 19.83 -4.12
N GLU A 163 2.92 19.25 -4.88
CA GLU A 163 4.34 19.52 -4.66
C GLU A 163 4.76 20.87 -5.22
N ARG A 164 4.05 21.36 -6.22
CA ARG A 164 4.40 22.65 -6.83
C ARG A 164 4.49 23.76 -5.80
N HIS A 165 3.40 23.98 -5.07
CA HIS A 165 3.36 25.05 -4.07
C HIS A 165 3.72 26.39 -4.71
N MET A 166 2.97 26.77 -5.74
CA MET A 166 3.22 28.01 -6.46
C MET A 166 4.49 27.89 -7.29
N GLU A 167 4.44 27.11 -8.35
CA GLU A 167 5.59 26.88 -9.22
C GLU A 167 5.67 27.91 -10.34
N ASP A 168 4.97 29.04 -10.17
CA ASP A 168 4.99 30.10 -11.18
C ASP A 168 6.36 30.78 -11.26
N TYR A 169 7.22 30.48 -10.31
CA TYR A 169 8.55 31.05 -10.28
C TYR A 169 9.63 29.96 -10.37
N HIS A 170 9.20 28.73 -10.68
CA HIS A 170 10.11 27.60 -10.81
C HIS A 170 11.15 27.58 -9.68
N THR A 171 10.89 26.77 -8.67
CA THR A 171 11.81 26.66 -7.53
C THR A 171 11.31 25.63 -6.52
N ASP A 172 12.23 24.81 -6.01
CA ASP A 172 11.90 23.80 -5.01
C ASP A 172 11.26 22.56 -5.64
N ARG A 173 11.02 22.59 -6.95
CA ARG A 173 10.41 21.47 -7.64
C ARG A 173 11.35 20.25 -7.64
N GLN A 174 12.64 20.48 -7.40
CA GLN A 174 13.63 19.40 -7.38
C GLN A 174 13.11 18.19 -6.58
N ASP A 175 12.26 18.46 -5.60
CA ASP A 175 11.69 17.41 -4.77
C ASP A 175 10.70 16.57 -5.58
N ILE A 176 10.01 17.23 -6.51
CA ILE A 176 9.03 16.55 -7.36
C ILE A 176 9.71 15.50 -8.23
N GLN A 177 10.91 15.82 -8.69
CA GLN A 177 11.68 14.89 -9.53
C GLN A 177 12.01 13.62 -8.75
N LYS A 178 12.14 13.75 -7.44
CA LYS A 178 12.46 12.62 -6.58
C LYS A 178 11.20 11.87 -6.17
N SER A 179 10.10 12.61 -6.01
CA SER A 179 8.83 12.00 -5.62
C SER A 179 8.34 11.06 -6.70
N MET A 180 8.48 11.49 -7.96
CA MET A 180 8.07 10.67 -9.09
C MET A 180 9.05 9.54 -9.32
N ALA A 181 10.34 9.85 -9.24
CA ALA A 181 11.40 8.87 -9.47
C ALA A 181 11.37 7.77 -8.41
N ALA A 182 10.72 8.02 -7.28
CA ALA A 182 10.65 7.03 -6.20
C ALA A 182 9.44 6.13 -6.39
N PHE A 183 8.26 6.74 -6.47
CA PHE A 183 7.02 6.00 -6.66
C PHE A 183 7.00 5.28 -8.01
N LYS A 184 7.52 5.97 -9.04
CA LYS A 184 7.56 5.43 -10.39
C LYS A 184 8.58 4.30 -10.50
N ASN A 185 9.75 4.49 -9.90
CA ASN A 185 10.80 3.48 -9.93
C ASN A 185 10.24 2.12 -9.57
N LEU A 186 9.17 2.14 -8.78
CA LEU A 186 8.51 0.91 -8.37
C LEU A 186 7.81 0.26 -9.55
N SER A 187 7.13 1.07 -10.35
CA SER A 187 6.41 0.58 -11.52
C SER A 187 7.38 0.15 -12.61
N ALA A 188 8.53 0.83 -12.69
CA ALA A 188 9.54 0.51 -13.68
C ALA A 188 10.16 -0.86 -13.40
N GLN A 189 10.47 -1.11 -12.14
CA GLN A 189 11.03 -2.40 -11.74
C GLN A 189 9.94 -3.44 -11.62
N CYS A 190 8.76 -3.00 -11.16
CA CYS A 190 7.62 -3.90 -11.00
C CYS A 190 7.43 -4.76 -12.24
N GLN A 191 7.75 -4.20 -13.40
CA GLN A 191 7.63 -4.90 -14.66
C GLN A 191 8.23 -6.30 -14.60
N GLU A 192 9.45 -6.38 -14.09
CA GLU A 192 10.16 -7.66 -14.02
C GLU A 192 10.23 -8.19 -12.59
N VAL A 193 11.04 -7.54 -11.76
CA VAL A 193 11.21 -7.96 -10.38
C VAL A 193 11.53 -9.45 -10.29
N ARG A 194 12.09 -9.98 -11.36
CA ARG A 194 12.43 -11.40 -11.42
C ARG A 194 13.69 -11.70 -10.61
N LYS A 195 14.74 -10.95 -10.86
CA LYS A 195 16.00 -11.13 -10.16
C LYS A 195 15.94 -10.50 -8.77
N ARG A 196 15.07 -9.52 -8.62
CA ARG A 196 14.91 -8.84 -7.35
C ARG A 196 14.50 -9.82 -6.26
N LYS A 197 15.40 -10.06 -5.32
CA LYS A 197 15.14 -11.00 -4.21
C LYS A 197 15.36 -12.45 -4.64
N GLU A 198 15.57 -12.68 -5.93
CA GLU A 198 15.83 -14.03 -6.42
C GLU A 198 17.21 -14.48 -5.96
N LEU A 199 18.21 -13.67 -6.29
CA LEU A 199 19.59 -13.93 -5.93
C LEU A 199 19.70 -14.44 -4.49
N GLU A 200 18.78 -13.99 -3.64
CA GLU A 200 18.74 -14.39 -2.23
C GLU A 200 20.14 -14.48 -1.63
N LEU A 201 20.26 -15.15 -0.48
CA LEU A 201 21.53 -15.32 0.18
C LEU A 201 21.41 -16.24 1.39
N GLN A 202 20.70 -17.35 1.22
CA GLN A 202 20.52 -18.32 2.28
C GLN A 202 21.76 -19.18 2.43
N ILE A 203 21.89 -20.19 1.56
CA ILE A 203 23.04 -21.08 1.57
C ILE A 203 24.27 -20.39 0.97
N LEU A 204 24.04 -19.30 0.24
CA LEU A 204 25.13 -18.55 -0.38
C LEU A 204 26.11 -18.07 0.67
N THR A 205 27.40 -18.19 0.36
CA THR A 205 28.45 -17.75 1.28
C THR A 205 28.24 -18.34 2.67
N GLU A 206 27.71 -19.55 2.73
CA GLU A 206 27.47 -20.24 4.00
C GLU A 206 28.66 -20.09 4.94
N ALA A 207 28.39 -20.04 6.24
CA ALA A 207 29.46 -19.90 7.23
C ALA A 207 29.71 -21.22 7.96
N ILE A 208 29.36 -22.32 7.31
CA ILE A 208 29.56 -23.65 7.89
C ILE A 208 28.63 -23.87 9.08
N ARG A 209 27.37 -24.18 8.81
CA ARG A 209 26.39 -24.42 9.86
C ARG A 209 26.11 -23.14 10.63
N MET A 1 -9.94 18.85 2.89
CA MET A 1 -11.40 18.85 3.16
C MET A 1 -11.71 19.49 4.52
N LYS A 2 -12.90 19.21 5.04
CA LYS A 2 -13.31 19.75 6.33
C LYS A 2 -13.55 21.25 6.25
N GLY A 3 -12.46 22.02 6.18
CA GLY A 3 -12.58 23.47 6.11
C GLY A 3 -11.24 24.17 6.21
N PHE A 4 -10.25 23.66 5.50
CA PHE A 4 -8.91 24.26 5.53
C PHE A 4 -8.90 25.55 4.71
N ASP A 5 -8.36 26.61 5.29
CA ASP A 5 -8.29 27.90 4.62
C ASP A 5 -9.70 28.40 4.28
N THR A 6 -9.79 29.67 3.93
CA THR A 6 -11.08 30.27 3.58
C THR A 6 -11.24 30.42 2.08
N THR A 7 -10.41 29.72 1.31
CA THR A 7 -10.49 29.79 -0.14
C THR A 7 -11.73 29.08 -0.66
N ALA A 8 -12.80 29.85 -0.84
CA ALA A 8 -14.06 29.31 -1.35
C ALA A 8 -14.20 29.53 -2.85
N ILE A 9 -15.08 28.76 -3.48
CA ILE A 9 -15.32 28.87 -4.91
C ILE A 9 -14.02 29.02 -5.71
N ASN A 10 -12.97 28.36 -5.24
CA ASN A 10 -11.68 28.43 -5.90
C ASN A 10 -10.77 27.28 -5.48
N LYS A 11 -11.01 26.10 -6.05
CA LYS A 11 -10.21 24.93 -5.75
C LYS A 11 -8.99 24.84 -6.66
N SER A 12 -7.85 25.32 -6.18
CA SER A 12 -6.62 25.30 -6.97
C SER A 12 -6.23 23.86 -7.32
N TYR A 13 -5.40 23.71 -8.35
CA TYR A 13 -4.95 22.40 -8.78
C TYR A 13 -4.47 21.56 -7.60
N TYR A 14 -3.96 22.25 -6.58
CA TYR A 14 -3.47 21.58 -5.37
C TYR A 14 -4.53 20.64 -4.81
N ASN A 15 -5.67 21.21 -4.43
CA ASN A 15 -6.76 20.42 -3.88
C ASN A 15 -7.33 19.45 -4.93
N VAL A 16 -7.09 19.76 -6.20
CA VAL A 16 -7.59 18.93 -7.29
C VAL A 16 -6.82 17.62 -7.38
N VAL A 17 -5.52 17.69 -7.09
CA VAL A 17 -4.66 16.51 -7.12
C VAL A 17 -5.01 15.58 -5.97
N LEU A 18 -5.35 16.15 -4.82
CA LEU A 18 -5.72 15.35 -3.67
C LEU A 18 -7.14 14.82 -3.86
N GLN A 19 -7.95 15.61 -4.56
CA GLN A 19 -9.31 15.22 -4.88
C GLN A 19 -9.32 13.89 -5.62
N ASN A 20 -8.49 13.79 -6.65
CA ASN A 20 -8.38 12.57 -7.42
C ASN A 20 -7.91 11.43 -6.55
N ILE A 21 -6.80 11.66 -5.86
CA ILE A 21 -6.21 10.66 -4.97
C ILE A 21 -7.22 10.20 -3.92
N LEU A 22 -8.07 11.10 -3.47
CA LEU A 22 -9.08 10.76 -2.48
C LEU A 22 -10.01 9.68 -3.00
N GLU A 23 -10.61 9.93 -4.16
CA GLU A 23 -11.51 8.97 -4.77
C GLU A 23 -10.81 7.63 -4.97
N THR A 24 -9.60 7.69 -5.53
CA THR A 24 -8.81 6.50 -5.77
C THR A 24 -8.47 5.79 -4.47
N GLU A 25 -7.85 6.51 -3.54
CA GLU A 25 -7.47 5.95 -2.24
C GLU A 25 -8.70 5.46 -1.48
N ASN A 26 -9.84 6.09 -1.73
CA ASN A 26 -11.08 5.71 -1.07
C ASN A 26 -11.39 4.24 -1.35
N GLU A 27 -11.25 3.83 -2.60
CA GLU A 27 -11.48 2.45 -2.99
C GLU A 27 -10.45 1.53 -2.37
N TYR A 28 -9.29 2.08 -2.02
CA TYR A 28 -8.23 1.32 -1.39
C TYR A 28 -8.45 1.26 0.12
N SER A 29 -8.84 2.39 0.69
CA SER A 29 -9.07 2.48 2.13
C SER A 29 -10.43 1.86 2.49
N LYS A 30 -11.43 2.15 1.67
CA LYS A 30 -12.78 1.64 1.89
C LYS A 30 -12.83 0.13 1.70
N GLU A 31 -11.93 -0.39 0.86
CA GLU A 31 -11.88 -1.82 0.60
C GLU A 31 -11.45 -2.58 1.84
N LEU A 32 -10.26 -2.24 2.35
CA LEU A 32 -9.74 -2.88 3.54
C LEU A 32 -10.63 -2.65 4.75
N GLN A 33 -11.02 -1.39 4.99
CA GLN A 33 -11.87 -1.06 6.13
C GLN A 33 -13.09 -1.97 6.17
N THR A 34 -13.59 -2.32 4.99
CA THR A 34 -14.78 -3.17 4.88
C THR A 34 -14.48 -4.61 5.29
N VAL A 35 -13.64 -5.27 4.50
CA VAL A 35 -13.27 -6.67 4.77
C VAL A 35 -12.64 -6.80 6.15
N LEU A 36 -11.70 -5.91 6.46
CA LEU A 36 -11.00 -5.93 7.75
C LEU A 36 -11.96 -6.22 8.90
N SER A 37 -12.78 -5.24 9.23
CA SER A 37 -13.73 -5.36 10.33
C SER A 37 -14.82 -6.40 10.05
N THR A 38 -14.92 -6.83 8.80
CA THR A 38 -15.95 -7.80 8.42
C THR A 38 -15.55 -9.22 8.79
N TYR A 39 -14.47 -9.71 8.23
CA TYR A 39 -14.04 -11.09 8.49
C TYR A 39 -12.54 -11.22 8.76
N LEU A 40 -11.76 -10.18 8.46
CA LEU A 40 -10.33 -10.23 8.65
C LEU A 40 -9.93 -9.94 10.09
N ARG A 41 -10.69 -9.10 10.77
CA ARG A 41 -10.41 -8.73 12.16
C ARG A 41 -10.01 -9.95 12.99
N PRO A 42 -10.86 -11.00 12.97
CA PRO A 42 -10.60 -12.23 13.74
C PRO A 42 -9.25 -12.86 13.41
N LEU A 43 -9.00 -13.07 12.13
CA LEU A 43 -7.74 -13.67 11.68
C LEU A 43 -6.58 -12.68 11.78
N GLN A 44 -6.93 -11.39 11.83
CA GLN A 44 -5.93 -10.33 11.90
C GLN A 44 -4.85 -10.62 12.95
N THR A 45 -5.18 -11.45 13.95
CA THR A 45 -4.22 -11.77 15.00
C THR A 45 -3.16 -12.77 14.52
N SER A 46 -3.22 -13.15 13.24
CA SER A 46 -2.25 -14.08 12.68
C SER A 46 -2.56 -15.51 13.13
N GLU A 47 -3.81 -15.77 13.50
CA GLU A 47 -4.23 -17.09 13.97
C GLU A 47 -3.65 -18.20 13.09
N LYS A 48 -4.22 -18.36 11.91
CA LYS A 48 -3.75 -19.39 10.98
C LYS A 48 -2.62 -18.87 10.10
N LEU A 49 -2.46 -17.55 10.05
CA LEU A 49 -1.41 -16.94 9.25
C LEU A 49 -0.35 -16.30 10.13
N SER A 50 0.11 -17.03 11.13
CA SER A 50 1.12 -16.55 12.06
C SER A 50 2.30 -15.92 11.32
N SER A 51 3.30 -15.47 12.09
CA SER A 51 4.49 -14.84 11.53
C SER A 51 5.04 -15.63 10.34
N ALA A 52 4.78 -16.92 10.33
CA ALA A 52 5.26 -17.77 9.24
C ALA A 52 4.55 -17.44 7.93
N ASN A 53 3.24 -17.27 8.00
CA ASN A 53 2.44 -16.93 6.82
C ASN A 53 2.51 -15.44 6.52
N ILE A 54 2.92 -14.65 7.52
CA ILE A 54 3.04 -13.20 7.36
C ILE A 54 3.71 -12.85 6.03
N SER A 55 4.92 -13.34 5.82
CA SER A 55 5.65 -13.06 4.60
C SER A 55 4.80 -13.23 3.35
N TYR A 56 3.73 -14.03 3.45
CA TYR A 56 2.87 -14.29 2.30
C TYR A 56 1.76 -13.25 2.16
N LEU A 57 0.60 -13.52 2.79
CA LEU A 57 -0.56 -12.63 2.65
C LEU A 57 -0.58 -11.53 3.71
N MET A 58 -0.81 -11.94 4.95
CA MET A 58 -0.93 -10.99 6.05
C MET A 58 0.19 -9.95 6.04
N GLY A 59 1.43 -10.42 5.94
CA GLY A 59 2.60 -9.53 5.96
C GLY A 59 2.35 -8.19 5.28
N ASN A 60 1.57 -8.21 4.21
CA ASN A 60 1.22 -6.97 3.51
C ASN A 60 -0.07 -6.37 4.06
N LEU A 61 -1.20 -6.95 3.67
CA LEU A 61 -2.51 -6.47 4.11
C LEU A 61 -2.56 -6.27 5.62
N GLU A 62 -2.08 -7.26 6.37
CA GLU A 62 -2.10 -7.17 7.83
C GLU A 62 -1.35 -5.92 8.31
N GLU A 63 -0.32 -5.54 7.58
CA GLU A 63 0.47 -4.37 7.92
C GLU A 63 -0.16 -3.10 7.34
N ILE A 64 -0.79 -3.24 6.18
CA ILE A 64 -1.44 -2.10 5.53
C ILE A 64 -2.44 -1.44 6.49
N CYS A 65 -2.88 -2.18 7.50
CA CYS A 65 -3.82 -1.65 8.48
C CYS A 65 -3.38 -0.28 8.98
N SER A 66 -2.17 -0.23 9.53
CA SER A 66 -1.61 1.02 10.05
C SER A 66 -1.28 1.97 8.90
N PHE A 67 -0.73 1.42 7.82
CA PHE A 67 -0.35 2.23 6.67
C PHE A 67 -1.57 2.90 6.05
N GLN A 68 -2.48 2.09 5.52
CA GLN A 68 -3.69 2.61 4.88
C GLN A 68 -4.34 3.72 5.71
N GLN A 69 -4.11 3.69 7.02
CA GLN A 69 -4.66 4.70 7.91
C GLN A 69 -3.88 6.01 7.80
N MET A 70 -2.59 5.95 8.08
CA MET A 70 -1.73 7.12 8.00
C MET A 70 -1.48 7.53 6.56
N LEU A 71 -1.66 6.58 5.64
CA LEU A 71 -1.43 6.82 4.21
C LEU A 71 -1.97 8.19 3.77
N VAL A 72 -3.30 8.32 3.77
CA VAL A 72 -3.93 9.55 3.33
C VAL A 72 -4.12 10.55 4.47
N GLN A 73 -4.52 10.05 5.63
CA GLN A 73 -4.81 10.91 6.78
C GLN A 73 -3.58 11.66 7.26
N SER A 74 -2.46 10.96 7.36
CA SER A 74 -1.24 11.55 7.89
C SER A 74 -0.76 12.76 7.10
N LEU A 75 -0.45 12.54 5.82
CA LEU A 75 0.10 13.59 4.99
C LEU A 75 -0.95 14.62 4.57
N GLU A 76 -2.16 14.18 4.30
CA GLU A 76 -3.21 15.09 3.86
C GLU A 76 -3.66 16.01 4.99
N GLU A 77 -3.74 15.48 6.20
CA GLU A 77 -4.16 16.27 7.35
C GLU A 77 -3.28 17.51 7.50
N CYS A 78 -2.04 17.40 7.05
CA CYS A 78 -1.10 18.50 7.19
C CYS A 78 -1.16 19.45 6.00
N THR A 79 -0.95 18.90 4.80
CA THR A 79 -0.99 19.70 3.58
C THR A 79 -2.24 20.57 3.55
N LYS A 80 -3.40 19.92 3.69
CA LYS A 80 -4.69 20.61 3.70
C LYS A 80 -4.62 21.82 4.62
N LEU A 81 -4.18 21.62 5.85
CA LEU A 81 -3.96 22.73 6.76
C LEU A 81 -2.85 23.58 6.18
N PRO A 82 -3.00 24.93 6.21
CA PRO A 82 -2.05 25.87 5.65
C PRO A 82 -0.61 25.35 5.59
N GLU A 83 -0.30 24.57 4.54
CA GLU A 83 1.03 24.00 4.38
C GLU A 83 1.38 23.09 5.55
N ALA A 84 1.90 23.67 6.62
CA ALA A 84 2.30 22.91 7.80
C ALA A 84 3.63 22.20 7.56
N GLN A 85 3.65 21.31 6.58
CA GLN A 85 4.87 20.56 6.24
C GLN A 85 4.95 20.26 4.75
N GLN A 86 3.82 19.93 4.13
CA GLN A 86 3.79 19.59 2.71
C GLN A 86 4.84 18.53 2.40
N ARG A 87 5.19 18.41 1.12
CA ARG A 87 6.18 17.43 0.69
C ARG A 87 5.71 16.01 1.03
N VAL A 88 5.13 15.34 0.04
CA VAL A 88 4.64 13.98 0.23
C VAL A 88 5.78 13.03 0.57
N GLY A 89 6.97 13.35 0.08
CA GLY A 89 8.13 12.51 0.33
C GLY A 89 8.51 12.47 1.79
N GLY A 90 8.64 13.64 2.41
CA GLY A 90 9.01 13.70 3.81
C GLY A 90 8.22 12.73 4.67
N CYS A 91 6.98 12.46 4.27
CA CYS A 91 6.12 11.53 4.99
C CYS A 91 6.30 10.11 4.46
N PHE A 92 5.97 9.93 3.18
CA PHE A 92 6.10 8.63 2.54
C PHE A 92 7.52 8.07 2.75
N LEU A 93 8.48 8.96 2.98
CA LEU A 93 9.87 8.54 3.20
C LEU A 93 10.01 7.78 4.51
N ASN A 94 9.14 8.09 5.46
CA ASN A 94 9.17 7.43 6.76
C ASN A 94 8.55 6.05 6.68
N LEU A 95 7.69 5.85 5.69
CA LEU A 95 7.05 4.56 5.49
C LEU A 95 7.87 3.66 4.56
N MET A 96 8.94 4.22 3.98
CA MET A 96 9.80 3.48 3.06
C MET A 96 10.07 2.05 3.54
N PRO A 97 10.49 1.90 4.81
CA PRO A 97 10.81 0.58 5.37
C PRO A 97 9.74 -0.47 5.08
N GLN A 98 8.49 -0.15 5.40
CA GLN A 98 7.39 -1.07 5.16
C GLN A 98 6.88 -0.94 3.73
N MET A 99 6.73 0.29 3.27
CA MET A 99 6.25 0.55 1.92
C MET A 99 7.06 -0.20 0.88
N LYS A 100 8.37 -0.28 1.10
CA LYS A 100 9.27 -0.96 0.17
C LYS A 100 9.22 -2.48 0.34
N THR A 101 9.32 -2.92 1.58
CA THR A 101 9.34 -4.35 1.89
C THR A 101 8.00 -5.02 1.58
N LEU A 102 6.91 -4.33 1.87
CA LEU A 102 5.58 -4.90 1.66
C LEU A 102 5.21 -4.93 0.18
N TYR A 103 5.52 -3.85 -0.54
CA TYR A 103 5.23 -3.77 -1.96
C TYR A 103 5.86 -4.93 -2.72
N LEU A 104 7.17 -5.09 -2.56
CA LEU A 104 7.90 -6.14 -3.23
C LEU A 104 7.24 -7.51 -3.01
N THR A 105 6.82 -7.75 -1.77
CA THR A 105 6.18 -9.02 -1.43
C THR A 105 4.81 -9.16 -2.08
N TYR A 106 3.97 -8.16 -1.86
CA TYR A 106 2.61 -8.16 -2.40
C TYR A 106 2.58 -8.58 -3.86
N CYS A 107 3.54 -8.07 -4.64
CA CYS A 107 3.59 -8.39 -6.07
C CYS A 107 4.16 -9.78 -6.31
N ALA A 108 5.38 -10.01 -5.84
CA ALA A 108 6.04 -11.30 -6.03
C ALA A 108 5.23 -12.43 -5.40
N ASN A 109 4.45 -12.10 -4.37
CA ASN A 109 3.63 -13.09 -3.68
C ASN A 109 2.25 -13.18 -4.29
N HIS A 110 1.84 -12.15 -5.01
CA HIS A 110 0.52 -12.12 -5.64
C HIS A 110 0.21 -13.43 -6.37
N PRO A 111 1.13 -13.87 -7.24
CA PRO A 111 0.96 -15.11 -8.01
C PRO A 111 0.57 -16.29 -7.11
N SER A 112 1.29 -16.44 -6.00
CA SER A 112 1.03 -17.52 -5.06
C SER A 112 -0.14 -17.17 -4.14
N ALA A 113 -0.30 -15.88 -3.87
CA ALA A 113 -1.38 -15.41 -3.00
C ALA A 113 -2.72 -16.06 -3.37
N VAL A 114 -3.19 -15.80 -4.59
CA VAL A 114 -4.45 -16.34 -5.06
C VAL A 114 -4.50 -17.85 -4.86
N ASN A 115 -3.33 -18.49 -4.88
CA ASN A 115 -3.24 -19.93 -4.69
C ASN A 115 -3.41 -20.29 -3.22
N VAL A 116 -2.83 -19.47 -2.34
CA VAL A 116 -2.92 -19.70 -0.91
C VAL A 116 -4.36 -19.91 -0.47
N LEU A 117 -5.27 -19.09 -0.99
CA LEU A 117 -6.69 -19.20 -0.63
C LEU A 117 -7.32 -20.40 -1.32
N THR A 118 -7.32 -20.40 -2.66
CA THR A 118 -7.87 -21.51 -3.42
C THR A 118 -7.36 -22.83 -2.87
N GLU A 119 -6.17 -22.78 -2.27
CA GLU A 119 -5.57 -23.96 -1.65
C GLU A 119 -5.96 -24.05 -0.18
N HIS A 120 -6.15 -22.90 0.46
CA HIS A 120 -6.54 -22.87 1.87
C HIS A 120 -8.03 -22.57 1.99
N SER A 121 -8.79 -22.96 0.98
CA SER A 121 -10.23 -22.75 0.96
C SER A 121 -10.89 -23.39 2.18
N GLU A 122 -10.43 -24.58 2.53
CA GLU A 122 -11.00 -25.32 3.65
C GLU A 122 -10.38 -24.88 4.98
N GLU A 123 -9.10 -24.53 4.96
CA GLU A 123 -8.41 -24.10 6.18
C GLU A 123 -8.92 -22.73 6.61
N LEU A 124 -8.76 -21.75 5.73
CA LEU A 124 -9.22 -20.40 6.02
C LEU A 124 -10.73 -20.39 6.22
N GLY A 125 -11.43 -21.18 5.41
CA GLY A 125 -12.87 -21.29 5.56
C GLY A 125 -13.26 -21.90 6.88
N GLU A 126 -12.37 -22.75 7.41
CA GLU A 126 -12.61 -23.40 8.69
C GLU A 126 -12.88 -22.37 9.78
N PHE A 127 -11.90 -21.51 10.04
CA PHE A 127 -12.05 -20.47 11.05
C PHE A 127 -13.25 -19.59 10.74
N MET A 128 -13.53 -19.43 9.45
CA MET A 128 -14.64 -18.62 8.99
C MET A 128 -15.97 -19.35 9.20
N GLU A 129 -15.91 -20.68 9.25
CA GLU A 129 -17.10 -21.49 9.45
C GLU A 129 -17.87 -21.03 10.68
N THR A 130 -17.13 -20.67 11.72
CA THR A 130 -17.72 -20.23 12.97
C THR A 130 -17.94 -18.71 12.99
N LYS A 131 -17.97 -18.10 11.80
CA LYS A 131 -18.19 -16.66 11.70
C LYS A 131 -19.42 -16.37 10.85
N GLY A 132 -19.53 -17.05 9.72
CA GLY A 132 -20.65 -16.84 8.82
C GLY A 132 -20.23 -16.16 7.54
N ALA A 133 -19.13 -15.41 7.61
CA ALA A 133 -18.61 -14.71 6.45
C ALA A 133 -19.70 -13.95 5.71
N SER A 134 -19.33 -13.32 4.61
CA SER A 134 -20.28 -12.55 3.81
C SER A 134 -20.99 -13.44 2.80
N SER A 135 -20.33 -13.70 1.67
CA SER A 135 -20.89 -14.54 0.63
C SER A 135 -19.80 -15.26 -0.15
N PRO A 136 -18.81 -14.55 -0.72
CA PRO A 136 -17.72 -15.18 -1.44
C PRO A 136 -16.74 -15.90 -0.50
N GLY A 137 -17.27 -16.75 0.39
CA GLY A 137 -16.42 -17.47 1.32
C GLY A 137 -15.38 -16.59 1.96
N ILE A 138 -14.32 -17.20 2.50
CA ILE A 138 -13.24 -16.45 3.12
C ILE A 138 -12.22 -15.97 2.08
N LEU A 139 -12.43 -16.39 0.82
CA LEU A 139 -11.53 -15.99 -0.26
C LEU A 139 -11.77 -14.54 -0.69
N VAL A 140 -12.77 -13.89 -0.10
CA VAL A 140 -13.11 -12.49 -0.42
C VAL A 140 -11.85 -11.65 -0.65
N LEU A 141 -10.77 -11.99 0.05
CA LEU A 141 -9.52 -11.25 -0.06
C LEU A 141 -9.19 -10.90 -1.51
N THR A 142 -8.68 -11.90 -2.24
CA THR A 142 -8.32 -11.70 -3.65
C THR A 142 -9.42 -10.95 -4.40
N THR A 143 -10.65 -11.40 -4.23
CA THR A 143 -11.80 -10.79 -4.91
C THR A 143 -11.79 -9.27 -4.72
N GLY A 144 -12.02 -8.83 -3.48
CA GLY A 144 -12.07 -7.40 -3.21
C GLY A 144 -10.69 -6.75 -3.28
N LEU A 145 -9.65 -7.56 -3.14
CA LEU A 145 -8.27 -7.05 -3.17
C LEU A 145 -7.66 -7.22 -4.56
N SER A 146 -8.49 -7.27 -5.59
CA SER A 146 -8.01 -7.44 -6.96
C SER A 146 -7.04 -6.33 -7.35
N LYS A 147 -7.58 -5.19 -7.75
CA LYS A 147 -6.77 -4.05 -8.18
C LYS A 147 -5.56 -3.86 -7.26
N PRO A 148 -4.37 -4.31 -7.69
CA PRO A 148 -3.16 -4.22 -6.89
C PRO A 148 -2.37 -2.93 -7.14
N PHE A 149 -1.79 -2.81 -8.34
CA PHE A 149 -1.01 -1.62 -8.69
C PHE A 149 -1.80 -0.64 -9.54
N MET A 150 -3.09 -0.92 -9.75
CA MET A 150 -3.93 -0.05 -10.55
C MET A 150 -3.96 1.36 -9.97
N ARG A 151 -3.74 1.45 -8.66
CA ARG A 151 -3.73 2.74 -7.98
C ARG A 151 -2.31 3.30 -7.86
N LEU A 152 -1.32 2.42 -8.02
CA LEU A 152 0.09 2.82 -7.92
C LEU A 152 0.50 3.75 -9.06
N ASP A 153 -0.33 3.81 -10.11
CA ASP A 153 -0.01 4.65 -11.27
C ASP A 153 -0.33 6.13 -11.01
N LYS A 154 -1.04 6.41 -9.92
CA LYS A 154 -1.41 7.78 -9.59
C LYS A 154 -0.49 8.36 -8.53
N TYR A 155 0.15 7.49 -7.75
CA TYR A 155 1.04 7.91 -6.69
C TYR A 155 2.03 8.97 -7.17
N PRO A 156 2.84 8.65 -8.21
CA PRO A 156 3.84 9.56 -8.75
C PRO A 156 3.30 10.97 -8.98
N THR A 157 1.98 11.09 -9.12
CA THR A 157 1.36 12.38 -9.35
C THR A 157 1.59 13.31 -8.16
N LEU A 158 1.11 12.88 -7.00
CA LEU A 158 1.29 13.67 -5.79
C LEU A 158 2.76 14.00 -5.58
N LEU A 159 3.63 13.19 -6.18
CA LEU A 159 5.07 13.38 -6.07
C LEU A 159 5.56 14.40 -7.08
N LYS A 160 4.87 14.48 -8.22
CA LYS A 160 5.26 15.41 -9.28
C LYS A 160 4.56 16.76 -9.13
N GLU A 161 3.23 16.74 -9.09
CA GLU A 161 2.45 17.97 -8.97
C GLU A 161 2.76 18.70 -7.67
N LEU A 162 2.78 17.96 -6.58
CA LEU A 162 3.05 18.55 -5.27
C LEU A 162 4.47 19.10 -5.20
N GLU A 163 5.35 18.54 -6.03
CA GLU A 163 6.74 18.97 -6.06
C GLU A 163 6.85 20.36 -6.68
N ARG A 164 6.16 20.57 -7.79
CA ARG A 164 6.18 21.85 -8.49
C ARG A 164 5.60 22.97 -7.62
N HIS A 165 4.59 22.64 -6.83
CA HIS A 165 3.94 23.62 -5.97
C HIS A 165 3.26 24.70 -6.81
N MET A 166 4.04 25.62 -7.34
CA MET A 166 3.52 26.70 -8.17
C MET A 166 4.49 27.03 -9.29
N GLU A 167 4.98 26.01 -9.98
CA GLU A 167 5.93 26.18 -11.07
C GLU A 167 7.16 26.96 -10.62
N ASP A 168 8.29 26.26 -10.53
CA ASP A 168 9.56 26.87 -10.14
C ASP A 168 9.40 27.93 -9.05
N TYR A 169 9.63 27.53 -7.79
CA TYR A 169 9.51 28.44 -6.67
C TYR A 169 10.04 27.79 -5.39
N HIS A 170 9.60 26.56 -5.15
CA HIS A 170 10.02 25.82 -3.96
C HIS A 170 11.29 25.02 -4.24
N THR A 171 12.38 25.41 -3.58
CA THR A 171 13.65 24.72 -3.73
C THR A 171 13.63 23.41 -2.95
N ASP A 172 14.82 22.83 -2.74
CA ASP A 172 14.93 21.56 -2.02
C ASP A 172 14.14 20.45 -2.71
N ARG A 173 13.76 20.68 -3.96
CA ARG A 173 13.00 19.70 -4.72
C ARG A 173 13.78 18.41 -4.90
N GLN A 174 15.10 18.55 -4.98
CA GLN A 174 15.98 17.40 -5.15
C GLN A 174 15.61 16.26 -4.20
N ASP A 175 15.02 16.62 -3.06
CA ASP A 175 14.62 15.63 -2.07
C ASP A 175 13.43 14.81 -2.57
N ILE A 176 12.61 15.45 -3.39
CA ILE A 176 11.43 14.80 -3.96
C ILE A 176 11.84 13.91 -5.14
N GLN A 177 12.80 14.38 -5.93
CA GLN A 177 13.28 13.63 -7.07
C GLN A 177 13.71 12.23 -6.66
N LYS A 178 14.18 12.12 -5.42
CA LYS A 178 14.61 10.83 -4.89
C LYS A 178 13.42 10.00 -4.42
N SER A 179 12.40 10.67 -3.91
CA SER A 179 11.20 10.01 -3.43
C SER A 179 10.45 9.34 -4.58
N MET A 180 10.23 10.11 -5.64
CA MET A 180 9.53 9.61 -6.81
C MET A 180 10.36 8.54 -7.51
N ALA A 181 11.68 8.68 -7.45
CA ALA A 181 12.58 7.71 -8.07
C ALA A 181 12.53 6.38 -7.34
N ALA A 182 12.12 6.40 -6.08
CA ALA A 182 12.02 5.18 -5.28
C ALA A 182 10.63 4.58 -5.43
N PHE A 183 9.61 5.39 -5.16
CA PHE A 183 8.23 4.96 -5.27
C PHE A 183 7.99 4.20 -6.57
N LYS A 184 8.61 4.68 -7.65
CA LYS A 184 8.47 4.06 -8.96
C LYS A 184 9.35 2.82 -9.08
N ASN A 185 10.61 2.95 -8.65
CA ASN A 185 11.55 1.84 -8.72
C ASN A 185 10.95 0.60 -8.08
N LEU A 186 10.00 0.79 -7.18
CA LEU A 186 9.34 -0.32 -6.50
C LEU A 186 8.75 -1.29 -7.51
N SER A 187 8.09 -0.75 -8.53
CA SER A 187 7.47 -1.56 -9.57
C SER A 187 8.53 -2.14 -10.50
N ALA A 188 9.59 -1.39 -10.74
CA ALA A 188 10.67 -1.82 -11.61
C ALA A 188 11.35 -3.08 -11.07
N GLN A 189 11.34 -3.23 -9.75
CA GLN A 189 11.97 -4.37 -9.11
C GLN A 189 11.03 -5.57 -9.06
N CYS A 190 9.82 -5.34 -8.52
CA CYS A 190 8.83 -6.39 -8.38
C CYS A 190 8.69 -7.23 -9.64
N GLN A 191 8.97 -6.62 -10.79
CA GLN A 191 8.85 -7.31 -12.07
C GLN A 191 9.94 -8.36 -12.25
N GLU A 192 11.03 -8.23 -11.48
CA GLU A 192 12.13 -9.16 -11.60
C GLU A 192 12.34 -9.91 -10.27
N VAL A 193 12.77 -9.19 -9.23
CA VAL A 193 12.97 -9.78 -7.91
C VAL A 193 13.79 -11.07 -8.00
N ARG A 194 14.63 -11.15 -9.02
CA ARG A 194 15.47 -12.32 -9.24
C ARG A 194 16.75 -12.24 -8.43
N LYS A 195 17.43 -11.11 -8.51
CA LYS A 195 18.68 -10.90 -7.79
C LYS A 195 18.44 -10.76 -6.29
N ARG A 196 17.18 -10.55 -5.91
CA ARG A 196 16.83 -10.39 -4.49
C ARG A 196 17.52 -11.44 -3.62
N LYS A 197 17.05 -12.67 -3.72
CA LYS A 197 17.62 -13.77 -2.93
C LYS A 197 18.80 -14.43 -3.62
N GLU A 198 18.96 -14.16 -4.91
CA GLU A 198 20.06 -14.74 -5.68
C GLU A 198 21.40 -14.22 -5.16
N LEU A 199 21.40 -13.00 -4.64
CA LEU A 199 22.61 -12.37 -4.12
C LEU A 199 23.11 -13.10 -2.88
N GLU A 200 22.21 -13.82 -2.20
CA GLU A 200 22.55 -14.52 -0.98
C GLU A 200 22.83 -16.00 -1.28
N LEU A 201 21.75 -16.78 -1.44
CA LEU A 201 21.85 -18.22 -1.75
C LEU A 201 23.00 -18.88 -0.99
N GLN A 202 22.72 -19.32 0.23
CA GLN A 202 23.71 -20.00 1.05
C GLN A 202 23.01 -20.97 2.00
N ILE A 203 22.15 -20.42 2.84
CA ILE A 203 21.38 -21.23 3.79
C ILE A 203 20.03 -21.66 3.21
N LEU A 204 19.70 -21.15 2.02
CA LEU A 204 18.42 -21.47 1.39
C LEU A 204 18.47 -22.84 0.70
N THR A 205 18.83 -22.84 -0.58
CA THR A 205 18.90 -24.08 -1.35
C THR A 205 20.29 -24.71 -1.26
N GLU A 206 20.32 -26.02 -1.10
CA GLU A 206 21.58 -26.75 -1.01
C GLU A 206 21.87 -27.46 -2.33
N ALA A 207 21.08 -28.48 -2.63
CA ALA A 207 21.24 -29.25 -3.86
C ALA A 207 22.55 -30.03 -3.86
N ILE A 208 23.17 -30.15 -2.68
CA ILE A 208 24.42 -30.89 -2.55
C ILE A 208 24.23 -32.35 -2.94
N ARG A 209 25.09 -32.85 -3.83
CA ARG A 209 25.00 -34.23 -4.29
C ARG A 209 26.12 -34.55 -5.26
N MET A 1 -11.23 27.57 8.62
CA MET A 1 -11.71 27.12 9.95
C MET A 1 -10.89 25.96 10.48
N LYS A 2 -11.14 25.59 11.74
CA LYS A 2 -10.43 24.49 12.36
C LYS A 2 -10.62 23.20 11.57
N GLY A 3 -9.52 22.66 11.06
CA GLY A 3 -9.59 21.43 10.28
C GLY A 3 -9.29 21.67 8.81
N PHE A 4 -9.56 22.89 8.34
CA PHE A 4 -9.32 23.24 6.96
C PHE A 4 -10.41 22.67 6.04
N ASP A 5 -10.56 21.35 6.08
CA ASP A 5 -11.57 20.68 5.26
C ASP A 5 -12.95 21.32 5.45
N THR A 6 -13.89 20.95 4.60
CA THR A 6 -15.25 21.48 4.67
C THR A 6 -15.27 22.95 4.27
N THR A 7 -15.10 23.20 2.97
CA THR A 7 -15.08 24.57 2.45
C THR A 7 -13.81 25.29 2.87
N ALA A 8 -13.13 25.88 1.89
CA ALA A 8 -11.89 26.60 2.16
C ALA A 8 -11.57 27.57 1.03
N ILE A 9 -11.81 28.86 1.27
CA ILE A 9 -11.55 29.88 0.26
C ILE A 9 -10.15 29.73 -0.34
N ASN A 10 -9.92 30.39 -1.47
CA ASN A 10 -8.64 30.33 -2.14
C ASN A 10 -8.37 28.92 -2.67
N LYS A 11 -7.64 28.83 -3.77
CA LYS A 11 -7.32 27.54 -4.37
C LYS A 11 -8.57 26.86 -4.90
N SER A 12 -8.39 25.99 -5.90
CA SER A 12 -9.50 25.26 -6.50
C SER A 12 -9.09 23.84 -6.84
N TYR A 13 -8.31 23.69 -7.90
CA TYR A 13 -7.85 22.38 -8.34
C TYR A 13 -7.27 21.58 -7.17
N TYR A 14 -6.60 22.29 -6.26
CA TYR A 14 -6.01 21.64 -5.10
C TYR A 14 -7.03 20.80 -4.35
N ASN A 15 -8.12 21.44 -3.94
CA ASN A 15 -9.19 20.75 -3.21
C ASN A 15 -9.88 19.71 -4.08
N VAL A 16 -9.75 19.87 -5.41
CA VAL A 16 -10.37 18.94 -6.34
C VAL A 16 -9.54 17.67 -6.48
N VAL A 17 -8.23 17.86 -6.62
CA VAL A 17 -7.31 16.74 -6.76
C VAL A 17 -7.35 15.81 -5.56
N LEU A 18 -7.10 16.36 -4.37
CA LEU A 18 -7.12 15.57 -3.15
C LEU A 18 -8.40 14.75 -3.05
N GLN A 19 -9.53 15.38 -3.37
CA GLN A 19 -10.81 14.70 -3.33
C GLN A 19 -10.85 13.56 -4.34
N ASN A 20 -10.38 13.83 -5.54
CA ASN A 20 -10.32 12.82 -6.59
C ASN A 20 -9.66 11.55 -6.07
N ILE A 21 -8.57 11.74 -5.34
CA ILE A 21 -7.82 10.63 -4.76
C ILE A 21 -8.58 10.06 -3.56
N LEU A 22 -9.26 10.91 -2.79
CA LEU A 22 -10.02 10.46 -1.64
C LEU A 22 -10.93 9.31 -2.01
N GLU A 23 -11.54 9.40 -3.19
CA GLU A 23 -12.42 8.36 -3.70
C GLU A 23 -11.59 7.17 -4.19
N THR A 24 -10.58 7.47 -5.00
CA THR A 24 -9.70 6.43 -5.52
C THR A 24 -9.09 5.61 -4.39
N GLU A 25 -8.39 6.30 -3.48
CA GLU A 25 -7.77 5.63 -2.35
C GLU A 25 -8.80 4.84 -1.57
N ASN A 26 -10.03 5.35 -1.53
CA ASN A 26 -11.11 4.67 -0.83
C ASN A 26 -11.18 3.22 -1.28
N GLU A 27 -10.77 2.98 -2.52
CA GLU A 27 -10.76 1.63 -3.07
C GLU A 27 -9.74 0.76 -2.35
N TYR A 28 -8.70 1.40 -1.82
CA TYR A 28 -7.67 0.68 -1.09
C TYR A 28 -8.08 0.49 0.36
N SER A 29 -8.68 1.54 0.93
CA SER A 29 -9.11 1.51 2.33
C SER A 29 -10.46 0.83 2.50
N LYS A 30 -11.26 0.80 1.45
CA LYS A 30 -12.59 0.19 1.51
C LYS A 30 -12.51 -1.31 1.23
N GLU A 31 -11.66 -1.69 0.28
CA GLU A 31 -11.50 -3.09 -0.07
C GLU A 31 -10.97 -3.89 1.11
N LEU A 32 -9.93 -3.37 1.75
CA LEU A 32 -9.34 -4.04 2.89
C LEU A 32 -10.32 -4.15 4.06
N GLN A 33 -11.02 -3.06 4.33
CA GLN A 33 -11.97 -3.02 5.43
C GLN A 33 -13.02 -4.12 5.28
N THR A 34 -13.42 -4.40 4.05
CA THR A 34 -14.42 -5.43 3.79
C THR A 34 -13.94 -6.80 4.23
N VAL A 35 -12.97 -7.36 3.50
CA VAL A 35 -12.44 -8.69 3.82
C VAL A 35 -11.90 -8.72 5.25
N LEU A 36 -11.17 -7.69 5.64
CA LEU A 36 -10.58 -7.63 6.97
C LEU A 36 -11.61 -7.98 8.06
N SER A 37 -12.56 -7.09 8.29
CA SER A 37 -13.57 -7.29 9.32
C SER A 37 -14.59 -8.37 8.95
N THR A 38 -14.72 -8.65 7.66
CA THR A 38 -15.70 -9.63 7.20
C THR A 38 -15.30 -11.03 7.64
N TYR A 39 -14.13 -11.48 7.23
CA TYR A 39 -13.69 -12.83 7.52
C TYR A 39 -12.24 -12.91 8.00
N LEU A 40 -11.49 -11.82 7.85
CA LEU A 40 -10.08 -11.82 8.24
C LEU A 40 -9.89 -11.48 9.72
N ARG A 41 -10.87 -10.80 10.32
CA ARG A 41 -10.78 -10.40 11.72
C ARG A 41 -10.19 -11.50 12.60
N PRO A 42 -10.65 -12.75 12.45
CA PRO A 42 -10.18 -13.88 13.26
C PRO A 42 -8.70 -14.20 13.04
N LEU A 43 -8.32 -14.38 11.78
CA LEU A 43 -6.94 -14.72 11.45
C LEU A 43 -6.00 -13.54 11.66
N GLN A 44 -6.55 -12.33 11.60
CA GLN A 44 -5.75 -11.11 11.76
C GLN A 44 -4.71 -11.22 12.86
N THR A 45 -5.03 -11.93 13.93
CA THR A 45 -4.11 -12.09 15.05
C THR A 45 -3.18 -13.29 14.87
N SER A 46 -3.07 -13.78 13.64
CA SER A 46 -2.24 -14.94 13.36
C SER A 46 -2.74 -16.14 14.13
N GLU A 47 -4.05 -16.23 14.29
CA GLU A 47 -4.68 -17.31 15.04
C GLU A 47 -4.40 -18.67 14.41
N LYS A 48 -3.91 -18.67 13.17
CA LYS A 48 -3.65 -19.92 12.47
C LYS A 48 -2.23 -20.01 11.93
N LEU A 49 -1.87 -19.06 11.07
CA LEU A 49 -0.55 -19.07 10.44
C LEU A 49 0.51 -18.37 11.26
N SER A 50 0.30 -18.26 12.58
CA SER A 50 1.28 -17.62 13.46
C SER A 50 2.68 -18.19 13.20
N SER A 51 3.42 -17.55 12.30
CA SER A 51 4.75 -18.02 11.92
C SER A 51 5.32 -17.16 10.79
N ALA A 52 6.23 -17.74 10.01
CA ALA A 52 6.86 -17.02 8.90
C ALA A 52 5.81 -16.42 7.96
N ASN A 53 4.57 -16.94 8.02
CA ASN A 53 3.49 -16.45 7.17
C ASN A 53 3.50 -14.92 7.05
N ILE A 54 3.99 -14.26 8.10
CA ILE A 54 4.04 -12.81 8.10
C ILE A 54 4.80 -12.29 6.88
N SER A 55 5.63 -13.14 6.28
CA SER A 55 6.36 -12.76 5.09
C SER A 55 5.47 -12.85 3.86
N TYR A 56 4.47 -13.72 3.91
CA TYR A 56 3.58 -13.95 2.79
C TYR A 56 2.33 -13.05 2.83
N LEU A 57 1.26 -13.54 3.48
CA LEU A 57 -0.02 -12.84 3.47
C LEU A 57 -0.19 -11.87 4.64
N MET A 58 -0.59 -12.39 5.80
CA MET A 58 -0.89 -11.58 6.98
C MET A 58 -0.01 -10.36 7.10
N GLY A 59 1.27 -10.57 7.40
CA GLY A 59 2.21 -9.46 7.53
C GLY A 59 2.03 -8.41 6.45
N ASN A 60 1.54 -8.83 5.29
CA ASN A 60 1.29 -7.93 4.19
C ASN A 60 -0.13 -7.37 4.27
N LEU A 61 -1.12 -8.21 3.97
CA LEU A 61 -2.51 -7.80 3.99
C LEU A 61 -2.98 -7.38 5.38
N GLU A 62 -2.69 -8.20 6.38
CA GLU A 62 -3.12 -7.91 7.75
C GLU A 62 -2.56 -6.56 8.24
N GLU A 63 -1.33 -6.25 7.84
CA GLU A 63 -0.70 -5.00 8.24
C GLU A 63 -1.20 -3.85 7.39
N ILE A 64 -1.57 -4.14 6.14
CA ILE A 64 -2.09 -3.14 5.24
C ILE A 64 -3.33 -2.47 5.86
N CYS A 65 -3.98 -3.14 6.80
CA CYS A 65 -5.12 -2.57 7.49
C CYS A 65 -4.75 -1.22 8.07
N SER A 66 -3.64 -1.18 8.79
CA SER A 66 -3.12 0.05 9.36
C SER A 66 -2.61 0.96 8.25
N PHE A 67 -2.10 0.35 7.18
CA PHE A 67 -1.59 1.09 6.05
C PHE A 67 -2.67 2.01 5.50
N GLN A 68 -3.69 1.43 4.86
CA GLN A 68 -4.78 2.21 4.29
C GLN A 68 -5.28 3.29 5.27
N GLN A 69 -5.10 3.04 6.56
CA GLN A 69 -5.52 4.00 7.57
C GLN A 69 -4.60 5.23 7.59
N MET A 70 -3.31 5.00 7.75
CA MET A 70 -2.33 6.08 7.76
C MET A 70 -2.07 6.58 6.35
N LEU A 71 -2.12 5.65 5.41
CA LEU A 71 -1.87 5.95 4.00
C LEU A 71 -2.54 7.25 3.55
N VAL A 72 -3.85 7.31 3.71
CA VAL A 72 -4.63 8.47 3.27
C VAL A 72 -4.59 9.61 4.27
N GLN A 73 -4.69 9.29 5.56
CA GLN A 73 -4.73 10.32 6.59
C GLN A 73 -3.35 10.92 6.86
N SER A 74 -2.35 10.07 7.00
CA SER A 74 -1.00 10.52 7.34
C SER A 74 -0.60 11.78 6.57
N LEU A 75 -0.82 11.76 5.27
CA LEU A 75 -0.46 12.89 4.42
C LEU A 75 -1.59 13.90 4.26
N GLU A 76 -2.83 13.40 4.22
CA GLU A 76 -3.98 14.28 4.02
C GLU A 76 -4.31 15.07 5.28
N GLU A 77 -4.57 14.36 6.37
CA GLU A 77 -4.90 15.02 7.62
C GLU A 77 -3.86 16.08 7.98
N CYS A 78 -2.66 15.91 7.46
CA CYS A 78 -1.59 16.86 7.75
C CYS A 78 -1.55 17.98 6.72
N THR A 79 -1.52 17.62 5.44
CA THR A 79 -1.52 18.61 4.38
C THR A 79 -2.67 19.58 4.58
N LYS A 80 -3.89 19.02 4.69
CA LYS A 80 -5.10 19.81 4.90
C LYS A 80 -4.86 20.92 5.92
N LEU A 81 -4.39 20.55 7.10
CA LEU A 81 -4.05 21.55 8.10
C LEU A 81 -2.80 22.29 7.62
N PRO A 82 -2.86 23.63 7.55
CA PRO A 82 -1.77 24.47 7.05
C PRO A 82 -0.39 23.84 7.16
N GLU A 83 -0.04 23.00 6.19
CA GLU A 83 1.25 22.32 6.18
C GLU A 83 2.37 23.30 5.82
N ALA A 84 3.44 23.27 6.60
CA ALA A 84 4.57 24.15 6.37
C ALA A 84 5.30 23.81 5.07
N GLN A 85 5.09 22.60 4.58
CA GLN A 85 5.75 22.16 3.35
C GLN A 85 4.73 21.82 2.26
N GLN A 86 3.65 21.15 2.64
CA GLN A 86 2.61 20.78 1.69
C GLN A 86 3.15 19.83 0.63
N ARG A 87 4.22 19.11 0.97
CA ARG A 87 4.82 18.15 0.06
C ARG A 87 4.50 16.72 0.49
N VAL A 88 3.69 16.03 -0.30
CA VAL A 88 3.31 14.66 0.01
C VAL A 88 4.52 13.74 0.09
N GLY A 89 5.55 14.06 -0.70
CA GLY A 89 6.75 13.24 -0.71
C GLY A 89 7.40 13.14 0.66
N GLY A 90 7.03 14.06 1.56
CA GLY A 90 7.59 14.05 2.89
C GLY A 90 6.92 13.03 3.79
N CYS A 91 5.62 12.84 3.60
CA CYS A 91 4.85 11.89 4.39
C CYS A 91 4.91 10.50 3.77
N PHE A 92 4.55 10.42 2.48
CA PHE A 92 4.58 9.15 1.77
C PHE A 92 5.92 8.45 1.95
N LEU A 93 6.97 9.25 2.13
CA LEU A 93 8.32 8.71 2.33
C LEU A 93 8.43 8.04 3.70
N ASN A 94 7.57 8.44 4.63
CA ASN A 94 7.57 7.87 5.96
C ASN A 94 7.02 6.45 5.93
N LEU A 95 6.17 6.18 4.95
CA LEU A 95 5.57 4.86 4.80
C LEU A 95 6.41 3.96 3.90
N MET A 96 7.37 4.54 3.19
CA MET A 96 8.24 3.78 2.30
C MET A 96 8.92 2.63 3.04
N PRO A 97 9.54 2.94 4.19
CA PRO A 97 10.24 1.93 5.01
C PRO A 97 9.47 0.63 5.14
N GLN A 98 8.21 0.71 5.55
CA GLN A 98 7.37 -0.48 5.70
C GLN A 98 6.82 -0.93 4.36
N MET A 99 6.35 0.02 3.57
CA MET A 99 5.78 -0.27 2.26
C MET A 99 6.76 -1.08 1.42
N LYS A 100 8.02 -0.68 1.43
CA LYS A 100 9.05 -1.37 0.67
C LYS A 100 9.12 -2.84 1.05
N THR A 101 9.00 -3.10 2.34
CA THR A 101 9.05 -4.47 2.85
C THR A 101 7.77 -5.23 2.51
N LEU A 102 6.64 -4.58 2.69
CA LEU A 102 5.35 -5.20 2.41
C LEU A 102 5.13 -5.38 0.90
N TYR A 103 5.50 -4.36 0.12
CA TYR A 103 5.33 -4.41 -1.33
C TYR A 103 6.27 -5.44 -1.97
N LEU A 104 7.56 -5.27 -1.77
CA LEU A 104 8.55 -6.16 -2.34
C LEU A 104 8.24 -7.62 -1.98
N THR A 105 8.39 -7.96 -0.71
CA THR A 105 8.14 -9.32 -0.24
C THR A 105 6.90 -9.93 -0.84
N TYR A 106 5.88 -9.10 -1.07
CA TYR A 106 4.61 -9.57 -1.62
C TYR A 106 4.80 -10.10 -3.05
N CYS A 107 5.32 -9.25 -3.93
CA CYS A 107 5.52 -9.64 -5.33
C CYS A 107 6.30 -10.95 -5.43
N ALA A 108 7.33 -11.09 -4.60
CA ALA A 108 8.17 -12.29 -4.62
C ALA A 108 7.44 -13.50 -4.05
N ASN A 109 6.45 -13.24 -3.19
CA ASN A 109 5.69 -14.32 -2.57
C ASN A 109 4.47 -14.71 -3.41
N HIS A 110 4.14 -13.90 -4.42
CA HIS A 110 3.01 -14.19 -5.29
C HIS A 110 2.96 -15.66 -5.68
N PRO A 111 4.08 -16.21 -6.17
CA PRO A 111 4.17 -17.62 -6.57
C PRO A 111 3.60 -18.57 -5.51
N SER A 112 4.02 -18.38 -4.26
CA SER A 112 3.54 -19.21 -3.16
C SER A 112 2.10 -18.88 -2.80
N ALA A 113 1.71 -17.63 -3.05
CA ALA A 113 0.35 -17.17 -2.75
C ALA A 113 -0.69 -18.17 -3.24
N VAL A 114 -0.78 -18.34 -4.55
CA VAL A 114 -1.75 -19.24 -5.14
C VAL A 114 -1.70 -20.62 -4.49
N ASN A 115 -0.53 -20.96 -3.92
CA ASN A 115 -0.34 -22.25 -3.27
C ASN A 115 -1.07 -22.30 -1.93
N VAL A 116 -0.74 -21.39 -1.03
CA VAL A 116 -1.35 -21.35 0.30
C VAL A 116 -2.86 -21.50 0.23
N LEU A 117 -3.50 -20.71 -0.64
CA LEU A 117 -4.96 -20.74 -0.77
C LEU A 117 -5.43 -22.06 -1.34
N THR A 118 -5.06 -22.34 -2.58
CA THR A 118 -5.44 -23.60 -3.21
C THR A 118 -5.09 -24.77 -2.30
N GLU A 119 -4.10 -24.56 -1.44
CA GLU A 119 -3.67 -25.57 -0.50
C GLU A 119 -4.46 -25.48 0.80
N HIS A 120 -4.99 -24.29 1.11
CA HIS A 120 -5.77 -24.09 2.32
C HIS A 120 -7.22 -23.79 2.00
N SER A 121 -7.69 -24.27 0.86
CA SER A 121 -9.07 -24.04 0.45
C SER A 121 -10.03 -24.46 1.55
N GLU A 122 -9.88 -25.71 2.00
CA GLU A 122 -10.74 -26.25 3.06
C GLU A 122 -10.21 -25.91 4.45
N GLU A 123 -8.90 -25.78 4.56
CA GLU A 123 -8.27 -25.49 5.85
C GLU A 123 -8.56 -24.06 6.28
N LEU A 124 -8.07 -23.10 5.50
CA LEU A 124 -8.29 -21.70 5.79
C LEU A 124 -9.78 -21.37 5.68
N GLY A 125 -10.47 -22.09 4.80
CA GLY A 125 -11.90 -21.89 4.64
C GLY A 125 -12.68 -22.48 5.80
N GLU A 126 -12.11 -23.52 6.41
CA GLU A 126 -12.73 -24.17 7.55
C GLU A 126 -12.92 -23.18 8.70
N PHE A 127 -11.95 -22.30 8.88
CA PHE A 127 -12.02 -21.29 9.94
C PHE A 127 -12.89 -20.11 9.50
N MET A 128 -12.69 -19.68 8.26
CA MET A 128 -13.46 -18.56 7.71
C MET A 128 -14.96 -18.84 7.78
N GLU A 129 -15.31 -20.12 7.80
CA GLU A 129 -16.72 -20.53 7.86
C GLU A 129 -17.47 -19.75 8.94
N THR A 130 -17.44 -20.27 10.17
CA THR A 130 -18.13 -19.63 11.30
C THR A 130 -19.54 -19.23 10.92
N LYS A 131 -20.12 -19.96 9.96
CA LYS A 131 -21.47 -19.69 9.48
C LYS A 131 -21.71 -18.19 9.30
N GLY A 132 -21.15 -17.63 8.24
CA GLY A 132 -21.31 -16.22 7.97
C GLY A 132 -20.41 -15.73 6.85
N ALA A 133 -19.27 -16.40 6.66
CA ALA A 133 -18.32 -16.00 5.63
C ALA A 133 -18.94 -16.13 4.24
N SER A 134 -18.32 -15.45 3.27
CA SER A 134 -18.79 -15.47 1.89
C SER A 134 -18.87 -16.91 1.37
N SER A 135 -18.95 -17.05 0.04
CA SER A 135 -19.08 -18.38 -0.57
C SER A 135 -17.78 -18.87 -1.21
N PRO A 136 -16.84 -18.00 -1.63
CA PRO A 136 -15.57 -18.44 -2.22
C PRO A 136 -14.53 -18.78 -1.15
N GLY A 137 -14.96 -19.51 -0.11
CA GLY A 137 -14.07 -19.89 0.97
C GLY A 137 -13.12 -18.79 1.38
N ILE A 138 -11.85 -19.15 1.61
CA ILE A 138 -10.85 -18.18 2.00
C ILE A 138 -10.02 -17.69 0.81
N LEU A 139 -10.26 -18.28 -0.36
CA LEU A 139 -9.53 -17.89 -1.56
C LEU A 139 -9.93 -16.48 -2.01
N VAL A 140 -10.96 -15.91 -1.39
CA VAL A 140 -11.45 -14.57 -1.73
C VAL A 140 -10.29 -13.61 -1.99
N LEU A 141 -9.21 -13.77 -1.23
CA LEU A 141 -8.04 -12.91 -1.36
C LEU A 141 -7.62 -12.75 -2.82
N THR A 142 -7.29 -13.87 -3.46
CA THR A 142 -6.83 -13.87 -4.84
C THR A 142 -7.63 -12.91 -5.71
N THR A 143 -8.74 -13.39 -6.28
CA THR A 143 -9.57 -12.58 -7.15
C THR A 143 -9.95 -11.26 -6.49
N GLY A 144 -9.97 -11.25 -5.16
CA GLY A 144 -10.34 -10.06 -4.43
C GLY A 144 -9.28 -8.98 -4.45
N LEU A 145 -8.19 -9.22 -3.73
CA LEU A 145 -7.10 -8.26 -3.62
C LEU A 145 -6.02 -8.47 -4.68
N SER A 146 -6.44 -8.92 -5.85
CA SER A 146 -5.52 -9.16 -6.95
C SER A 146 -5.06 -7.84 -7.60
N LYS A 147 -5.55 -6.71 -7.09
CA LYS A 147 -5.16 -5.41 -7.63
C LYS A 147 -5.14 -4.36 -6.53
N PRO A 148 -4.19 -4.46 -5.59
CA PRO A 148 -4.07 -3.54 -4.47
C PRO A 148 -3.24 -2.30 -4.79
N PHE A 149 -2.21 -2.48 -5.60
CA PHE A 149 -1.32 -1.38 -5.96
C PHE A 149 -1.73 -0.74 -7.29
N MET A 150 -2.90 -1.10 -7.81
CA MET A 150 -3.38 -0.54 -9.06
C MET A 150 -3.65 0.96 -8.94
N ARG A 151 -3.78 1.44 -7.71
CA ARG A 151 -4.04 2.85 -7.45
C ARG A 151 -2.80 3.71 -7.68
N LEU A 152 -1.64 3.05 -7.79
CA LEU A 152 -0.37 3.77 -7.99
C LEU A 152 -0.40 4.62 -9.26
N ASP A 153 -1.35 4.36 -10.14
CA ASP A 153 -1.45 5.11 -11.40
C ASP A 153 -1.84 6.57 -11.15
N LYS A 154 -2.46 6.83 -10.02
CA LYS A 154 -2.88 8.20 -9.69
C LYS A 154 -1.97 8.81 -8.63
N TYR A 155 -1.34 7.96 -7.84
CA TYR A 155 -0.43 8.39 -6.77
C TYR A 155 0.40 9.61 -7.18
N PRO A 156 1.26 9.46 -8.21
CA PRO A 156 2.14 10.54 -8.69
C PRO A 156 1.37 11.83 -8.96
N THR A 157 0.06 11.71 -9.15
CA THR A 157 -0.77 12.89 -9.43
C THR A 157 -0.77 13.86 -8.25
N LEU A 158 -0.95 13.33 -7.05
CA LEU A 158 -0.95 14.16 -5.84
C LEU A 158 0.45 14.64 -5.52
N LEU A 159 1.45 13.87 -5.95
CA LEU A 159 2.84 14.21 -5.70
C LEU A 159 3.25 15.43 -6.51
N LYS A 160 2.81 15.49 -7.76
CA LYS A 160 3.16 16.59 -8.66
C LYS A 160 2.16 17.74 -8.61
N GLU A 161 0.89 17.43 -8.86
CA GLU A 161 -0.15 18.45 -8.91
C GLU A 161 -0.30 19.20 -7.59
N LEU A 162 0.05 18.54 -6.50
CA LEU A 162 -0.07 19.17 -5.18
C LEU A 162 1.13 20.06 -4.87
N GLU A 163 2.30 19.64 -5.34
CA GLU A 163 3.54 20.37 -5.09
C GLU A 163 3.61 21.67 -5.89
N ARG A 164 2.85 21.76 -6.98
CA ARG A 164 2.88 22.94 -7.83
C ARG A 164 2.77 24.21 -6.99
N HIS A 165 1.77 24.27 -6.13
CA HIS A 165 1.53 25.45 -5.29
C HIS A 165 1.18 26.66 -6.16
N MET A 166 2.18 27.19 -6.86
CA MET A 166 1.97 28.32 -7.76
C MET A 166 3.11 28.40 -8.79
N GLU A 167 2.95 27.68 -9.90
CA GLU A 167 3.96 27.65 -10.95
C GLU A 167 4.53 29.03 -11.22
N ASP A 168 5.65 29.35 -10.56
CA ASP A 168 6.32 30.64 -10.74
C ASP A 168 7.32 30.91 -9.62
N TYR A 169 7.06 30.30 -8.48
CA TYR A 169 7.91 30.48 -7.30
C TYR A 169 8.55 29.15 -6.88
N HIS A 170 8.56 28.19 -7.79
CA HIS A 170 9.13 26.88 -7.49
C HIS A 170 10.52 27.00 -6.87
N THR A 171 10.71 26.37 -5.72
CA THR A 171 11.99 26.39 -5.03
C THR A 171 12.95 25.36 -5.62
N ASP A 172 12.40 24.21 -6.01
CA ASP A 172 13.20 23.14 -6.57
C ASP A 172 12.32 21.97 -7.03
N ARG A 173 12.30 21.75 -8.35
CA ARG A 173 11.51 20.66 -8.91
C ARG A 173 12.17 19.32 -8.66
N GLN A 174 13.49 19.33 -8.64
CA GLN A 174 14.27 18.11 -8.41
C GLN A 174 13.70 17.29 -7.26
N ASP A 175 13.03 17.95 -6.32
CA ASP A 175 12.43 17.27 -5.19
C ASP A 175 11.34 16.31 -5.65
N ILE A 176 10.74 16.64 -6.79
CA ILE A 176 9.67 15.83 -7.35
C ILE A 176 10.20 14.53 -7.94
N GLN A 177 11.35 14.60 -8.61
CA GLN A 177 11.95 13.41 -9.22
C GLN A 177 12.25 12.36 -8.15
N LYS A 178 12.83 12.82 -7.06
CA LYS A 178 13.18 11.93 -5.95
C LYS A 178 11.93 11.30 -5.35
N SER A 179 10.82 12.04 -5.41
CA SER A 179 9.56 11.55 -4.87
C SER A 179 8.93 10.53 -5.81
N MET A 180 8.77 10.90 -7.06
CA MET A 180 8.18 10.02 -8.06
C MET A 180 9.12 8.86 -8.39
N ALA A 181 10.38 9.19 -8.67
CA ALA A 181 11.37 8.18 -9.02
C ALA A 181 11.60 7.20 -7.88
N ALA A 182 11.21 7.60 -6.66
CA ALA A 182 11.37 6.74 -5.50
C ALA A 182 10.19 5.79 -5.37
N PHE A 183 8.99 6.34 -5.44
CA PHE A 183 7.77 5.54 -5.36
C PHE A 183 7.73 4.53 -6.49
N LYS A 184 8.35 4.88 -7.61
CA LYS A 184 8.38 4.01 -8.78
C LYS A 184 9.42 2.90 -8.64
N ASN A 185 10.57 3.24 -8.05
CA ASN A 185 11.64 2.28 -7.85
C ASN A 185 11.11 0.96 -7.29
N LEU A 186 9.99 1.05 -6.59
CA LEU A 186 9.36 -0.13 -6.01
C LEU A 186 9.05 -1.15 -7.09
N SER A 187 8.55 -0.67 -8.22
CA SER A 187 8.22 -1.53 -9.35
C SER A 187 9.45 -1.84 -10.18
N ALA A 188 10.37 -0.88 -10.25
CA ALA A 188 11.59 -1.04 -11.01
C ALA A 188 12.45 -2.16 -10.41
N GLN A 189 12.25 -2.43 -9.13
CA GLN A 189 13.01 -3.47 -8.43
C GLN A 189 12.36 -4.83 -8.62
N CYS A 190 11.06 -4.91 -8.37
CA CYS A 190 10.31 -6.16 -8.50
C CYS A 190 10.62 -6.85 -9.83
N GLN A 191 11.01 -6.06 -10.82
CA GLN A 191 11.31 -6.58 -12.16
C GLN A 191 12.14 -7.87 -12.09
N GLU A 192 13.42 -7.73 -11.76
CA GLU A 192 14.32 -8.87 -11.70
C GLU A 192 14.54 -9.33 -10.26
N VAL A 193 14.88 -8.39 -9.39
CA VAL A 193 15.10 -8.69 -7.99
C VAL A 193 16.12 -9.81 -7.83
N ARG A 194 16.99 -9.95 -8.83
CA ARG A 194 18.02 -10.98 -8.82
C ARG A 194 19.24 -10.50 -8.04
N LYS A 195 19.65 -9.26 -8.31
CA LYS A 195 20.79 -8.67 -7.63
C LYS A 195 20.56 -8.60 -6.12
N ARG A 196 19.31 -8.76 -5.71
CA ARG A 196 18.94 -8.70 -4.29
C ARG A 196 19.94 -9.45 -3.41
N LYS A 197 20.12 -10.74 -3.68
CA LYS A 197 21.03 -11.56 -2.90
C LYS A 197 22.39 -11.70 -3.58
N GLU A 198 22.41 -11.57 -4.89
CA GLU A 198 23.66 -11.67 -5.63
C GLU A 198 24.61 -10.56 -5.18
N LEU A 199 24.05 -9.48 -4.66
CA LEU A 199 24.84 -8.35 -4.18
C LEU A 199 25.84 -8.77 -3.12
N GLU A 200 25.34 -9.33 -2.02
CA GLU A 200 26.21 -9.75 -0.93
C GLU A 200 27.21 -10.80 -1.40
N LEU A 201 26.70 -11.89 -1.98
CA LEU A 201 27.56 -12.95 -2.51
C LEU A 201 28.73 -13.26 -1.58
N GLN A 202 28.44 -13.99 -0.51
CA GLN A 202 29.48 -14.39 0.43
C GLN A 202 29.45 -15.91 0.62
N ILE A 203 28.38 -16.39 1.24
CA ILE A 203 28.20 -17.82 1.45
C ILE A 203 27.45 -18.45 0.27
N LEU A 204 26.85 -17.62 -0.58
CA LEU A 204 26.11 -18.10 -1.73
C LEU A 204 27.03 -18.82 -2.71
N THR A 205 26.86 -20.14 -2.81
CA THR A 205 27.67 -20.95 -3.71
C THR A 205 27.26 -22.42 -3.62
N GLU A 206 25.97 -22.66 -3.56
CA GLU A 206 25.44 -24.02 -3.47
C GLU A 206 24.47 -24.29 -4.61
N ALA A 207 23.21 -23.93 -4.41
CA ALA A 207 22.18 -24.12 -5.44
C ALA A 207 21.86 -22.81 -6.15
N ILE A 208 22.70 -21.80 -5.96
CA ILE A 208 22.50 -20.49 -6.57
C ILE A 208 21.21 -19.86 -6.06
N ARG A 209 21.22 -19.50 -4.77
CA ARG A 209 20.05 -18.88 -4.15
C ARG A 209 20.10 -17.37 -4.28
N MET A 1 11.71 -24.28 5.76
CA MET A 1 12.79 -25.29 5.61
C MET A 1 14.16 -24.64 5.75
N LYS A 2 15.20 -25.47 5.88
CA LYS A 2 16.56 -24.95 6.02
C LYS A 2 16.92 -24.04 4.86
N GLY A 3 16.65 -22.75 5.02
CA GLY A 3 16.95 -21.80 3.97
C GLY A 3 15.85 -21.74 2.91
N PHE A 4 14.67 -21.31 3.32
CA PHE A 4 13.54 -21.21 2.41
C PHE A 4 13.84 -20.21 1.29
N ASP A 5 12.79 -19.77 0.59
CA ASP A 5 12.94 -18.82 -0.51
C ASP A 5 13.47 -19.51 -1.77
N THR A 6 14.64 -20.10 -1.65
CA THR A 6 15.28 -20.78 -2.76
C THR A 6 14.74 -22.21 -2.94
N THR A 7 13.88 -22.64 -2.03
CA THR A 7 13.31 -23.98 -2.10
C THR A 7 12.19 -24.05 -3.14
N ALA A 8 12.34 -24.95 -4.11
CA ALA A 8 11.35 -25.12 -5.16
C ALA A 8 11.14 -26.59 -5.50
N ILE A 9 11.30 -27.45 -4.51
CA ILE A 9 11.11 -28.88 -4.69
C ILE A 9 9.63 -29.22 -4.86
N ASN A 10 9.30 -29.86 -5.97
CA ASN A 10 7.91 -30.24 -6.25
C ASN A 10 7.06 -29.02 -6.61
N LYS A 11 7.72 -27.96 -7.05
CA LYS A 11 7.03 -26.73 -7.43
C LYS A 11 6.37 -26.08 -6.21
N SER A 12 5.28 -26.67 -5.74
CA SER A 12 4.57 -26.15 -4.57
C SER A 12 3.87 -24.83 -4.89
N TYR A 13 2.57 -24.91 -5.13
CA TYR A 13 1.79 -23.72 -5.43
C TYR A 13 2.00 -22.63 -4.38
N TYR A 14 2.21 -23.06 -3.14
CA TYR A 14 2.41 -22.12 -2.03
C TYR A 14 3.49 -21.10 -2.37
N ASN A 15 4.66 -21.58 -2.77
CA ASN A 15 5.77 -20.71 -3.12
C ASN A 15 5.50 -20.02 -4.46
N VAL A 16 4.73 -20.69 -5.30
CA VAL A 16 4.38 -20.15 -6.61
C VAL A 16 3.48 -18.93 -6.48
N VAL A 17 2.68 -18.92 -5.41
CA VAL A 17 1.77 -17.81 -5.16
C VAL A 17 2.53 -16.55 -4.81
N LEU A 18 3.46 -16.65 -3.88
CA LEU A 18 4.27 -15.50 -3.49
C LEU A 18 5.10 -15.05 -4.68
N GLN A 19 5.66 -16.03 -5.38
CA GLN A 19 6.46 -15.77 -6.57
C GLN A 19 5.69 -14.88 -7.54
N ASN A 20 4.47 -15.28 -7.86
CA ASN A 20 3.63 -14.52 -8.77
C ASN A 20 3.36 -13.13 -8.23
N ILE A 21 2.87 -13.08 -7.00
CA ILE A 21 2.56 -11.81 -6.34
C ILE A 21 3.81 -10.93 -6.25
N LEU A 22 4.96 -11.55 -6.04
CA LEU A 22 6.21 -10.80 -5.95
C LEU A 22 6.35 -9.88 -7.15
N GLU A 23 6.30 -10.46 -8.34
CA GLU A 23 6.39 -9.67 -9.58
C GLU A 23 5.47 -8.47 -9.52
N THR A 24 4.27 -8.67 -8.98
CA THR A 24 3.29 -7.61 -8.85
C THR A 24 3.70 -6.59 -7.80
N GLU A 25 3.73 -7.02 -6.53
CA GLU A 25 4.09 -6.12 -5.43
C GLU A 25 5.48 -5.55 -5.63
N ASN A 26 6.37 -6.37 -6.17
CA ASN A 26 7.73 -5.93 -6.43
C ASN A 26 7.69 -4.67 -7.28
N GLU A 27 6.96 -4.73 -8.38
CA GLU A 27 6.80 -3.57 -9.25
C GLU A 27 6.38 -2.34 -8.44
N TYR A 28 5.77 -2.57 -7.28
CA TYR A 28 5.37 -1.48 -6.40
C TYR A 28 6.50 -1.17 -5.42
N SER A 29 7.16 -2.22 -4.95
CA SER A 29 8.28 -2.08 -4.03
C SER A 29 9.48 -1.46 -4.74
N LYS A 30 9.61 -1.75 -6.02
CA LYS A 30 10.71 -1.24 -6.83
C LYS A 30 10.43 0.18 -7.29
N GLU A 31 9.17 0.47 -7.58
CA GLU A 31 8.76 1.78 -8.05
C GLU A 31 9.12 2.86 -7.04
N LEU A 32 9.03 2.52 -5.76
CA LEU A 32 9.36 3.45 -4.70
C LEU A 32 10.86 3.58 -4.53
N GLN A 33 11.54 2.43 -4.47
CA GLN A 33 13.00 2.41 -4.32
C GLN A 33 13.68 3.20 -5.43
N THR A 34 13.07 3.20 -6.61
CA THR A 34 13.61 3.92 -7.75
C THR A 34 13.47 5.43 -7.57
N VAL A 35 12.22 5.88 -7.48
CA VAL A 35 11.93 7.31 -7.30
C VAL A 35 12.69 7.85 -6.09
N LEU A 36 12.85 7.02 -5.07
CA LEU A 36 13.53 7.44 -3.85
C LEU A 36 14.90 8.04 -4.17
N SER A 37 15.73 7.25 -4.84
CA SER A 37 17.08 7.70 -5.20
C SER A 37 17.07 8.58 -6.45
N THR A 38 15.98 8.54 -7.22
CA THR A 38 15.88 9.28 -8.47
C THR A 38 15.67 10.78 -8.21
N TYR A 39 14.53 11.11 -7.62
CA TYR A 39 14.21 12.52 -7.36
C TYR A 39 13.71 12.74 -5.92
N LEU A 40 13.61 11.68 -5.14
CA LEU A 40 13.15 11.80 -3.76
C LEU A 40 14.34 12.08 -2.83
N ARG A 41 15.52 11.62 -3.24
CA ARG A 41 16.73 11.81 -2.44
C ARG A 41 16.87 13.28 -2.04
N PRO A 42 16.81 14.21 -3.00
CA PRO A 42 16.95 15.65 -2.73
C PRO A 42 15.75 16.20 -1.96
N LEU A 43 14.60 15.56 -2.12
CA LEU A 43 13.39 15.99 -1.42
C LEU A 43 13.58 15.92 0.09
N GLN A 44 14.55 15.14 0.52
CA GLN A 44 14.84 15.00 1.94
C GLN A 44 15.29 16.34 2.53
N THR A 45 16.01 17.12 1.74
CA THR A 45 16.45 18.44 2.19
C THR A 45 15.26 19.33 2.46
N SER A 46 14.16 19.03 1.77
CA SER A 46 12.91 19.76 1.96
C SER A 46 12.18 19.26 3.21
N GLU A 47 12.66 18.15 3.77
CA GLU A 47 12.05 17.59 4.98
C GLU A 47 10.64 17.07 4.67
N LYS A 48 10.49 16.45 3.50
CA LYS A 48 9.21 15.90 3.10
C LYS A 48 8.15 16.98 3.08
N LEU A 49 8.58 18.17 2.72
CA LEU A 49 7.71 19.33 2.64
C LEU A 49 7.22 19.75 4.03
N SER A 50 8.02 19.43 5.04
CA SER A 50 7.68 19.76 6.43
C SER A 50 7.07 21.14 6.54
N SER A 51 5.75 21.19 6.71
CA SER A 51 5.04 22.47 6.84
C SER A 51 3.53 22.26 6.81
N ALA A 52 3.09 21.26 6.04
CA ALA A 52 1.67 20.96 5.93
C ALA A 52 1.41 19.92 4.83
N ASN A 53 2.24 19.95 3.79
CA ASN A 53 2.11 19.01 2.67
C ASN A 53 1.88 17.58 3.15
N ILE A 54 2.37 17.28 4.34
CA ILE A 54 2.24 15.93 4.90
C ILE A 54 0.83 15.38 4.72
N SER A 55 -0.13 15.99 5.42
CA SER A 55 -1.52 15.54 5.35
C SER A 55 -1.97 15.33 3.90
N TYR A 56 -1.29 15.98 2.96
CA TYR A 56 -1.63 15.83 1.55
C TYR A 56 -0.95 14.61 0.92
N LEU A 57 0.24 14.81 0.36
CA LEU A 57 0.97 13.72 -0.30
C LEU A 57 1.89 12.97 0.67
N MET A 58 3.04 13.58 0.94
CA MET A 58 4.07 13.00 1.81
C MET A 58 3.48 12.19 2.97
N GLY A 59 2.52 12.79 3.69
CA GLY A 59 1.89 12.11 4.83
C GLY A 59 1.67 10.63 4.59
N ASN A 60 1.40 10.28 3.33
CA ASN A 60 1.22 8.89 2.95
C ASN A 60 2.54 8.29 2.49
N LEU A 61 2.96 8.66 1.29
CA LEU A 61 4.20 8.15 0.69
C LEU A 61 5.38 8.30 1.65
N GLU A 62 5.60 9.52 2.15
CA GLU A 62 6.72 9.78 3.05
C GLU A 62 6.78 8.72 4.15
N GLU A 63 5.62 8.18 4.49
CA GLU A 63 5.52 7.15 5.51
C GLU A 63 5.64 5.76 4.89
N ILE A 64 5.23 5.63 3.63
CA ILE A 64 5.28 4.36 2.93
C ILE A 64 6.70 3.79 2.96
N CYS A 65 7.71 4.65 3.11
CA CYS A 65 9.10 4.20 3.16
C CYS A 65 9.27 3.02 4.11
N SER A 66 8.80 3.19 5.34
CA SER A 66 8.90 2.14 6.33
C SER A 66 7.92 1.02 6.01
N PHE A 67 6.80 1.37 5.37
CA PHE A 67 5.80 0.39 4.99
C PHE A 67 6.31 -0.49 3.84
N GLN A 68 6.58 0.11 2.69
CA GLN A 68 7.06 -0.63 1.53
C GLN A 68 8.18 -1.60 1.90
N GLN A 69 8.94 -1.26 2.93
CA GLN A 69 10.04 -2.12 3.37
C GLN A 69 9.49 -3.34 4.10
N MET A 70 8.70 -3.09 5.14
CA MET A 70 8.09 -4.15 5.92
C MET A 70 6.98 -4.84 5.14
N LEU A 71 6.36 -4.12 4.22
CA LEU A 71 5.27 -4.66 3.41
C LEU A 71 5.56 -6.09 2.95
N VAL A 72 6.62 -6.24 2.16
CA VAL A 72 6.99 -7.53 1.61
C VAL A 72 7.80 -8.39 2.59
N GLN A 73 8.88 -7.83 3.12
CA GLN A 73 9.79 -8.57 4.00
C GLN A 73 9.09 -9.05 5.28
N SER A 74 8.41 -8.13 5.93
CA SER A 74 7.74 -8.43 7.20
C SER A 74 6.89 -9.68 7.10
N LEU A 75 6.00 -9.71 6.12
CA LEU A 75 5.07 -10.82 5.97
C LEU A 75 5.65 -11.97 5.15
N GLU A 76 6.43 -11.65 4.12
CA GLU A 76 6.98 -12.69 3.26
C GLU A 76 8.12 -13.44 3.94
N GLU A 77 9.14 -12.69 4.37
CA GLU A 77 10.29 -13.30 5.03
C GLU A 77 9.85 -14.20 6.16
N CYS A 78 8.68 -13.92 6.72
CA CYS A 78 8.19 -14.69 7.85
C CYS A 78 7.34 -15.88 7.39
N THR A 79 6.41 -15.62 6.49
CA THR A 79 5.59 -16.70 5.96
C THR A 79 6.48 -17.78 5.38
N LYS A 80 7.35 -17.37 4.47
CA LYS A 80 8.31 -18.27 3.81
C LYS A 80 8.90 -19.25 4.80
N LEU A 81 9.55 -18.73 5.83
CA LEU A 81 10.09 -19.60 6.88
C LEU A 81 8.92 -20.11 7.71
N PRO A 82 8.77 -21.45 7.84
CA PRO A 82 7.68 -22.09 8.57
C PRO A 82 7.00 -21.20 9.61
N GLU A 83 6.09 -20.34 9.14
CA GLU A 83 5.37 -19.43 10.03
C GLU A 83 4.31 -20.16 10.85
N ALA A 84 4.30 -19.92 12.15
CA ALA A 84 3.33 -20.54 13.04
C ALA A 84 1.91 -20.26 12.57
N GLN A 85 1.72 -19.16 11.86
CA GLN A 85 0.40 -18.76 11.38
C GLN A 85 0.31 -18.84 9.85
N GLN A 86 1.26 -18.21 9.17
CA GLN A 86 1.28 -18.19 7.71
C GLN A 86 0.11 -17.39 7.14
N ARG A 87 -0.51 -16.57 7.98
CA ARG A 87 -1.65 -15.78 7.56
C ARG A 87 -1.26 -14.33 7.27
N VAL A 88 -1.48 -13.92 6.03
CA VAL A 88 -1.16 -12.55 5.61
C VAL A 88 -1.85 -11.54 6.53
N GLY A 89 -3.12 -11.80 6.83
CA GLY A 89 -3.88 -10.91 7.71
C GLY A 89 -3.13 -10.58 8.98
N GLY A 90 -2.67 -11.61 9.68
CA GLY A 90 -1.96 -11.42 10.94
C GLY A 90 -0.98 -10.27 10.90
N CYS A 91 -0.23 -10.17 9.81
CA CYS A 91 0.77 -9.10 9.66
C CYS A 91 0.14 -7.81 9.16
N PHE A 92 -0.62 -7.91 8.07
CA PHE A 92 -1.28 -6.75 7.49
C PHE A 92 -2.22 -6.09 8.50
N LEU A 93 -2.71 -6.89 9.45
CA LEU A 93 -3.60 -6.40 10.48
C LEU A 93 -2.88 -5.44 11.42
N ASN A 94 -1.58 -5.66 11.60
CA ASN A 94 -0.78 -4.83 12.48
C ASN A 94 -0.48 -3.48 11.84
N LEU A 95 -0.58 -3.43 10.51
CA LEU A 95 -0.32 -2.21 9.76
C LEU A 95 -1.60 -1.39 9.58
N MET A 96 -2.75 -1.98 9.90
CA MET A 96 -4.04 -1.32 9.75
C MET A 96 -3.99 0.14 10.24
N PRO A 97 -3.61 0.34 11.51
CA PRO A 97 -3.54 1.69 12.09
C PRO A 97 -2.88 2.71 11.17
N GLN A 98 -1.73 2.35 10.61
CA GLN A 98 -1.01 3.25 9.72
C GLN A 98 -1.54 3.15 8.30
N MET A 99 -1.69 1.91 7.82
CA MET A 99 -2.19 1.68 6.46
C MET A 99 -3.57 2.28 6.25
N LYS A 100 -4.41 2.24 7.27
CA LYS A 100 -5.77 2.78 7.17
C LYS A 100 -5.75 4.28 6.97
N THR A 101 -4.98 4.97 7.79
CA THR A 101 -4.91 6.42 7.74
C THR A 101 -4.34 6.91 6.40
N LEU A 102 -3.21 6.34 6.00
CA LEU A 102 -2.56 6.73 4.77
C LEU A 102 -3.40 6.38 3.54
N TYR A 103 -3.95 5.16 3.53
CA TYR A 103 -4.75 4.71 2.39
C TYR A 103 -5.93 5.66 2.15
N LEU A 104 -6.62 6.01 3.24
CA LEU A 104 -7.77 6.90 3.15
C LEU A 104 -7.38 8.24 2.54
N THR A 105 -6.31 8.84 3.08
CA THR A 105 -5.84 10.13 2.61
C THR A 105 -5.63 10.13 1.09
N TYR A 106 -4.86 9.17 0.62
CA TYR A 106 -4.53 9.06 -0.80
C TYR A 106 -5.76 9.23 -1.69
N CYS A 107 -6.79 8.45 -1.42
CA CYS A 107 -8.01 8.47 -2.23
C CYS A 107 -8.79 9.77 -2.03
N ALA A 108 -8.79 10.27 -0.80
CA ALA A 108 -9.50 11.50 -0.49
C ALA A 108 -8.77 12.72 -1.05
N ASN A 109 -7.46 12.77 -0.81
CA ASN A 109 -6.64 13.89 -1.27
C ASN A 109 -6.11 13.68 -2.69
N HIS A 110 -6.40 12.51 -3.28
CA HIS A 110 -5.95 12.22 -4.65
C HIS A 110 -6.18 13.41 -5.58
N PRO A 111 -7.41 13.94 -5.62
CA PRO A 111 -7.75 15.10 -6.46
C PRO A 111 -6.90 16.31 -6.13
N SER A 112 -6.62 16.50 -4.84
CA SER A 112 -5.80 17.62 -4.40
C SER A 112 -4.32 17.32 -4.62
N ALA A 113 -3.97 16.05 -4.60
CA ALA A 113 -2.58 15.63 -4.84
C ALA A 113 -2.04 16.24 -6.12
N VAL A 114 -2.72 15.96 -7.22
CA VAL A 114 -2.33 16.49 -8.53
C VAL A 114 -2.35 18.01 -8.52
N ASN A 115 -3.24 18.58 -7.71
CA ASN A 115 -3.35 20.03 -7.61
C ASN A 115 -2.09 20.61 -6.97
N VAL A 116 -1.68 20.02 -5.85
CA VAL A 116 -0.49 20.47 -5.14
C VAL A 116 0.71 20.54 -6.08
N LEU A 117 0.80 19.59 -7.00
CA LEU A 117 1.90 19.55 -7.95
C LEU A 117 1.74 20.63 -9.01
N THR A 118 0.68 20.52 -9.81
CA THR A 118 0.40 21.53 -10.83
C THR A 118 0.45 22.92 -10.21
N GLU A 119 0.20 22.98 -8.90
CA GLU A 119 0.25 24.24 -8.17
C GLU A 119 1.66 24.47 -7.61
N HIS A 120 2.39 23.39 -7.32
CA HIS A 120 3.74 23.53 -6.79
C HIS A 120 4.77 23.10 -7.83
N SER A 121 4.40 23.25 -9.10
CA SER A 121 5.28 22.89 -10.20
C SER A 121 6.62 23.59 -10.06
N GLU A 122 6.59 24.83 -9.57
CA GLU A 122 7.80 25.61 -9.39
C GLU A 122 8.41 25.40 -8.01
N GLU A 123 7.55 25.32 -6.98
CA GLU A 123 8.02 25.11 -5.62
C GLU A 123 8.69 23.75 -5.47
N LEU A 124 7.94 22.70 -5.75
CA LEU A 124 8.46 21.34 -5.67
C LEU A 124 9.56 21.13 -6.70
N GLY A 125 9.34 21.70 -7.88
CA GLY A 125 10.33 21.61 -8.94
C GLY A 125 11.55 22.47 -8.66
N GLU A 126 11.39 23.46 -7.80
CA GLU A 126 12.49 24.34 -7.44
C GLU A 126 13.59 23.58 -6.72
N PHE A 127 13.18 22.74 -5.78
CA PHE A 127 14.12 21.94 -5.01
C PHE A 127 14.66 20.81 -5.88
N MET A 128 13.78 20.25 -6.71
CA MET A 128 14.13 19.17 -7.62
C MET A 128 14.60 19.72 -8.96
N GLU A 129 14.83 21.05 -9.03
CA GLU A 129 15.24 21.72 -10.26
C GLU A 129 16.12 20.85 -11.15
N THR A 130 17.15 20.27 -10.56
CA THR A 130 18.07 19.42 -11.30
C THR A 130 18.99 18.66 -10.35
N LYS A 131 18.40 17.79 -9.53
CA LYS A 131 19.18 17.02 -8.58
C LYS A 131 18.79 15.55 -8.60
N GLY A 132 18.63 15.00 -9.80
CA GLY A 132 18.29 13.59 -9.91
C GLY A 132 17.02 13.33 -10.68
N ALA A 133 16.22 14.37 -10.89
CA ALA A 133 14.96 14.24 -11.61
C ALA A 133 15.18 13.66 -13.01
N SER A 134 14.20 12.92 -13.52
CA SER A 134 14.32 12.29 -14.82
C SER A 134 13.77 13.19 -15.94
N SER A 135 12.46 13.12 -16.17
CA SER A 135 11.84 13.92 -17.24
C SER A 135 10.68 14.75 -16.72
N PRO A 136 9.66 14.13 -16.10
CA PRO A 136 8.51 14.89 -15.57
C PRO A 136 8.88 15.70 -14.31
N GLY A 137 9.99 16.45 -14.37
CA GLY A 137 10.41 17.27 -13.25
C GLY A 137 10.23 16.60 -11.91
N ILE A 138 9.31 17.12 -11.11
CA ILE A 138 9.03 16.59 -9.78
C ILE A 138 7.62 16.03 -9.67
N LEU A 139 6.77 16.36 -10.65
CA LEU A 139 5.37 15.89 -10.64
C LEU A 139 5.28 14.38 -10.83
N VAL A 140 6.41 13.71 -11.08
CA VAL A 140 6.42 12.26 -11.28
C VAL A 140 5.50 11.54 -10.29
N LEU A 141 5.29 12.14 -9.13
CA LEU A 141 4.46 11.56 -8.09
C LEU A 141 3.16 10.99 -8.64
N THR A 142 2.30 11.87 -9.17
CA THR A 142 0.99 11.45 -9.67
C THR A 142 1.08 10.21 -10.57
N THR A 143 1.52 10.42 -11.80
CA THR A 143 1.59 9.33 -12.77
C THR A 143 2.58 8.25 -12.34
N GLY A 144 3.54 8.61 -11.50
CA GLY A 144 4.54 7.67 -11.06
C GLY A 144 4.07 6.78 -9.92
N LEU A 145 3.16 7.30 -9.10
CA LEU A 145 2.68 6.55 -7.95
C LEU A 145 1.20 6.19 -8.09
N SER A 146 0.71 6.17 -9.32
CA SER A 146 -0.69 5.82 -9.58
C SER A 146 -0.84 4.34 -9.93
N LYS A 147 0.26 3.69 -10.28
CA LYS A 147 0.23 2.27 -10.61
C LYS A 147 0.12 1.40 -9.36
N PRO A 148 0.89 1.71 -8.30
CA PRO A 148 0.89 0.94 -7.05
C PRO A 148 -0.51 0.58 -6.55
N PHE A 149 -1.51 1.35 -6.98
CA PHE A 149 -2.90 1.09 -6.57
C PHE A 149 -3.51 -0.05 -7.39
N MET A 150 -2.71 -0.66 -8.26
CA MET A 150 -3.20 -1.76 -9.10
C MET A 150 -3.13 -3.10 -8.36
N ARG A 151 -2.14 -3.21 -7.46
CA ARG A 151 -1.96 -4.43 -6.70
C ARG A 151 -3.18 -4.75 -5.85
N LEU A 152 -3.99 -3.74 -5.60
CA LEU A 152 -5.19 -3.91 -4.79
C LEU A 152 -6.10 -5.00 -5.35
N ASP A 153 -5.94 -5.30 -6.64
CA ASP A 153 -6.75 -6.31 -7.29
C ASP A 153 -6.22 -7.73 -7.02
N LYS A 154 -4.98 -7.83 -6.56
CA LYS A 154 -4.39 -9.13 -6.26
C LYS A 154 -4.27 -9.34 -4.75
N TYR A 155 -4.18 -8.23 -4.02
CA TYR A 155 -4.05 -8.25 -2.56
C TYR A 155 -4.94 -9.33 -1.92
N PRO A 156 -6.26 -9.21 -2.08
CA PRO A 156 -7.23 -10.15 -1.50
C PRO A 156 -6.98 -11.60 -1.94
N THR A 157 -6.17 -11.77 -2.98
CA THR A 157 -5.87 -13.12 -3.48
C THR A 157 -5.04 -13.89 -2.47
N LEU A 158 -3.91 -13.31 -2.08
CA LEU A 158 -3.04 -13.93 -1.09
C LEU A 158 -3.81 -14.14 0.21
N LEU A 159 -4.76 -13.25 0.47
CA LEU A 159 -5.58 -13.33 1.66
C LEU A 159 -6.48 -14.56 1.63
N LYS A 160 -6.81 -15.01 0.43
CA LYS A 160 -7.67 -16.20 0.27
C LYS A 160 -6.84 -17.47 0.12
N GLU A 161 -5.90 -17.46 -0.81
CA GLU A 161 -5.09 -18.64 -1.10
C GLU A 161 -4.09 -18.93 0.01
N LEU A 162 -3.36 -17.92 0.44
CA LEU A 162 -2.34 -18.08 1.47
C LEU A 162 -2.95 -18.39 2.83
N GLU A 163 -4.16 -17.89 3.06
CA GLU A 163 -4.83 -18.08 4.34
C GLU A 163 -5.35 -19.50 4.50
N ARG A 164 -5.64 -20.16 3.38
CA ARG A 164 -6.18 -21.52 3.40
C ARG A 164 -5.40 -22.42 4.37
N HIS A 165 -4.15 -22.10 4.60
CA HIS A 165 -3.32 -22.88 5.52
C HIS A 165 -2.96 -24.24 4.92
N MET A 166 -2.09 -24.23 3.91
CA MET A 166 -1.62 -25.45 3.27
C MET A 166 -2.79 -26.37 2.88
N GLU A 167 -3.95 -25.79 2.60
CA GLU A 167 -5.12 -26.57 2.20
C GLU A 167 -5.43 -27.64 3.24
N ASP A 168 -6.21 -28.65 2.83
CA ASP A 168 -6.57 -29.74 3.71
C ASP A 168 -7.23 -29.23 4.99
N TYR A 169 -7.92 -28.10 4.88
CA TYR A 169 -8.61 -27.51 6.02
C TYR A 169 -10.03 -27.12 5.66
N HIS A 170 -10.18 -26.39 4.55
CA HIS A 170 -11.49 -25.94 4.11
C HIS A 170 -12.06 -24.90 5.06
N THR A 171 -12.33 -25.32 6.29
CA THR A 171 -12.89 -24.42 7.30
C THR A 171 -11.99 -23.22 7.55
N ASP A 172 -12.39 -22.36 8.50
CA ASP A 172 -11.63 -21.15 8.82
C ASP A 172 -11.77 -20.10 7.73
N ARG A 173 -12.64 -20.35 6.76
CA ARG A 173 -12.87 -19.40 5.67
C ARG A 173 -13.44 -18.09 6.18
N GLN A 174 -14.26 -18.19 7.21
CA GLN A 174 -14.92 -17.02 7.75
C GLN A 174 -13.92 -16.06 8.39
N ASP A 175 -12.69 -16.53 8.58
CA ASP A 175 -11.63 -15.66 9.09
C ASP A 175 -11.08 -14.80 7.96
N ILE A 176 -11.23 -15.30 6.72
CA ILE A 176 -10.79 -14.56 5.54
C ILE A 176 -11.75 -13.41 5.24
N GLN A 177 -13.03 -13.63 5.56
CA GLN A 177 -14.05 -12.62 5.32
C GLN A 177 -13.78 -11.36 6.14
N LYS A 178 -13.13 -11.54 7.28
CA LYS A 178 -12.79 -10.41 8.15
C LYS A 178 -11.56 -9.68 7.63
N SER A 179 -10.60 -10.45 7.13
CA SER A 179 -9.38 -9.88 6.58
C SER A 179 -9.65 -9.16 5.27
N MET A 180 -10.34 -9.84 4.36
CA MET A 180 -10.68 -9.26 3.07
C MET A 180 -11.60 -8.05 3.24
N ALA A 181 -12.59 -8.20 4.12
CA ALA A 181 -13.55 -7.13 4.38
C ALA A 181 -12.90 -5.94 5.05
N ALA A 182 -11.72 -6.14 5.64
CA ALA A 182 -11.01 -5.06 6.31
C ALA A 182 -10.08 -4.35 5.33
N PHE A 183 -9.42 -5.13 4.50
CA PHE A 183 -8.51 -4.59 3.49
C PHE A 183 -9.32 -3.86 2.41
N LYS A 184 -10.46 -4.42 2.05
CA LYS A 184 -11.34 -3.84 1.04
C LYS A 184 -12.07 -2.63 1.59
N ASN A 185 -12.55 -2.75 2.83
CA ASN A 185 -13.27 -1.65 3.48
C ASN A 185 -12.48 -0.35 3.38
N LEU A 186 -11.17 -0.49 3.19
CA LEU A 186 -10.30 0.67 3.08
C LEU A 186 -10.63 1.51 1.84
N SER A 187 -10.62 0.86 0.68
CA SER A 187 -10.95 1.55 -0.57
C SER A 187 -12.45 1.74 -0.71
N ALA A 188 -13.21 0.73 -0.27
CA ALA A 188 -14.66 0.80 -0.35
C ALA A 188 -15.19 2.00 0.43
N GLN A 189 -14.53 2.30 1.54
CA GLN A 189 -14.92 3.42 2.39
C GLN A 189 -14.61 4.74 1.69
N CYS A 190 -13.48 4.79 1.00
CA CYS A 190 -13.06 5.99 0.28
C CYS A 190 -14.18 6.50 -0.61
N GLN A 191 -15.00 5.58 -1.11
CA GLN A 191 -16.12 5.94 -1.98
C GLN A 191 -17.26 6.55 -1.18
N GLU A 192 -17.42 6.11 0.05
CA GLU A 192 -18.47 6.61 0.93
C GLU A 192 -17.98 7.82 1.72
N VAL A 193 -16.68 7.85 1.98
CA VAL A 193 -16.07 8.95 2.72
C VAL A 193 -16.34 10.29 2.04
N ARG A 194 -16.14 10.32 0.73
CA ARG A 194 -16.34 11.53 -0.05
C ARG A 194 -17.68 12.18 0.26
N LYS A 195 -18.74 11.39 0.14
CA LYS A 195 -20.09 11.89 0.40
C LYS A 195 -20.40 11.93 1.89
N ARG A 196 -19.71 11.08 2.64
CA ARG A 196 -19.90 10.98 4.09
C ARG A 196 -20.10 12.36 4.74
N LYS A 197 -19.13 13.24 4.54
CA LYS A 197 -19.20 14.58 5.12
C LYS A 197 -20.08 15.52 4.29
N GLU A 198 -20.42 15.11 3.08
CA GLU A 198 -21.27 15.91 2.20
C GLU A 198 -22.73 15.62 2.46
N LEU A 199 -23.04 14.39 2.83
CA LEU A 199 -24.41 13.96 3.07
C LEU A 199 -24.88 14.39 4.47
N GLU A 200 -23.96 14.44 5.42
CA GLU A 200 -24.30 14.83 6.78
C GLU A 200 -24.39 16.34 6.90
N LEU A 201 -23.33 17.04 6.51
CA LEU A 201 -23.31 18.50 6.57
C LEU A 201 -23.70 18.98 7.96
N GLN A 202 -22.70 19.16 8.81
CA GLN A 202 -22.92 19.61 10.17
C GLN A 202 -21.62 20.17 10.75
N ILE A 203 -20.57 19.36 10.69
CA ILE A 203 -19.26 19.77 11.17
C ILE A 203 -18.42 20.37 10.05
N LEU A 204 -18.82 20.09 8.80
CA LEU A 204 -18.12 20.63 7.65
C LEU A 204 -18.13 22.16 7.68
N THR A 205 -17.08 22.77 7.15
CA THR A 205 -16.97 24.23 7.15
C THR A 205 -15.99 24.69 6.09
N GLU A 206 -16.46 24.80 4.85
CA GLU A 206 -15.63 25.25 3.74
C GLU A 206 -15.26 26.72 3.91
N ALA A 207 -14.64 27.29 2.88
CA ALA A 207 -14.24 28.69 2.92
C ALA A 207 -15.11 29.53 1.98
N ILE A 208 -15.53 28.92 0.88
CA ILE A 208 -16.39 29.60 -0.08
C ILE A 208 -15.81 30.96 -0.46
N ARG A 209 -14.79 30.96 -1.31
CA ARG A 209 -14.15 32.19 -1.74
C ARG A 209 -14.96 32.85 -2.85
N MET A 1 6.74 22.63 -19.88
CA MET A 1 7.66 21.59 -20.42
C MET A 1 7.97 20.54 -19.37
N LYS A 2 8.41 19.37 -19.83
CA LYS A 2 8.75 18.27 -18.94
C LYS A 2 9.87 18.68 -17.99
N GLY A 3 9.60 18.60 -16.69
CA GLY A 3 10.60 18.96 -15.69
C GLY A 3 10.04 19.86 -14.61
N PHE A 4 9.12 20.75 -14.98
CA PHE A 4 8.53 21.69 -14.02
C PHE A 4 9.63 22.50 -13.33
N ASP A 5 9.73 23.77 -13.72
CA ASP A 5 10.73 24.66 -13.15
C ASP A 5 10.30 26.12 -13.28
N THR A 6 9.03 26.39 -12.98
CA THR A 6 8.49 27.74 -13.08
C THR A 6 8.35 28.37 -11.69
N THR A 7 7.66 27.66 -10.80
CA THR A 7 7.47 28.14 -9.44
C THR A 7 8.63 27.75 -8.54
N ALA A 8 9.31 28.74 -7.98
CA ALA A 8 10.45 28.50 -7.10
C ALA A 8 10.88 29.79 -6.40
N ILE A 9 10.35 30.00 -5.20
CA ILE A 9 10.68 31.18 -4.41
C ILE A 9 9.96 31.15 -3.08
N ASN A 10 10.56 31.79 -2.07
CA ASN A 10 9.97 31.83 -0.74
C ASN A 10 9.90 30.44 -0.13
N LYS A 11 9.46 30.37 1.12
CA LYS A 11 9.35 29.10 1.83
C LYS A 11 8.41 28.14 1.08
N SER A 12 8.95 27.44 0.10
CA SER A 12 8.16 26.49 -0.67
C SER A 12 7.96 25.19 0.10
N TYR A 13 6.79 25.04 0.72
CA TYR A 13 6.48 23.85 1.50
C TYR A 13 6.11 22.69 0.59
N TYR A 14 5.31 22.98 -0.42
CA TYR A 14 4.85 21.96 -1.37
C TYR A 14 6.03 21.16 -1.93
N ASN A 15 7.08 21.85 -2.34
CA ASN A 15 8.25 21.20 -2.93
C ASN A 15 9.06 20.46 -1.88
N VAL A 16 9.02 20.95 -0.65
CA VAL A 16 9.77 20.33 0.44
C VAL A 16 9.05 19.09 0.95
N VAL A 17 7.75 19.22 1.18
CA VAL A 17 6.95 18.11 1.66
C VAL A 17 6.99 16.94 0.68
N LEU A 18 6.62 17.20 -0.57
CA LEU A 18 6.65 16.16 -1.60
C LEU A 18 8.03 15.53 -1.66
N GLN A 19 9.05 16.31 -1.28
CA GLN A 19 10.42 15.85 -1.27
C GLN A 19 10.64 14.78 -0.19
N ASN A 20 10.41 15.17 1.05
CA ASN A 20 10.58 14.26 2.18
C ASN A 20 9.78 12.99 1.96
N ILE A 21 8.60 13.14 1.37
CA ILE A 21 7.74 12.01 1.08
C ILE A 21 8.45 11.02 0.17
N LEU A 22 9.40 11.52 -0.63
CA LEU A 22 10.16 10.66 -1.51
C LEU A 22 11.05 9.73 -0.70
N GLU A 23 11.78 10.30 0.24
CA GLU A 23 12.67 9.52 1.11
C GLU A 23 11.98 8.28 1.63
N THR A 24 10.75 8.45 2.11
CA THR A 24 9.98 7.35 2.66
C THR A 24 9.55 6.36 1.56
N GLU A 25 8.79 6.86 0.60
CA GLU A 25 8.30 6.03 -0.50
C GLU A 25 9.45 5.40 -1.27
N ASN A 26 10.45 6.21 -1.62
CA ASN A 26 11.60 5.72 -2.35
C ASN A 26 12.19 4.49 -1.68
N GLU A 27 12.13 4.48 -0.35
CA GLU A 27 12.60 3.34 0.43
C GLU A 27 11.58 2.21 0.39
N TYR A 28 10.32 2.59 0.23
CA TYR A 28 9.23 1.64 0.17
C TYR A 28 9.21 0.93 -1.19
N SER A 29 9.37 1.71 -2.26
CA SER A 29 9.36 1.16 -3.61
C SER A 29 10.65 0.41 -3.92
N LYS A 30 11.76 0.90 -3.37
CA LYS A 30 13.06 0.27 -3.62
C LYS A 30 13.18 -1.05 -2.86
N GLU A 31 12.53 -1.14 -1.70
CA GLU A 31 12.57 -2.37 -0.90
C GLU A 31 11.90 -3.51 -1.66
N LEU A 32 10.73 -3.23 -2.22
CA LEU A 32 9.98 -4.23 -2.97
C LEU A 32 10.79 -4.73 -4.17
N GLN A 33 11.44 -3.80 -4.87
CA GLN A 33 12.25 -4.16 -6.03
C GLN A 33 13.45 -5.03 -5.64
N THR A 34 14.01 -4.77 -4.46
CA THR A 34 15.15 -5.54 -3.99
C THR A 34 14.81 -7.01 -3.87
N VAL A 35 13.98 -7.36 -2.89
CA VAL A 35 13.58 -8.75 -2.68
C VAL A 35 12.96 -9.33 -3.96
N LEU A 36 12.09 -8.58 -4.60
CA LEU A 36 11.43 -9.04 -5.82
C LEU A 36 12.42 -9.68 -6.79
N SER A 37 13.36 -8.87 -7.28
CA SER A 37 14.35 -9.35 -8.24
C SER A 37 15.44 -10.19 -7.58
N THR A 38 15.54 -10.11 -6.25
CA THR A 38 16.58 -10.87 -5.54
C THR A 38 16.23 -12.34 -5.42
N TYR A 39 15.14 -12.65 -4.72
CA TYR A 39 14.75 -14.05 -4.52
C TYR A 39 13.28 -14.30 -4.85
N LEU A 40 12.51 -13.25 -5.11
CA LEU A 40 11.10 -13.40 -5.43
C LEU A 40 10.91 -13.74 -6.92
N ARG A 41 11.87 -13.34 -7.74
CA ARG A 41 11.82 -13.59 -9.18
C ARG A 41 11.27 -14.98 -9.52
N PRO A 42 11.93 -16.05 -9.06
CA PRO A 42 11.53 -17.44 -9.35
C PRO A 42 10.10 -17.76 -8.91
N LEU A 43 9.68 -17.16 -7.80
CA LEU A 43 8.34 -17.39 -7.27
C LEU A 43 7.32 -16.46 -7.89
N GLN A 44 7.79 -15.31 -8.36
CA GLN A 44 6.92 -14.31 -8.96
C GLN A 44 6.02 -14.92 -10.03
N THR A 45 6.43 -16.05 -10.59
CA THR A 45 5.64 -16.73 -11.61
C THR A 45 4.49 -17.54 -11.01
N SER A 46 4.29 -17.41 -9.70
CA SER A 46 3.22 -18.14 -9.02
C SER A 46 3.57 -19.62 -8.90
N GLU A 47 4.87 -19.91 -8.86
CA GLU A 47 5.34 -21.27 -8.74
C GLU A 47 5.02 -21.83 -7.35
N LYS A 48 4.14 -22.83 -7.29
CA LYS A 48 3.75 -23.47 -6.04
C LYS A 48 2.66 -22.68 -5.32
N LEU A 49 2.87 -21.37 -5.18
CA LEU A 49 1.91 -20.52 -4.49
C LEU A 49 0.87 -19.96 -5.44
N SER A 50 0.68 -20.62 -6.58
CA SER A 50 -0.30 -20.19 -7.57
C SER A 50 -1.72 -20.32 -7.04
N SER A 51 -2.41 -19.19 -6.94
CA SER A 51 -3.79 -19.18 -6.45
C SER A 51 -3.87 -19.59 -4.99
N ALA A 52 -4.97 -19.24 -4.34
CA ALA A 52 -5.17 -19.57 -2.94
C ALA A 52 -4.21 -18.80 -2.05
N ASN A 53 -2.96 -19.25 -2.01
CA ASN A 53 -1.94 -18.60 -1.20
C ASN A 53 -1.84 -17.12 -1.53
N ILE A 54 -2.29 -16.75 -2.74
CA ILE A 54 -2.26 -15.37 -3.19
C ILE A 54 -2.87 -14.45 -2.12
N SER A 55 -4.06 -14.79 -1.66
CA SER A 55 -4.77 -13.98 -0.68
C SER A 55 -3.85 -13.47 0.43
N TYR A 56 -2.92 -14.32 0.88
CA TYR A 56 -2.01 -13.92 1.97
C TYR A 56 -0.72 -13.29 1.46
N LEU A 57 0.19 -14.13 0.96
CA LEU A 57 1.51 -13.65 0.56
C LEU A 57 1.48 -12.89 -0.78
N MET A 58 1.64 -13.63 -1.88
CA MET A 58 1.72 -13.03 -3.20
C MET A 58 0.65 -11.97 -3.45
N GLY A 59 -0.62 -12.33 -3.29
CA GLY A 59 -1.72 -11.41 -3.55
C GLY A 59 -1.42 -9.98 -3.16
N ASN A 60 -0.65 -9.81 -2.10
CA ASN A 60 -0.26 -8.49 -1.65
C ASN A 60 1.06 -8.06 -2.30
N LEU A 61 2.16 -8.61 -1.80
CA LEU A 61 3.48 -8.28 -2.30
C LEU A 61 3.56 -8.41 -3.83
N GLU A 62 3.00 -9.50 -4.36
CA GLU A 62 3.03 -9.74 -5.79
C GLU A 62 2.26 -8.66 -6.56
N GLU A 63 1.17 -8.20 -5.98
CA GLU A 63 0.33 -7.19 -6.61
C GLU A 63 0.89 -5.79 -6.38
N ILE A 64 1.35 -5.53 -5.15
CA ILE A 64 1.92 -4.24 -4.82
C ILE A 64 3.04 -3.87 -5.79
N CYS A 65 3.61 -4.87 -6.46
CA CYS A 65 4.66 -4.62 -7.45
C CYS A 65 4.23 -3.53 -8.42
N SER A 66 3.07 -3.70 -9.02
CA SER A 66 2.53 -2.71 -9.96
C SER A 66 2.10 -1.45 -9.21
N PHE A 67 1.56 -1.64 -8.01
CA PHE A 67 1.14 -0.50 -7.19
C PHE A 67 2.32 0.40 -6.86
N GLN A 68 3.30 -0.14 -6.14
CA GLN A 68 4.47 0.64 -5.76
C GLN A 68 5.02 1.45 -6.93
N GLN A 69 4.88 0.92 -8.13
CA GLN A 69 5.35 1.59 -9.33
C GLN A 69 4.49 2.81 -9.65
N MET A 70 3.18 2.57 -9.79
CA MET A 70 2.25 3.64 -10.09
C MET A 70 2.02 4.55 -8.87
N LEU A 71 2.26 3.99 -7.69
CA LEU A 71 2.07 4.72 -6.43
C LEU A 71 2.58 6.16 -6.54
N VAL A 72 3.87 6.29 -6.78
CA VAL A 72 4.50 7.61 -6.90
C VAL A 72 4.39 8.14 -8.33
N GLN A 73 4.57 7.26 -9.30
CA GLN A 73 4.54 7.65 -10.71
C GLN A 73 3.15 8.10 -11.15
N SER A 74 2.14 7.86 -10.33
CA SER A 74 0.77 8.21 -10.69
C SER A 74 0.43 9.66 -10.32
N LEU A 75 0.44 9.96 -9.03
CA LEU A 75 0.05 11.27 -8.54
C LEU A 75 1.23 12.25 -8.46
N GLU A 76 2.38 11.77 -8.01
CA GLU A 76 3.55 12.63 -7.86
C GLU A 76 4.10 13.05 -9.21
N GLU A 77 4.36 12.07 -10.07
CA GLU A 77 4.90 12.33 -11.39
C GLU A 77 4.08 13.38 -12.13
N CYS A 78 2.81 13.51 -11.74
CA CYS A 78 1.93 14.48 -12.38
C CYS A 78 1.98 15.82 -11.68
N THR A 79 1.77 15.81 -10.37
CA THR A 79 1.83 17.04 -9.59
C THR A 79 3.17 17.71 -9.78
N LYS A 80 4.24 16.91 -9.78
CA LYS A 80 5.59 17.41 -9.99
C LYS A 80 5.63 18.35 -11.19
N LEU A 81 5.03 17.92 -12.29
CA LEU A 81 4.93 18.76 -13.48
C LEU A 81 4.23 20.07 -13.11
N PRO A 82 3.92 20.94 -14.09
CA PRO A 82 3.23 22.22 -13.82
C PRO A 82 1.81 22.01 -13.26
N GLU A 83 1.73 21.36 -12.10
CA GLU A 83 0.45 21.07 -11.48
C GLU A 83 -0.46 20.27 -12.42
N ALA A 84 -1.40 19.55 -11.83
CA ALA A 84 -2.32 18.74 -12.62
C ALA A 84 -3.63 18.54 -11.86
N GLN A 85 -3.53 17.97 -10.67
CA GLN A 85 -4.71 17.70 -9.86
C GLN A 85 -4.58 18.26 -8.45
N GLN A 86 -3.35 18.31 -7.93
CA GLN A 86 -3.11 18.80 -6.57
C GLN A 86 -4.04 18.13 -5.57
N ARG A 87 -4.52 16.93 -5.92
CA ARG A 87 -5.42 16.18 -5.06
C ARG A 87 -5.02 14.71 -5.01
N VAL A 88 -4.11 14.39 -4.09
CA VAL A 88 -3.62 13.02 -3.94
C VAL A 88 -4.79 12.03 -3.91
N GLY A 89 -5.82 12.36 -3.14
CA GLY A 89 -6.98 11.50 -3.06
C GLY A 89 -7.53 11.13 -4.42
N GLY A 90 -7.67 12.13 -5.29
CA GLY A 90 -8.18 11.89 -6.63
C GLY A 90 -7.51 10.70 -7.30
N CYS A 91 -6.19 10.62 -7.17
CA CYS A 91 -5.44 9.53 -7.76
C CYS A 91 -5.53 8.27 -6.90
N PHE A 92 -5.17 8.41 -5.64
CA PHE A 92 -5.22 7.29 -4.70
C PHE A 92 -6.61 6.64 -4.72
N LEU A 93 -7.63 7.44 -5.00
CA LEU A 93 -9.00 6.95 -5.06
C LEU A 93 -9.18 6.00 -6.24
N ASN A 94 -8.30 6.10 -7.23
CA ASN A 94 -8.37 5.24 -8.41
C ASN A 94 -7.83 3.86 -8.09
N LEU A 95 -6.87 3.82 -7.17
CA LEU A 95 -6.26 2.56 -6.74
C LEU A 95 -7.04 1.93 -5.58
N MET A 96 -8.06 2.63 -5.09
CA MET A 96 -8.86 2.14 -3.98
C MET A 96 -9.39 0.73 -4.25
N PRO A 97 -10.06 0.53 -5.40
CA PRO A 97 -10.61 -0.77 -5.77
C PRO A 97 -9.68 -1.93 -5.43
N GLN A 98 -8.45 -1.85 -5.93
CA GLN A 98 -7.44 -2.86 -5.67
C GLN A 98 -6.84 -2.66 -4.28
N MET A 99 -6.32 -1.46 -4.05
CA MET A 99 -5.71 -1.09 -2.79
C MET A 99 -6.55 -1.58 -1.60
N LYS A 100 -7.86 -1.42 -1.71
CA LYS A 100 -8.77 -1.84 -0.65
C LYS A 100 -8.64 -3.33 -0.39
N THR A 101 -8.62 -4.11 -1.46
CA THR A 101 -8.53 -5.56 -1.36
C THR A 101 -7.27 -5.99 -0.61
N LEU A 102 -6.11 -5.54 -1.09
CA LEU A 102 -4.84 -5.91 -0.46
C LEU A 102 -4.68 -5.29 0.92
N TYR A 103 -5.34 -4.16 1.13
CA TYR A 103 -5.25 -3.46 2.42
C TYR A 103 -5.92 -4.22 3.54
N LEU A 104 -7.22 -4.46 3.41
CA LEU A 104 -7.98 -5.17 4.43
C LEU A 104 -7.45 -6.58 4.61
N THR A 105 -7.44 -7.35 3.52
CA THR A 105 -6.97 -8.73 3.56
C THR A 105 -5.65 -8.85 4.33
N TYR A 106 -4.67 -8.05 3.95
CA TYR A 106 -3.36 -8.09 4.60
C TYR A 106 -3.49 -7.92 6.11
N CYS A 107 -4.24 -6.92 6.54
CA CYS A 107 -4.44 -6.66 7.97
C CYS A 107 -4.87 -7.93 8.69
N ALA A 108 -5.87 -8.60 8.14
CA ALA A 108 -6.38 -9.84 8.72
C ALA A 108 -5.45 -11.01 8.43
N ASN A 109 -4.62 -10.86 7.40
CA ASN A 109 -3.69 -11.92 7.02
C ASN A 109 -2.36 -11.79 7.76
N HIS A 110 -2.16 -10.67 8.45
CA HIS A 110 -0.93 -10.42 9.20
C HIS A 110 -0.45 -11.66 9.95
N PRO A 111 -1.26 -12.16 10.91
CA PRO A 111 -0.90 -13.34 11.71
C PRO A 111 -0.62 -14.57 10.85
N SER A 112 -1.14 -14.56 9.62
CA SER A 112 -0.94 -15.68 8.71
C SER A 112 0.33 -15.51 7.89
N ALA A 113 0.50 -14.33 7.30
CA ALA A 113 1.67 -14.04 6.48
C ALA A 113 2.95 -14.45 7.18
N VAL A 114 3.18 -13.86 8.36
CA VAL A 114 4.38 -14.17 9.13
C VAL A 114 4.49 -15.67 9.41
N ASN A 115 3.36 -16.30 9.73
CA ASN A 115 3.34 -17.72 10.02
C ASN A 115 3.67 -18.54 8.77
N VAL A 116 3.10 -18.13 7.63
CA VAL A 116 3.30 -18.83 6.37
C VAL A 116 4.77 -19.17 6.14
N LEU A 117 5.65 -18.19 6.33
CA LEU A 117 7.08 -18.38 6.11
C LEU A 117 7.68 -19.30 7.16
N THR A 118 7.66 -18.87 8.42
CA THR A 118 8.19 -19.68 9.51
C THR A 118 7.63 -21.10 9.42
N GLU A 119 6.42 -21.20 8.86
CA GLU A 119 5.77 -22.49 8.68
C GLU A 119 6.18 -23.13 7.37
N HIS A 120 6.53 -22.30 6.38
CA HIS A 120 6.93 -22.82 5.08
C HIS A 120 8.40 -22.49 4.80
N SER A 121 9.21 -22.47 5.86
CA SER A 121 10.63 -22.17 5.75
C SER A 121 11.31 -23.13 4.77
N GLU A 122 11.07 -24.42 4.98
CA GLU A 122 11.69 -25.45 4.15
C GLU A 122 11.05 -25.52 2.76
N GLU A 123 9.79 -25.12 2.67
CA GLU A 123 9.09 -25.16 1.39
C GLU A 123 9.56 -24.04 0.48
N LEU A 124 9.30 -22.81 0.89
CA LEU A 124 9.73 -21.65 0.11
C LEU A 124 11.24 -21.63 0.00
N GLY A 125 11.92 -22.15 1.02
CA GLY A 125 13.37 -22.21 0.99
C GLY A 125 13.87 -23.31 0.07
N GLU A 126 13.05 -24.35 -0.10
CA GLU A 126 13.40 -25.47 -0.96
C GLU A 126 13.68 -25.01 -2.39
N PHE A 127 12.78 -24.18 -2.93
CA PHE A 127 12.94 -23.67 -4.29
C PHE A 127 14.06 -22.64 -4.36
N MET A 128 14.08 -21.74 -3.37
CA MET A 128 15.08 -20.69 -3.30
C MET A 128 16.48 -21.26 -3.03
N GLU A 129 16.54 -22.50 -2.57
CA GLU A 129 17.81 -23.14 -2.24
C GLU A 129 18.72 -23.28 -3.45
N THR A 130 18.12 -23.61 -4.60
CA THR A 130 18.89 -23.79 -5.82
C THR A 130 18.92 -22.51 -6.66
N LYS A 131 18.68 -21.37 -6.02
CA LYS A 131 18.67 -20.09 -6.72
C LYS A 131 19.86 -19.23 -6.30
N GLY A 132 20.16 -19.24 -5.01
CA GLY A 132 21.27 -18.43 -4.50
C GLY A 132 20.80 -17.09 -3.96
N ALA A 133 19.75 -17.12 -3.15
CA ALA A 133 19.20 -15.90 -2.57
C ALA A 133 20.12 -15.34 -1.49
N SER A 134 19.63 -14.35 -0.76
CA SER A 134 20.41 -13.73 0.31
C SER A 134 20.84 -14.76 1.35
N SER A 135 21.05 -14.32 2.60
CA SER A 135 21.50 -15.25 3.64
C SER A 135 20.41 -15.63 4.64
N PRO A 136 19.38 -14.80 4.88
CA PRO A 136 18.30 -15.18 5.79
C PRO A 136 17.22 -16.00 5.10
N GLY A 137 17.65 -17.01 4.35
CA GLY A 137 16.72 -17.86 3.63
C GLY A 137 15.64 -17.09 2.90
N ILE A 138 14.46 -17.69 2.79
CA ILE A 138 13.33 -17.05 2.12
C ILE A 138 12.44 -16.32 3.11
N LEU A 139 12.70 -16.49 4.41
CA LEU A 139 11.92 -15.81 5.44
C LEU A 139 12.22 -14.32 5.46
N VAL A 140 13.22 -13.88 4.68
CA VAL A 140 13.61 -12.47 4.59
C VAL A 140 12.38 -11.55 4.65
N LEU A 141 11.30 -12.01 4.06
CA LEU A 141 10.05 -11.26 4.02
C LEU A 141 9.69 -10.71 5.40
N THR A 142 9.80 -11.57 6.41
CA THR A 142 9.46 -11.19 7.78
C THR A 142 9.99 -9.80 8.14
N THR A 143 11.29 -9.69 8.29
CA THR A 143 11.93 -8.43 8.66
C THR A 143 11.94 -7.45 7.49
N GLY A 144 12.34 -7.93 6.33
CA GLY A 144 12.39 -7.08 5.15
C GLY A 144 11.06 -6.41 4.87
N LEU A 145 10.03 -7.23 4.65
CA LEU A 145 8.70 -6.72 4.34
C LEU A 145 7.83 -6.64 5.59
N SER A 146 8.47 -6.53 6.75
CA SER A 146 7.76 -6.43 8.01
C SER A 146 6.78 -5.25 7.99
N LYS A 147 7.31 -4.06 8.23
CA LYS A 147 6.50 -2.85 8.25
C LYS A 147 5.65 -2.72 6.98
N PRO A 148 4.34 -2.98 7.07
CA PRO A 148 3.44 -2.91 5.93
C PRO A 148 2.77 -1.55 5.78
N PHE A 149 1.92 -1.21 6.74
CA PHE A 149 1.18 0.05 6.71
C PHE A 149 1.83 1.12 7.60
N MET A 150 3.03 0.84 8.09
CA MET A 150 3.75 1.77 8.95
C MET A 150 3.99 3.10 8.24
N ARG A 151 3.96 3.08 6.91
CA ARG A 151 4.19 4.28 6.11
C ARG A 151 2.90 5.05 5.89
N LEU A 152 1.77 4.39 6.09
CA LEU A 152 0.47 5.03 5.90
C LEU A 152 0.23 6.12 6.94
N ASP A 153 0.95 6.06 8.05
CA ASP A 153 0.81 7.03 9.12
C ASP A 153 1.27 8.43 8.68
N LYS A 154 1.96 8.49 7.54
CA LYS A 154 2.45 9.78 7.02
C LYS A 154 1.62 10.25 5.83
N TYR A 155 0.97 9.30 5.16
CA TYR A 155 0.13 9.60 3.99
C TYR A 155 -0.69 10.87 4.19
N PRO A 156 -1.52 10.91 5.26
CA PRO A 156 -2.38 12.07 5.55
C PRO A 156 -1.65 13.39 5.50
N THR A 157 -0.33 13.35 5.63
CA THR A 157 0.47 14.58 5.62
C THR A 157 0.28 15.33 4.31
N LEU A 158 0.40 14.60 3.21
CA LEU A 158 0.23 15.18 1.89
C LEU A 158 -1.24 15.43 1.60
N LEU A 159 -2.08 14.52 2.09
CA LEU A 159 -3.52 14.61 1.89
C LEU A 159 -4.08 15.87 2.57
N LYS A 160 -3.37 16.37 3.55
CA LYS A 160 -3.82 17.54 4.30
C LYS A 160 -3.33 18.84 3.69
N GLU A 161 -2.02 19.02 3.63
CA GLU A 161 -1.43 20.25 3.12
C GLU A 161 -1.52 20.35 1.60
N LEU A 162 -1.15 19.28 0.91
CA LEU A 162 -1.17 19.28 -0.55
C LEU A 162 -2.52 19.75 -1.08
N GLU A 163 -3.59 19.30 -0.44
CA GLU A 163 -4.94 19.67 -0.85
C GLU A 163 -5.22 21.14 -0.55
N ARG A 164 -4.96 21.56 0.68
CA ARG A 164 -5.20 22.93 1.09
C ARG A 164 -4.32 23.90 0.30
N HIS A 165 -3.10 23.44 -0.01
CA HIS A 165 -2.13 24.26 -0.74
C HIS A 165 -1.50 25.31 0.18
N MET A 166 -2.33 26.21 0.70
CA MET A 166 -1.84 27.25 1.60
C MET A 166 -2.96 27.75 2.51
N GLU A 167 -3.54 26.83 3.28
CA GLU A 167 -4.61 27.17 4.19
C GLU A 167 -5.81 27.75 3.45
N ASP A 168 -5.73 29.02 3.11
CA ASP A 168 -6.81 29.71 2.41
C ASP A 168 -8.04 29.85 3.29
N TYR A 169 -8.73 30.97 3.16
CA TYR A 169 -9.93 31.23 3.95
C TYR A 169 -11.20 30.95 3.14
N HIS A 170 -11.06 30.39 1.95
CA HIS A 170 -12.21 30.08 1.10
C HIS A 170 -12.48 28.58 1.09
N THR A 171 -13.75 28.23 0.86
CA THR A 171 -14.16 26.83 0.84
C THR A 171 -13.25 25.99 -0.05
N ASP A 172 -12.78 24.86 0.48
CA ASP A 172 -11.91 23.96 -0.26
C ASP A 172 -11.51 22.77 0.60
N ARG A 173 -11.25 23.03 1.87
CA ARG A 173 -10.86 22.01 2.81
C ARG A 173 -11.89 20.89 2.86
N GLN A 174 -13.15 21.26 2.71
CA GLN A 174 -14.23 20.27 2.75
C GLN A 174 -14.01 19.18 1.70
N ASP A 175 -13.16 19.45 0.71
CA ASP A 175 -12.86 18.46 -0.32
C ASP A 175 -11.96 17.37 0.22
N ILE A 176 -11.11 17.72 1.20
CA ILE A 176 -10.21 16.76 1.81
C ILE A 176 -10.97 15.75 2.66
N GLN A 177 -12.07 16.20 3.25
CA GLN A 177 -12.89 15.34 4.10
C GLN A 177 -13.33 14.10 3.33
N LYS A 178 -13.50 14.26 2.02
CA LYS A 178 -13.90 13.16 1.15
C LYS A 178 -12.71 12.24 0.87
N SER A 179 -11.53 12.83 0.73
CA SER A 179 -10.32 12.07 0.44
C SER A 179 -9.83 11.31 1.67
N MET A 180 -9.63 12.04 2.77
CA MET A 180 -9.15 11.43 4.00
C MET A 180 -10.13 10.38 4.50
N ALA A 181 -11.40 10.74 4.55
CA ALA A 181 -12.45 9.83 5.00
C ALA A 181 -12.49 8.56 4.15
N ALA A 182 -11.95 8.65 2.94
CA ALA A 182 -11.93 7.50 2.03
C ALA A 182 -10.69 6.65 2.25
N PHE A 183 -9.59 7.31 2.62
CA PHE A 183 -8.34 6.63 2.88
C PHE A 183 -8.29 6.14 4.32
N LYS A 184 -8.88 6.92 5.21
CA LYS A 184 -8.90 6.60 6.64
C LYS A 184 -9.82 5.42 6.93
N ASN A 185 -11.01 5.43 6.31
CA ASN A 185 -11.98 4.35 6.51
C ASN A 185 -11.31 2.99 6.42
N LEU A 186 -10.23 2.94 5.64
CA LEU A 186 -9.46 1.72 5.49
C LEU A 186 -8.75 1.38 6.79
N SER A 187 -8.15 2.40 7.40
CA SER A 187 -7.45 2.23 8.67
C SER A 187 -8.39 1.70 9.75
N ALA A 188 -9.56 2.32 9.84
CA ALA A 188 -10.56 1.93 10.83
C ALA A 188 -11.18 0.58 10.49
N GLN A 189 -11.34 0.31 9.19
CA GLN A 189 -11.92 -0.94 8.74
C GLN A 189 -10.91 -2.07 8.82
N CYS A 190 -9.76 -1.88 8.16
CA CYS A 190 -8.71 -2.89 8.16
C CYS A 190 -8.51 -3.51 9.54
N GLN A 191 -8.74 -2.70 10.57
CA GLN A 191 -8.58 -3.16 11.95
C GLN A 191 -9.35 -4.46 12.18
N GLU A 192 -10.68 -4.39 12.07
CA GLU A 192 -11.52 -5.56 12.30
C GLU A 192 -11.98 -6.19 10.99
N VAL A 193 -12.50 -5.37 10.09
CA VAL A 193 -12.99 -5.86 8.81
C VAL A 193 -13.94 -7.04 9.00
N ARG A 194 -14.56 -7.09 10.17
CA ARG A 194 -15.49 -8.17 10.49
C ARG A 194 -16.80 -8.02 9.74
N LYS A 195 -17.41 -6.85 9.85
CA LYS A 195 -18.67 -6.59 9.16
C LYS A 195 -18.55 -6.92 7.68
N ARG A 196 -17.32 -6.91 7.18
CA ARG A 196 -17.07 -7.22 5.77
C ARG A 196 -17.74 -8.52 5.36
N LYS A 197 -17.30 -9.63 5.94
CA LYS A 197 -17.86 -10.94 5.60
C LYS A 197 -19.04 -11.30 6.50
N GLU A 198 -19.15 -10.61 7.64
CA GLU A 198 -20.23 -10.86 8.58
C GLU A 198 -21.56 -10.38 8.01
N LEU A 199 -21.49 -9.38 7.13
CA LEU A 199 -22.68 -8.81 6.52
C LEU A 199 -23.39 -9.83 5.63
N GLU A 200 -22.64 -10.47 4.74
CA GLU A 200 -23.20 -11.47 3.85
C GLU A 200 -23.48 -12.77 4.60
N LEU A 201 -23.65 -13.86 3.86
CA LEU A 201 -23.91 -15.17 4.47
C LEU A 201 -22.61 -15.96 4.62
N GLN A 202 -22.24 -16.71 3.59
CA GLN A 202 -21.02 -17.51 3.62
C GLN A 202 -21.01 -18.44 4.83
N ILE A 203 -20.53 -17.94 5.96
CA ILE A 203 -20.51 -18.71 7.19
C ILE A 203 -21.90 -18.81 7.81
N LEU A 204 -22.89 -18.16 7.19
CA LEU A 204 -24.25 -18.15 7.69
C LEU A 204 -24.66 -19.52 8.22
N THR A 205 -25.70 -19.53 9.06
CA THR A 205 -26.18 -20.76 9.67
C THR A 205 -27.12 -21.52 8.73
N GLU A 206 -26.68 -22.67 8.25
CA GLU A 206 -27.49 -23.49 7.36
C GLU A 206 -28.83 -23.84 8.00
N ALA A 207 -29.71 -24.46 7.22
CA ALA A 207 -31.04 -24.83 7.72
C ALA A 207 -31.04 -26.23 8.32
N ILE A 208 -29.85 -26.75 8.62
CA ILE A 208 -29.73 -28.08 9.19
C ILE A 208 -30.26 -28.13 10.63
N ARG A 209 -30.93 -29.21 10.97
CA ARG A 209 -31.48 -29.37 12.31
C ARG A 209 -30.37 -29.61 13.33
N MET A 1 -10.11 24.81 12.80
CA MET A 1 -8.97 24.44 11.93
C MET A 1 -9.14 23.05 11.32
N LYS A 2 -9.78 22.15 12.07
CA LYS A 2 -10.00 20.79 11.59
C LYS A 2 -10.78 20.81 10.28
N GLY A 3 -10.06 20.86 9.15
CA GLY A 3 -10.70 20.89 7.86
C GLY A 3 -9.96 21.79 6.87
N PHE A 4 -9.40 22.88 7.37
CA PHE A 4 -8.66 23.81 6.52
C PHE A 4 -9.56 24.38 5.42
N ASP A 5 -10.26 25.47 5.74
CA ASP A 5 -11.17 26.11 4.78
C ASP A 5 -11.35 27.59 5.11
N THR A 6 -10.26 28.35 5.04
CA THR A 6 -10.31 29.77 5.33
C THR A 6 -10.36 30.57 4.04
N THR A 7 -11.50 30.50 3.36
CA THR A 7 -11.68 31.21 2.09
C THR A 7 -10.67 30.72 1.06
N ALA A 8 -11.03 29.68 0.33
CA ALA A 8 -10.15 29.12 -0.70
C ALA A 8 -9.89 30.14 -1.81
N ILE A 9 -8.66 30.63 -1.86
CA ILE A 9 -8.29 31.63 -2.86
C ILE A 9 -8.11 31.01 -4.23
N ASN A 10 -8.89 31.50 -5.20
CA ASN A 10 -8.84 30.99 -6.57
C ASN A 10 -9.09 29.49 -6.60
N LYS A 11 -8.03 28.71 -6.39
CA LYS A 11 -8.14 27.26 -6.41
C LYS A 11 -6.76 26.62 -6.30
N SER A 12 -5.89 26.92 -7.27
CA SER A 12 -4.55 26.37 -7.28
C SER A 12 -4.58 24.88 -7.55
N TYR A 13 -3.51 24.35 -8.13
CA TYR A 13 -3.43 22.94 -8.46
C TYR A 13 -3.29 22.09 -7.20
N TYR A 14 -2.59 22.63 -6.20
CA TYR A 14 -2.40 21.93 -4.94
C TYR A 14 -3.73 21.36 -4.43
N ASN A 15 -4.79 22.16 -4.55
CA ASN A 15 -6.12 21.76 -4.11
C ASN A 15 -6.79 20.82 -5.12
N VAL A 16 -6.42 20.95 -6.38
CA VAL A 16 -7.03 20.13 -7.44
C VAL A 16 -6.42 18.73 -7.47
N VAL A 17 -5.13 18.66 -7.23
CA VAL A 17 -4.42 17.39 -7.24
C VAL A 17 -4.86 16.51 -6.08
N LEU A 18 -4.76 17.06 -4.88
CA LEU A 18 -5.12 16.32 -3.67
C LEU A 18 -6.56 15.82 -3.75
N GLN A 19 -7.38 16.51 -4.54
CA GLN A 19 -8.77 16.13 -4.74
C GLN A 19 -8.89 14.87 -5.59
N ASN A 20 -8.25 14.89 -6.76
CA ASN A 20 -8.27 13.74 -7.66
C ASN A 20 -7.66 12.52 -6.99
N ILE A 21 -6.57 12.73 -6.25
CA ILE A 21 -5.92 11.64 -5.54
C ILE A 21 -6.89 10.96 -4.58
N LEU A 22 -7.81 11.75 -4.02
CA LEU A 22 -8.80 11.18 -3.11
C LEU A 22 -9.65 10.15 -3.84
N GLU A 23 -9.95 10.44 -5.11
CA GLU A 23 -10.73 9.53 -5.94
C GLU A 23 -9.94 8.26 -6.22
N THR A 24 -8.67 8.45 -6.57
CA THR A 24 -7.76 7.35 -6.85
C THR A 24 -7.54 6.50 -5.59
N GLU A 25 -7.21 7.15 -4.47
CA GLU A 25 -6.98 6.45 -3.21
C GLU A 25 -8.26 5.80 -2.70
N ASN A 26 -9.39 6.47 -2.92
CA ASN A 26 -10.67 5.93 -2.50
C ASN A 26 -10.85 4.52 -3.03
N GLU A 27 -10.35 4.29 -4.24
CA GLU A 27 -10.44 2.97 -4.84
C GLU A 27 -9.53 1.99 -4.11
N TYR A 28 -8.45 2.52 -3.54
CA TYR A 28 -7.50 1.71 -2.79
C TYR A 28 -7.99 1.51 -1.35
N SER A 29 -8.60 2.55 -0.80
CA SER A 29 -9.10 2.49 0.56
C SER A 29 -10.46 1.79 0.61
N LYS A 30 -11.34 2.16 -0.31
CA LYS A 30 -12.67 1.57 -0.36
C LYS A 30 -12.60 0.07 -0.64
N GLU A 31 -11.59 -0.33 -1.42
CA GLU A 31 -11.43 -1.74 -1.76
C GLU A 31 -11.01 -2.55 -0.54
N LEU A 32 -10.15 -1.97 0.29
CA LEU A 32 -9.68 -2.65 1.49
C LEU A 32 -10.75 -2.71 2.57
N GLN A 33 -11.39 -1.58 2.85
CA GLN A 33 -12.41 -1.55 3.87
C GLN A 33 -13.50 -2.56 3.56
N THR A 34 -13.95 -2.56 2.31
CA THR A 34 -14.98 -3.50 1.86
C THR A 34 -14.65 -4.93 2.29
N VAL A 35 -13.45 -5.39 1.92
CA VAL A 35 -13.02 -6.75 2.24
C VAL A 35 -12.62 -6.86 3.71
N LEU A 36 -12.01 -5.80 4.24
CA LEU A 36 -11.56 -5.80 5.62
C LEU A 36 -12.71 -6.06 6.59
N SER A 37 -13.63 -5.11 6.69
CA SER A 37 -14.74 -5.22 7.62
C SER A 37 -15.57 -6.50 7.38
N THR A 38 -15.46 -7.07 6.19
CA THR A 38 -16.23 -8.25 5.83
C THR A 38 -15.46 -9.55 6.05
N TYR A 39 -14.17 -9.54 5.74
CA TYR A 39 -13.33 -10.74 5.85
C TYR A 39 -12.35 -10.65 7.01
N LEU A 40 -11.62 -9.55 7.07
CA LEU A 40 -10.55 -9.39 8.06
C LEU A 40 -11.04 -8.87 9.41
N ARG A 41 -12.22 -8.26 9.44
CA ARG A 41 -12.77 -7.75 10.68
C ARG A 41 -12.64 -8.76 11.83
N PRO A 42 -13.02 -10.03 11.57
CA PRO A 42 -12.97 -11.08 12.59
C PRO A 42 -11.60 -11.75 12.67
N LEU A 43 -10.96 -11.91 11.52
CA LEU A 43 -9.66 -12.56 11.47
C LEU A 43 -8.56 -11.65 12.04
N GLN A 44 -8.82 -10.34 12.02
CA GLN A 44 -7.86 -9.34 12.49
C GLN A 44 -7.18 -9.77 13.79
N THR A 45 -7.87 -10.57 14.60
CA THR A 45 -7.32 -11.03 15.86
C THR A 45 -6.25 -12.11 15.67
N SER A 46 -5.94 -12.44 14.42
CA SER A 46 -4.94 -13.46 14.12
C SER A 46 -5.46 -14.83 14.51
N GLU A 47 -6.79 -14.99 14.43
CA GLU A 47 -7.47 -16.23 14.79
C GLU A 47 -6.64 -17.47 14.46
N LYS A 48 -6.53 -17.78 13.17
CA LYS A 48 -5.76 -18.95 12.73
C LYS A 48 -4.35 -18.54 12.32
N LEU A 49 -4.20 -17.31 11.85
CA LEU A 49 -2.91 -16.82 11.40
C LEU A 49 -2.16 -16.12 12.53
N SER A 50 -2.30 -16.65 13.73
CA SER A 50 -1.60 -16.09 14.89
C SER A 50 -0.11 -16.36 14.78
N SER A 51 0.69 -15.41 15.23
CA SER A 51 2.15 -15.53 15.17
C SER A 51 2.60 -15.89 13.75
N ALA A 52 2.67 -17.19 13.45
CA ALA A 52 3.06 -17.64 12.12
C ALA A 52 2.03 -17.19 11.08
N ASN A 53 2.43 -17.18 9.81
CA ASN A 53 1.55 -16.78 8.70
C ASN A 53 1.57 -15.27 8.46
N ILE A 54 1.77 -14.48 9.53
CA ILE A 54 1.81 -13.03 9.40
C ILE A 54 2.77 -12.63 8.26
N SER A 55 4.02 -13.05 8.39
CA SER A 55 5.02 -12.76 7.38
C SER A 55 4.54 -13.17 5.98
N TYR A 56 3.55 -14.07 5.93
CA TYR A 56 3.01 -14.52 4.65
C TYR A 56 1.89 -13.59 4.17
N LEU A 57 0.65 -13.84 4.61
CA LEU A 57 -0.49 -13.05 4.19
C LEU A 57 -0.74 -11.87 5.11
N MET A 58 -1.40 -12.14 6.24
CA MET A 58 -1.78 -11.11 7.21
C MET A 58 -0.73 -9.99 7.33
N GLY A 59 0.50 -10.38 7.64
CA GLY A 59 1.58 -9.40 7.82
C GLY A 59 1.51 -8.24 6.84
N ASN A 60 1.00 -8.50 5.65
CA ASN A 60 0.85 -7.48 4.63
C ASN A 60 -0.49 -6.77 4.76
N LEU A 61 -1.56 -7.46 4.36
CA LEU A 61 -2.90 -6.89 4.41
C LEU A 61 -3.30 -6.51 5.83
N GLU A 62 -3.10 -7.42 6.78
CA GLU A 62 -3.45 -7.16 8.17
C GLU A 62 -2.79 -5.88 8.65
N GLU A 63 -1.63 -5.57 8.09
CA GLU A 63 -0.90 -4.38 8.48
C GLU A 63 -1.39 -3.16 7.72
N ILE A 64 -1.73 -3.35 6.45
CA ILE A 64 -2.18 -2.23 5.62
C ILE A 64 -3.35 -1.50 6.27
N CYS A 65 -4.18 -2.22 7.02
CA CYS A 65 -5.33 -1.62 7.70
C CYS A 65 -4.93 -0.33 8.40
N SER A 66 -3.93 -0.41 9.27
CA SER A 66 -3.43 0.76 9.98
C SER A 66 -2.92 1.80 8.98
N PHE A 67 -2.36 1.32 7.87
CA PHE A 67 -1.84 2.19 6.83
C PHE A 67 -2.98 2.90 6.10
N GLN A 68 -3.98 2.12 5.66
CA GLN A 68 -5.13 2.67 4.95
C GLN A 68 -5.66 3.95 5.60
N GLN A 69 -5.62 3.99 6.93
CA GLN A 69 -6.10 5.15 7.68
C GLN A 69 -5.08 6.30 7.63
N MET A 70 -3.85 6.02 8.08
CA MET A 70 -2.80 7.02 8.11
C MET A 70 -2.41 7.48 6.70
N LEU A 71 -2.40 6.53 5.76
CA LEU A 71 -2.02 6.81 4.39
C LEU A 71 -2.60 8.14 3.88
N VAL A 72 -3.91 8.20 3.76
CA VAL A 72 -4.57 9.37 3.20
C VAL A 72 -4.52 10.58 4.13
N GLN A 73 -4.79 10.37 5.42
CA GLN A 73 -4.84 11.47 6.39
C GLN A 73 -3.44 12.02 6.71
N SER A 74 -2.51 11.12 6.99
CA SER A 74 -1.15 11.49 7.38
C SER A 74 -0.62 12.69 6.60
N LEU A 75 -0.72 12.63 5.28
CA LEU A 75 -0.21 13.71 4.43
C LEU A 75 -1.27 14.78 4.16
N GLU A 76 -2.53 14.37 4.08
CA GLU A 76 -3.62 15.31 3.79
C GLU A 76 -3.95 16.18 5.01
N GLU A 77 -4.35 15.52 6.10
CA GLU A 77 -4.67 16.22 7.32
C GLU A 77 -3.57 17.18 7.71
N CYS A 78 -2.35 16.92 7.24
CA CYS A 78 -1.23 17.78 7.57
C CYS A 78 -1.07 18.91 6.56
N THR A 79 -0.96 18.56 5.28
CA THR A 79 -0.85 19.55 4.23
C THR A 79 -1.99 20.55 4.35
N LYS A 80 -3.22 20.02 4.37
CA LYS A 80 -4.42 20.83 4.53
C LYS A 80 -4.24 21.78 5.70
N LEU A 81 -3.95 21.23 6.86
CA LEU A 81 -3.64 22.04 8.03
C LEU A 81 -2.34 22.79 7.74
N PRO A 82 -2.06 23.90 8.46
CA PRO A 82 -0.87 24.72 8.25
C PRO A 82 0.35 23.93 7.77
N GLU A 83 0.41 23.68 6.45
CA GLU A 83 1.50 22.95 5.80
C GLU A 83 2.83 23.01 6.57
N ALA A 84 3.56 24.11 6.38
CA ALA A 84 4.86 24.27 7.03
C ALA A 84 5.85 23.20 6.55
N GLN A 85 5.51 22.54 5.44
CA GLN A 85 6.36 21.51 4.86
C GLN A 85 6.05 21.35 3.38
N GLN A 86 4.79 21.01 3.09
CA GLN A 86 4.34 20.84 1.71
C GLN A 86 5.15 19.75 0.99
N ARG A 87 5.82 18.91 1.76
CA ARG A 87 6.63 17.84 1.20
C ARG A 87 6.11 16.47 1.62
N VAL A 88 5.32 15.85 0.75
CA VAL A 88 4.79 14.52 1.03
C VAL A 88 5.90 13.57 1.45
N GLY A 89 7.05 13.70 0.78
CA GLY A 89 8.20 12.84 1.08
C GLY A 89 8.47 12.72 2.56
N GLY A 90 8.67 13.86 3.22
CA GLY A 90 8.91 13.86 4.65
C GLY A 90 7.98 12.93 5.40
N CYS A 91 6.74 12.79 4.92
CA CYS A 91 5.77 11.92 5.56
C CYS A 91 5.95 10.47 5.09
N PHE A 92 5.74 10.25 3.80
CA PHE A 92 5.89 8.91 3.22
C PHE A 92 7.26 8.31 3.57
N LEU A 93 8.24 9.17 3.79
CA LEU A 93 9.58 8.72 4.16
C LEU A 93 9.57 8.04 5.53
N ASN A 94 8.58 8.41 6.36
CA ASN A 94 8.48 7.83 7.69
C ASN A 94 7.80 6.46 7.63
N LEU A 95 6.91 6.29 6.66
CA LEU A 95 6.20 5.04 6.49
C LEU A 95 6.95 4.12 5.53
N MET A 96 7.92 4.65 4.81
CA MET A 96 8.69 3.86 3.87
C MET A 96 9.24 2.60 4.53
N PRO A 97 9.85 2.74 5.72
CA PRO A 97 10.42 1.61 6.46
C PRO A 97 9.44 0.45 6.56
N GLN A 98 8.17 0.76 6.76
CA GLN A 98 7.14 -0.25 6.87
C GLN A 98 6.54 -0.58 5.51
N MET A 99 6.36 0.45 4.70
CA MET A 99 5.81 0.29 3.35
C MET A 99 6.63 -0.70 2.53
N LYS A 100 7.94 -0.51 2.53
CA LYS A 100 8.84 -1.39 1.81
C LYS A 100 8.71 -2.83 2.29
N THR A 101 8.68 -2.99 3.61
CA THR A 101 8.58 -4.31 4.22
C THR A 101 7.39 -5.10 3.67
N LEU A 102 6.24 -4.44 3.59
CA LEU A 102 5.03 -5.08 3.10
C LEU A 102 4.98 -5.10 1.57
N TYR A 103 5.35 -3.98 0.94
CA TYR A 103 5.36 -3.89 -0.51
C TYR A 103 6.32 -4.89 -1.12
N LEU A 104 7.51 -4.99 -0.52
CA LEU A 104 8.54 -5.91 -0.98
C LEU A 104 8.09 -7.36 -0.85
N THR A 105 7.82 -7.78 0.39
CA THR A 105 7.40 -9.15 0.66
C THR A 105 6.23 -9.56 -0.22
N TYR A 106 5.11 -8.85 -0.06
CA TYR A 106 3.90 -9.12 -0.83
C TYR A 106 4.21 -9.43 -2.30
N CYS A 107 5.00 -8.58 -2.92
CA CYS A 107 5.36 -8.76 -4.32
C CYS A 107 5.94 -10.15 -4.57
N ALA A 108 6.96 -10.51 -3.80
CA ALA A 108 7.58 -11.83 -3.92
C ALA A 108 6.74 -12.92 -3.28
N ASN A 109 5.82 -12.51 -2.41
CA ASN A 109 4.96 -13.48 -1.72
C ASN A 109 3.68 -13.75 -2.51
N HIS A 110 3.38 -12.91 -3.49
CA HIS A 110 2.15 -13.09 -4.28
C HIS A 110 1.97 -14.54 -4.72
N PRO A 111 3.03 -15.16 -5.30
CA PRO A 111 2.99 -16.56 -5.75
C PRO A 111 2.64 -17.52 -4.61
N SER A 112 3.27 -17.30 -3.46
CA SER A 112 3.04 -18.13 -2.28
C SER A 112 1.70 -17.81 -1.63
N ALA A 113 1.31 -16.53 -1.66
CA ALA A 113 0.06 -16.09 -1.06
C ALA A 113 -1.09 -16.99 -1.46
N VAL A 114 -1.28 -17.15 -2.77
CA VAL A 114 -2.35 -18.00 -3.27
C VAL A 114 -2.33 -19.37 -2.59
N ASN A 115 -1.14 -19.78 -2.13
CA ASN A 115 -0.98 -21.06 -1.47
C ASN A 115 -1.73 -21.10 -0.13
N VAL A 116 -1.44 -20.14 0.74
CA VAL A 116 -2.09 -20.09 2.05
C VAL A 116 -3.61 -20.14 1.91
N LEU A 117 -4.15 -19.39 0.94
CA LEU A 117 -5.60 -19.34 0.73
C LEU A 117 -6.10 -20.58 0.01
N THR A 118 -5.60 -20.83 -1.20
CA THR A 118 -6.02 -22.01 -1.95
C THR A 118 -5.88 -23.25 -1.09
N GLU A 119 -4.98 -23.19 -0.11
CA GLU A 119 -4.79 -24.30 0.83
C GLU A 119 -5.72 -24.15 2.03
N HIS A 120 -6.09 -22.90 2.32
CA HIS A 120 -6.99 -22.64 3.44
C HIS A 120 -8.35 -22.19 2.95
N SER A 121 -8.73 -22.64 1.76
CA SER A 121 -10.01 -22.28 1.16
C SER A 121 -11.18 -22.82 1.99
N GLU A 122 -10.97 -23.97 2.63
CA GLU A 122 -12.02 -24.60 3.44
C GLU A 122 -12.13 -23.94 4.81
N GLU A 123 -10.97 -23.63 5.43
CA GLU A 123 -10.96 -23.00 6.75
C GLU A 123 -11.35 -21.54 6.66
N LEU A 124 -10.60 -20.76 5.90
CA LEU A 124 -10.90 -19.37 5.72
C LEU A 124 -12.27 -19.22 5.06
N GLY A 125 -12.59 -20.19 4.21
CA GLY A 125 -13.88 -20.20 3.51
C GLY A 125 -15.04 -20.36 4.45
N GLU A 126 -14.77 -20.92 5.63
CA GLU A 126 -15.80 -21.14 6.63
C GLU A 126 -16.14 -19.85 7.38
N PHE A 127 -15.14 -19.18 7.95
CA PHE A 127 -15.38 -17.96 8.70
C PHE A 127 -16.02 -16.88 7.84
N MET A 128 -15.47 -16.71 6.64
CA MET A 128 -15.95 -15.67 5.72
C MET A 128 -17.45 -15.78 5.46
N GLU A 129 -17.98 -16.99 5.56
CA GLU A 129 -19.41 -17.21 5.33
C GLU A 129 -20.24 -16.73 6.53
N THR A 130 -20.48 -17.63 7.50
CA THR A 130 -21.26 -17.29 8.70
C THR A 130 -22.51 -16.51 8.32
N LYS A 131 -23.00 -16.75 7.10
CA LYS A 131 -24.19 -16.07 6.58
C LYS A 131 -24.28 -16.19 5.06
N GLY A 132 -23.33 -15.56 4.38
CA GLY A 132 -23.30 -15.60 2.92
C GLY A 132 -22.30 -14.63 2.33
N ALA A 133 -21.02 -14.92 2.54
CA ALA A 133 -19.95 -14.07 2.01
C ALA A 133 -20.09 -13.88 0.50
N SER A 134 -19.09 -13.26 -0.12
CA SER A 134 -19.10 -13.01 -1.56
C SER A 134 -19.20 -14.33 -2.35
N SER A 135 -18.73 -14.32 -3.59
CA SER A 135 -18.79 -15.49 -4.44
C SER A 135 -17.43 -16.14 -4.61
N PRO A 136 -16.35 -15.34 -4.80
CA PRO A 136 -15.01 -15.90 -4.94
C PRO A 136 -14.44 -16.41 -3.61
N GLY A 137 -15.21 -17.27 -2.94
CA GLY A 137 -14.77 -17.85 -1.69
C GLY A 137 -14.13 -16.85 -0.75
N ILE A 138 -13.10 -17.30 -0.03
CA ILE A 138 -12.40 -16.43 0.91
C ILE A 138 -11.07 -15.95 0.32
N LEU A 139 -10.68 -16.53 -0.82
CA LEU A 139 -9.43 -16.14 -1.46
C LEU A 139 -9.51 -14.70 -2.01
N VAL A 140 -10.71 -14.12 -1.99
CA VAL A 140 -10.96 -12.76 -2.47
C VAL A 140 -9.79 -11.82 -2.18
N LEU A 141 -9.12 -12.03 -1.05
CA LEU A 141 -7.98 -11.20 -0.66
C LEU A 141 -7.04 -10.95 -1.84
N THR A 142 -6.33 -11.99 -2.27
CA THR A 142 -5.37 -11.87 -3.37
C THR A 142 -5.96 -11.12 -4.57
N THR A 143 -7.04 -11.65 -5.12
CA THR A 143 -7.67 -11.06 -6.30
C THR A 143 -7.86 -9.56 -6.14
N GLY A 144 -8.57 -9.16 -5.09
CA GLY A 144 -8.82 -7.76 -4.84
C GLY A 144 -7.59 -7.02 -4.34
N LEU A 145 -6.66 -7.76 -3.75
CA LEU A 145 -5.44 -7.17 -3.22
C LEU A 145 -4.31 -7.13 -4.25
N SER A 146 -4.68 -7.26 -5.53
CA SER A 146 -3.71 -7.24 -6.62
C SER A 146 -3.66 -5.86 -7.27
N LYS A 147 -4.75 -5.11 -7.14
CA LYS A 147 -4.85 -3.77 -7.72
C LYS A 147 -4.32 -2.69 -6.76
N PRO A 148 -4.64 -2.76 -5.46
CA PRO A 148 -4.21 -1.75 -4.48
C PRO A 148 -2.76 -1.29 -4.64
N PHE A 149 -1.90 -2.13 -5.22
CA PHE A 149 -0.49 -1.79 -5.40
C PHE A 149 -0.20 -1.22 -6.80
N MET A 150 -1.24 -1.08 -7.62
CA MET A 150 -1.11 -0.54 -8.96
C MET A 150 -1.06 0.99 -8.94
N ARG A 151 -1.52 1.58 -7.85
CA ARG A 151 -1.54 3.04 -7.73
C ARG A 151 -0.13 3.61 -7.61
N LEU A 152 0.86 2.75 -7.41
CA LEU A 152 2.26 3.18 -7.28
C LEU A 152 2.67 4.06 -8.46
N ASP A 153 1.97 3.94 -9.57
CA ASP A 153 2.27 4.73 -10.76
C ASP A 153 1.70 6.15 -10.66
N LYS A 154 0.80 6.37 -9.72
CA LYS A 154 0.18 7.69 -9.56
C LYS A 154 0.80 8.45 -8.39
N TYR A 155 1.34 7.71 -7.43
CA TYR A 155 1.93 8.31 -6.24
C TYR A 155 2.84 9.47 -6.59
N PRO A 156 3.84 9.24 -7.47
CA PRO A 156 4.80 10.27 -7.89
C PRO A 156 4.13 11.56 -8.34
N THR A 157 2.85 11.47 -8.69
CA THR A 157 2.10 12.63 -9.14
C THR A 157 2.09 13.70 -8.04
N LEU A 158 1.64 13.32 -6.86
CA LEU A 158 1.61 14.24 -5.73
C LEU A 158 3.03 14.64 -5.35
N LEU A 159 3.94 13.69 -5.49
CA LEU A 159 5.33 13.92 -5.15
C LEU A 159 5.96 14.92 -6.12
N LYS A 160 5.38 15.04 -7.30
CA LYS A 160 5.89 15.96 -8.31
C LYS A 160 5.26 17.35 -8.18
N GLU A 161 3.94 17.41 -8.31
CA GLU A 161 3.22 18.68 -8.28
C GLU A 161 3.14 19.28 -6.88
N LEU A 162 2.77 18.48 -5.90
CA LEU A 162 2.63 18.99 -4.53
C LEU A 162 3.89 19.75 -4.11
N GLU A 163 5.05 19.29 -4.59
CA GLU A 163 6.32 19.93 -4.26
C GLU A 163 6.41 21.31 -4.89
N ARG A 164 5.83 21.46 -6.08
CA ARG A 164 5.85 22.75 -6.77
C ARG A 164 4.66 23.61 -6.35
N HIS A 165 3.56 22.95 -5.99
CA HIS A 165 2.34 23.68 -5.61
C HIS A 165 1.76 24.44 -6.81
N MET A 166 2.39 25.55 -7.17
CA MET A 166 1.93 26.34 -8.31
C MET A 166 3.11 27.01 -9.01
N GLU A 167 4.27 26.37 -8.97
CA GLU A 167 5.46 26.91 -9.63
C GLU A 167 5.17 27.26 -11.08
N ASP A 168 5.59 28.46 -11.49
CA ASP A 168 5.39 28.91 -12.87
C ASP A 168 6.29 28.18 -13.86
N TYR A 169 7.16 27.34 -13.34
CA TYR A 169 8.09 26.59 -14.18
C TYR A 169 8.81 25.55 -13.33
N HIS A 170 9.69 26.02 -12.45
CA HIS A 170 10.43 25.12 -11.58
C HIS A 170 11.32 25.89 -10.60
N THR A 171 11.78 25.18 -9.57
CA THR A 171 12.65 25.79 -8.55
C THR A 171 13.74 24.81 -8.14
N ASP A 172 13.34 23.67 -7.60
CA ASP A 172 14.28 22.65 -7.16
C ASP A 172 13.71 21.25 -7.39
N ARG A 173 14.06 20.66 -8.52
CA ARG A 173 13.61 19.32 -8.87
C ARG A 173 14.40 18.25 -8.12
N GLN A 174 15.67 18.55 -7.84
CA GLN A 174 16.53 17.63 -7.12
C GLN A 174 15.85 17.09 -5.87
N ASP A 175 14.91 17.87 -5.34
CA ASP A 175 14.17 17.46 -4.14
C ASP A 175 13.15 16.39 -4.48
N ILE A 176 12.72 16.35 -5.73
CA ILE A 176 11.75 15.36 -6.18
C ILE A 176 12.38 13.97 -6.23
N GLN A 177 13.65 13.92 -6.59
CA GLN A 177 14.38 12.66 -6.69
C GLN A 177 14.35 11.91 -5.35
N LYS A 178 14.09 12.63 -4.27
CA LYS A 178 14.05 12.01 -2.96
C LYS A 178 12.82 11.12 -2.80
N SER A 179 11.65 11.65 -3.15
CA SER A 179 10.39 10.92 -3.00
C SER A 179 10.13 9.98 -4.18
N MET A 180 10.33 10.48 -5.39
CA MET A 180 10.07 9.68 -6.59
C MET A 180 11.00 8.47 -6.67
N ALA A 181 12.21 8.63 -6.14
CA ALA A 181 13.19 7.56 -6.16
C ALA A 181 12.96 6.53 -5.05
N ALA A 182 12.25 6.96 -4.01
CA ALA A 182 11.97 6.09 -2.87
C ALA A 182 10.78 5.17 -3.15
N PHE A 183 9.68 5.77 -3.60
CA PHE A 183 8.46 5.02 -3.90
C PHE A 183 8.67 4.06 -5.07
N LYS A 184 9.53 4.44 -6.00
CA LYS A 184 9.79 3.64 -7.18
C LYS A 184 10.79 2.54 -6.89
N ASN A 185 11.82 2.85 -6.10
CA ASN A 185 12.86 1.88 -5.76
C ASN A 185 12.23 0.59 -5.26
N LEU A 186 11.02 0.70 -4.73
CA LEU A 186 10.32 -0.44 -4.20
C LEU A 186 10.28 -1.58 -5.21
N SER A 187 9.53 -1.39 -6.29
CA SER A 187 9.39 -2.40 -7.32
C SER A 187 10.68 -2.59 -8.12
N ALA A 188 11.47 -1.52 -8.19
CA ALA A 188 12.74 -1.54 -8.92
C ALA A 188 13.69 -2.58 -8.33
N GLN A 189 13.52 -2.84 -7.04
CA GLN A 189 14.35 -3.82 -6.35
C GLN A 189 13.78 -5.22 -6.47
N CYS A 190 12.46 -5.31 -6.38
CA CYS A 190 11.77 -6.58 -6.46
C CYS A 190 12.14 -7.33 -7.74
N GLN A 191 12.46 -6.58 -8.80
CA GLN A 191 12.85 -7.18 -10.08
C GLN A 191 13.88 -8.30 -9.88
N GLU A 192 14.74 -8.14 -8.89
CA GLU A 192 15.78 -9.14 -8.61
C GLU A 192 15.40 -9.99 -7.41
N VAL A 193 14.91 -9.34 -6.35
CA VAL A 193 14.51 -10.02 -5.13
C VAL A 193 13.48 -11.11 -5.41
N ARG A 194 12.53 -10.80 -6.29
CA ARG A 194 11.46 -11.72 -6.63
C ARG A 194 11.97 -13.12 -6.91
N LYS A 195 12.87 -13.23 -7.89
CA LYS A 195 13.43 -14.52 -8.27
C LYS A 195 14.89 -14.64 -7.87
N ARG A 196 15.32 -13.81 -6.92
CA ARG A 196 16.71 -13.85 -6.47
C ARG A 196 17.14 -15.27 -6.11
N LYS A 197 17.68 -15.99 -7.09
CA LYS A 197 18.14 -17.35 -6.88
C LYS A 197 16.99 -18.25 -6.44
N GLU A 198 15.76 -17.80 -6.68
CA GLU A 198 14.57 -18.57 -6.33
C GLU A 198 14.16 -19.47 -7.48
N LEU A 199 14.24 -18.94 -8.69
CA LEU A 199 13.87 -19.68 -9.89
C LEU A 199 14.72 -20.94 -10.05
N GLU A 200 15.94 -20.89 -9.52
CA GLU A 200 16.84 -22.03 -9.61
C GLU A 200 16.53 -23.05 -8.51
N LEU A 201 16.97 -22.76 -7.29
CA LEU A 201 16.73 -23.63 -6.14
C LEU A 201 16.87 -25.11 -6.50
N GLN A 202 18.09 -25.61 -6.42
CA GLN A 202 18.37 -27.01 -6.73
C GLN A 202 19.85 -27.29 -6.52
N ILE A 203 20.69 -26.38 -6.99
CA ILE A 203 22.12 -26.51 -6.81
C ILE A 203 22.57 -25.78 -5.55
N LEU A 204 21.67 -24.98 -4.96
CA LEU A 204 21.98 -24.23 -3.75
C LEU A 204 22.68 -25.13 -2.72
N THR A 205 22.41 -26.42 -2.80
CA THR A 205 22.99 -27.40 -1.89
C THR A 205 22.58 -27.11 -0.45
N GLU A 206 22.33 -28.17 0.31
CA GLU A 206 21.91 -28.03 1.70
C GLU A 206 22.95 -27.25 2.50
N ALA A 207 22.58 -26.87 3.71
CA ALA A 207 23.46 -26.11 4.58
C ALA A 207 24.02 -26.99 5.69
N ILE A 208 24.17 -28.28 5.39
CA ILE A 208 24.71 -29.22 6.36
C ILE A 208 26.15 -28.92 6.69
N ARG A 209 26.67 -29.58 7.72
CA ARG A 209 28.05 -29.38 8.12
C ARG A 209 28.30 -27.93 8.56
N MET A 1 -12.18 20.43 10.89
CA MET A 1 -11.28 19.40 10.29
C MET A 1 -11.53 19.25 8.79
N LYS A 2 -12.79 19.07 8.42
CA LYS A 2 -13.16 18.89 7.01
C LYS A 2 -12.98 20.18 6.23
N GLY A 3 -11.87 20.28 5.51
CA GLY A 3 -11.60 21.47 4.72
C GLY A 3 -10.35 22.21 5.19
N PHE A 4 -9.65 21.62 6.15
CA PHE A 4 -8.42 22.22 6.69
C PHE A 4 -8.59 23.72 6.96
N ASP A 5 -8.26 24.54 5.97
CA ASP A 5 -8.40 25.99 6.11
C ASP A 5 -9.84 26.41 5.94
N THR A 6 -10.10 27.69 6.18
CA THR A 6 -11.45 28.23 6.06
C THR A 6 -11.58 29.10 4.81
N THR A 7 -10.46 29.64 4.35
CA THR A 7 -10.45 30.51 3.18
C THR A 7 -10.68 29.72 1.90
N ALA A 8 -11.91 29.78 1.38
CA ALA A 8 -12.26 29.06 0.15
C ALA A 8 -12.26 29.98 -1.07
N ILE A 9 -11.54 29.57 -2.09
CA ILE A 9 -11.48 30.34 -3.33
C ILE A 9 -12.08 29.56 -4.50
N ASN A 10 -13.39 29.33 -4.42
CA ASN A 10 -14.10 28.61 -5.47
C ASN A 10 -13.60 27.18 -5.60
N LYS A 11 -12.48 27.00 -6.29
CA LYS A 11 -11.91 25.67 -6.46
C LYS A 11 -10.50 25.73 -7.04
N SER A 12 -9.50 25.75 -6.17
CA SER A 12 -8.10 25.82 -6.57
C SER A 12 -7.56 24.44 -6.96
N TYR A 13 -6.70 24.42 -7.98
CA TYR A 13 -6.09 23.18 -8.48
C TYR A 13 -5.52 22.35 -7.35
N TYR A 14 -4.99 23.02 -6.34
CA TYR A 14 -4.39 22.34 -5.20
C TYR A 14 -5.38 21.34 -4.59
N ASN A 15 -6.58 21.81 -4.28
CA ASN A 15 -7.61 20.95 -3.69
C ASN A 15 -8.17 19.99 -4.72
N VAL A 16 -8.24 20.44 -5.97
CA VAL A 16 -8.77 19.63 -7.06
C VAL A 16 -7.91 18.41 -7.29
N VAL A 17 -6.61 18.60 -7.13
CA VAL A 17 -5.65 17.53 -7.32
C VAL A 17 -5.82 16.45 -6.25
N LEU A 18 -5.83 16.85 -4.99
CA LEU A 18 -6.01 15.88 -3.91
C LEU A 18 -7.35 15.18 -4.09
N GLN A 19 -8.38 15.96 -4.43
CA GLN A 19 -9.71 15.43 -4.69
C GLN A 19 -9.65 14.22 -5.61
N ASN A 20 -8.98 14.39 -6.75
CA ASN A 20 -8.80 13.32 -7.71
C ASN A 20 -8.10 12.14 -7.04
N ILE A 21 -7.09 12.45 -6.24
CA ILE A 21 -6.35 11.42 -5.50
C ILE A 21 -7.26 10.73 -4.50
N LEU A 22 -8.13 11.50 -3.84
CA LEU A 22 -9.07 10.92 -2.87
C LEU A 22 -9.88 9.81 -3.52
N GLU A 23 -10.19 9.98 -4.80
CA GLU A 23 -10.95 9.00 -5.55
C GLU A 23 -10.08 7.83 -5.94
N THR A 24 -8.92 8.12 -6.51
CA THR A 24 -7.99 7.08 -6.93
C THR A 24 -7.57 6.23 -5.73
N GLU A 25 -7.19 6.89 -4.63
CA GLU A 25 -6.79 6.18 -3.42
C GLU A 25 -7.95 5.38 -2.85
N ASN A 26 -9.15 5.95 -2.91
CA ASN A 26 -10.33 5.28 -2.39
C ASN A 26 -10.42 3.85 -2.94
N GLU A 27 -9.98 3.67 -4.18
CA GLU A 27 -9.98 2.36 -4.80
C GLU A 27 -8.95 1.45 -4.16
N TYR A 28 -7.85 2.04 -3.72
CA TYR A 28 -6.80 1.31 -3.03
C TYR A 28 -7.16 1.12 -1.57
N SER A 29 -7.72 2.18 -0.99
CA SER A 29 -8.16 2.15 0.40
C SER A 29 -9.38 1.26 0.57
N LYS A 30 -10.40 1.50 -0.25
CA LYS A 30 -11.63 0.71 -0.18
C LYS A 30 -11.32 -0.76 -0.40
N GLU A 31 -10.26 -1.04 -1.15
CA GLU A 31 -9.84 -2.40 -1.40
C GLU A 31 -9.54 -3.11 -0.09
N LEU A 32 -8.76 -2.45 0.75
CA LEU A 32 -8.40 -3.00 2.06
C LEU A 32 -9.54 -2.80 3.07
N GLN A 33 -10.19 -1.64 2.99
CA GLN A 33 -11.29 -1.31 3.89
C GLN A 33 -12.51 -2.19 3.64
N THR A 34 -12.56 -2.82 2.47
CA THR A 34 -13.68 -3.68 2.12
C THR A 34 -13.48 -5.08 2.66
N VAL A 35 -12.40 -5.70 2.23
CA VAL A 35 -12.04 -7.03 2.68
C VAL A 35 -12.05 -7.08 4.21
N LEU A 36 -11.43 -6.08 4.84
CA LEU A 36 -11.37 -6.02 6.29
C LEU A 36 -12.77 -6.17 6.89
N SER A 37 -13.61 -5.20 6.64
CA SER A 37 -14.97 -5.22 7.17
C SER A 37 -15.79 -6.37 6.57
N THR A 38 -15.35 -6.91 5.44
CA THR A 38 -16.08 -7.99 4.80
C THR A 38 -15.87 -9.30 5.56
N TYR A 39 -14.64 -9.80 5.58
CA TYR A 39 -14.34 -11.07 6.24
C TYR A 39 -12.90 -11.15 6.77
N LEU A 40 -12.15 -10.06 6.66
CA LEU A 40 -10.79 -10.04 7.15
C LEU A 40 -10.72 -9.56 8.59
N ARG A 41 -11.69 -8.70 8.96
CA ARG A 41 -11.75 -8.13 10.32
C ARG A 41 -11.35 -9.15 11.38
N PRO A 42 -12.06 -10.29 11.45
CA PRO A 42 -11.78 -11.32 12.45
C PRO A 42 -10.45 -12.04 12.20
N LEU A 43 -10.00 -12.02 10.95
CA LEU A 43 -8.77 -12.69 10.56
C LEU A 43 -7.55 -11.79 10.75
N GLN A 44 -7.80 -10.47 10.76
CA GLN A 44 -6.75 -9.48 10.94
C GLN A 44 -5.88 -9.76 12.18
N THR A 45 -6.38 -10.57 13.10
CA THR A 45 -5.63 -10.92 14.31
C THR A 45 -4.62 -12.03 14.05
N SER A 46 -4.43 -12.39 12.79
CA SER A 46 -3.48 -13.44 12.41
C SER A 46 -4.04 -14.82 12.70
N GLU A 47 -5.37 -14.92 12.82
CA GLU A 47 -6.02 -16.20 13.07
C GLU A 47 -5.60 -17.22 12.02
N LYS A 48 -4.89 -18.25 12.48
CA LYS A 48 -4.40 -19.32 11.59
C LYS A 48 -3.20 -18.88 10.75
N LEU A 49 -2.80 -17.62 10.89
CA LEU A 49 -1.67 -17.08 10.14
C LEU A 49 -0.66 -16.43 11.07
N SER A 50 -0.62 -16.88 12.33
CA SER A 50 0.31 -16.33 13.31
C SER A 50 1.75 -16.68 12.95
N SER A 51 2.67 -15.80 13.33
CA SER A 51 4.08 -15.99 13.04
C SER A 51 4.30 -16.23 11.54
N ALA A 52 4.26 -17.50 11.14
CA ALA A 52 4.41 -17.85 9.73
C ALA A 52 3.24 -17.29 8.94
N ASN A 53 3.43 -17.14 7.62
CA ASN A 53 2.39 -16.58 6.74
C ASN A 53 2.44 -15.05 6.69
N ILE A 54 3.29 -14.45 7.52
CA ILE A 54 3.42 -12.99 7.52
C ILE A 54 4.34 -12.57 6.37
N SER A 55 5.57 -13.08 6.38
CA SER A 55 6.56 -12.72 5.37
C SER A 55 5.98 -12.68 3.96
N TYR A 56 5.06 -13.58 3.65
CA TYR A 56 4.51 -13.66 2.30
C TYR A 56 3.25 -12.80 2.14
N LEU A 57 2.12 -13.28 2.67
CA LEU A 57 0.85 -12.56 2.50
C LEU A 57 0.59 -11.54 3.60
N MET A 58 0.10 -12.00 4.74
CA MET A 58 -0.27 -11.13 5.85
C MET A 58 0.71 -9.98 6.04
N GLY A 59 2.01 -10.29 6.11
CA GLY A 59 3.02 -9.26 6.33
C GLY A 59 2.75 -7.98 5.57
N ASN A 60 2.17 -8.11 4.39
CA ASN A 60 1.84 -6.95 3.57
C ASN A 60 0.43 -6.46 3.88
N LEU A 61 -0.56 -7.22 3.44
CA LEU A 61 -1.97 -6.88 3.64
C LEU A 61 -2.27 -6.63 5.11
N GLU A 62 -1.82 -7.54 5.97
CA GLU A 62 -2.07 -7.44 7.40
C GLU A 62 -1.46 -6.14 7.97
N GLU A 63 -0.33 -5.72 7.41
CA GLU A 63 0.33 -4.51 7.87
C GLU A 63 -0.19 -3.27 7.13
N ILE A 64 -0.38 -3.38 5.82
CA ILE A 64 -0.87 -2.26 5.03
C ILE A 64 -2.15 -1.69 5.61
N CYS A 65 -2.88 -2.52 6.36
CA CYS A 65 -4.12 -2.10 6.98
C CYS A 65 -3.97 -0.76 7.68
N SER A 66 -2.91 -0.63 8.47
CA SER A 66 -2.64 0.61 9.19
C SER A 66 -2.00 1.65 8.28
N PHE A 67 -1.08 1.20 7.43
CA PHE A 67 -0.41 2.07 6.48
C PHE A 67 -1.42 2.74 5.57
N GLN A 68 -2.42 1.99 5.13
CA GLN A 68 -3.46 2.54 4.25
C GLN A 68 -4.25 3.62 4.99
N GLN A 69 -4.57 3.37 6.25
CA GLN A 69 -5.29 4.34 7.05
C GLN A 69 -4.50 5.63 7.17
N MET A 70 -3.22 5.52 7.51
CA MET A 70 -2.36 6.70 7.66
C MET A 70 -1.89 7.20 6.30
N LEU A 71 -1.94 6.33 5.30
CA LEU A 71 -1.49 6.68 3.96
C LEU A 71 -1.99 8.08 3.55
N VAL A 72 -3.29 8.20 3.37
CA VAL A 72 -3.90 9.45 2.94
C VAL A 72 -4.20 10.39 4.11
N GLN A 73 -4.58 9.80 5.24
CA GLN A 73 -4.98 10.56 6.43
C GLN A 73 -3.79 11.20 7.15
N SER A 74 -2.58 10.69 6.93
CA SER A 74 -1.40 11.21 7.61
C SER A 74 -0.71 12.34 6.84
N LEU A 75 -0.38 12.07 5.58
CA LEU A 75 0.34 13.05 4.77
C LEU A 75 -0.56 14.18 4.26
N GLU A 76 -1.79 13.86 3.87
CA GLU A 76 -2.71 14.87 3.35
C GLU A 76 -3.19 15.81 4.44
N GLU A 77 -3.59 15.24 5.56
CA GLU A 77 -4.07 16.04 6.68
C GLU A 77 -3.03 17.08 7.10
N CYS A 78 -1.76 16.81 6.78
CA CYS A 78 -0.69 17.72 7.14
C CYS A 78 -0.59 18.87 6.15
N THR A 79 -0.37 18.54 4.88
CA THR A 79 -0.29 19.55 3.84
C THR A 79 -1.56 20.41 3.85
N LYS A 80 -2.70 19.72 3.80
CA LYS A 80 -4.02 20.37 3.84
C LYS A 80 -4.06 21.38 4.96
N LEU A 81 -3.63 20.96 6.15
CA LEU A 81 -3.52 21.88 7.26
C LEU A 81 -2.36 22.82 6.97
N PRO A 82 -2.53 24.13 7.22
CA PRO A 82 -1.54 25.16 6.94
C PRO A 82 -0.10 24.65 6.91
N GLU A 83 0.31 24.12 5.75
CA GLU A 83 1.64 23.59 5.57
C GLU A 83 1.87 22.37 6.45
N ALA A 84 2.28 22.60 7.70
CA ALA A 84 2.59 21.50 8.61
C ALA A 84 3.90 20.84 8.22
N GLN A 85 3.92 20.22 7.03
CA GLN A 85 5.10 19.52 6.53
C GLN A 85 5.29 19.73 5.03
N GLN A 86 4.20 19.72 4.27
CA GLN A 86 4.25 19.90 2.82
C GLN A 86 5.12 18.83 2.17
N ARG A 87 5.23 18.89 0.84
CA ARG A 87 6.03 17.91 0.09
C ARG A 87 5.63 16.48 0.44
N VAL A 88 4.85 15.86 -0.43
CA VAL A 88 4.41 14.49 -0.23
C VAL A 88 5.60 13.57 -0.01
N GLY A 89 6.63 13.76 -0.83
CA GLY A 89 7.84 12.97 -0.73
C GLY A 89 8.38 12.90 0.68
N GLY A 90 8.67 14.07 1.25
CA GLY A 90 9.22 14.12 2.60
C GLY A 90 8.52 13.19 3.56
N CYS A 91 7.23 12.99 3.35
CA CYS A 91 6.45 12.10 4.19
C CYS A 91 6.55 10.66 3.70
N PHE A 92 6.14 10.44 2.45
CA PHE A 92 6.19 9.12 1.85
C PHE A 92 7.58 8.50 2.02
N LEU A 93 8.60 9.34 2.15
CA LEU A 93 9.97 8.87 2.31
C LEU A 93 10.15 8.20 3.67
N ASN A 94 9.46 8.72 4.67
CA ASN A 94 9.54 8.17 6.02
C ASN A 94 8.75 6.87 6.12
N LEU A 95 7.78 6.71 5.22
CA LEU A 95 6.96 5.51 5.18
C LEU A 95 7.59 4.46 4.25
N MET A 96 8.62 4.86 3.50
CA MET A 96 9.30 3.94 2.58
C MET A 96 10.03 2.82 3.32
N PRO A 97 10.79 3.15 4.38
CA PRO A 97 11.54 2.16 5.17
C PRO A 97 10.76 0.87 5.43
N GLN A 98 9.59 0.99 6.04
CA GLN A 98 8.77 -0.19 6.33
C GLN A 98 8.08 -0.69 5.07
N MET A 99 7.89 0.21 4.10
CA MET A 99 7.24 -0.16 2.85
C MET A 99 8.16 -1.00 1.98
N LYS A 100 9.44 -0.68 2.01
CA LYS A 100 10.44 -1.40 1.23
C LYS A 100 10.32 -2.90 1.47
N THR A 101 9.81 -3.27 2.64
CA THR A 101 9.64 -4.67 3.00
C THR A 101 8.38 -5.25 2.36
N LEU A 102 7.25 -4.58 2.56
CA LEU A 102 5.98 -5.05 2.02
C LEU A 102 5.95 -4.93 0.50
N TYR A 103 6.49 -3.82 -0.02
CA TYR A 103 6.49 -3.58 -1.46
C TYR A 103 7.34 -4.61 -2.18
N LEU A 104 8.59 -4.71 -1.77
CA LEU A 104 9.52 -5.65 -2.37
C LEU A 104 8.97 -7.07 -2.28
N THR A 105 8.55 -7.46 -1.07
CA THR A 105 8.00 -8.78 -0.83
C THR A 105 6.77 -9.03 -1.70
N TYR A 106 6.01 -7.97 -1.95
CA TYR A 106 4.81 -8.07 -2.78
C TYR A 106 5.11 -8.75 -4.11
N CYS A 107 6.07 -8.22 -4.86
CA CYS A 107 6.42 -8.80 -6.15
C CYS A 107 6.69 -10.30 -6.01
N ALA A 108 7.58 -10.65 -5.08
CA ALA A 108 7.92 -12.05 -4.82
C ALA A 108 6.75 -12.78 -4.15
N ASN A 109 5.78 -12.01 -3.67
CA ASN A 109 4.62 -12.58 -2.99
C ASN A 109 3.50 -12.91 -3.97
N HIS A 110 3.59 -12.37 -5.20
CA HIS A 110 2.57 -12.62 -6.22
C HIS A 110 2.38 -14.12 -6.44
N PRO A 111 3.47 -14.85 -6.79
CA PRO A 111 3.39 -16.29 -7.03
C PRO A 111 3.05 -17.06 -5.75
N SER A 112 3.73 -16.71 -4.67
CA SER A 112 3.49 -17.36 -3.38
C SER A 112 2.07 -17.09 -2.89
N ALA A 113 1.58 -15.87 -3.11
CA ALA A 113 0.21 -15.49 -2.72
C ALA A 113 -0.77 -16.56 -3.15
N VAL A 114 -0.91 -16.72 -4.46
CA VAL A 114 -1.81 -17.71 -5.02
C VAL A 114 -1.60 -19.07 -4.37
N ASN A 115 -0.35 -19.37 -4.02
CA ASN A 115 0.00 -20.63 -3.40
C ASN A 115 -0.55 -20.71 -1.97
N VAL A 116 -0.27 -19.70 -1.17
CA VAL A 116 -0.73 -19.66 0.23
C VAL A 116 -2.22 -19.96 0.31
N LEU A 117 -2.97 -19.43 -0.65
CA LEU A 117 -4.41 -19.63 -0.70
C LEU A 117 -4.76 -21.07 -1.04
N THR A 118 -4.34 -21.52 -2.20
CA THR A 118 -4.60 -22.89 -2.60
C THR A 118 -4.16 -23.86 -1.50
N GLU A 119 -3.17 -23.43 -0.73
CA GLU A 119 -2.69 -24.22 0.38
C GLU A 119 -3.51 -23.93 1.63
N HIS A 120 -4.05 -22.72 1.73
CA HIS A 120 -4.87 -22.36 2.88
C HIS A 120 -6.34 -22.32 2.51
N SER A 121 -6.71 -23.09 1.48
CA SER A 121 -8.09 -23.15 1.04
C SER A 121 -8.98 -23.65 2.18
N GLU A 122 -8.58 -24.76 2.80
CA GLU A 122 -9.34 -25.36 3.88
C GLU A 122 -8.93 -24.82 5.25
N GLU A 123 -7.67 -24.43 5.39
CA GLU A 123 -7.18 -23.92 6.65
C GLU A 123 -7.84 -22.57 6.95
N LEU A 124 -7.59 -21.60 6.09
CA LEU A 124 -8.20 -20.28 6.24
C LEU A 124 -9.70 -20.36 6.03
N GLY A 125 -10.10 -21.23 5.11
CA GLY A 125 -11.52 -21.44 4.87
C GLY A 125 -12.21 -22.01 6.08
N GLU A 126 -11.45 -22.69 6.93
CA GLU A 126 -11.99 -23.28 8.15
C GLU A 126 -12.42 -22.20 9.13
N PHE A 127 -11.62 -21.14 9.23
CA PHE A 127 -11.96 -20.07 10.14
C PHE A 127 -13.20 -19.33 9.64
N MET A 128 -13.29 -19.17 8.32
CA MET A 128 -14.40 -18.45 7.69
C MET A 128 -15.70 -19.28 7.69
N GLU A 129 -15.64 -20.50 8.21
CA GLU A 129 -16.82 -21.38 8.23
C GLU A 129 -18.09 -20.62 8.63
N THR A 130 -17.94 -19.56 9.41
CA THR A 130 -19.07 -18.77 9.86
C THR A 130 -18.61 -17.41 10.36
N LYS A 131 -17.98 -16.65 9.49
CA LYS A 131 -17.48 -15.33 9.85
C LYS A 131 -17.87 -14.30 8.79
N GLY A 132 -19.13 -14.32 8.37
CA GLY A 132 -19.58 -13.40 7.34
C GLY A 132 -18.77 -13.54 6.06
N ALA A 133 -18.47 -14.79 5.72
CA ALA A 133 -17.66 -15.08 4.54
C ALA A 133 -18.35 -14.62 3.26
N SER A 134 -17.55 -14.22 2.27
CA SER A 134 -18.09 -13.75 1.00
C SER A 134 -18.52 -14.93 0.12
N SER A 135 -18.41 -14.78 -1.21
CA SER A 135 -18.83 -15.83 -2.14
C SER A 135 -17.63 -16.55 -2.78
N PRO A 136 -16.59 -15.81 -3.19
CA PRO A 136 -15.38 -16.43 -3.76
C PRO A 136 -14.50 -17.05 -2.69
N GLY A 137 -15.11 -17.92 -1.87
CA GLY A 137 -14.37 -18.60 -0.82
C GLY A 137 -13.50 -17.67 -0.01
N ILE A 138 -12.37 -18.19 0.49
CA ILE A 138 -11.43 -17.40 1.27
C ILE A 138 -10.31 -16.84 0.39
N LEU A 139 -10.22 -17.32 -0.84
CA LEU A 139 -9.19 -16.88 -1.77
C LEU A 139 -9.44 -15.42 -2.22
N VAL A 140 -10.57 -14.83 -1.80
CA VAL A 140 -10.92 -13.44 -2.17
C VAL A 140 -9.68 -12.53 -2.25
N LEU A 141 -8.67 -12.83 -1.43
CA LEU A 141 -7.44 -12.03 -1.38
C LEU A 141 -6.98 -11.61 -2.78
N THR A 142 -6.35 -12.54 -3.49
CA THR A 142 -5.84 -12.25 -4.83
C THR A 142 -6.92 -11.61 -5.70
N THR A 143 -8.15 -12.07 -5.54
CA THR A 143 -9.28 -11.57 -6.32
C THR A 143 -9.35 -10.04 -6.28
N GLY A 144 -9.58 -9.50 -5.10
CA GLY A 144 -9.70 -8.05 -4.96
C GLY A 144 -8.35 -7.35 -4.93
N LEU A 145 -7.30 -8.11 -4.67
CA LEU A 145 -5.96 -7.55 -4.58
C LEU A 145 -5.17 -7.81 -5.86
N SER A 146 -5.90 -8.01 -6.96
CA SER A 146 -5.26 -8.29 -8.25
C SER A 146 -4.70 -7.01 -8.88
N LYS A 147 -4.83 -5.87 -8.20
CA LYS A 147 -4.33 -4.61 -8.72
C LYS A 147 -4.20 -3.57 -7.61
N PRO A 148 -3.28 -3.79 -6.64
CA PRO A 148 -3.09 -2.86 -5.53
C PRO A 148 -2.15 -1.71 -5.87
N PHE A 149 -1.05 -2.03 -6.53
CA PHE A 149 -0.05 -1.02 -6.89
C PHE A 149 -0.34 -0.38 -8.25
N MET A 150 -1.52 -0.67 -8.79
CA MET A 150 -1.92 -0.13 -10.09
C MET A 150 -2.05 1.40 -10.05
N ARG A 151 -2.13 1.96 -8.85
CA ARG A 151 -2.27 3.40 -8.69
C ARG A 151 -0.91 4.09 -8.61
N LEU A 152 0.14 3.30 -8.38
CA LEU A 152 1.50 3.84 -8.25
C LEU A 152 1.83 4.77 -9.41
N ASP A 153 1.22 4.52 -10.56
CA ASP A 153 1.47 5.33 -11.74
C ASP A 153 0.80 6.70 -11.64
N LYS A 154 0.00 6.91 -10.59
CA LYS A 154 -0.69 8.19 -10.41
C LYS A 154 -0.06 8.99 -9.26
N TYR A 155 0.59 8.28 -8.34
CA TYR A 155 1.25 8.91 -7.20
C TYR A 155 2.05 10.14 -7.61
N PRO A 156 2.96 9.98 -8.59
CA PRO A 156 3.81 11.07 -9.07
C PRO A 156 3.01 12.33 -9.40
N THR A 157 1.70 12.20 -9.58
CA THR A 157 0.87 13.35 -9.90
C THR A 157 0.92 14.37 -8.77
N LEU A 158 0.78 13.88 -7.55
CA LEU A 158 0.88 14.75 -6.39
C LEU A 158 2.33 15.16 -6.18
N LEU A 159 3.23 14.19 -6.32
CA LEU A 159 4.66 14.43 -6.14
C LEU A 159 5.16 15.54 -7.05
N LYS A 160 4.46 15.78 -8.15
CA LYS A 160 4.86 16.81 -9.10
C LYS A 160 4.20 18.15 -8.78
N GLU A 161 2.86 18.15 -8.79
CA GLU A 161 2.09 19.37 -8.54
C GLU A 161 2.05 19.73 -7.06
N LEU A 162 1.62 18.78 -6.24
CA LEU A 162 1.51 19.02 -4.80
C LEU A 162 2.79 19.59 -4.24
N GLU A 163 3.91 19.23 -4.86
CA GLU A 163 5.21 19.71 -4.40
C GLU A 163 5.37 21.20 -4.64
N ARG A 164 4.67 21.73 -5.64
CA ARG A 164 4.79 23.14 -5.97
C ARG A 164 3.82 23.99 -5.16
N HIS A 165 2.67 23.41 -4.85
CA HIS A 165 1.65 24.12 -4.09
C HIS A 165 1.05 25.26 -4.93
N MET A 166 1.87 26.27 -5.21
CA MET A 166 1.44 27.41 -6.02
C MET A 166 2.60 28.39 -6.22
N GLU A 167 3.78 27.84 -6.47
CA GLU A 167 4.97 28.65 -6.70
C GLU A 167 5.13 29.69 -5.58
N ASP A 168 6.16 30.52 -5.71
CA ASP A 168 6.42 31.58 -4.73
C ASP A 168 6.42 31.02 -3.31
N TYR A 169 6.81 29.75 -3.16
CA TYR A 169 6.87 29.13 -1.84
C TYR A 169 8.26 28.54 -1.54
N HIS A 170 9.22 28.74 -2.45
CA HIS A 170 10.58 28.24 -2.25
C HIS A 170 10.63 26.72 -2.44
N THR A 171 9.87 26.22 -3.41
CA THR A 171 9.82 24.78 -3.67
C THR A 171 11.19 24.26 -4.14
N ASP A 172 11.25 22.97 -4.44
CA ASP A 172 12.49 22.36 -4.93
C ASP A 172 12.17 21.19 -5.85
N ARG A 173 12.24 21.43 -7.17
CA ARG A 173 11.94 20.42 -8.15
C ARG A 173 12.95 19.28 -8.08
N GLN A 174 14.21 19.64 -7.88
CA GLN A 174 15.28 18.67 -7.78
C GLN A 174 14.95 17.59 -6.74
N ASP A 175 14.02 17.90 -5.84
CA ASP A 175 13.61 16.95 -4.82
C ASP A 175 12.58 15.97 -5.35
N ILE A 176 11.77 16.43 -6.30
CA ILE A 176 10.71 15.60 -6.85
C ILE A 176 11.29 14.38 -7.56
N GLN A 177 12.53 14.48 -8.02
CA GLN A 177 13.18 13.38 -8.70
C GLN A 177 13.30 12.17 -7.77
N LYS A 178 13.77 12.42 -6.56
CA LYS A 178 13.95 11.35 -5.57
C LYS A 178 12.62 10.77 -5.11
N SER A 179 11.60 11.63 -5.02
CA SER A 179 10.28 11.19 -4.60
C SER A 179 9.63 10.33 -5.67
N MET A 180 9.72 10.77 -6.91
CA MET A 180 9.13 10.03 -8.03
C MET A 180 9.99 8.83 -8.42
N ALA A 181 11.31 9.01 -8.39
CA ALA A 181 12.23 7.94 -8.74
C ALA A 181 12.26 6.86 -7.66
N ALA A 182 11.88 7.25 -6.43
CA ALA A 182 11.85 6.31 -5.32
C ALA A 182 10.59 5.47 -5.37
N PHE A 183 9.44 6.12 -5.42
CA PHE A 183 8.17 5.42 -5.49
C PHE A 183 8.19 4.39 -6.62
N LYS A 184 9.00 4.68 -7.65
CA LYS A 184 9.13 3.80 -8.80
C LYS A 184 10.25 2.79 -8.59
N ASN A 185 11.36 3.27 -8.04
CA ASN A 185 12.53 2.42 -7.79
C ASN A 185 12.12 1.14 -7.07
N LEU A 186 11.02 1.22 -6.35
CA LEU A 186 10.52 0.06 -5.61
C LEU A 186 10.19 -1.08 -6.56
N SER A 187 9.55 -0.74 -7.67
CA SER A 187 9.17 -1.72 -8.69
C SER A 187 10.38 -2.12 -9.53
N ALA A 188 11.30 -1.20 -9.71
CA ALA A 188 12.50 -1.46 -10.51
C ALA A 188 13.38 -2.49 -9.81
N GLN A 189 13.32 -2.50 -8.48
CA GLN A 189 14.08 -3.46 -7.71
C GLN A 189 13.31 -4.77 -7.52
N CYS A 190 11.98 -4.67 -7.42
CA CYS A 190 11.14 -5.85 -7.25
C CYS A 190 11.48 -6.93 -8.26
N GLN A 191 11.62 -6.54 -9.52
CA GLN A 191 11.93 -7.48 -10.59
C GLN A 191 13.35 -8.04 -10.43
N GLU A 192 14.18 -7.34 -9.66
CA GLU A 192 15.57 -7.78 -9.45
C GLU A 192 15.67 -8.64 -8.21
N VAL A 193 14.84 -8.35 -7.22
CA VAL A 193 14.84 -9.09 -5.97
C VAL A 193 14.64 -10.59 -6.21
N ARG A 194 13.80 -10.91 -7.19
CA ARG A 194 13.51 -12.28 -7.54
C ARG A 194 14.79 -13.07 -7.77
N LYS A 195 15.64 -12.53 -8.64
CA LYS A 195 16.91 -13.17 -8.96
C LYS A 195 17.82 -13.22 -7.73
N ARG A 196 17.52 -12.39 -6.74
CA ARG A 196 18.31 -12.35 -5.53
C ARG A 196 18.26 -13.71 -4.83
N LYS A 197 17.06 -14.10 -4.39
CA LYS A 197 16.87 -15.38 -3.71
C LYS A 197 17.18 -16.55 -4.64
N GLU A 198 16.92 -16.35 -5.93
CA GLU A 198 17.19 -17.38 -6.93
C GLU A 198 18.70 -17.58 -7.07
N LEU A 199 19.44 -16.49 -6.94
CA LEU A 199 20.90 -16.52 -7.03
C LEU A 199 21.47 -17.51 -6.02
N GLU A 200 20.79 -17.69 -4.89
CA GLU A 200 21.24 -18.60 -3.86
C GLU A 200 20.55 -19.96 -4.01
N LEU A 201 19.29 -20.03 -3.58
CA LEU A 201 18.49 -21.26 -3.66
C LEU A 201 19.30 -22.48 -3.24
N GLN A 202 19.72 -22.52 -1.99
CA GLN A 202 20.50 -23.64 -1.46
C GLN A 202 20.04 -24.00 -0.05
N ILE A 203 19.82 -22.99 0.77
CA ILE A 203 19.33 -23.20 2.13
C ILE A 203 17.81 -23.02 2.20
N LEU A 204 17.25 -22.32 1.20
CA LEU A 204 15.82 -22.07 1.15
C LEU A 204 15.03 -23.36 1.03
N THR A 205 13.70 -23.24 1.10
CA THR A 205 12.82 -24.40 1.00
C THR A 205 13.26 -25.51 1.93
N GLU A 206 13.25 -25.22 3.23
CA GLU A 206 13.62 -26.21 4.24
C GLU A 206 12.52 -27.23 4.46
N ALA A 207 12.91 -28.44 4.86
CA ALA A 207 11.95 -29.51 5.13
C ALA A 207 12.61 -30.65 5.90
N ILE A 208 12.88 -30.42 7.18
CA ILE A 208 13.50 -31.44 8.03
C ILE A 208 12.59 -32.66 8.16
N ARG A 209 13.18 -33.81 8.45
CA ARG A 209 12.43 -35.04 8.62
C ARG A 209 12.85 -35.79 9.88
N MET A 1 -12.00 24.05 11.36
CA MET A 1 -10.85 24.31 10.46
C MET A 1 -9.91 23.11 10.41
N LYS A 2 -9.63 22.54 11.57
CA LYS A 2 -8.73 21.38 11.66
C LYS A 2 -7.36 21.72 11.09
N GLY A 3 -6.99 22.99 11.12
CA GLY A 3 -5.69 23.41 10.64
C GLY A 3 -5.69 23.81 9.17
N PHE A 4 -6.59 23.22 8.40
CA PHE A 4 -6.67 23.52 6.97
C PHE A 4 -7.95 22.96 6.36
N ASP A 5 -9.04 23.72 6.43
CA ASP A 5 -10.32 23.28 5.89
C ASP A 5 -11.38 24.37 6.04
N THR A 6 -12.10 24.63 4.95
CA THR A 6 -13.14 25.64 4.96
C THR A 6 -12.57 27.01 5.33
N THR A 7 -11.79 27.58 4.42
CA THR A 7 -11.20 28.89 4.66
C THR A 7 -12.16 30.00 4.27
N ALA A 8 -12.22 30.31 2.97
CA ALA A 8 -13.10 31.35 2.47
C ALA A 8 -14.44 30.78 2.05
N ILE A 9 -14.46 30.21 0.87
CA ILE A 9 -15.67 29.62 0.31
C ILE A 9 -15.38 28.98 -1.05
N ASN A 10 -16.08 27.89 -1.32
CA ASN A 10 -15.89 27.16 -2.57
C ASN A 10 -14.56 26.40 -2.55
N LYS A 11 -14.61 25.16 -2.05
CA LYS A 11 -13.42 24.32 -1.95
C LYS A 11 -12.60 24.36 -3.24
N SER A 12 -11.46 25.06 -3.20
CA SER A 12 -10.59 25.17 -4.36
C SER A 12 -10.15 23.79 -4.83
N TYR A 13 -9.44 23.74 -5.96
CA TYR A 13 -8.96 22.47 -6.50
C TYR A 13 -8.24 21.65 -5.43
N TYR A 14 -7.36 22.32 -4.69
CA TYR A 14 -6.58 21.67 -3.65
C TYR A 14 -7.47 20.81 -2.75
N ASN A 15 -8.47 21.42 -2.13
CA ASN A 15 -9.37 20.70 -1.23
C ASN A 15 -10.23 19.69 -1.99
N VAL A 16 -10.36 19.88 -3.30
CA VAL A 16 -11.15 18.98 -4.13
C VAL A 16 -10.35 17.74 -4.52
N VAL A 17 -9.04 17.91 -4.66
CA VAL A 17 -8.15 16.82 -5.06
C VAL A 17 -8.09 15.73 -3.99
N LEU A 18 -7.62 16.10 -2.80
CA LEU A 18 -7.52 15.14 -1.71
C LEU A 18 -8.86 14.45 -1.46
N GLN A 19 -9.94 15.17 -1.75
CA GLN A 19 -11.29 14.64 -1.56
C GLN A 19 -11.55 13.49 -2.53
N ASN A 20 -11.32 13.73 -3.81
CA ASN A 20 -11.52 12.70 -4.82
C ASN A 20 -10.67 11.49 -4.48
N ILE A 21 -9.43 11.76 -4.10
CA ILE A 21 -8.50 10.72 -3.70
C ILE A 21 -9.03 9.95 -2.50
N LEU A 22 -9.63 10.67 -1.55
CA LEU A 22 -10.21 10.04 -0.38
C LEU A 22 -11.23 8.99 -0.78
N GLU A 23 -12.03 9.32 -1.78
CA GLU A 23 -13.03 8.39 -2.27
C GLU A 23 -12.39 7.05 -2.61
N THR A 24 -11.22 7.08 -3.26
CA THR A 24 -10.51 5.87 -3.63
C THR A 24 -9.89 5.20 -2.40
N GLU A 25 -9.06 5.95 -1.68
CA GLU A 25 -8.39 5.44 -0.49
C GLU A 25 -9.39 4.98 0.56
N ASN A 26 -10.38 5.82 0.81
CA ASN A 26 -11.42 5.51 1.78
C ASN A 26 -11.99 4.12 1.51
N GLU A 27 -12.02 3.77 0.23
CA GLU A 27 -12.50 2.45 -0.18
C GLU A 27 -11.43 1.40 0.06
N TYR A 28 -10.17 1.82 -0.04
CA TYR A 28 -9.04 0.95 0.20
C TYR A 28 -8.92 0.67 1.69
N SER A 29 -9.07 1.72 2.48
CA SER A 29 -8.98 1.63 3.93
C SER A 29 -10.13 0.82 4.53
N LYS A 30 -11.31 0.92 3.92
CA LYS A 30 -12.48 0.19 4.40
C LYS A 30 -12.50 -1.22 3.84
N GLU A 31 -11.95 -1.37 2.62
CA GLU A 31 -11.90 -2.67 1.96
C GLU A 31 -11.16 -3.67 2.84
N LEU A 32 -10.06 -3.24 3.44
CA LEU A 32 -9.28 -4.11 4.31
C LEU A 32 -10.02 -4.35 5.62
N GLN A 33 -10.47 -3.27 6.25
CA GLN A 33 -11.18 -3.36 7.51
C GLN A 33 -12.34 -4.35 7.40
N THR A 34 -12.85 -4.51 6.19
CA THR A 34 -13.95 -5.43 5.94
C THR A 34 -13.49 -6.88 6.10
N VAL A 35 -12.56 -7.30 5.25
CA VAL A 35 -12.04 -8.67 5.29
C VAL A 35 -11.18 -8.89 6.52
N LEU A 36 -10.34 -7.90 6.84
CA LEU A 36 -9.44 -7.99 7.98
C LEU A 36 -10.15 -8.52 9.22
N SER A 37 -11.30 -7.94 9.55
CA SER A 37 -12.06 -8.35 10.72
C SER A 37 -13.00 -9.51 10.39
N THR A 38 -13.71 -9.36 9.27
CA THR A 38 -14.66 -10.39 8.83
C THR A 38 -13.97 -11.72 8.58
N TYR A 39 -12.64 -11.69 8.46
CA TYR A 39 -11.88 -12.92 8.20
C TYR A 39 -10.66 -13.02 9.12
N LEU A 40 -9.78 -12.03 9.02
CA LEU A 40 -8.51 -12.04 9.73
C LEU A 40 -8.64 -11.74 11.22
N ARG A 41 -9.80 -11.27 11.67
CA ARG A 41 -9.98 -10.94 13.09
C ARG A 41 -9.36 -12.03 14.00
N PRO A 42 -9.80 -13.29 13.87
CA PRO A 42 -9.26 -14.39 14.65
C PRO A 42 -8.01 -15.02 14.02
N LEU A 43 -7.87 -14.88 12.71
CA LEU A 43 -6.76 -15.49 11.98
C LEU A 43 -5.50 -14.62 12.04
N GLN A 44 -5.69 -13.32 12.22
CA GLN A 44 -4.61 -12.34 12.28
C GLN A 44 -3.48 -12.79 13.19
N THR A 45 -3.79 -13.68 14.14
CA THR A 45 -2.78 -14.20 15.05
C THR A 45 -1.89 -15.24 14.38
N SER A 46 -2.05 -15.43 13.06
CA SER A 46 -1.26 -16.40 12.31
C SER A 46 -1.55 -17.81 12.79
N GLU A 47 -2.78 -18.01 13.28
CA GLU A 47 -3.21 -19.31 13.80
C GLU A 47 -2.76 -20.45 12.90
N LYS A 48 -2.82 -20.24 11.59
CA LYS A 48 -2.41 -21.27 10.64
C LYS A 48 -1.20 -20.81 9.83
N LEU A 49 -1.13 -19.51 9.56
CA LEU A 49 -0.02 -18.95 8.80
C LEU A 49 1.11 -18.49 9.73
N SER A 50 1.39 -19.30 10.75
CA SER A 50 2.42 -18.99 11.73
C SER A 50 3.71 -19.77 11.45
N SER A 51 3.79 -20.41 10.27
CA SER A 51 4.97 -21.17 9.91
C SER A 51 5.75 -20.44 8.82
N ALA A 52 6.25 -19.26 9.15
CA ALA A 52 7.00 -18.44 8.20
C ALA A 52 6.16 -18.08 6.97
N ASN A 53 4.84 -18.19 7.11
CA ASN A 53 3.94 -17.88 6.01
C ASN A 53 3.93 -16.38 5.69
N ILE A 54 4.37 -15.57 6.65
CA ILE A 54 4.43 -14.12 6.47
C ILE A 54 5.07 -13.78 5.12
N SER A 55 6.27 -14.30 4.90
CA SER A 55 7.01 -14.05 3.66
C SER A 55 6.15 -14.30 2.42
N TYR A 56 5.12 -15.14 2.57
CA TYR A 56 4.25 -15.48 1.44
C TYR A 56 3.06 -14.53 1.34
N LEU A 57 1.97 -14.85 2.04
CA LEU A 57 0.74 -14.06 1.96
C LEU A 57 0.69 -12.96 3.01
N MET A 58 0.38 -13.36 4.25
CA MET A 58 0.24 -12.44 5.36
C MET A 58 1.24 -11.27 5.31
N GLY A 59 2.52 -11.56 5.09
CA GLY A 59 3.53 -10.50 5.03
C GLY A 59 3.08 -9.27 4.27
N ASN A 60 2.20 -9.48 3.30
CA ASN A 60 1.66 -8.38 2.52
C ASN A 60 0.37 -7.85 3.13
N LEU A 61 -0.69 -8.65 3.04
CA LEU A 61 -2.01 -8.27 3.57
C LEU A 61 -1.95 -7.98 5.06
N GLU A 62 -1.34 -8.89 5.81
CA GLU A 62 -1.25 -8.75 7.27
C GLU A 62 -0.55 -7.45 7.66
N GLU A 63 0.48 -7.09 6.90
CA GLU A 63 1.25 -5.90 7.18
C GLU A 63 0.52 -4.64 6.73
N ILE A 64 0.03 -4.64 5.50
CA ILE A 64 -0.71 -3.51 4.96
C ILE A 64 -1.80 -3.05 5.92
N CYS A 65 -2.25 -3.95 6.79
CA CYS A 65 -3.27 -3.61 7.78
C CYS A 65 -2.90 -2.32 8.52
N SER A 66 -1.80 -2.38 9.28
CA SER A 66 -1.34 -1.21 10.01
C SER A 66 -1.05 -0.07 9.04
N PHE A 67 -0.61 -0.42 7.83
CA PHE A 67 -0.32 0.56 6.79
C PHE A 67 -1.58 1.33 6.40
N GLN A 68 -2.58 0.62 5.88
CA GLN A 68 -3.83 1.25 5.46
C GLN A 68 -4.32 2.29 6.46
N GLN A 69 -3.95 2.10 7.74
CA GLN A 69 -4.35 3.03 8.78
C GLN A 69 -3.48 4.28 8.76
N MET A 70 -2.18 4.08 8.86
CA MET A 70 -1.23 5.18 8.86
C MET A 70 -1.09 5.80 7.47
N LEU A 71 -1.46 5.05 6.45
CA LEU A 71 -1.38 5.51 5.06
C LEU A 71 -1.93 6.93 4.93
N VAL A 72 -3.23 7.09 5.18
CA VAL A 72 -3.88 8.40 5.07
C VAL A 72 -3.60 9.27 6.29
N GLN A 73 -3.61 8.66 7.46
CA GLN A 73 -3.40 9.40 8.71
C GLN A 73 -1.97 9.94 8.82
N SER A 74 -1.09 9.51 7.90
CA SER A 74 0.30 9.95 7.96
C SER A 74 0.54 11.22 7.15
N LEU A 75 0.13 11.22 5.90
CA LEU A 75 0.37 12.36 5.01
C LEU A 75 -0.77 13.38 5.07
N GLU A 76 -2.00 12.91 4.93
CA GLU A 76 -3.16 13.80 4.92
C GLU A 76 -3.26 14.59 6.21
N GLU A 77 -3.14 13.89 7.33
CA GLU A 77 -3.21 14.53 8.64
C GLU A 77 -2.29 15.73 8.71
N CYS A 78 -1.21 15.70 7.93
CA CYS A 78 -0.25 16.80 7.93
C CYS A 78 -0.76 17.97 7.10
N THR A 79 -1.03 17.71 5.83
CA THR A 79 -1.54 18.74 4.94
C THR A 79 -2.78 19.39 5.54
N LYS A 80 -3.77 18.56 5.85
CA LYS A 80 -5.02 19.03 6.44
C LYS A 80 -4.75 19.92 7.64
N LEU A 81 -3.73 19.57 8.40
CA LEU A 81 -3.31 20.38 9.52
C LEU A 81 -2.75 21.70 8.97
N PRO A 82 -2.25 22.62 9.80
CA PRO A 82 -1.71 23.88 9.29
C PRO A 82 -0.45 23.65 8.45
N GLU A 83 -0.60 22.92 7.35
CA GLU A 83 0.51 22.63 6.45
C GLU A 83 1.73 22.10 7.21
N ALA A 84 2.79 21.79 6.48
CA ALA A 84 4.00 21.26 7.08
C ALA A 84 5.05 20.92 6.04
N GLN A 85 4.69 20.08 5.07
CA GLN A 85 5.61 19.66 4.01
C GLN A 85 5.06 20.00 2.63
N GLN A 86 3.74 19.84 2.47
CA GLN A 86 3.08 20.12 1.20
C GLN A 86 3.60 19.21 0.08
N ARG A 87 4.26 18.12 0.45
CA ARG A 87 4.78 17.17 -0.53
C ARG A 87 4.60 15.73 -0.07
N VAL A 88 3.51 15.10 -0.51
CA VAL A 88 3.23 13.71 -0.13
C VAL A 88 4.49 12.84 -0.18
N GLY A 89 5.35 13.11 -1.16
CA GLY A 89 6.58 12.35 -1.31
C GLY A 89 7.36 12.25 -0.01
N GLY A 90 7.66 13.38 0.60
CA GLY A 90 8.42 13.39 1.84
C GLY A 90 7.91 12.38 2.84
N CYS A 91 6.60 12.11 2.80
CA CYS A 91 5.99 11.17 3.72
C CYS A 91 6.03 9.76 3.17
N PHE A 92 5.43 9.58 1.99
CA PHE A 92 5.41 8.27 1.34
C PHE A 92 6.83 7.71 1.23
N LEU A 93 7.81 8.60 1.11
CA LEU A 93 9.21 8.20 0.98
C LEU A 93 9.74 7.61 2.27
N ASN A 94 9.11 7.95 3.40
CA ASN A 94 9.53 7.44 4.70
C ASN A 94 9.05 6.01 4.88
N LEU A 95 7.95 5.67 4.22
CA LEU A 95 7.38 4.33 4.30
C LEU A 95 7.96 3.40 3.23
N MET A 96 8.80 3.94 2.34
CA MET A 96 9.42 3.16 1.27
C MET A 96 9.88 1.79 1.76
N PRO A 97 10.83 1.75 2.71
CA PRO A 97 11.35 0.50 3.25
C PRO A 97 10.24 -0.53 3.49
N GLN A 98 9.05 -0.07 3.85
CA GLN A 98 7.93 -0.95 4.11
C GLN A 98 7.12 -1.21 2.83
N MET A 99 7.18 -0.26 1.91
CA MET A 99 6.44 -0.39 0.66
C MET A 99 7.17 -1.30 -0.33
N LYS A 100 8.44 -0.99 -0.57
CA LYS A 100 9.24 -1.75 -1.53
C LYS A 100 9.31 -3.24 -1.17
N THR A 101 9.08 -3.54 0.10
CA THR A 101 9.12 -4.92 0.57
C THR A 101 7.84 -5.65 0.23
N LEU A 102 6.70 -5.02 0.53
CA LEU A 102 5.40 -5.63 0.29
C LEU A 102 4.97 -5.49 -1.17
N TYR A 103 5.27 -4.33 -1.77
CA TYR A 103 4.89 -4.08 -3.15
C TYR A 103 5.58 -5.07 -4.09
N LEU A 104 6.89 -5.24 -3.91
CA LEU A 104 7.68 -6.15 -4.74
C LEU A 104 7.22 -7.59 -4.60
N THR A 105 6.96 -8.01 -3.37
CA THR A 105 6.54 -9.37 -3.09
C THR A 105 5.14 -9.64 -3.63
N TYR A 106 4.23 -8.71 -3.38
CA TYR A 106 2.84 -8.85 -3.82
C TYR A 106 2.76 -9.18 -5.32
N CYS A 107 3.62 -8.54 -6.10
CA CYS A 107 3.62 -8.74 -7.55
C CYS A 107 4.43 -9.99 -7.95
N ALA A 108 5.59 -10.18 -7.32
CA ALA A 108 6.45 -11.32 -7.63
C ALA A 108 5.88 -12.63 -7.08
N ASN A 109 5.45 -12.61 -5.82
CA ASN A 109 4.87 -13.79 -5.19
C ASN A 109 3.42 -13.98 -5.60
N HIS A 110 2.84 -13.00 -6.28
CA HIS A 110 1.45 -13.08 -6.74
C HIS A 110 1.10 -14.48 -7.24
N PRO A 111 1.83 -14.98 -8.25
CA PRO A 111 1.58 -16.32 -8.79
C PRO A 111 1.80 -17.40 -7.74
N SER A 112 2.57 -17.08 -6.72
CA SER A 112 2.85 -18.01 -5.64
C SER A 112 1.73 -17.97 -4.60
N ALA A 113 1.21 -16.77 -4.36
CA ALA A 113 0.13 -16.60 -3.39
C ALA A 113 -1.08 -17.45 -3.74
N VAL A 114 -1.58 -17.26 -4.97
CA VAL A 114 -2.74 -18.00 -5.43
C VAL A 114 -2.60 -19.50 -5.14
N ASN A 115 -1.36 -19.98 -5.13
CA ASN A 115 -1.08 -21.38 -4.87
C ASN A 115 -1.28 -21.72 -3.39
N VAL A 116 -0.85 -20.81 -2.51
CA VAL A 116 -0.98 -21.01 -1.07
C VAL A 116 -2.42 -21.32 -0.68
N LEU A 117 -3.35 -20.53 -1.21
CA LEU A 117 -4.76 -20.69 -0.89
C LEU A 117 -5.32 -21.99 -1.48
N THR A 118 -5.11 -22.19 -2.77
CA THR A 118 -5.57 -23.42 -3.44
C THR A 118 -5.10 -24.63 -2.64
N GLU A 119 -3.98 -24.47 -1.94
CA GLU A 119 -3.44 -25.53 -1.11
C GLU A 119 -4.02 -25.47 0.29
N HIS A 120 -4.34 -24.26 0.75
CA HIS A 120 -4.89 -24.08 2.09
C HIS A 120 -6.40 -23.88 2.05
N SER A 121 -7.02 -24.34 0.97
CA SER A 121 -8.46 -24.21 0.80
C SER A 121 -9.20 -24.70 2.04
N GLU A 122 -9.02 -25.98 2.34
CA GLU A 122 -9.67 -26.61 3.48
C GLU A 122 -8.97 -26.25 4.78
N GLU A 123 -7.67 -25.96 4.69
CA GLU A 123 -6.91 -25.59 5.87
C GLU A 123 -7.42 -24.28 6.44
N LEU A 124 -7.35 -23.23 5.63
CA LEU A 124 -7.84 -21.93 6.05
C LEU A 124 -9.35 -21.96 6.22
N GLY A 125 -10.04 -22.61 5.28
CA GLY A 125 -11.48 -22.74 5.38
C GLY A 125 -11.91 -23.42 6.66
N GLU A 126 -10.97 -24.15 7.29
CA GLU A 126 -11.26 -24.83 8.55
C GLU A 126 -11.32 -23.81 9.69
N PHE A 127 -10.34 -22.91 9.76
CA PHE A 127 -10.31 -21.91 10.82
C PHE A 127 -11.58 -21.05 10.76
N MET A 128 -12.03 -20.76 9.55
CA MET A 128 -13.22 -19.94 9.34
C MET A 128 -14.48 -20.80 9.35
N GLU A 129 -14.32 -22.08 9.05
CA GLU A 129 -15.45 -23.00 9.03
C GLU A 129 -16.25 -22.92 10.32
N THR A 130 -15.58 -22.61 11.42
CA THR A 130 -16.22 -22.53 12.72
C THR A 130 -16.72 -21.12 13.01
N LYS A 131 -16.91 -20.32 11.97
CA LYS A 131 -17.39 -18.95 12.14
C LYS A 131 -18.49 -18.63 11.11
N GLY A 132 -18.20 -18.89 9.84
CA GLY A 132 -19.19 -18.63 8.79
C GLY A 132 -18.59 -17.88 7.61
N ALA A 133 -17.69 -18.53 6.88
CA ALA A 133 -17.05 -17.91 5.73
C ALA A 133 -18.09 -17.32 4.78
N SER A 134 -17.69 -16.33 3.98
CA SER A 134 -18.60 -15.69 3.03
C SER A 134 -18.98 -16.68 1.92
N SER A 135 -19.07 -16.19 0.67
CA SER A 135 -19.47 -17.05 -0.44
C SER A 135 -18.27 -17.46 -1.29
N PRO A 136 -17.31 -16.58 -1.54
CA PRO A 136 -16.11 -16.93 -2.30
C PRO A 136 -15.13 -17.74 -1.46
N GLY A 137 -15.63 -18.82 -0.84
CA GLY A 137 -14.77 -19.63 0.02
C GLY A 137 -13.90 -18.80 0.93
N ILE A 138 -12.79 -19.37 1.39
CA ILE A 138 -11.87 -18.63 2.23
C ILE A 138 -10.75 -18.00 1.40
N LEU A 139 -10.73 -18.27 0.10
CA LEU A 139 -9.71 -17.73 -0.79
C LEU A 139 -9.92 -16.23 -1.03
N VAL A 140 -11.05 -15.69 -0.53
CA VAL A 140 -11.36 -14.26 -0.69
C VAL A 140 -10.13 -13.39 -0.53
N LEU A 141 -9.20 -13.83 0.32
CA LEU A 141 -7.96 -13.09 0.57
C LEU A 141 -7.37 -12.52 -0.71
N THR A 142 -6.85 -13.40 -1.57
CA THR A 142 -6.25 -12.97 -2.83
C THR A 142 -7.26 -12.28 -3.73
N THR A 143 -8.37 -12.95 -3.98
CA THR A 143 -9.42 -12.42 -4.85
C THR A 143 -9.89 -11.04 -4.38
N GLY A 144 -10.59 -11.00 -3.26
CA GLY A 144 -11.11 -9.75 -2.74
C GLY A 144 -10.03 -8.68 -2.62
N LEU A 145 -8.79 -9.11 -2.46
CA LEU A 145 -7.67 -8.18 -2.32
C LEU A 145 -6.79 -8.17 -3.56
N SER A 146 -7.36 -8.56 -4.69
CA SER A 146 -6.63 -8.61 -5.96
C SER A 146 -6.57 -7.24 -6.63
N LYS A 147 -7.16 -6.22 -6.01
CA LYS A 147 -7.17 -4.88 -6.58
C LYS A 147 -6.69 -3.84 -5.58
N PRO A 148 -5.48 -4.03 -5.01
CA PRO A 148 -4.92 -3.12 -4.01
C PRO A 148 -4.22 -1.92 -4.66
N PHE A 149 -3.69 -2.13 -5.85
CA PHE A 149 -2.99 -1.06 -6.55
C PHE A 149 -3.96 -0.26 -7.43
N MET A 150 -5.27 -0.50 -7.28
CA MET A 150 -6.26 0.22 -8.06
C MET A 150 -6.19 1.73 -7.78
N ARG A 151 -5.55 2.11 -6.68
CA ARG A 151 -5.41 3.51 -6.31
C ARG A 151 -4.04 4.06 -6.70
N LEU A 152 -3.02 3.22 -6.55
CA LEU A 152 -1.65 3.61 -6.89
C LEU A 152 -1.59 4.16 -8.31
N ASP A 153 -2.50 3.70 -9.16
CA ASP A 153 -2.56 4.17 -10.54
C ASP A 153 -2.92 5.65 -10.58
N LYS A 154 -3.57 6.13 -9.53
CA LYS A 154 -3.96 7.54 -9.44
C LYS A 154 -2.99 8.31 -8.55
N TYR A 155 -2.32 7.59 -7.64
CA TYR A 155 -1.37 8.19 -6.71
C TYR A 155 -0.57 9.33 -7.35
N PRO A 156 0.14 9.04 -8.44
CA PRO A 156 0.93 10.05 -9.16
C PRO A 156 0.19 11.38 -9.31
N THR A 157 -1.14 11.33 -9.27
CA THR A 157 -1.94 12.53 -9.41
C THR A 157 -1.66 13.52 -8.30
N LEU A 158 -1.70 13.04 -7.07
CA LEU A 158 -1.40 13.88 -5.90
C LEU A 158 0.07 14.20 -5.86
N LEU A 159 0.89 13.16 -6.01
CA LEU A 159 2.33 13.31 -6.04
C LEU A 159 2.75 14.45 -6.98
N LYS A 160 1.90 14.75 -7.96
CA LYS A 160 2.17 15.79 -8.92
C LYS A 160 1.63 17.15 -8.47
N GLU A 161 0.32 17.24 -8.31
CA GLU A 161 -0.33 18.50 -7.93
C GLU A 161 -0.13 18.81 -6.44
N LEU A 162 -0.17 17.78 -5.61
CA LEU A 162 0.00 17.97 -4.16
C LEU A 162 1.38 18.52 -3.83
N GLU A 163 2.40 17.96 -4.50
CA GLU A 163 3.77 18.39 -4.28
C GLU A 163 4.01 19.77 -4.88
N ARG A 164 3.27 20.10 -5.93
CA ARG A 164 3.42 21.38 -6.61
C ARG A 164 2.53 22.45 -5.98
N HIS A 165 1.34 22.05 -5.55
CA HIS A 165 0.39 22.99 -4.96
C HIS A 165 0.11 24.13 -5.93
N MET A 166 -0.22 23.78 -7.16
CA MET A 166 -0.52 24.77 -8.19
C MET A 166 0.74 25.52 -8.62
N GLU A 167 1.74 24.77 -9.06
CA GLU A 167 2.99 25.35 -9.52
C GLU A 167 3.64 26.22 -8.45
N ASP A 168 3.25 26.02 -7.19
CA ASP A 168 3.78 26.81 -6.08
C ASP A 168 5.29 26.57 -5.92
N TYR A 169 6.06 27.65 -5.99
CA TYR A 169 7.51 27.57 -5.86
C TYR A 169 8.12 26.70 -6.95
N HIS A 170 8.70 27.33 -7.95
CA HIS A 170 9.33 26.62 -9.03
C HIS A 170 10.37 25.62 -8.49
N THR A 171 11.58 26.11 -8.25
CA THR A 171 12.65 25.26 -7.72
C THR A 171 12.21 24.62 -6.41
N ASP A 172 11.78 23.35 -6.49
CA ASP A 172 11.32 22.61 -5.33
C ASP A 172 10.77 21.25 -5.74
N ARG A 173 10.13 21.21 -6.91
CA ARG A 173 9.56 19.98 -7.42
C ARG A 173 10.64 18.92 -7.67
N GLN A 174 11.91 19.33 -7.64
CA GLN A 174 13.02 18.40 -7.86
C GLN A 174 12.81 17.10 -7.10
N ASP A 175 12.10 17.17 -5.98
CA ASP A 175 11.83 15.99 -5.16
C ASP A 175 10.76 15.11 -5.78
N ILE A 176 9.86 15.73 -6.56
CA ILE A 176 8.81 14.98 -7.21
C ILE A 176 9.40 14.02 -8.23
N GLN A 177 10.44 14.46 -8.92
CA GLN A 177 11.11 13.66 -9.92
C GLN A 177 11.63 12.35 -9.31
N LYS A 178 11.97 12.40 -8.03
CA LYS A 178 12.46 11.22 -7.33
C LYS A 178 11.29 10.43 -6.73
N SER A 179 10.23 11.15 -6.34
CA SER A 179 9.06 10.53 -5.74
C SER A 179 8.29 9.71 -6.77
N MET A 180 7.93 10.35 -7.88
CA MET A 180 7.20 9.68 -8.94
C MET A 180 8.01 8.55 -9.54
N ALA A 181 9.31 8.78 -9.71
CA ALA A 181 10.19 7.80 -10.31
C ALA A 181 10.41 6.60 -9.40
N ALA A 182 10.13 6.77 -8.10
CA ALA A 182 10.32 5.70 -7.13
C ALA A 182 9.04 4.88 -6.98
N PHE A 183 7.97 5.53 -6.55
CA PHE A 183 6.69 4.85 -6.36
C PHE A 183 6.32 4.05 -7.61
N LYS A 184 6.67 4.59 -8.78
CA LYS A 184 6.33 3.96 -10.06
C LYS A 184 7.30 2.83 -10.40
N ASN A 185 8.59 3.07 -10.22
CA ASN A 185 9.61 2.06 -10.51
C ASN A 185 9.29 0.75 -9.84
N LEU A 186 8.51 0.81 -8.77
CA LEU A 186 8.13 -0.38 -8.05
C LEU A 186 7.30 -1.32 -8.93
N SER A 187 6.30 -0.75 -9.59
CA SER A 187 5.44 -1.53 -10.47
C SER A 187 6.11 -1.82 -11.82
N ALA A 188 6.85 -0.83 -12.32
CA ALA A 188 7.55 -0.96 -13.59
C ALA A 188 8.50 -2.14 -13.58
N GLN A 189 9.23 -2.26 -12.47
CA GLN A 189 10.21 -3.32 -12.30
C GLN A 189 9.52 -4.66 -12.02
N CYS A 190 8.40 -4.60 -11.30
CA CYS A 190 7.64 -5.79 -10.98
C CYS A 190 7.29 -6.58 -12.24
N GLN A 191 7.31 -5.90 -13.38
CA GLN A 191 6.99 -6.55 -14.64
C GLN A 191 7.93 -7.73 -14.91
N GLU A 192 9.23 -7.46 -14.92
CA GLU A 192 10.22 -8.48 -15.17
C GLU A 192 10.92 -8.91 -13.88
N VAL A 193 11.11 -7.96 -12.97
CA VAL A 193 11.76 -8.24 -11.68
C VAL A 193 13.06 -9.01 -11.88
N ARG A 194 13.66 -8.85 -13.05
CA ARG A 194 14.90 -9.52 -13.39
C ARG A 194 16.09 -8.86 -12.71
N LYS A 195 16.17 -7.53 -12.86
CA LYS A 195 17.25 -6.78 -12.26
C LYS A 195 17.19 -6.81 -10.74
N ARG A 196 16.08 -7.31 -10.19
CA ARG A 196 15.94 -7.41 -8.75
C ARG A 196 16.34 -8.80 -8.28
N LYS A 197 17.55 -9.21 -8.65
CA LYS A 197 18.07 -10.52 -8.29
C LYS A 197 19.46 -10.72 -8.84
N GLU A 198 19.66 -10.32 -10.08
CA GLU A 198 20.96 -10.45 -10.72
C GLU A 198 21.92 -9.41 -10.14
N LEU A 199 21.36 -8.30 -9.68
CA LEU A 199 22.17 -7.23 -9.10
C LEU A 199 22.69 -7.61 -7.71
N GLU A 200 21.82 -8.19 -6.88
CA GLU A 200 22.22 -8.59 -5.53
C GLU A 200 23.47 -9.47 -5.58
N LEU A 201 23.88 -9.96 -4.42
CA LEU A 201 25.04 -10.82 -4.33
C LEU A 201 24.87 -12.12 -5.13
N GLN A 202 24.66 -13.25 -4.44
CA GLN A 202 24.52 -14.55 -5.11
C GLN A 202 25.88 -15.12 -5.47
N ILE A 203 26.46 -14.61 -6.56
CA ILE A 203 27.80 -15.04 -6.96
C ILE A 203 28.85 -14.33 -6.11
N LEU A 204 28.41 -13.35 -5.30
CA LEU A 204 29.33 -12.60 -4.45
C LEU A 204 29.98 -13.49 -3.40
N THR A 205 31.17 -13.09 -2.98
CA THR A 205 31.92 -13.84 -1.98
C THR A 205 32.99 -12.97 -1.33
N GLU A 206 32.66 -12.37 -0.19
CA GLU A 206 33.60 -11.52 0.54
C GLU A 206 34.54 -12.36 1.40
N ALA A 207 34.04 -12.75 2.58
CA ALA A 207 34.83 -13.53 3.53
C ALA A 207 35.92 -12.69 4.17
N ILE A 208 35.75 -11.38 4.16
CA ILE A 208 36.72 -10.46 4.75
C ILE A 208 36.72 -10.57 6.27
N ARG A 209 37.91 -10.48 6.86
CA ARG A 209 38.05 -10.59 8.30
C ARG A 209 39.00 -9.52 8.85
N MET A 1 -13.76 18.96 5.56
CA MET A 1 -14.26 20.19 6.22
C MET A 1 -13.51 20.47 7.52
N LYS A 2 -13.70 19.60 8.51
CA LYS A 2 -13.06 19.74 9.80
C LYS A 2 -11.54 19.82 9.66
N GLY A 3 -10.98 21.00 9.86
CA GLY A 3 -9.55 21.18 9.77
C GLY A 3 -9.14 22.20 8.72
N PHE A 4 -9.83 22.19 7.59
CA PHE A 4 -9.53 23.12 6.51
C PHE A 4 -10.66 23.14 5.48
N ASP A 5 -11.78 23.75 5.84
CA ASP A 5 -12.93 23.83 4.94
C ASP A 5 -12.73 24.95 3.92
N THR A 6 -12.40 24.55 2.69
CA THR A 6 -12.18 25.53 1.62
C THR A 6 -12.38 24.88 0.25
N THR A 7 -13.58 24.39 0.00
CA THR A 7 -13.90 23.76 -1.28
C THR A 7 -13.61 24.71 -2.44
N ALA A 8 -12.46 24.52 -3.09
CA ALA A 8 -12.08 25.36 -4.22
C ALA A 8 -13.20 25.48 -5.24
N ILE A 9 -13.13 26.50 -6.08
CA ILE A 9 -14.14 26.72 -7.11
C ILE A 9 -13.60 26.36 -8.49
N ASN A 10 -12.29 26.47 -8.64
CA ASN A 10 -11.63 26.16 -9.92
C ASN A 10 -10.14 26.42 -9.83
N LYS A 11 -9.78 27.64 -9.44
CA LYS A 11 -8.37 28.02 -9.32
C LYS A 11 -7.78 27.50 -8.01
N SER A 12 -7.08 26.38 -8.08
CA SER A 12 -6.46 25.78 -6.90
C SER A 12 -5.97 24.37 -7.19
N TYR A 13 -4.94 24.27 -8.02
CA TYR A 13 -4.38 22.98 -8.38
C TYR A 13 -4.08 22.14 -7.13
N TYR A 14 -3.69 22.82 -6.05
CA TYR A 14 -3.39 22.14 -4.79
C TYR A 14 -4.60 21.35 -4.31
N ASN A 15 -5.70 22.05 -4.03
CA ASN A 15 -6.92 21.41 -3.56
C ASN A 15 -7.49 20.44 -4.60
N VAL A 16 -7.06 20.59 -5.85
CA VAL A 16 -7.54 19.74 -6.93
C VAL A 16 -6.80 18.40 -6.96
N VAL A 17 -5.50 18.45 -6.68
CA VAL A 17 -4.66 17.26 -6.70
C VAL A 17 -5.11 16.26 -5.63
N LEU A 18 -5.40 16.75 -4.43
CA LEU A 18 -5.87 15.88 -3.37
C LEU A 18 -7.23 15.33 -3.73
N GLN A 19 -8.07 16.19 -4.29
CA GLN A 19 -9.39 15.80 -4.74
C GLN A 19 -9.31 14.58 -5.64
N ASN A 20 -8.52 14.68 -6.69
CA ASN A 20 -8.34 13.60 -7.65
C ASN A 20 -7.85 12.33 -6.96
N ILE A 21 -6.70 12.44 -6.33
CA ILE A 21 -6.09 11.32 -5.63
C ILE A 21 -7.04 10.74 -4.59
N LEU A 22 -7.76 11.62 -3.90
CA LEU A 22 -8.71 11.17 -2.88
C LEU A 22 -9.65 10.12 -3.45
N GLU A 23 -10.38 10.48 -4.50
CA GLU A 23 -11.30 9.54 -5.14
C GLU A 23 -10.67 8.18 -5.35
N THR A 24 -9.38 8.17 -5.70
CA THR A 24 -8.64 6.95 -5.93
C THR A 24 -8.32 6.24 -4.62
N GLU A 25 -7.46 6.85 -3.80
CA GLU A 25 -7.07 6.27 -2.53
C GLU A 25 -8.29 5.98 -1.65
N ASN A 26 -9.24 6.90 -1.67
CA ASN A 26 -10.46 6.75 -0.89
C ASN A 26 -11.11 5.40 -1.20
N GLU A 27 -10.99 4.97 -2.46
CA GLU A 27 -11.50 3.67 -2.88
C GLU A 27 -10.59 2.56 -2.37
N TYR A 28 -9.30 2.90 -2.24
CA TYR A 28 -8.31 1.95 -1.75
C TYR A 28 -8.47 1.77 -0.24
N SER A 29 -8.67 2.87 0.47
CA SER A 29 -8.84 2.82 1.92
C SER A 29 -10.18 2.20 2.31
N LYS A 30 -11.22 2.56 1.59
CA LYS A 30 -12.56 2.04 1.87
C LYS A 30 -12.67 0.56 1.50
N GLU A 31 -11.85 0.14 0.54
CA GLU A 31 -11.86 -1.26 0.11
C GLU A 31 -11.37 -2.17 1.22
N LEU A 32 -10.36 -1.72 1.95
CA LEU A 32 -9.79 -2.50 3.05
C LEU A 32 -10.66 -2.39 4.30
N GLN A 33 -11.11 -1.18 4.61
CA GLN A 33 -11.95 -0.94 5.77
C GLN A 33 -13.21 -1.80 5.73
N THR A 34 -13.79 -1.92 4.54
CA THR A 34 -15.00 -2.71 4.34
C THR A 34 -14.73 -4.18 4.63
N VAL A 35 -13.88 -4.79 3.80
CA VAL A 35 -13.53 -6.20 3.96
C VAL A 35 -13.11 -6.50 5.40
N LEU A 36 -12.32 -5.60 5.98
CA LEU A 36 -11.86 -5.79 7.36
C LEU A 36 -13.02 -6.09 8.29
N SER A 37 -13.98 -5.17 8.37
CA SER A 37 -15.14 -5.33 9.24
C SER A 37 -16.21 -6.22 8.61
N THR A 38 -16.14 -6.42 7.30
CA THR A 38 -17.13 -7.22 6.60
C THR A 38 -17.01 -8.69 6.96
N TYR A 39 -15.87 -9.29 6.61
CA TYR A 39 -15.64 -10.71 6.87
C TYR A 39 -14.31 -10.97 7.57
N LEU A 40 -13.48 -9.94 7.69
CA LEU A 40 -12.18 -10.09 8.34
C LEU A 40 -12.33 -10.00 9.85
N ARG A 41 -13.33 -9.26 10.31
CA ARG A 41 -13.57 -9.07 11.75
C ARG A 41 -13.41 -10.38 12.51
N PRO A 42 -14.19 -11.43 12.16
CA PRO A 42 -14.09 -12.74 12.81
C PRO A 42 -12.66 -13.26 12.82
N LEU A 43 -11.92 -12.92 11.78
CA LEU A 43 -10.53 -13.33 11.64
C LEU A 43 -9.65 -12.66 12.69
N GLN A 44 -10.13 -11.54 13.24
CA GLN A 44 -9.39 -10.81 14.25
C GLN A 44 -9.08 -11.70 15.46
N THR A 45 -10.01 -12.60 15.78
CA THR A 45 -9.81 -13.50 16.91
C THR A 45 -8.72 -14.51 16.61
N SER A 46 -8.50 -14.77 15.34
CA SER A 46 -7.45 -15.67 14.91
C SER A 46 -6.09 -14.99 14.96
N GLU A 47 -6.08 -13.68 15.22
CA GLU A 47 -4.84 -12.93 15.27
C GLU A 47 -4.15 -12.99 13.92
N LYS A 48 -4.95 -12.86 12.87
CA LYS A 48 -4.46 -12.92 11.50
C LYS A 48 -3.48 -14.06 11.32
N LEU A 49 -4.01 -15.17 10.85
CA LEU A 49 -3.26 -16.41 10.59
C LEU A 49 -2.03 -16.54 11.48
N SER A 50 -2.19 -16.18 12.76
CA SER A 50 -1.08 -16.24 13.70
C SER A 50 -0.34 -17.58 13.62
N SER A 51 0.71 -17.61 12.81
CA SER A 51 1.51 -18.81 12.64
C SER A 51 2.73 -18.53 11.76
N ALA A 52 2.54 -18.59 10.45
CA ALA A 52 3.62 -18.32 9.50
C ALA A 52 3.11 -17.79 8.17
N ASN A 53 1.86 -17.31 8.17
CA ASN A 53 1.27 -16.77 6.95
C ASN A 53 1.81 -15.37 6.65
N ILE A 54 2.44 -14.74 7.65
CA ILE A 54 3.02 -13.42 7.47
C ILE A 54 4.06 -13.43 6.36
N SER A 55 4.58 -14.60 6.03
CA SER A 55 5.59 -14.72 5.00
C SER A 55 5.00 -14.51 3.61
N TYR A 56 3.88 -15.17 3.33
CA TYR A 56 3.26 -15.09 2.00
C TYR A 56 2.22 -13.97 1.88
N LEU A 57 1.04 -14.19 2.45
CA LEU A 57 -0.07 -13.26 2.30
C LEU A 57 -0.10 -12.18 3.38
N MET A 58 -0.61 -12.54 4.55
CA MET A 58 -0.78 -11.61 5.67
C MET A 58 0.30 -10.55 5.71
N GLY A 59 1.56 -10.98 5.61
CA GLY A 59 2.69 -10.04 5.64
C GLY A 59 2.42 -8.75 4.90
N ASN A 60 1.66 -8.86 3.82
CA ASN A 60 1.31 -7.70 3.02
C ASN A 60 -0.01 -7.08 3.49
N LEU A 61 -1.11 -7.79 3.22
CA LEU A 61 -2.44 -7.29 3.58
C LEU A 61 -2.57 -7.04 5.07
N GLU A 62 -2.12 -7.98 5.89
CA GLU A 62 -2.23 -7.85 7.34
C GLU A 62 -1.56 -6.56 7.84
N GLU A 63 -0.54 -6.12 7.11
CA GLU A 63 0.20 -4.92 7.49
C GLU A 63 -0.47 -3.66 6.96
N ILE A 64 -1.00 -3.73 5.74
CA ILE A 64 -1.66 -2.59 5.13
C ILE A 64 -2.78 -2.06 6.03
N CYS A 65 -3.27 -2.89 6.95
CA CYS A 65 -4.33 -2.48 7.86
C CYS A 65 -4.01 -1.13 8.49
N SER A 66 -2.89 -1.08 9.21
CA SER A 66 -2.46 0.15 9.86
C SER A 66 -2.03 1.18 8.82
N PHE A 67 -1.47 0.68 7.71
CA PHE A 67 -1.01 1.55 6.64
C PHE A 67 -2.17 2.29 5.99
N GLN A 68 -3.12 1.54 5.43
CA GLN A 68 -4.28 2.13 4.77
C GLN A 68 -4.92 3.22 5.65
N GLN A 69 -4.74 3.09 6.96
CA GLN A 69 -5.29 4.05 7.90
C GLN A 69 -4.44 5.33 7.92
N MET A 70 -3.15 5.17 8.19
CA MET A 70 -2.23 6.30 8.26
C MET A 70 -1.90 6.84 6.87
N LEU A 71 -2.01 5.99 5.86
CA LEU A 71 -1.72 6.36 4.48
C LEU A 71 -2.23 7.76 4.15
N VAL A 72 -3.54 7.92 4.16
CA VAL A 72 -4.16 9.21 3.86
C VAL A 72 -4.14 10.13 5.07
N GLN A 73 -4.37 9.58 6.24
CA GLN A 73 -4.41 10.37 7.47
C GLN A 73 -3.04 10.96 7.81
N SER A 74 -1.99 10.47 7.16
CA SER A 74 -0.64 10.91 7.45
C SER A 74 -0.31 12.27 6.85
N LEU A 75 -0.20 12.32 5.52
CA LEU A 75 0.20 13.54 4.82
C LEU A 75 -0.98 14.41 4.43
N GLU A 76 -2.13 13.80 4.18
CA GLU A 76 -3.31 14.56 3.74
C GLU A 76 -3.84 15.45 4.85
N GLU A 77 -4.13 14.84 5.99
CA GLU A 77 -4.64 15.59 7.14
C GLU A 77 -3.72 16.76 7.47
N CYS A 78 -2.45 16.60 7.11
CA CYS A 78 -1.47 17.63 7.39
C CYS A 78 -1.52 18.71 6.34
N THR A 79 -1.41 18.32 5.07
CA THR A 79 -1.48 19.25 3.97
C THR A 79 -2.79 20.03 4.05
N LYS A 80 -3.90 19.27 4.14
CA LYS A 80 -5.23 19.85 4.25
C LYS A 80 -5.25 20.97 5.27
N LEU A 81 -4.73 20.69 6.46
CA LEU A 81 -4.61 21.70 7.50
C LEU A 81 -3.84 22.89 6.93
N PRO A 82 -3.65 23.97 7.69
CA PRO A 82 -2.92 25.15 7.21
C PRO A 82 -1.47 24.81 6.84
N GLU A 83 -1.28 24.05 5.77
CA GLU A 83 0.06 23.66 5.32
C GLU A 83 0.75 22.79 6.37
N ALA A 84 1.24 23.42 7.43
CA ALA A 84 1.96 22.71 8.49
C ALA A 84 3.39 22.39 8.04
N GLN A 85 3.51 21.60 6.98
CA GLN A 85 4.83 21.21 6.48
C GLN A 85 4.81 20.98 4.97
N GLN A 86 3.77 20.29 4.49
CA GLN A 86 3.64 20.00 3.07
C GLN A 86 4.85 19.22 2.55
N ARG A 87 4.64 17.93 2.30
CA ARG A 87 5.71 17.08 1.78
C ARG A 87 5.28 15.62 1.78
N VAL A 88 4.76 15.15 0.64
CA VAL A 88 4.32 13.77 0.51
C VAL A 88 5.50 12.81 0.61
N GLY A 89 6.61 13.19 -0.01
CA GLY A 89 7.80 12.37 0.01
C GLY A 89 8.34 12.17 1.42
N GLY A 90 8.65 13.28 2.08
CA GLY A 90 9.17 13.21 3.44
C GLY A 90 8.39 12.25 4.31
N CYS A 91 7.08 12.25 4.17
CA CYS A 91 6.22 11.36 4.95
C CYS A 91 6.27 9.95 4.37
N PHE A 92 5.89 9.81 3.11
CA PHE A 92 5.90 8.53 2.43
C PHE A 92 7.27 7.85 2.61
N LEU A 93 8.31 8.66 2.72
CA LEU A 93 9.67 8.14 2.89
C LEU A 93 9.82 7.41 4.22
N ASN A 94 9.10 7.87 5.23
CA ASN A 94 9.14 7.24 6.54
C ASN A 94 8.50 5.85 6.48
N LEU A 95 7.63 5.66 5.50
CA LEU A 95 6.94 4.39 5.32
C LEU A 95 7.72 3.48 4.36
N MET A 96 8.72 4.03 3.67
CA MET A 96 9.52 3.26 2.73
C MET A 96 10.01 1.96 3.35
N PRO A 97 10.63 2.03 4.54
CA PRO A 97 11.15 0.85 5.24
C PRO A 97 10.23 -0.36 5.13
N GLN A 98 9.02 -0.23 5.67
CA GLN A 98 8.05 -1.32 5.63
C GLN A 98 7.50 -1.49 4.22
N MET A 99 7.12 -0.39 3.60
CA MET A 99 6.58 -0.40 2.25
C MET A 99 7.46 -1.23 1.32
N LYS A 100 8.75 -0.94 1.33
CA LYS A 100 9.70 -1.65 0.47
C LYS A 100 9.67 -3.15 0.75
N THR A 101 9.47 -3.51 2.01
CA THR A 101 9.44 -4.91 2.42
C THR A 101 8.19 -5.61 1.89
N LEU A 102 7.02 -5.05 2.20
CA LEU A 102 5.75 -5.64 1.79
C LEU A 102 5.62 -5.66 0.26
N TYR A 103 5.89 -4.53 -0.38
CA TYR A 103 5.78 -4.41 -1.82
C TYR A 103 6.51 -5.57 -2.51
N LEU A 104 7.81 -5.67 -2.28
CA LEU A 104 8.62 -6.71 -2.89
C LEU A 104 8.05 -8.10 -2.60
N THR A 105 7.85 -8.39 -1.32
CA THR A 105 7.33 -9.69 -0.91
C THR A 105 5.99 -9.98 -1.59
N TYR A 106 5.14 -8.97 -1.66
CA TYR A 106 3.82 -9.12 -2.27
C TYR A 106 3.93 -9.71 -3.67
N CYS A 107 4.63 -9.00 -4.55
CA CYS A 107 4.80 -9.44 -5.92
C CYS A 107 5.63 -10.71 -6.01
N ALA A 108 6.44 -10.95 -4.98
CA ALA A 108 7.30 -12.13 -4.93
C ALA A 108 6.51 -13.36 -4.49
N ASN A 109 5.79 -13.24 -3.39
CA ASN A 109 4.99 -14.33 -2.86
C ASN A 109 3.61 -14.39 -3.51
N HIS A 110 3.28 -13.39 -4.34
CA HIS A 110 1.98 -13.34 -5.01
C HIS A 110 1.57 -14.72 -5.53
N PRO A 111 2.47 -15.40 -6.26
CA PRO A 111 2.20 -16.73 -6.80
C PRO A 111 1.80 -17.72 -5.72
N SER A 112 2.37 -17.56 -4.52
CA SER A 112 2.06 -18.43 -3.40
C SER A 112 0.80 -17.97 -2.67
N ALA A 113 0.73 -16.66 -2.41
CA ALA A 113 -0.41 -16.07 -1.72
C ALA A 113 -1.73 -16.60 -2.27
N VAL A 114 -1.92 -16.47 -3.58
CA VAL A 114 -3.13 -16.94 -4.22
C VAL A 114 -3.37 -18.41 -3.94
N ASN A 115 -2.29 -19.20 -3.95
CA ASN A 115 -2.38 -20.63 -3.69
C ASN A 115 -2.78 -20.90 -2.25
N VAL A 116 -2.22 -20.11 -1.33
CA VAL A 116 -2.51 -20.26 0.09
C VAL A 116 -4.01 -20.38 0.35
N LEU A 117 -4.79 -19.47 -0.24
CA LEU A 117 -6.24 -19.48 -0.06
C LEU A 117 -6.87 -20.69 -0.72
N THR A 118 -6.67 -20.84 -2.02
CA THR A 118 -7.20 -21.98 -2.76
C THR A 118 -6.89 -23.27 -2.00
N GLU A 119 -5.79 -23.25 -1.26
CA GLU A 119 -5.37 -24.39 -0.45
C GLU A 119 -5.97 -24.30 0.95
N HIS A 120 -6.18 -23.08 1.43
CA HIS A 120 -6.77 -22.88 2.75
C HIS A 120 -8.23 -22.48 2.63
N SER A 121 -8.87 -22.91 1.54
CA SER A 121 -10.27 -22.60 1.29
C SER A 121 -11.14 -23.06 2.47
N GLU A 122 -10.86 -24.25 2.97
CA GLU A 122 -11.61 -24.81 4.09
C GLU A 122 -11.10 -24.28 5.42
N GLU A 123 -9.79 -24.12 5.53
CA GLU A 123 -9.18 -23.62 6.75
C GLU A 123 -9.66 -22.22 7.06
N LEU A 124 -9.52 -21.32 6.08
CA LEU A 124 -9.96 -19.95 6.24
C LEU A 124 -11.48 -19.89 6.34
N GLY A 125 -12.15 -20.61 5.44
CA GLY A 125 -13.60 -20.66 5.48
C GLY A 125 -14.11 -21.23 6.78
N GLU A 126 -13.25 -21.95 7.49
CA GLU A 126 -13.62 -22.56 8.77
C GLU A 126 -13.78 -21.49 9.85
N PHE A 127 -12.95 -20.46 9.79
CA PHE A 127 -13.01 -19.37 10.75
C PHE A 127 -14.15 -18.41 10.40
N MET A 128 -14.42 -18.27 9.10
CA MET A 128 -15.49 -17.41 8.63
C MET A 128 -16.86 -18.09 8.72
N GLU A 129 -16.88 -19.33 9.24
CA GLU A 129 -18.12 -20.09 9.36
C GLU A 129 -19.15 -19.40 10.25
N THR A 130 -18.72 -18.36 10.98
CA THR A 130 -19.63 -17.63 11.87
C THR A 130 -20.48 -16.60 11.11
N LYS A 131 -20.48 -16.68 9.78
CA LYS A 131 -21.28 -15.77 8.96
C LYS A 131 -20.62 -14.40 8.84
N GLY A 132 -19.37 -14.39 8.42
CA GLY A 132 -18.65 -13.14 8.24
C GLY A 132 -18.40 -12.83 6.78
N ALA A 133 -18.37 -13.86 5.95
CA ALA A 133 -18.13 -13.69 4.53
C ALA A 133 -19.32 -13.01 3.86
N SER A 134 -19.19 -12.76 2.55
CA SER A 134 -20.26 -12.11 1.80
C SER A 134 -20.66 -12.94 0.59
N SER A 135 -19.77 -12.99 -0.41
CA SER A 135 -20.05 -13.75 -1.63
C SER A 135 -18.91 -14.69 -1.98
N PRO A 136 -17.68 -14.18 -2.14
CA PRO A 136 -16.53 -15.02 -2.47
C PRO A 136 -15.93 -15.69 -1.22
N GLY A 137 -16.81 -16.15 -0.32
CA GLY A 137 -16.34 -16.81 0.89
C GLY A 137 -15.32 -15.99 1.65
N ILE A 138 -14.14 -16.58 1.88
CA ILE A 138 -13.08 -15.90 2.62
C ILE A 138 -11.90 -15.55 1.72
N LEU A 139 -11.84 -16.20 0.54
CA LEU A 139 -10.77 -15.93 -0.41
C LEU A 139 -10.88 -14.52 -1.00
N VAL A 140 -11.97 -13.82 -0.70
CA VAL A 140 -12.21 -12.46 -1.21
C VAL A 140 -10.91 -11.65 -1.28
N LEU A 141 -10.02 -11.86 -0.32
CA LEU A 141 -8.76 -11.14 -0.25
C LEU A 141 -8.09 -11.03 -1.63
N THR A 142 -7.73 -12.17 -2.20
CA THR A 142 -7.08 -12.20 -3.51
C THR A 142 -7.91 -11.46 -4.57
N THR A 143 -9.17 -11.86 -4.70
CA THR A 143 -10.06 -11.28 -5.69
C THR A 143 -10.24 -9.77 -5.50
N GLY A 144 -10.49 -9.36 -4.27
CA GLY A 144 -10.72 -7.95 -3.99
C GLY A 144 -9.43 -7.15 -3.83
N LEU A 145 -8.36 -7.84 -3.47
CA LEU A 145 -7.06 -7.18 -3.27
C LEU A 145 -6.09 -7.53 -4.39
N SER A 146 -6.61 -7.91 -5.54
CA SER A 146 -5.78 -8.27 -6.69
C SER A 146 -5.43 -7.04 -7.53
N LYS A 147 -5.71 -5.85 -7.01
CA LYS A 147 -5.40 -4.61 -7.72
C LYS A 147 -5.01 -3.52 -6.74
N PRO A 148 -4.00 -3.78 -5.89
CA PRO A 148 -3.53 -2.82 -4.89
C PRO A 148 -2.63 -1.73 -5.48
N PHE A 149 -1.74 -2.14 -6.38
CA PHE A 149 -0.82 -1.20 -7.01
C PHE A 149 -1.44 -0.52 -8.23
N MET A 150 -2.75 -0.70 -8.41
CA MET A 150 -3.44 -0.11 -9.55
C MET A 150 -3.73 1.38 -9.31
N ARG A 151 -3.77 1.77 -8.04
CA ARG A 151 -4.05 3.16 -7.69
C ARG A 151 -2.76 3.98 -7.59
N LEU A 152 -1.63 3.29 -7.48
CA LEU A 152 -0.33 3.97 -7.37
C LEU A 152 0.02 4.75 -8.63
N ASP A 153 -0.75 4.55 -9.70
CA ASP A 153 -0.49 5.25 -10.96
C ASP A 153 -0.61 6.77 -10.81
N LYS A 154 -1.23 7.21 -9.72
CA LYS A 154 -1.40 8.63 -9.46
C LYS A 154 -0.46 9.11 -8.36
N TYR A 155 -0.04 8.19 -7.50
CA TYR A 155 0.86 8.48 -6.39
C TYR A 155 1.94 9.50 -6.76
N PRO A 156 2.82 9.14 -7.72
CA PRO A 156 3.92 10.00 -8.14
C PRO A 156 3.47 11.42 -8.47
N THR A 157 2.18 11.61 -8.71
CA THR A 157 1.66 12.92 -9.03
C THR A 157 1.79 13.86 -7.85
N LEU A 158 1.26 13.45 -6.70
CA LEU A 158 1.36 14.25 -5.49
C LEU A 158 2.82 14.50 -5.15
N LEU A 159 3.63 13.47 -5.34
CA LEU A 159 5.06 13.55 -5.07
C LEU A 159 5.68 14.75 -5.76
N LYS A 160 5.29 14.96 -7.02
CA LYS A 160 5.85 16.05 -7.82
C LYS A 160 5.02 17.32 -7.69
N GLU A 161 3.72 17.20 -7.89
CA GLU A 161 2.83 18.37 -7.83
C GLU A 161 2.83 19.01 -6.45
N LEU A 162 2.72 18.18 -5.42
CA LEU A 162 2.67 18.68 -4.04
C LEU A 162 4.02 19.23 -3.60
N GLU A 163 5.09 18.67 -4.14
CA GLU A 163 6.44 19.11 -3.78
C GLU A 163 6.74 20.51 -4.32
N ARG A 164 5.95 20.94 -5.31
CA ARG A 164 6.14 22.26 -5.90
C ARG A 164 5.44 23.34 -5.08
N HIS A 165 4.30 22.99 -4.52
CA HIS A 165 3.51 23.92 -3.73
C HIS A 165 3.25 25.20 -4.51
N MET A 166 2.55 25.08 -5.63
CA MET A 166 2.25 26.21 -6.48
C MET A 166 3.51 26.84 -7.04
N GLU A 167 4.24 26.07 -7.85
CA GLU A 167 5.47 26.55 -8.46
C GLU A 167 6.47 26.98 -7.39
N ASP A 168 7.73 27.12 -7.81
CA ASP A 168 8.80 27.53 -6.91
C ASP A 168 10.09 27.77 -7.69
N TYR A 169 11.21 27.84 -6.98
CA TYR A 169 12.50 28.07 -7.62
C TYR A 169 13.65 27.86 -6.63
N HIS A 170 13.47 28.33 -5.41
CA HIS A 170 14.50 28.19 -4.38
C HIS A 170 14.81 26.73 -4.11
N THR A 171 13.78 25.96 -3.79
CA THR A 171 13.94 24.53 -3.51
C THR A 171 14.58 23.82 -4.70
N ASP A 172 14.60 22.49 -4.64
CA ASP A 172 15.19 21.69 -5.71
C ASP A 172 14.41 20.39 -5.91
N ARG A 173 14.05 20.11 -7.16
CA ARG A 173 13.30 18.90 -7.48
C ARG A 173 14.07 17.65 -7.08
N GLN A 174 15.38 17.77 -7.00
CA GLN A 174 16.24 16.64 -6.63
C GLN A 174 15.69 15.92 -5.41
N ASP A 175 14.96 16.65 -4.58
CA ASP A 175 14.38 16.07 -3.37
C ASP A 175 13.24 15.11 -3.73
N ILE A 176 12.57 15.40 -4.85
CA ILE A 176 11.47 14.57 -5.32
C ILE A 176 11.98 13.29 -5.97
N GLN A 177 13.03 13.43 -6.78
CA GLN A 177 13.63 12.29 -7.47
C GLN A 177 13.99 11.19 -6.48
N LYS A 178 14.20 11.58 -5.23
CA LYS A 178 14.56 10.62 -4.18
C LYS A 178 13.32 9.85 -3.70
N SER A 179 12.17 10.51 -3.76
CA SER A 179 10.92 9.89 -3.32
C SER A 179 10.23 9.16 -4.47
N MET A 180 10.14 9.82 -5.61
CA MET A 180 9.49 9.24 -6.78
C MET A 180 10.26 8.03 -7.30
N ALA A 181 11.57 8.20 -7.46
CA ALA A 181 12.42 7.12 -7.95
C ALA A 181 12.48 5.96 -6.96
N ALA A 182 12.11 6.22 -5.71
CA ALA A 182 12.11 5.20 -4.69
C ALA A 182 10.77 4.47 -4.67
N PHE A 183 9.70 5.23 -4.83
CA PHE A 183 8.35 4.68 -4.86
C PHE A 183 8.14 3.84 -6.12
N LYS A 184 8.70 4.31 -7.23
CA LYS A 184 8.58 3.61 -8.50
C LYS A 184 9.50 2.40 -8.57
N ASN A 185 10.75 2.59 -8.14
CA ASN A 185 11.72 1.50 -8.13
C ASN A 185 11.14 0.25 -7.49
N LEU A 186 10.17 0.46 -6.61
CA LEU A 186 9.50 -0.64 -5.92
C LEU A 186 8.90 -1.61 -6.92
N SER A 187 8.31 -1.06 -7.98
CA SER A 187 7.68 -1.88 -9.00
C SER A 187 8.72 -2.57 -9.90
N ALA A 188 9.80 -1.85 -10.19
CA ALA A 188 10.85 -2.39 -11.04
C ALA A 188 11.62 -3.49 -10.33
N GLN A 189 11.67 -3.41 -9.00
CA GLN A 189 12.39 -4.39 -8.19
C GLN A 189 11.53 -5.62 -7.94
N CYS A 190 10.21 -5.44 -7.93
CA CYS A 190 9.28 -6.53 -7.66
C CYS A 190 9.00 -7.34 -8.93
N GLN A 191 9.23 -6.74 -10.09
CA GLN A 191 8.94 -7.40 -11.36
C GLN A 191 9.85 -8.60 -11.60
N GLU A 192 11.12 -8.48 -11.23
CA GLU A 192 12.07 -9.57 -11.44
C GLU A 192 12.47 -10.23 -10.11
N VAL A 193 12.88 -9.42 -9.13
CA VAL A 193 13.26 -9.93 -7.82
C VAL A 193 14.21 -11.12 -7.94
N ARG A 194 14.95 -11.17 -9.05
CA ARG A 194 15.90 -12.24 -9.30
C ARG A 194 17.17 -12.05 -8.50
N LYS A 195 17.76 -10.87 -8.63
CA LYS A 195 19.01 -10.55 -7.93
C LYS A 195 18.84 -10.63 -6.42
N ARG A 196 17.59 -10.58 -5.96
CA ARG A 196 17.30 -10.61 -4.53
C ARG A 196 18.01 -11.78 -3.85
N LYS A 197 17.61 -13.00 -4.21
CA LYS A 197 18.19 -14.20 -3.60
C LYS A 197 19.55 -14.54 -4.21
N GLU A 198 19.89 -13.90 -5.33
CA GLU A 198 21.16 -14.14 -5.99
C GLU A 198 22.30 -13.43 -5.24
N LEU A 199 22.02 -12.23 -4.75
CA LEU A 199 23.01 -11.45 -4.02
C LEU A 199 23.45 -12.19 -2.76
N GLU A 200 22.50 -12.84 -2.10
CA GLU A 200 22.79 -13.58 -0.89
C GLU A 200 23.61 -14.83 -1.21
N LEU A 201 22.96 -15.80 -1.84
CA LEU A 201 23.63 -17.05 -2.21
C LEU A 201 24.19 -17.75 -0.98
N GLN A 202 23.36 -18.55 -0.34
CA GLN A 202 23.75 -19.29 0.85
C GLN A 202 22.80 -20.47 1.06
N ILE A 203 21.51 -20.18 1.09
CA ILE A 203 20.49 -21.20 1.23
C ILE A 203 20.05 -21.70 -0.15
N LEU A 204 20.35 -20.93 -1.19
CA LEU A 204 20.00 -21.30 -2.56
C LEU A 204 20.37 -22.75 -2.85
N THR A 205 19.92 -23.25 -4.00
CA THR A 205 20.19 -24.63 -4.39
C THR A 205 21.52 -24.72 -5.14
N GLU A 206 22.61 -24.92 -4.41
CA GLU A 206 23.92 -25.03 -5.00
C GLU A 206 24.26 -26.47 -5.35
N ALA A 207 25.23 -26.65 -6.25
CA ALA A 207 25.65 -27.98 -6.66
C ALA A 207 27.18 -28.04 -6.84
N ILE A 208 27.88 -27.06 -6.26
CA ILE A 208 29.34 -27.02 -6.37
C ILE A 208 29.96 -28.38 -6.03
N ARG A 209 31.13 -28.65 -6.59
CA ARG A 209 31.81 -29.91 -6.36
C ARG A 209 33.32 -29.72 -6.39
N MET A 1 -9.96 21.60 11.42
CA MET A 1 -9.11 22.66 12.03
C MET A 1 -7.72 22.14 12.34
N LYS A 2 -7.65 21.10 13.15
CA LYS A 2 -6.37 20.51 13.55
C LYS A 2 -5.60 20.00 12.34
N GLY A 3 -4.38 20.51 12.16
CA GLY A 3 -3.54 20.10 11.05
C GLY A 3 -3.57 21.07 9.90
N PHE A 4 -4.77 21.50 9.53
CA PHE A 4 -4.94 22.43 8.42
C PHE A 4 -5.62 23.71 8.89
N ASP A 5 -5.07 24.30 9.96
CA ASP A 5 -5.61 25.53 10.52
C ASP A 5 -4.95 26.76 9.88
N THR A 6 -5.66 27.39 8.96
CA THR A 6 -5.14 28.58 8.27
C THR A 6 -6.24 29.28 7.47
N THR A 7 -7.08 28.48 6.81
CA THR A 7 -8.16 29.03 6.01
C THR A 7 -7.61 29.77 4.79
N ALA A 8 -6.92 29.04 3.92
CA ALA A 8 -6.34 29.62 2.72
C ALA A 8 -7.41 29.90 1.67
N ILE A 9 -6.99 30.19 0.44
CA ILE A 9 -7.93 30.50 -0.64
C ILE A 9 -7.68 29.63 -1.87
N ASN A 10 -6.42 29.56 -2.29
CA ASN A 10 -6.03 28.78 -3.45
C ASN A 10 -6.99 29.02 -4.63
N LYS A 11 -8.01 28.16 -4.78
CA LYS A 11 -8.96 28.32 -5.87
C LYS A 11 -10.03 27.24 -5.83
N SER A 12 -9.64 26.00 -6.15
CA SER A 12 -10.57 24.88 -6.15
C SER A 12 -9.94 23.65 -6.80
N TYR A 13 -9.06 23.89 -7.77
CA TYR A 13 -8.40 22.81 -8.49
C TYR A 13 -7.74 21.83 -7.52
N TYR A 14 -7.35 22.31 -6.35
CA TYR A 14 -6.68 21.47 -5.37
C TYR A 14 -7.56 20.33 -4.91
N ASN A 15 -8.78 20.67 -4.49
CA ASN A 15 -9.72 19.65 -4.03
C ASN A 15 -10.16 18.73 -5.17
N VAL A 16 -9.87 19.13 -6.41
CA VAL A 16 -10.23 18.33 -7.57
C VAL A 16 -9.21 17.21 -7.79
N VAL A 17 -7.93 17.53 -7.60
CA VAL A 17 -6.86 16.56 -7.78
C VAL A 17 -7.04 15.39 -6.82
N LEU A 18 -7.03 15.68 -5.53
CA LEU A 18 -7.16 14.65 -4.51
C LEU A 18 -8.35 13.74 -4.79
N GLN A 19 -9.44 14.33 -5.27
CA GLN A 19 -10.64 13.56 -5.57
C GLN A 19 -10.37 12.52 -6.64
N ASN A 20 -9.62 12.90 -7.66
CA ASN A 20 -9.27 11.97 -8.72
C ASN A 20 -8.62 10.72 -8.13
N ILE A 21 -7.66 10.96 -7.25
CA ILE A 21 -6.94 9.88 -6.59
C ILE A 21 -7.85 9.12 -5.63
N LEU A 22 -8.84 9.80 -5.07
CA LEU A 22 -9.77 9.14 -4.17
C LEU A 22 -10.42 7.96 -4.86
N GLU A 23 -11.02 8.22 -6.02
CA GLU A 23 -11.68 7.16 -6.79
C GLU A 23 -10.72 5.99 -7.00
N THR A 24 -9.57 6.26 -7.59
CA THR A 24 -8.58 5.23 -7.86
C THR A 24 -8.18 4.51 -6.58
N GLU A 25 -7.74 5.28 -5.58
CA GLU A 25 -7.34 4.70 -4.31
C GLU A 25 -8.52 4.03 -3.62
N ASN A 26 -9.73 4.44 -3.99
CA ASN A 26 -10.92 3.86 -3.40
C ASN A 26 -10.89 2.36 -3.58
N GLU A 27 -10.64 1.92 -4.81
CA GLU A 27 -10.58 0.50 -5.09
C GLU A 27 -9.43 -0.19 -4.36
N TYR A 28 -8.54 0.58 -3.76
CA TYR A 28 -7.42 0.02 -3.02
C TYR A 28 -7.85 -0.24 -1.58
N SER A 29 -8.45 0.76 -0.98
CA SER A 29 -8.95 0.65 0.39
C SER A 29 -10.28 -0.09 0.40
N LYS A 30 -11.01 0.02 -0.70
CA LYS A 30 -12.30 -0.65 -0.87
C LYS A 30 -12.09 -2.15 -1.08
N GLU A 31 -11.01 -2.50 -1.76
CA GLU A 31 -10.69 -3.90 -2.04
C GLU A 31 -10.30 -4.64 -0.78
N LEU A 32 -9.33 -4.09 -0.06
CA LEU A 32 -8.86 -4.69 1.18
C LEU A 32 -10.01 -4.88 2.16
N GLN A 33 -10.83 -3.84 2.30
CA GLN A 33 -11.95 -3.87 3.21
C GLN A 33 -12.97 -4.94 2.81
N THR A 34 -13.18 -5.12 1.51
CA THR A 34 -14.12 -6.12 1.02
C THR A 34 -13.85 -7.48 1.67
N VAL A 35 -12.74 -8.10 1.27
CA VAL A 35 -12.35 -9.40 1.82
C VAL A 35 -12.26 -9.32 3.34
N LEU A 36 -11.77 -8.21 3.86
CA LEU A 36 -11.63 -8.03 5.30
C LEU A 36 -12.98 -8.22 6.00
N SER A 37 -13.88 -7.26 5.81
CA SER A 37 -15.20 -7.33 6.44
C SER A 37 -16.03 -8.50 5.92
N THR A 38 -15.60 -9.11 4.82
CA THR A 38 -16.34 -10.21 4.23
C THR A 38 -16.04 -11.53 4.92
N TYR A 39 -14.80 -12.02 4.78
CA TYR A 39 -14.44 -13.30 5.36
C TYR A 39 -13.13 -13.25 6.15
N LEU A 40 -12.39 -12.14 6.05
CA LEU A 40 -11.12 -12.01 6.75
C LEU A 40 -11.32 -11.53 8.19
N ARG A 41 -12.41 -10.81 8.43
CA ARG A 41 -12.70 -10.26 9.76
C ARG A 41 -12.38 -11.27 10.88
N PRO A 42 -12.80 -12.54 10.73
CA PRO A 42 -12.56 -13.58 11.73
C PRO A 42 -11.14 -14.13 11.68
N LEU A 43 -10.50 -13.99 10.51
CA LEU A 43 -9.14 -14.49 10.32
C LEU A 43 -8.12 -13.42 10.74
N GLN A 44 -8.49 -12.16 10.53
CA GLN A 44 -7.64 -11.02 10.85
C GLN A 44 -6.94 -11.18 12.20
N THR A 45 -7.54 -11.95 13.11
CA THR A 45 -6.94 -12.18 14.42
C THR A 45 -5.76 -13.15 14.35
N SER A 46 -5.40 -13.59 13.14
CA SER A 46 -4.31 -14.54 12.96
C SER A 46 -4.69 -15.91 13.52
N GLU A 47 -5.99 -16.15 13.62
CA GLU A 47 -6.51 -17.41 14.16
C GLU A 47 -5.69 -18.62 13.69
N LYS A 48 -5.57 -18.77 12.37
CA LYS A 48 -4.81 -19.89 11.81
C LYS A 48 -3.39 -19.47 11.42
N LEU A 49 -3.21 -18.17 11.19
CA LEU A 49 -1.89 -17.65 10.80
C LEU A 49 -1.14 -17.10 12.00
N SER A 50 -1.29 -17.74 13.16
CA SER A 50 -0.61 -17.31 14.37
C SER A 50 0.67 -18.10 14.60
N SER A 51 1.33 -18.47 13.50
CA SER A 51 2.56 -19.24 13.57
C SER A 51 3.62 -18.65 12.63
N ALA A 52 4.15 -17.49 13.01
CA ALA A 52 5.17 -16.83 12.20
C ALA A 52 4.68 -16.61 10.77
N ASN A 53 3.36 -16.61 10.58
CA ASN A 53 2.78 -16.40 9.26
C ASN A 53 2.84 -14.93 8.85
N ILE A 54 3.04 -14.06 9.84
CA ILE A 54 3.12 -12.63 9.58
C ILE A 54 4.22 -12.32 8.55
N SER A 55 5.46 -12.57 8.93
CA SER A 55 6.61 -12.31 8.06
C SER A 55 6.34 -12.76 6.62
N TYR A 56 5.47 -13.75 6.45
CA TYR A 56 5.16 -14.26 5.11
C TYR A 56 4.02 -13.47 4.45
N LEU A 57 2.78 -13.89 4.69
CA LEU A 57 1.62 -13.23 4.08
C LEU A 57 1.06 -12.12 4.94
N MET A 58 0.32 -12.49 5.98
CA MET A 58 -0.32 -11.53 6.88
C MET A 58 0.53 -10.29 7.12
N GLY A 59 1.81 -10.48 7.39
CA GLY A 59 2.71 -9.36 7.62
C GLY A 59 2.53 -8.24 6.61
N ASN A 60 2.08 -8.60 5.42
CA ASN A 60 1.85 -7.62 4.37
C ASN A 60 0.40 -7.12 4.41
N LEU A 61 -0.53 -7.99 3.99
CA LEU A 61 -1.94 -7.63 3.96
C LEU A 61 -2.49 -7.30 5.35
N GLU A 62 -2.15 -8.13 6.34
CA GLU A 62 -2.64 -7.93 7.70
C GLU A 62 -2.21 -6.56 8.22
N GLU A 63 -1.03 -6.11 7.83
CA GLU A 63 -0.51 -4.82 8.27
C GLU A 63 -1.08 -3.68 7.42
N ILE A 64 -1.06 -3.87 6.10
CA ILE A 64 -1.57 -2.86 5.18
C ILE A 64 -2.98 -2.41 5.59
N CYS A 65 -3.70 -3.28 6.26
CA CYS A 65 -5.05 -2.97 6.72
C CYS A 65 -5.10 -1.59 7.37
N SER A 66 -4.17 -1.36 8.30
CA SER A 66 -4.08 -0.07 8.97
C SER A 66 -3.56 0.98 8.00
N PHE A 67 -2.65 0.57 7.12
CA PHE A 67 -2.10 1.47 6.13
C PHE A 67 -3.17 1.96 5.16
N GLN A 68 -3.78 1.03 4.42
CA GLN A 68 -4.84 1.37 3.48
C GLN A 68 -5.83 2.36 4.10
N GLN A 69 -5.98 2.29 5.42
CA GLN A 69 -6.89 3.19 6.14
C GLN A 69 -6.27 4.57 6.30
N MET A 70 -5.09 4.62 6.90
CA MET A 70 -4.40 5.89 7.13
C MET A 70 -3.88 6.48 5.83
N LEU A 71 -3.51 5.61 4.89
CA LEU A 71 -2.98 6.03 3.59
C LEU A 71 -3.67 7.29 3.06
N VAL A 72 -4.95 7.18 2.73
CA VAL A 72 -5.71 8.30 2.19
C VAL A 72 -6.23 9.21 3.30
N GLN A 73 -6.68 8.62 4.40
CA GLN A 73 -7.24 9.38 5.52
C GLN A 73 -6.19 10.18 6.27
N SER A 74 -4.92 9.94 5.99
CA SER A 74 -3.85 10.64 6.70
C SER A 74 -3.49 11.95 6.04
N LEU A 75 -3.09 11.89 4.78
CA LEU A 75 -2.62 13.08 4.07
C LEU A 75 -3.75 13.80 3.33
N GLU A 76 -4.73 13.07 2.82
CA GLU A 76 -5.81 13.68 2.05
C GLU A 76 -6.71 14.53 2.94
N GLU A 77 -7.15 13.96 4.06
CA GLU A 77 -8.03 14.67 4.99
C GLU A 77 -7.49 16.07 5.26
N CYS A 78 -6.18 16.19 5.19
CA CYS A 78 -5.54 17.47 5.43
C CYS A 78 -5.65 18.36 4.20
N THR A 79 -4.97 17.97 3.12
CA THR A 79 -5.01 18.71 1.87
C THR A 79 -6.43 19.18 1.56
N LYS A 80 -7.41 18.30 1.82
CA LYS A 80 -8.82 18.61 1.63
C LYS A 80 -9.15 19.99 2.18
N LEU A 81 -8.76 20.24 3.42
CA LEU A 81 -8.93 21.57 3.99
C LEU A 81 -8.08 22.54 3.18
N PRO A 82 -8.56 23.77 2.97
CA PRO A 82 -7.89 24.78 2.13
C PRO A 82 -6.35 24.73 2.14
N GLU A 83 -5.77 23.80 1.37
CA GLU A 83 -4.30 23.69 1.20
C GLU A 83 -3.50 24.21 2.40
N ALA A 84 -3.20 25.50 2.42
CA ALA A 84 -2.41 26.09 3.50
C ALA A 84 -0.99 25.56 3.50
N GLN A 85 -0.80 24.30 3.94
CA GLN A 85 0.53 23.70 4.00
C GLN A 85 0.47 22.18 3.91
N GLN A 86 -0.20 21.67 2.89
CA GLN A 86 -0.30 20.23 2.68
C GLN A 86 1.03 19.51 2.90
N ARG A 87 1.84 19.38 1.84
CA ARG A 87 3.14 18.72 1.93
C ARG A 87 2.99 17.22 2.10
N VAL A 88 2.74 16.51 0.99
CA VAL A 88 2.59 15.06 1.04
C VAL A 88 3.89 14.39 1.48
N GLY A 89 5.00 14.77 0.84
CA GLY A 89 6.29 14.18 1.16
C GLY A 89 6.51 13.98 2.65
N GLY A 90 6.29 15.04 3.43
CA GLY A 90 6.48 14.94 4.87
C GLY A 90 5.78 13.74 5.46
N CYS A 91 4.59 13.43 4.96
CA CYS A 91 3.82 12.29 5.45
C CYS A 91 4.37 10.98 4.88
N PHE A 92 4.22 10.80 3.57
CA PHE A 92 4.67 9.58 2.91
C PHE A 92 6.13 9.26 3.27
N LEU A 93 6.90 10.28 3.64
CA LEU A 93 8.30 10.09 4.01
C LEU A 93 8.44 9.48 5.40
N ASN A 94 7.68 10.03 6.34
CA ASN A 94 7.71 9.55 7.72
C ASN A 94 6.99 8.21 7.82
N LEU A 95 6.07 7.98 6.89
CA LEU A 95 5.32 6.74 6.86
C LEU A 95 6.07 5.68 6.03
N MET A 96 7.10 6.11 5.30
CA MET A 96 7.90 5.20 4.48
C MET A 96 8.48 4.06 5.31
N PRO A 97 9.18 4.38 6.42
CA PRO A 97 9.80 3.39 7.30
C PRO A 97 8.94 2.14 7.46
N GLN A 98 7.63 2.32 7.59
CA GLN A 98 6.71 1.21 7.76
C GLN A 98 6.24 0.67 6.42
N MET A 99 6.22 1.55 5.41
CA MET A 99 5.80 1.17 4.07
C MET A 99 6.87 0.37 3.37
N LYS A 100 8.08 0.92 3.36
CA LYS A 100 9.22 0.28 2.72
C LYS A 100 9.44 -1.13 3.26
N THR A 101 9.00 -1.36 4.48
CA THR A 101 9.16 -2.69 5.10
C THR A 101 8.22 -3.70 4.46
N LEU A 102 7.00 -3.27 4.16
CA LEU A 102 6.01 -4.14 3.56
C LEU A 102 6.10 -4.11 2.03
N TYR A 103 6.18 -2.91 1.49
CA TYR A 103 6.23 -2.73 0.05
C TYR A 103 7.26 -3.64 -0.60
N LEU A 104 8.50 -3.58 -0.12
CA LEU A 104 9.56 -4.41 -0.65
C LEU A 104 9.23 -5.89 -0.50
N THR A 105 8.83 -6.28 0.71
CA THR A 105 8.49 -7.67 0.98
C THR A 105 7.28 -8.13 0.19
N TYR A 106 6.35 -7.20 -0.07
CA TYR A 106 5.15 -7.50 -0.83
C TYR A 106 5.49 -8.15 -2.17
N CYS A 107 6.32 -7.48 -2.95
CA CYS A 107 6.72 -7.97 -4.26
C CYS A 107 7.53 -9.26 -4.14
N ALA A 108 8.28 -9.38 -3.04
CA ALA A 108 9.11 -10.56 -2.81
C ALA A 108 8.27 -11.73 -2.31
N ASN A 109 7.12 -11.43 -1.73
CA ASN A 109 6.23 -12.47 -1.21
C ASN A 109 5.25 -12.93 -2.29
N HIS A 110 5.11 -12.16 -3.37
CA HIS A 110 4.21 -12.51 -4.45
C HIS A 110 4.33 -13.99 -4.82
N PRO A 111 5.56 -14.46 -5.06
CA PRO A 111 5.81 -15.87 -5.42
C PRO A 111 5.21 -16.84 -4.43
N SER A 112 5.59 -16.71 -3.16
CA SER A 112 5.09 -17.58 -2.10
C SER A 112 3.61 -17.31 -1.84
N ALA A 113 3.20 -16.05 -2.04
CA ALA A 113 1.81 -15.65 -1.84
C ALA A 113 0.85 -16.69 -2.44
N VAL A 114 0.89 -16.81 -3.77
CA VAL A 114 0.05 -17.79 -4.46
C VAL A 114 0.21 -19.17 -3.85
N ASN A 115 1.39 -19.43 -3.28
CA ASN A 115 1.67 -20.73 -2.67
C ASN A 115 1.03 -20.84 -1.30
N VAL A 116 1.12 -19.77 -0.51
CA VAL A 116 0.54 -19.77 0.84
C VAL A 116 -0.87 -20.32 0.84
N LEU A 117 -1.64 -19.95 -0.18
CA LEU A 117 -3.03 -20.37 -0.29
C LEU A 117 -3.16 -21.85 -0.63
N THR A 118 -2.68 -22.22 -1.81
CA THR A 118 -2.73 -23.61 -2.23
C THR A 118 -2.13 -24.50 -1.16
N GLU A 119 -1.23 -23.92 -0.37
CA GLU A 119 -0.60 -24.63 0.73
C GLU A 119 -1.45 -24.51 2.00
N HIS A 120 -2.16 -23.39 2.12
CA HIS A 120 -3.01 -23.17 3.29
C HIS A 120 -4.48 -23.30 2.91
N SER A 121 -4.75 -24.11 1.91
CA SER A 121 -6.12 -24.32 1.43
C SER A 121 -6.96 -25.05 2.48
N GLU A 122 -6.33 -25.98 3.18
CA GLU A 122 -7.02 -26.78 4.20
C GLU A 122 -7.14 -26.03 5.53
N GLU A 123 -6.01 -25.54 6.03
CA GLU A 123 -6.00 -24.83 7.30
C GLU A 123 -6.95 -23.64 7.27
N LEU A 124 -6.83 -22.84 6.22
CA LEU A 124 -7.70 -21.69 6.04
C LEU A 124 -9.13 -22.14 5.81
N GLY A 125 -9.31 -23.05 4.85
CA GLY A 125 -10.63 -23.57 4.55
C GLY A 125 -11.28 -24.18 5.77
N GLU A 126 -10.48 -24.50 6.78
CA GLU A 126 -11.00 -25.09 8.01
C GLU A 126 -11.63 -24.05 8.91
N PHE A 127 -10.87 -23.00 9.24
CA PHE A 127 -11.38 -21.95 10.11
C PHE A 127 -12.67 -21.36 9.53
N MET A 128 -12.86 -21.50 8.23
CA MET A 128 -14.04 -20.96 7.55
C MET A 128 -15.30 -21.76 7.88
N GLU A 129 -15.16 -22.85 8.65
CA GLU A 129 -16.30 -23.70 8.98
C GLU A 129 -17.48 -22.88 9.48
N THR A 130 -17.19 -21.70 10.03
CA THR A 130 -18.23 -20.83 10.54
C THR A 130 -19.09 -20.24 9.41
N LYS A 131 -18.74 -20.53 8.14
CA LYS A 131 -19.51 -20.06 6.99
C LYS A 131 -19.20 -18.59 6.67
N GLY A 132 -17.98 -18.16 6.99
CA GLY A 132 -17.61 -16.78 6.72
C GLY A 132 -17.12 -16.55 5.30
N ALA A 133 -17.06 -17.62 4.51
CA ALA A 133 -16.61 -17.53 3.12
C ALA A 133 -17.69 -16.90 2.24
N SER A 134 -17.28 -16.47 1.05
CA SER A 134 -18.22 -15.85 0.11
C SER A 134 -18.59 -16.82 -1.01
N SER A 135 -17.61 -17.20 -1.81
CA SER A 135 -17.84 -18.12 -2.91
C SER A 135 -16.56 -18.81 -3.33
N PRO A 136 -15.57 -18.07 -3.83
CA PRO A 136 -14.30 -18.67 -4.25
C PRO A 136 -13.48 -19.17 -3.06
N GLY A 137 -14.10 -20.00 -2.22
CA GLY A 137 -13.41 -20.56 -1.06
C GLY A 137 -12.68 -19.49 -0.26
N ILE A 138 -11.59 -19.89 0.39
CA ILE A 138 -10.81 -18.96 1.20
C ILE A 138 -9.61 -18.41 0.42
N LEU A 139 -9.37 -18.95 -0.78
CA LEU A 139 -8.26 -18.49 -1.60
C LEU A 139 -8.52 -17.08 -2.15
N VAL A 140 -9.76 -16.58 -1.99
CA VAL A 140 -10.15 -15.26 -2.47
C VAL A 140 -9.03 -14.23 -2.34
N LEU A 141 -8.19 -14.38 -1.29
CA LEU A 141 -7.08 -13.46 -1.03
C LEU A 141 -6.40 -13.03 -2.33
N THR A 142 -5.46 -13.85 -2.81
CA THR A 142 -4.71 -13.54 -4.02
C THR A 142 -5.66 -13.15 -5.16
N THR A 143 -6.67 -13.97 -5.40
CA THR A 143 -7.62 -13.72 -6.49
C THR A 143 -8.10 -12.27 -6.47
N GLY A 144 -8.62 -11.84 -5.32
CA GLY A 144 -9.09 -10.48 -5.20
C GLY A 144 -7.95 -9.50 -4.97
N LEU A 145 -6.84 -10.00 -4.44
CA LEU A 145 -5.68 -9.17 -4.14
C LEU A 145 -4.66 -9.21 -5.28
N SER A 146 -5.14 -9.45 -6.49
CA SER A 146 -4.27 -9.49 -7.66
C SER A 146 -3.54 -8.16 -7.82
N LYS A 147 -4.25 -7.17 -8.37
CA LYS A 147 -3.69 -5.84 -8.59
C LYS A 147 -2.79 -5.40 -7.43
N PRO A 148 -1.46 -5.56 -7.59
CA PRO A 148 -0.49 -5.20 -6.57
C PRO A 148 -0.12 -3.72 -6.64
N PHE A 149 0.73 -3.37 -7.61
CA PHE A 149 1.16 -1.99 -7.78
C PHE A 149 0.38 -1.28 -8.90
N MET A 150 -0.68 -1.92 -9.40
CA MET A 150 -1.49 -1.35 -10.46
C MET A 150 -2.05 0.01 -10.06
N ARG A 151 -2.10 0.27 -8.76
CA ARG A 151 -2.64 1.53 -8.25
C ARG A 151 -1.53 2.54 -7.99
N LEU A 152 -0.32 2.05 -7.77
CA LEU A 152 0.82 2.92 -7.50
C LEU A 152 1.27 3.66 -8.77
N ASP A 153 0.81 3.20 -9.93
CA ASP A 153 1.19 3.83 -11.20
C ASP A 153 0.59 5.23 -11.32
N LYS A 154 -0.36 5.56 -10.45
CA LYS A 154 -1.00 6.88 -10.48
C LYS A 154 -0.47 7.78 -9.38
N TYR A 155 0.10 7.17 -8.33
CA TYR A 155 0.64 7.90 -7.20
C TYR A 155 1.43 9.14 -7.62
N PRO A 156 2.46 8.95 -8.48
CA PRO A 156 3.31 10.05 -8.95
C PRO A 156 2.51 11.29 -9.35
N THR A 157 1.24 11.11 -9.66
CA THR A 157 0.40 12.22 -10.08
C THR A 157 0.37 13.30 -9.00
N LEU A 158 0.01 12.90 -7.79
CA LEU A 158 -0.03 13.82 -6.67
C LEU A 158 1.37 14.29 -6.30
N LEU A 159 2.30 13.33 -6.28
CA LEU A 159 3.69 13.62 -5.96
C LEU A 159 4.27 14.66 -6.91
N LYS A 160 3.62 14.84 -8.06
CA LYS A 160 4.10 15.79 -9.06
C LYS A 160 3.53 17.19 -8.84
N GLU A 161 2.20 17.31 -8.96
CA GLU A 161 1.53 18.60 -8.81
C GLU A 161 1.27 18.93 -7.34
N LEU A 162 0.71 17.96 -6.62
CA LEU A 162 0.39 18.16 -5.22
C LEU A 162 1.61 18.63 -4.44
N GLU A 163 2.79 18.34 -4.97
CA GLU A 163 4.04 18.72 -4.32
C GLU A 163 4.46 20.15 -4.70
N ARG A 164 4.19 20.54 -5.95
CA ARG A 164 4.56 21.89 -6.41
C ARG A 164 4.10 22.96 -5.42
N HIS A 165 3.01 22.69 -4.73
CA HIS A 165 2.47 23.64 -3.76
C HIS A 165 1.91 24.88 -4.45
N MET A 166 1.44 24.71 -5.69
CA MET A 166 0.90 25.81 -6.45
C MET A 166 1.96 26.87 -6.75
N GLU A 167 3.18 26.39 -6.98
CA GLU A 167 4.30 27.29 -7.29
C GLU A 167 4.36 28.45 -6.30
N ASP A 168 4.20 28.15 -5.02
CA ASP A 168 4.20 29.18 -3.98
C ASP A 168 5.50 29.99 -3.99
N TYR A 169 5.56 30.98 -4.87
CA TYR A 169 6.73 31.85 -4.97
C TYR A 169 7.98 31.05 -5.35
N HIS A 170 8.40 31.20 -6.60
CA HIS A 170 9.60 30.52 -7.08
C HIS A 170 9.37 29.01 -7.19
N THR A 171 8.93 28.58 -8.36
CA THR A 171 8.68 27.16 -8.60
C THR A 171 9.89 26.33 -8.19
N ASP A 172 9.65 25.17 -7.57
CA ASP A 172 10.73 24.30 -7.11
C ASP A 172 10.35 22.82 -7.23
N ARG A 173 10.75 22.21 -8.33
CA ARG A 173 10.45 20.81 -8.60
C ARG A 173 11.53 19.88 -8.04
N GLN A 174 12.77 20.34 -8.11
CA GLN A 174 13.91 19.55 -7.63
C GLN A 174 13.61 18.94 -6.25
N ASP A 175 12.74 19.58 -5.50
CA ASP A 175 12.37 19.10 -4.18
C ASP A 175 11.61 17.78 -4.27
N ILE A 176 10.85 17.62 -5.34
CA ILE A 176 10.05 16.42 -5.56
C ILE A 176 10.92 15.19 -5.83
N GLN A 177 12.14 15.42 -6.31
CA GLN A 177 13.05 14.33 -6.59
C GLN A 177 13.22 13.44 -5.37
N LYS A 178 13.43 14.09 -4.24
CA LYS A 178 13.62 13.39 -2.98
C LYS A 178 12.41 12.54 -2.64
N SER A 179 11.23 13.02 -3.04
CA SER A 179 9.98 12.31 -2.79
C SER A 179 9.76 11.21 -3.83
N MET A 180 9.86 11.58 -5.09
CA MET A 180 9.65 10.64 -6.19
C MET A 180 10.73 9.56 -6.20
N ALA A 181 11.97 9.97 -5.91
CA ALA A 181 13.09 9.04 -5.89
C ALA A 181 12.97 8.05 -4.73
N ALA A 182 12.20 8.43 -3.71
CA ALA A 182 12.00 7.57 -2.55
C ALA A 182 10.87 6.59 -2.80
N PHE A 183 9.76 7.10 -3.31
CA PHE A 183 8.60 6.27 -3.61
C PHE A 183 8.87 5.41 -4.84
N LYS A 184 9.40 6.02 -5.89
CA LYS A 184 9.72 5.30 -7.11
C LYS A 184 10.70 4.17 -6.84
N ASN A 185 11.76 4.47 -6.08
CA ASN A 185 12.76 3.48 -5.74
C ASN A 185 12.10 2.19 -5.25
N LEU A 186 10.91 2.34 -4.69
CA LEU A 186 10.15 1.20 -4.18
C LEU A 186 9.71 0.30 -5.33
N SER A 187 9.32 0.91 -6.44
CA SER A 187 8.89 0.16 -7.60
C SER A 187 10.07 -0.22 -8.49
N ALA A 188 10.95 0.75 -8.72
CA ALA A 188 12.13 0.51 -9.54
C ALA A 188 12.99 -0.61 -8.97
N GLN A 189 12.87 -0.83 -7.67
CA GLN A 189 13.65 -1.87 -6.99
C GLN A 189 12.93 -3.20 -7.03
N CYS A 190 11.67 -3.20 -6.61
CA CYS A 190 10.87 -4.43 -6.58
C CYS A 190 10.95 -5.16 -7.92
N GLN A 191 11.24 -4.42 -8.98
CA GLN A 191 11.35 -5.00 -10.32
C GLN A 191 12.63 -5.82 -10.46
N GLU A 192 13.73 -5.31 -9.91
CA GLU A 192 15.02 -6.00 -10.01
C GLU A 192 15.26 -6.90 -8.80
N VAL A 193 14.71 -6.51 -7.64
CA VAL A 193 14.86 -7.27 -6.42
C VAL A 193 14.42 -8.72 -6.64
N ARG A 194 13.29 -8.88 -7.30
CA ARG A 194 12.74 -10.20 -7.56
C ARG A 194 13.79 -11.13 -8.19
N LYS A 195 14.35 -10.69 -9.32
CA LYS A 195 15.34 -11.48 -10.05
C LYS A 195 16.72 -11.42 -9.40
N ARG A 196 16.92 -10.43 -8.53
CA ARG A 196 18.21 -10.24 -7.86
C ARG A 196 18.84 -11.56 -7.43
N LYS A 197 18.26 -12.21 -6.42
CA LYS A 197 18.77 -13.48 -5.93
C LYS A 197 18.22 -14.64 -6.74
N GLU A 198 17.12 -14.39 -7.44
CA GLU A 198 16.52 -15.38 -8.30
C GLU A 198 17.47 -15.68 -9.46
N LEU A 199 18.27 -14.68 -9.82
CA LEU A 199 19.23 -14.82 -10.90
C LEU A 199 20.42 -15.67 -10.47
N GLU A 200 21.29 -15.11 -9.63
CA GLU A 200 22.46 -15.83 -9.15
C GLU A 200 22.04 -16.96 -8.22
N LEU A 201 22.98 -17.84 -7.91
CA LEU A 201 22.69 -18.96 -7.00
C LEU A 201 23.91 -19.85 -6.86
N GLN A 202 25.08 -19.23 -6.73
CA GLN A 202 26.32 -19.96 -6.56
C GLN A 202 26.63 -20.14 -5.08
N ILE A 203 27.06 -19.06 -4.44
CA ILE A 203 27.39 -19.07 -3.03
C ILE A 203 26.16 -18.77 -2.16
N LEU A 204 25.09 -18.31 -2.79
CA LEU A 204 23.87 -17.97 -2.06
C LEU A 204 23.41 -19.11 -1.17
N THR A 205 22.93 -18.78 0.02
CA THR A 205 22.45 -19.77 0.97
C THR A 205 22.01 -19.10 2.27
N GLU A 206 20.70 -19.09 2.50
CA GLU A 206 20.16 -18.48 3.71
C GLU A 206 19.71 -19.54 4.71
N ALA A 207 18.57 -20.15 4.44
CA ALA A 207 18.03 -21.18 5.33
C ALA A 207 18.10 -22.56 4.69
N ILE A 208 18.06 -22.60 3.37
CA ILE A 208 18.14 -23.87 2.64
C ILE A 208 19.47 -24.57 2.89
N ARG A 209 19.44 -25.66 3.65
CA ARG A 209 20.66 -26.40 3.96
C ARG A 209 20.98 -27.40 2.86
N MET A 1 -13.82 21.00 10.96
CA MET A 1 -12.71 20.44 10.15
C MET A 1 -13.22 19.72 8.91
N LYS A 2 -13.73 18.51 9.11
CA LYS A 2 -14.25 17.71 8.01
C LYS A 2 -13.24 17.62 6.86
N GLY A 3 -11.97 17.81 7.18
CA GLY A 3 -10.94 17.73 6.16
C GLY A 3 -10.33 19.08 5.81
N PHE A 4 -10.41 20.01 6.74
CA PHE A 4 -9.87 21.36 6.54
C PHE A 4 -10.55 22.03 5.34
N ASP A 5 -11.12 23.21 5.58
CA ASP A 5 -11.79 23.98 4.53
C ASP A 5 -13.02 23.23 4.02
N THR A 6 -14.18 23.87 4.13
CA THR A 6 -15.43 23.27 3.67
C THR A 6 -15.95 24.00 2.43
N THR A 7 -15.06 24.71 1.73
CA THR A 7 -15.43 25.44 0.52
C THR A 7 -14.20 25.95 -0.20
N ALA A 8 -14.12 25.67 -1.50
CA ALA A 8 -12.98 26.09 -2.30
C ALA A 8 -13.03 27.59 -2.59
N ILE A 9 -12.26 28.03 -3.59
CA ILE A 9 -12.21 29.43 -3.96
C ILE A 9 -12.72 29.64 -5.39
N ASN A 10 -12.31 28.75 -6.29
CA ASN A 10 -12.72 28.83 -7.68
C ASN A 10 -12.29 27.59 -8.46
N LYS A 11 -11.00 27.31 -8.42
CA LYS A 11 -10.44 26.16 -9.13
C LYS A 11 -9.15 25.70 -8.47
N SER A 12 -9.09 25.79 -7.15
CA SER A 12 -7.91 25.38 -6.39
C SER A 12 -7.64 23.89 -6.56
N TYR A 13 -6.57 23.57 -7.30
CA TYR A 13 -6.20 22.17 -7.53
C TYR A 13 -5.76 21.51 -6.23
N TYR A 14 -5.07 22.27 -5.38
CA TYR A 14 -4.58 21.77 -4.10
C TYR A 14 -5.69 21.02 -3.35
N ASN A 15 -6.83 21.68 -3.18
CA ASN A 15 -7.94 21.10 -2.44
C ASN A 15 -8.67 20.04 -3.26
N VAL A 16 -8.60 20.14 -4.58
CA VAL A 16 -9.28 19.19 -5.46
C VAL A 16 -8.56 17.86 -5.47
N VAL A 17 -7.25 17.91 -5.64
CA VAL A 17 -6.42 16.71 -5.69
C VAL A 17 -6.58 15.86 -4.44
N LEU A 18 -6.27 16.44 -3.28
CA LEU A 18 -6.37 15.71 -2.01
C LEU A 18 -7.75 15.09 -1.89
N GLN A 19 -8.77 15.87 -2.24
CA GLN A 19 -10.15 15.40 -2.17
C GLN A 19 -10.32 14.09 -2.93
N ASN A 20 -9.87 14.08 -4.18
CA ASN A 20 -9.96 12.88 -5.01
C ASN A 20 -9.19 11.74 -4.35
N ILE A 21 -8.08 12.08 -3.71
CA ILE A 21 -7.26 11.09 -3.04
C ILE A 21 -8.02 10.45 -1.88
N LEU A 22 -8.88 11.23 -1.23
CA LEU A 22 -9.70 10.68 -0.16
C LEU A 22 -10.60 9.58 -0.71
N GLU A 23 -11.01 9.74 -1.97
CA GLU A 23 -11.84 8.77 -2.65
C GLU A 23 -10.99 7.60 -3.13
N THR A 24 -9.88 7.93 -3.81
CA THR A 24 -8.99 6.91 -4.34
C THR A 24 -8.49 6.00 -3.23
N GLU A 25 -7.91 6.59 -2.20
CA GLU A 25 -7.38 5.83 -1.06
C GLU A 25 -8.49 5.04 -0.38
N ASN A 26 -9.70 5.62 -0.36
CA ASN A 26 -10.84 4.96 0.26
C ASN A 26 -11.01 3.56 -0.29
N GLU A 27 -10.74 3.39 -1.58
CA GLU A 27 -10.84 2.08 -2.22
C GLU A 27 -9.82 1.13 -1.62
N TYR A 28 -8.65 1.67 -1.32
CA TYR A 28 -7.57 0.90 -0.73
C TYR A 28 -7.86 0.60 0.75
N SER A 29 -8.37 1.60 1.45
CA SER A 29 -8.69 1.45 2.87
C SER A 29 -9.97 0.65 3.03
N LYS A 30 -11.03 1.07 2.34
CA LYS A 30 -12.31 0.38 2.40
C LYS A 30 -12.15 -1.10 2.05
N GLU A 31 -11.09 -1.41 1.29
CA GLU A 31 -10.82 -2.78 0.89
C GLU A 31 -10.43 -3.62 2.09
N LEU A 32 -9.36 -3.22 2.76
CA LEU A 32 -8.89 -3.93 3.94
C LEU A 32 -9.86 -3.78 5.11
N GLN A 33 -10.23 -2.54 5.42
CA GLN A 33 -11.15 -2.27 6.51
C GLN A 33 -12.40 -3.15 6.40
N THR A 34 -12.78 -3.46 5.18
CA THR A 34 -13.94 -4.29 4.91
C THR A 34 -13.57 -5.77 5.01
N VAL A 35 -12.69 -6.22 4.12
CA VAL A 35 -12.25 -7.60 4.09
C VAL A 35 -11.74 -8.04 5.47
N LEU A 36 -11.07 -7.12 6.16
CA LEU A 36 -10.52 -7.40 7.48
C LEU A 36 -11.59 -7.97 8.41
N SER A 37 -12.55 -7.12 8.79
CA SER A 37 -13.61 -7.52 9.70
C SER A 37 -14.68 -8.36 9.01
N THR A 38 -14.72 -8.32 7.68
CA THR A 38 -15.73 -9.05 6.92
C THR A 38 -15.50 -10.56 7.01
N TYR A 39 -14.35 -11.00 6.54
CA TYR A 39 -14.04 -12.42 6.52
C TYR A 39 -12.66 -12.75 7.09
N LEU A 40 -11.88 -11.72 7.41
CA LEU A 40 -10.54 -11.92 7.95
C LEU A 40 -10.58 -12.05 9.47
N ARG A 41 -11.46 -11.28 10.10
CA ARG A 41 -11.59 -11.29 11.56
C ARG A 41 -11.56 -12.71 12.13
N PRO A 42 -12.43 -13.60 11.61
CA PRO A 42 -12.49 -14.99 12.08
C PRO A 42 -11.11 -15.65 12.17
N LEU A 43 -10.20 -15.18 11.33
CA LEU A 43 -8.84 -15.71 11.30
C LEU A 43 -8.07 -15.37 12.59
N GLN A 44 -8.63 -14.49 13.40
CA GLN A 44 -7.99 -14.07 14.65
C GLN A 44 -7.51 -15.29 15.45
N THR A 45 -8.42 -16.22 15.72
CA THR A 45 -8.08 -17.42 16.48
C THR A 45 -6.94 -18.17 15.81
N SER A 46 -6.86 -18.03 14.50
CA SER A 46 -5.80 -18.66 13.72
C SER A 46 -4.51 -17.85 13.81
N GLU A 47 -4.57 -16.67 14.43
CA GLU A 47 -3.42 -15.80 14.55
C GLU A 47 -2.84 -15.50 13.17
N LYS A 48 -3.72 -15.39 12.19
CA LYS A 48 -3.34 -15.14 10.81
C LYS A 48 -2.15 -15.99 10.40
N LEU A 49 -2.48 -17.08 9.72
CA LEU A 49 -1.51 -18.02 9.19
C LEU A 49 -0.27 -18.16 10.09
N SER A 50 -0.49 -18.11 11.40
CA SER A 50 0.61 -18.22 12.35
C SER A 50 1.51 -19.42 12.02
N SER A 51 2.65 -19.15 11.41
CA SER A 51 3.59 -20.18 11.02
C SER A 51 4.74 -19.60 10.21
N ALA A 52 4.54 -19.49 8.90
CA ALA A 52 5.57 -18.91 8.02
C ALA A 52 4.95 -18.31 6.76
N ASN A 53 3.65 -18.03 6.81
CA ASN A 53 2.96 -17.42 5.68
C ASN A 53 3.19 -15.91 5.65
N ILE A 54 3.71 -15.35 6.75
CA ILE A 54 3.96 -13.92 6.84
C ILE A 54 4.66 -13.41 5.57
N SER A 55 5.92 -13.77 5.41
CA SER A 55 6.71 -13.33 4.26
C SER A 55 5.92 -13.39 2.96
N TYR A 56 4.94 -14.29 2.88
CA TYR A 56 4.13 -14.44 1.68
C TYR A 56 2.99 -13.43 1.63
N LEU A 57 1.84 -13.79 2.21
CA LEU A 57 0.68 -12.92 2.18
C LEU A 57 0.63 -11.98 3.40
N MET A 58 0.16 -12.52 4.53
CA MET A 58 0.03 -11.75 5.77
C MET A 58 1.13 -10.71 5.94
N GLY A 59 2.40 -11.14 5.81
CA GLY A 59 3.52 -10.22 5.96
C GLY A 59 3.27 -8.87 5.32
N ASN A 60 2.46 -8.87 4.27
CA ASN A 60 2.09 -7.65 3.57
C ASN A 60 0.83 -7.04 4.18
N LEU A 61 -0.31 -7.64 3.86
CA LEU A 61 -1.60 -7.15 4.34
C LEU A 61 -1.68 -7.12 5.87
N GLU A 62 -1.20 -8.17 6.53
CA GLU A 62 -1.26 -8.26 7.98
C GLU A 62 -0.57 -7.05 8.62
N GLU A 63 0.51 -6.59 7.99
CA GLU A 63 1.25 -5.44 8.48
C GLU A 63 0.68 -4.15 7.91
N ILE A 64 0.30 -4.19 6.63
CA ILE A 64 -0.27 -3.03 5.96
C ILE A 64 -1.42 -2.45 6.80
N CYS A 65 -2.04 -3.29 7.63
CA CYS A 65 -3.14 -2.85 8.48
C CYS A 65 -2.79 -1.53 9.17
N SER A 66 -1.73 -1.56 9.96
CA SER A 66 -1.26 -0.36 10.65
C SER A 66 -0.88 0.72 9.64
N PHE A 67 -0.30 0.30 8.53
CA PHE A 67 0.10 1.22 7.47
C PHE A 67 -1.13 1.95 6.90
N GLN A 68 -2.10 1.18 6.43
CA GLN A 68 -3.33 1.74 5.87
C GLN A 68 -3.86 2.91 6.71
N GLN A 69 -3.63 2.83 8.02
CA GLN A 69 -4.08 3.88 8.92
C GLN A 69 -3.17 5.11 8.83
N MET A 70 -1.89 4.91 9.14
CA MET A 70 -0.92 5.99 9.08
C MET A 70 -0.73 6.52 7.66
N LEU A 71 -1.04 5.66 6.69
CA LEU A 71 -0.89 6.01 5.27
C LEU A 71 -1.57 7.34 4.94
N VAL A 72 -2.90 7.35 5.02
CA VAL A 72 -3.69 8.53 4.66
C VAL A 72 -3.53 9.67 5.67
N GLN A 73 -3.71 9.36 6.95
CA GLN A 73 -3.61 10.37 7.99
C GLN A 73 -2.28 11.12 7.90
N SER A 74 -1.23 10.35 7.64
CA SER A 74 0.13 10.89 7.56
C SER A 74 0.18 12.22 6.80
N LEU A 75 -0.23 12.20 5.55
CA LEU A 75 -0.16 13.39 4.71
C LEU A 75 -1.43 14.24 4.79
N GLU A 76 -2.57 13.58 4.99
CA GLU A 76 -3.85 14.30 5.05
C GLU A 76 -3.98 15.11 6.33
N GLU A 77 -3.77 14.46 7.47
CA GLU A 77 -3.85 15.15 8.76
C GLU A 77 -2.95 16.37 8.77
N CYS A 78 -1.89 16.31 7.97
CA CYS A 78 -0.93 17.40 7.94
C CYS A 78 -1.36 18.49 6.96
N THR A 79 -1.62 18.11 5.73
CA THR A 79 -2.07 19.07 4.72
C THR A 79 -3.30 19.81 5.22
N LYS A 80 -4.36 19.04 5.51
CA LYS A 80 -5.60 19.60 6.05
C LYS A 80 -5.29 20.57 7.18
N LEU A 81 -4.50 20.11 8.14
CA LEU A 81 -4.05 20.96 9.23
C LEU A 81 -3.40 22.22 8.65
N PRO A 82 -2.96 23.16 9.48
CA PRO A 82 -2.32 24.39 8.99
C PRO A 82 -1.03 24.10 8.20
N GLU A 83 -1.18 23.47 7.02
CA GLU A 83 -0.02 23.16 6.20
C GLU A 83 0.91 22.18 6.92
N ALA A 84 1.74 22.73 7.80
CA ALA A 84 2.70 21.92 8.56
C ALA A 84 3.94 21.60 7.73
N GLN A 85 3.75 20.96 6.59
CA GLN A 85 4.87 20.60 5.73
C GLN A 85 4.45 20.47 4.27
N GLN A 86 3.30 19.85 4.03
CA GLN A 86 2.81 19.63 2.67
C GLN A 86 3.82 18.83 1.85
N ARG A 87 4.74 18.16 2.54
CA ARG A 87 5.76 17.37 1.86
C ARG A 87 5.45 15.88 1.94
N VAL A 88 4.59 15.41 1.04
CA VAL A 88 4.22 14.00 1.01
C VAL A 88 5.46 13.13 0.84
N GLY A 89 6.38 13.60 0.00
CA GLY A 89 7.62 12.87 -0.23
C GLY A 89 8.40 12.65 1.05
N GLY A 90 8.84 13.74 1.67
CA GLY A 90 9.62 13.64 2.90
C GLY A 90 9.05 12.61 3.87
N CYS A 91 7.73 12.53 3.94
CA CYS A 91 7.07 11.58 4.83
C CYS A 91 7.07 10.18 4.23
N PHE A 92 6.48 10.05 3.05
CA PHE A 92 6.43 8.76 2.37
C PHE A 92 7.83 8.18 2.20
N LEU A 93 8.82 9.07 2.12
CA LEU A 93 10.22 8.65 1.95
C LEU A 93 10.72 7.95 3.21
N ASN A 94 10.35 8.48 4.37
CA ASN A 94 10.75 7.88 5.64
C ASN A 94 9.87 6.67 5.95
N LEU A 95 8.66 6.70 5.42
CA LEU A 95 7.71 5.61 5.60
C LEU A 95 7.85 4.56 4.48
N MET A 96 8.62 4.90 3.44
CA MET A 96 8.84 3.99 2.33
C MET A 96 9.41 2.65 2.78
N PRO A 97 10.41 2.66 3.69
CA PRO A 97 11.04 1.44 4.19
C PRO A 97 10.03 0.33 4.48
N GLN A 98 8.80 0.73 4.80
CA GLN A 98 7.74 -0.23 5.10
C GLN A 98 7.06 -0.70 3.80
N MET A 99 6.59 0.25 3.01
CA MET A 99 5.94 -0.07 1.74
C MET A 99 6.87 -0.88 0.85
N LYS A 100 8.13 -0.49 0.81
CA LYS A 100 9.13 -1.18 0.00
C LYS A 100 9.34 -2.61 0.49
N THR A 101 9.39 -2.78 1.80
CA THR A 101 9.61 -4.09 2.41
C THR A 101 8.47 -5.06 2.08
N LEU A 102 7.25 -4.54 2.04
CA LEU A 102 6.08 -5.38 1.76
C LEU A 102 5.80 -5.44 0.26
N TYR A 103 5.78 -4.29 -0.39
CA TYR A 103 5.54 -4.23 -1.83
C TYR A 103 6.51 -5.13 -2.57
N LEU A 104 7.80 -4.95 -2.29
CA LEU A 104 8.84 -5.74 -2.93
C LEU A 104 8.62 -7.23 -2.72
N THR A 105 8.13 -7.59 -1.53
CA THR A 105 7.87 -8.98 -1.21
C THR A 105 6.64 -9.51 -1.97
N TYR A 106 5.54 -8.78 -1.88
CA TYR A 106 4.31 -9.16 -2.54
C TYR A 106 4.53 -9.41 -4.02
N CYS A 107 5.17 -8.47 -4.70
CA CYS A 107 5.43 -8.59 -6.13
C CYS A 107 6.32 -9.79 -6.43
N ALA A 108 7.25 -10.07 -5.52
CA ALA A 108 8.17 -11.19 -5.70
C ALA A 108 7.45 -12.53 -5.51
N ASN A 109 6.69 -12.62 -4.43
CA ASN A 109 5.93 -13.85 -4.13
C ASN A 109 4.59 -13.87 -4.86
N HIS A 110 4.23 -12.77 -5.52
CA HIS A 110 2.98 -12.67 -6.26
C HIS A 110 2.65 -13.97 -7.01
N PRO A 111 3.49 -14.37 -7.96
CA PRO A 111 3.28 -15.58 -8.74
C PRO A 111 2.95 -16.78 -7.86
N SER A 112 3.73 -16.96 -6.80
CA SER A 112 3.52 -18.06 -5.87
C SER A 112 2.26 -17.84 -5.03
N ALA A 113 1.99 -16.58 -4.72
CA ALA A 113 0.82 -16.22 -3.92
C ALA A 113 -0.43 -16.96 -4.39
N VAL A 114 -0.70 -16.88 -5.68
CA VAL A 114 -1.85 -17.55 -6.27
C VAL A 114 -1.89 -19.03 -5.89
N ASN A 115 -0.73 -19.68 -5.97
CA ASN A 115 -0.62 -21.10 -5.63
C ASN A 115 -0.96 -21.34 -4.18
N VAL A 116 -0.40 -20.54 -3.28
CA VAL A 116 -0.65 -20.69 -1.85
C VAL A 116 -2.13 -20.87 -1.55
N LEU A 117 -2.96 -19.97 -2.07
CA LEU A 117 -4.39 -20.03 -1.83
C LEU A 117 -5.00 -21.27 -2.45
N THR A 118 -4.80 -21.46 -3.76
CA THR A 118 -5.32 -22.65 -4.43
C THR A 118 -4.86 -23.90 -3.68
N GLU A 119 -3.75 -23.77 -2.96
CA GLU A 119 -3.22 -24.87 -2.16
C GLU A 119 -3.80 -24.85 -0.76
N HIS A 120 -4.15 -23.65 -0.28
CA HIS A 120 -4.73 -23.50 1.05
C HIS A 120 -6.22 -23.21 0.96
N SER A 121 -6.83 -23.60 -0.16
CA SER A 121 -8.26 -23.38 -0.37
C SER A 121 -9.07 -24.00 0.76
N GLU A 122 -8.57 -25.11 1.30
CA GLU A 122 -9.25 -25.82 2.38
C GLU A 122 -8.88 -25.25 3.75
N GLU A 123 -7.60 -24.91 3.92
CA GLU A 123 -7.12 -24.36 5.18
C GLU A 123 -7.85 -23.06 5.50
N LEU A 124 -7.76 -22.12 4.58
CA LEU A 124 -8.43 -20.83 4.75
C LEU A 124 -9.94 -21.00 4.61
N GLY A 125 -10.35 -21.79 3.64
CA GLY A 125 -11.75 -22.06 3.42
C GLY A 125 -12.42 -22.68 4.64
N GLU A 126 -11.60 -23.25 5.53
CA GLU A 126 -12.11 -23.90 6.73
C GLU A 126 -12.45 -22.88 7.82
N PHE A 127 -11.49 -22.04 8.18
CA PHE A 127 -11.71 -21.04 9.23
C PHE A 127 -12.91 -20.15 8.88
N MET A 128 -13.22 -20.06 7.59
CA MET A 128 -14.34 -19.24 7.13
C MET A 128 -15.69 -19.96 7.33
N GLU A 129 -15.66 -21.13 7.97
CA GLU A 129 -16.86 -21.92 8.22
C GLU A 129 -18.06 -21.05 8.61
N THR A 130 -17.78 -19.91 9.25
CA THR A 130 -18.85 -19.01 9.69
C THR A 130 -19.57 -18.36 8.50
N LYS A 131 -19.09 -18.59 7.27
CA LYS A 131 -19.73 -18.03 6.09
C LYS A 131 -19.38 -16.55 5.91
N GLY A 132 -18.13 -16.20 6.22
CA GLY A 132 -17.70 -14.83 6.09
C GLY A 132 -17.28 -14.48 4.67
N ALA A 133 -17.23 -15.48 3.80
CA ALA A 133 -16.84 -15.26 2.40
C ALA A 133 -17.92 -14.48 1.65
N SER A 134 -17.63 -14.11 0.42
CA SER A 134 -18.58 -13.37 -0.40
C SER A 134 -18.83 -14.05 -1.75
N SER A 135 -17.92 -13.83 -2.70
CA SER A 135 -18.06 -14.42 -4.02
C SER A 135 -16.84 -15.24 -4.42
N PRO A 136 -15.64 -14.65 -4.42
CA PRO A 136 -14.42 -15.38 -4.77
C PRO A 136 -13.93 -16.29 -3.64
N GLY A 137 -14.85 -17.06 -3.06
CA GLY A 137 -14.49 -17.95 -1.96
C GLY A 137 -13.62 -17.26 -0.93
N ILE A 138 -12.62 -17.98 -0.42
CA ILE A 138 -11.70 -17.42 0.56
C ILE A 138 -10.42 -16.92 -0.10
N LEU A 139 -10.28 -17.14 -1.41
CA LEU A 139 -9.10 -16.69 -2.14
C LEU A 139 -9.10 -15.18 -2.35
N VAL A 140 -10.20 -14.51 -1.95
CA VAL A 140 -10.32 -13.05 -2.11
C VAL A 140 -9.00 -12.33 -1.81
N LEU A 141 -8.20 -12.91 -0.93
CA LEU A 141 -6.92 -12.32 -0.56
C LEU A 141 -6.15 -11.79 -1.77
N THR A 142 -5.62 -12.70 -2.57
CA THR A 142 -4.83 -12.31 -3.75
C THR A 142 -5.57 -11.31 -4.62
N THR A 143 -6.66 -11.75 -5.24
CA THR A 143 -7.43 -10.88 -6.12
C THR A 143 -7.91 -9.62 -5.40
N GLY A 144 -8.79 -9.80 -4.44
CA GLY A 144 -9.32 -8.68 -3.69
C GLY A 144 -8.24 -7.71 -3.22
N LEU A 145 -7.02 -8.22 -3.04
CA LEU A 145 -5.92 -7.38 -2.59
C LEU A 145 -4.90 -7.12 -3.70
N SER A 146 -5.33 -7.33 -4.94
CA SER A 146 -4.45 -7.10 -6.09
C SER A 146 -4.76 -5.77 -6.76
N LYS A 147 -5.96 -5.25 -6.52
CA LYS A 147 -6.38 -3.98 -7.10
C LYS A 147 -5.76 -2.79 -6.36
N PRO A 148 -5.82 -2.80 -5.01
CA PRO A 148 -5.30 -1.71 -4.18
C PRO A 148 -3.91 -1.24 -4.60
N PHE A 149 -3.14 -2.10 -5.27
CA PHE A 149 -1.80 -1.74 -5.70
C PHE A 149 -1.81 -0.92 -6.99
N MET A 150 -3.01 -0.56 -7.47
CA MET A 150 -3.15 0.23 -8.67
C MET A 150 -3.11 1.73 -8.35
N ARG A 151 -3.50 2.06 -7.13
CA ARG A 151 -3.52 3.46 -6.68
C ARG A 151 -2.17 4.14 -6.87
N LEU A 152 -1.10 3.36 -6.73
CA LEU A 152 0.25 3.88 -6.87
C LEU A 152 0.41 4.71 -8.15
N ASP A 153 -0.44 4.43 -9.13
CA ASP A 153 -0.38 5.13 -10.42
C ASP A 153 -0.88 6.57 -10.28
N LYS A 154 -1.65 6.84 -9.23
CA LYS A 154 -2.17 8.19 -8.99
C LYS A 154 -1.36 8.89 -7.90
N TYR A 155 -0.74 8.08 -7.03
CA TYR A 155 0.06 8.60 -5.93
C TYR A 155 0.89 9.81 -6.34
N PRO A 156 1.71 9.67 -7.39
CA PRO A 156 2.57 10.76 -7.88
C PRO A 156 1.80 12.06 -8.10
N THR A 157 0.48 11.95 -8.20
CA THR A 157 -0.36 13.13 -8.42
C THR A 157 -0.18 14.12 -7.29
N LEU A 158 -0.28 13.64 -6.06
CA LEU A 158 -0.08 14.49 -4.89
C LEU A 158 1.37 14.92 -4.82
N LEU A 159 2.27 13.96 -4.99
CA LEU A 159 3.70 14.22 -4.97
C LEU A 159 4.07 15.38 -5.89
N LYS A 160 3.24 15.62 -6.90
CA LYS A 160 3.51 16.67 -7.88
C LYS A 160 2.89 18.01 -7.48
N GLU A 161 1.56 18.03 -7.33
CA GLU A 161 0.83 19.25 -7.01
C GLU A 161 1.04 19.69 -5.56
N LEU A 162 1.11 18.71 -4.66
CA LEU A 162 1.28 19.02 -3.24
C LEU A 162 2.68 19.55 -2.96
N GLU A 163 3.68 18.98 -3.60
CA GLU A 163 5.06 19.40 -3.40
C GLU A 163 5.25 20.86 -3.80
N ARG A 164 4.38 21.36 -4.68
CA ARG A 164 4.46 22.75 -5.12
C ARG A 164 4.43 23.70 -3.93
N HIS A 165 3.86 23.24 -2.82
CA HIS A 165 3.79 24.02 -1.59
C HIS A 165 2.89 25.24 -1.78
N MET A 166 3.39 26.28 -2.44
CA MET A 166 2.62 27.50 -2.67
C MET A 166 2.90 28.09 -4.03
N GLU A 167 3.27 27.24 -4.99
CA GLU A 167 3.54 27.69 -6.35
C GLU A 167 4.68 28.71 -6.36
N ASP A 168 4.68 29.58 -7.38
CA ASP A 168 5.72 30.62 -7.52
C ASP A 168 6.96 30.07 -8.20
N TYR A 169 7.89 30.96 -8.52
CA TYR A 169 9.13 30.57 -9.19
C TYR A 169 10.22 30.26 -8.18
N HIS A 170 9.83 30.06 -6.92
CA HIS A 170 10.78 29.76 -5.86
C HIS A 170 11.17 28.28 -5.90
N THR A 171 10.24 27.43 -5.46
CA THR A 171 10.47 25.99 -5.44
C THR A 171 11.03 25.50 -6.79
N ASP A 172 11.50 24.26 -6.82
CA ASP A 172 12.05 23.69 -8.04
C ASP A 172 11.43 22.33 -8.34
N ARG A 173 11.23 22.04 -9.62
CA ARG A 173 10.63 20.78 -10.04
C ARG A 173 11.63 19.64 -10.00
N GLN A 174 12.89 19.97 -10.26
CA GLN A 174 13.97 18.99 -10.26
C GLN A 174 13.88 18.07 -9.04
N ASP A 175 13.29 18.57 -7.95
CA ASP A 175 13.16 17.79 -6.72
C ASP A 175 12.06 16.74 -6.86
N ILE A 176 11.07 17.06 -7.68
CA ILE A 176 9.94 16.15 -7.91
C ILE A 176 10.41 14.82 -8.50
N GLN A 177 11.48 14.87 -9.29
CA GLN A 177 12.03 13.68 -9.92
C GLN A 177 12.36 12.63 -8.89
N LYS A 178 12.97 13.07 -7.80
CA LYS A 178 13.37 12.18 -6.71
C LYS A 178 12.14 11.60 -6.01
N SER A 179 11.13 12.43 -5.80
CA SER A 179 9.91 11.99 -5.14
C SER A 179 9.20 10.92 -5.97
N MET A 180 9.03 11.19 -7.25
CA MET A 180 8.37 10.25 -8.16
C MET A 180 9.28 9.06 -8.44
N ALA A 181 10.54 9.34 -8.75
CA ALA A 181 11.51 8.30 -9.05
C ALA A 181 11.77 7.42 -7.82
N ALA A 182 11.36 7.89 -6.64
CA ALA A 182 11.57 7.13 -5.41
C ALA A 182 10.39 6.21 -5.14
N PHE A 183 9.18 6.74 -5.29
CA PHE A 183 7.98 5.96 -5.07
C PHE A 183 7.73 5.00 -6.23
N LYS A 184 7.95 5.49 -7.45
CA LYS A 184 7.78 4.67 -8.64
C LYS A 184 8.80 3.55 -8.68
N ASN A 185 10.00 3.83 -8.17
CA ASN A 185 11.06 2.84 -8.12
C ASN A 185 10.56 1.51 -7.58
N LEU A 186 9.50 1.59 -6.78
CA LEU A 186 8.89 0.39 -6.20
C LEU A 186 8.17 -0.40 -7.28
N SER A 187 7.50 0.30 -8.17
CA SER A 187 6.76 -0.32 -9.26
C SER A 187 7.69 -0.70 -10.41
N ALA A 188 8.69 0.14 -10.65
CA ALA A 188 9.65 -0.11 -11.73
C ALA A 188 10.40 -1.42 -11.48
N GLN A 189 10.82 -1.63 -10.25
CA GLN A 189 11.56 -2.83 -9.89
C GLN A 189 10.66 -4.05 -9.79
N CYS A 190 9.48 -3.88 -9.20
CA CYS A 190 8.54 -4.98 -9.03
C CYS A 190 8.33 -5.73 -10.34
N GLN A 191 8.53 -5.04 -11.45
CA GLN A 191 8.37 -5.65 -12.76
C GLN A 191 9.42 -6.72 -13.01
N GLU A 192 10.54 -6.63 -12.30
CA GLU A 192 11.62 -7.59 -12.45
C GLU A 192 11.90 -8.33 -11.14
N VAL A 193 12.62 -7.68 -10.24
CA VAL A 193 12.95 -8.27 -8.96
C VAL A 193 13.71 -9.58 -9.15
N ARG A 194 14.62 -9.58 -10.12
CA ARG A 194 15.42 -10.76 -10.43
C ARG A 194 16.65 -10.86 -9.53
N LYS A 195 17.46 -9.81 -9.55
CA LYS A 195 18.69 -9.80 -8.76
C LYS A 195 18.49 -9.09 -7.42
N ARG A 196 17.24 -9.03 -6.97
CA ARG A 196 16.92 -8.37 -5.72
C ARG A 196 17.74 -8.92 -4.54
N LYS A 197 17.84 -10.25 -4.47
CA LYS A 197 18.58 -10.88 -3.38
C LYS A 197 19.51 -11.98 -3.91
N GLU A 198 19.68 -12.04 -5.23
CA GLU A 198 20.55 -13.03 -5.84
C GLU A 198 22.00 -12.57 -5.80
N LEU A 199 22.20 -11.26 -5.82
CA LEU A 199 23.54 -10.68 -5.81
C LEU A 199 24.24 -10.92 -4.47
N GLU A 200 23.46 -11.17 -3.42
CA GLU A 200 24.02 -11.41 -2.10
C GLU A 200 24.18 -12.91 -1.83
N LEU A 201 23.10 -13.66 -2.01
CA LEU A 201 23.13 -15.10 -1.79
C LEU A 201 23.80 -15.44 -0.46
N GLN A 202 23.06 -15.27 0.62
CA GLN A 202 23.59 -15.55 1.95
C GLN A 202 22.53 -16.21 2.82
N ILE A 203 21.34 -15.62 2.83
CA ILE A 203 20.22 -16.16 3.59
C ILE A 203 19.39 -17.12 2.73
N LEU A 204 19.61 -17.08 1.41
CA LEU A 204 18.87 -17.94 0.49
C LEU A 204 19.48 -19.34 0.43
N THR A 205 20.70 -19.49 0.94
CA THR A 205 21.37 -20.78 0.94
C THR A 205 20.80 -21.71 2.00
N GLU A 206 20.11 -22.76 1.54
CA GLU A 206 19.51 -23.74 2.46
C GLU A 206 20.56 -24.55 3.18
N ALA A 207 20.14 -25.33 4.17
CA ALA A 207 21.06 -26.15 4.94
C ALA A 207 20.89 -27.63 4.59
N ILE A 208 19.71 -27.98 4.07
CA ILE A 208 19.44 -29.36 3.69
C ILE A 208 20.38 -29.83 2.59
N ARG A 209 20.41 -31.14 2.35
CA ARG A 209 21.27 -31.71 1.31
C ARG A 209 20.77 -31.32 -0.07
N MET A 1 -12.18 21.40 8.83
CA MET A 1 -13.06 21.42 10.01
C MET A 1 -13.75 20.07 10.21
N LYS A 2 -13.11 19.20 10.98
CA LYS A 2 -13.65 17.87 11.25
C LYS A 2 -13.55 16.97 10.01
N GLY A 3 -14.36 17.27 9.01
CA GLY A 3 -14.36 16.48 7.79
C GLY A 3 -14.01 17.31 6.56
N PHE A 4 -14.20 18.62 6.64
CA PHE A 4 -13.92 19.53 5.53
C PHE A 4 -14.73 19.16 4.29
N ASP A 5 -14.24 18.18 3.54
CA ASP A 5 -14.92 17.73 2.32
C ASP A 5 -16.28 17.15 2.63
N THR A 6 -17.31 17.67 1.98
CA THR A 6 -18.66 17.16 2.17
C THR A 6 -19.55 17.47 0.96
N THR A 7 -19.86 18.76 0.77
CA THR A 7 -20.73 19.17 -0.33
C THR A 7 -19.92 19.73 -1.50
N ALA A 8 -19.92 18.99 -2.61
CA ALA A 8 -19.18 19.41 -3.79
C ALA A 8 -20.01 20.37 -4.63
N ILE A 9 -19.62 21.63 -4.63
CA ILE A 9 -20.33 22.64 -5.40
C ILE A 9 -19.40 23.33 -6.38
N ASN A 10 -18.22 23.72 -5.90
CA ASN A 10 -17.24 24.39 -6.73
C ASN A 10 -16.00 24.76 -5.93
N LYS A 11 -14.86 24.88 -6.61
CA LYS A 11 -13.62 25.22 -5.95
C LYS A 11 -12.45 25.26 -6.92
N SER A 12 -11.88 24.09 -7.19
CA SER A 12 -10.73 23.99 -8.08
C SER A 12 -10.25 22.54 -8.21
N TYR A 13 -9.19 22.34 -9.00
CA TYR A 13 -8.62 21.00 -9.19
C TYR A 13 -8.08 20.45 -7.88
N TYR A 14 -7.63 21.35 -7.00
CA TYR A 14 -7.09 20.95 -5.70
C TYR A 14 -8.04 19.98 -5.00
N ASN A 15 -9.22 20.47 -4.62
CA ASN A 15 -10.19 19.61 -3.94
C ASN A 15 -10.63 18.45 -4.83
N VAL A 16 -10.40 18.58 -6.13
CA VAL A 16 -10.77 17.54 -7.08
C VAL A 16 -9.69 16.46 -7.20
N VAL A 17 -8.45 16.85 -6.98
CA VAL A 17 -7.33 15.93 -7.07
C VAL A 17 -7.37 14.90 -5.95
N LEU A 18 -7.58 15.39 -4.72
CA LEU A 18 -7.67 14.50 -3.58
C LEU A 18 -8.79 13.49 -3.81
N GLN A 19 -9.93 14.02 -4.24
CA GLN A 19 -11.10 13.22 -4.55
C GLN A 19 -10.73 11.99 -5.37
N ASN A 20 -10.05 12.22 -6.48
CA ASN A 20 -9.63 11.14 -7.36
C ASN A 20 -8.75 10.15 -6.62
N ILE A 21 -7.77 10.69 -5.92
CA ILE A 21 -6.85 9.88 -5.15
C ILE A 21 -7.58 9.02 -4.13
N LEU A 22 -8.62 9.58 -3.49
CA LEU A 22 -9.41 8.82 -2.53
C LEU A 22 -9.83 7.49 -3.13
N GLU A 23 -10.41 7.54 -4.33
CA GLU A 23 -10.82 6.33 -5.03
C GLU A 23 -9.72 5.28 -5.01
N THR A 24 -8.50 5.73 -5.29
CA THR A 24 -7.34 4.84 -5.31
C THR A 24 -7.08 4.20 -3.94
N GLU A 25 -6.72 5.04 -2.96
CA GLU A 25 -6.44 4.55 -1.62
C GLU A 25 -7.66 3.88 -1.02
N ASN A 26 -8.82 4.50 -1.19
CA ASN A 26 -10.06 3.94 -0.66
C ASN A 26 -10.21 2.49 -1.13
N GLU A 27 -9.69 2.23 -2.33
CA GLU A 27 -9.71 0.89 -2.87
C GLU A 27 -8.67 0.03 -2.17
N TYR A 28 -7.54 0.65 -1.82
CA TYR A 28 -6.47 -0.06 -1.12
C TYR A 28 -6.90 -0.37 0.32
N SER A 29 -7.54 0.58 0.96
CA SER A 29 -8.00 0.43 2.34
C SER A 29 -9.27 -0.42 2.45
N LYS A 30 -10.10 -0.37 1.42
CA LYS A 30 -11.37 -1.10 1.43
C LYS A 30 -11.20 -2.56 1.02
N GLU A 31 -10.31 -2.82 0.07
CA GLU A 31 -10.05 -4.17 -0.38
C GLU A 31 -9.46 -5.03 0.73
N LEU A 32 -8.45 -4.47 1.40
CA LEU A 32 -7.79 -5.17 2.49
C LEU A 32 -8.76 -5.41 3.65
N GLN A 33 -9.48 -4.36 4.04
CA GLN A 33 -10.43 -4.48 5.13
C GLN A 33 -11.43 -5.60 4.88
N THR A 34 -11.65 -5.93 3.61
CA THR A 34 -12.59 -6.98 3.25
C THR A 34 -12.06 -8.34 3.67
N VAL A 35 -10.93 -8.73 3.09
CA VAL A 35 -10.31 -10.01 3.40
C VAL A 35 -9.67 -9.97 4.80
N LEU A 36 -9.33 -8.79 5.28
CA LEU A 36 -8.71 -8.64 6.60
C LEU A 36 -9.64 -9.11 7.73
N SER A 37 -10.89 -8.64 7.70
CA SER A 37 -11.87 -8.98 8.73
C SER A 37 -12.72 -10.20 8.36
N THR A 38 -13.48 -10.09 7.28
CA THR A 38 -14.37 -11.16 6.84
C THR A 38 -13.62 -12.46 6.55
N TYR A 39 -12.31 -12.38 6.44
CA TYR A 39 -11.50 -13.55 6.16
C TYR A 39 -10.50 -13.83 7.28
N LEU A 40 -9.64 -12.86 7.52
CA LEU A 40 -8.54 -13.02 8.46
C LEU A 40 -8.94 -12.84 9.92
N ARG A 41 -10.04 -12.14 10.18
CA ARG A 41 -10.47 -11.86 11.57
C ARG A 41 -10.23 -13.05 12.50
N PRO A 42 -10.55 -14.28 12.07
CA PRO A 42 -10.36 -15.48 12.89
C PRO A 42 -8.94 -16.03 12.81
N LEU A 43 -8.29 -15.79 11.66
CA LEU A 43 -6.94 -16.32 11.42
C LEU A 43 -5.87 -15.38 11.99
N GLN A 44 -6.20 -14.08 12.06
CA GLN A 44 -5.30 -13.04 12.55
C GLN A 44 -4.42 -13.54 13.70
N THR A 45 -4.97 -14.45 14.49
CA THR A 45 -4.26 -15.00 15.64
C THR A 45 -3.06 -15.87 15.23
N SER A 46 -2.82 -16.01 13.93
CA SER A 46 -1.69 -16.81 13.44
C SER A 46 -1.92 -18.28 13.76
N GLU A 47 -3.19 -18.69 13.82
CA GLU A 47 -3.57 -20.08 14.14
C GLU A 47 -2.57 -21.09 13.57
N LYS A 48 -2.58 -21.23 12.25
CA LYS A 48 -1.65 -22.14 11.58
C LYS A 48 -0.46 -21.37 11.03
N LEU A 49 -0.65 -20.10 10.73
CA LEU A 49 0.41 -19.26 10.22
C LEU A 49 1.16 -18.55 11.35
N SER A 50 1.43 -19.29 12.43
CA SER A 50 2.11 -18.71 13.58
C SER A 50 3.63 -18.86 13.46
N SER A 51 4.14 -18.98 12.24
CA SER A 51 5.58 -19.12 12.01
C SER A 51 5.86 -19.33 10.53
N ALA A 52 6.91 -18.67 10.04
CA ALA A 52 7.30 -18.81 8.64
C ALA A 52 6.36 -18.07 7.70
N ASN A 53 5.09 -18.44 7.71
CA ASN A 53 4.09 -17.82 6.82
C ASN A 53 4.24 -16.30 6.79
N ILE A 54 4.64 -15.73 7.90
CA ILE A 54 4.81 -14.28 7.99
C ILE A 54 5.72 -13.75 6.87
N SER A 55 7.00 -14.10 6.95
CA SER A 55 7.99 -13.63 5.99
C SER A 55 7.44 -13.50 4.57
N TYR A 56 6.64 -14.45 4.14
CA TYR A 56 6.11 -14.43 2.78
C TYR A 56 4.76 -13.70 2.68
N LEU A 57 3.69 -14.35 3.13
CA LEU A 57 2.34 -13.81 3.00
C LEU A 57 2.02 -12.81 4.11
N MET A 58 1.52 -13.31 5.24
CA MET A 58 1.11 -12.46 6.37
C MET A 58 2.04 -11.27 6.58
N GLY A 59 3.35 -11.54 6.70
CA GLY A 59 4.31 -10.47 6.96
C GLY A 59 3.99 -9.19 6.23
N ASN A 60 3.43 -9.31 5.04
CA ASN A 60 3.00 -8.16 4.26
C ASN A 60 1.56 -7.80 4.59
N LEU A 61 0.64 -8.53 3.97
CA LEU A 61 -0.80 -8.32 4.16
C LEU A 61 -1.15 -8.12 5.63
N GLU A 62 -0.63 -8.99 6.50
CA GLU A 62 -0.92 -8.91 7.93
C GLU A 62 -0.45 -7.56 8.50
N GLU A 63 0.63 -7.03 7.93
CA GLU A 63 1.19 -5.77 8.39
C GLU A 63 0.57 -4.59 7.64
N ILE A 64 0.33 -4.77 6.35
CA ILE A 64 -0.25 -3.71 5.54
C ILE A 64 -1.56 -3.20 6.17
N CYS A 65 -2.19 -4.04 7.00
CA CYS A 65 -3.43 -3.66 7.69
C CYS A 65 -3.30 -2.28 8.32
N SER A 66 -2.30 -2.12 9.16
CA SER A 66 -2.05 -0.83 9.82
C SER A 66 -1.62 0.21 8.80
N PHE A 67 -0.84 -0.23 7.81
CA PHE A 67 -0.34 0.64 6.76
C PHE A 67 -1.49 1.35 6.05
N GLN A 68 -2.32 0.57 5.35
CA GLN A 68 -3.45 1.12 4.63
C GLN A 68 -4.33 1.97 5.53
N GLN A 69 -4.27 1.72 6.83
CA GLN A 69 -5.07 2.48 7.79
C GLN A 69 -4.38 3.78 8.19
N MET A 70 -3.08 3.69 8.45
CA MET A 70 -2.30 4.86 8.85
C MET A 70 -1.97 5.73 7.65
N LEU A 71 -1.86 5.12 6.48
CA LEU A 71 -1.52 5.85 5.27
C LEU A 71 -2.45 7.04 5.04
N VAL A 72 -3.71 6.75 4.74
CA VAL A 72 -4.68 7.80 4.46
C VAL A 72 -4.92 8.68 5.69
N GLN A 73 -5.26 8.04 6.81
CA GLN A 73 -5.56 8.75 8.04
C GLN A 73 -4.45 9.75 8.38
N SER A 74 -3.23 9.35 8.10
CA SER A 74 -2.06 10.15 8.42
C SER A 74 -2.12 11.56 7.83
N LEU A 75 -1.93 11.67 6.53
CA LEU A 75 -1.83 12.97 5.86
C LEU A 75 -3.18 13.50 5.38
N GLU A 76 -4.08 12.62 4.97
CA GLU A 76 -5.36 13.05 4.43
C GLU A 76 -6.20 13.78 5.47
N GLU A 77 -6.40 13.13 6.61
CA GLU A 77 -7.20 13.70 7.69
C GLU A 77 -6.72 15.10 8.03
N CYS A 78 -5.45 15.35 7.78
CA CYS A 78 -4.87 16.64 8.11
C CYS A 78 -5.03 17.61 6.95
N THR A 79 -4.75 17.15 5.74
CA THR A 79 -4.90 17.97 4.55
C THR A 79 -6.34 18.49 4.45
N LYS A 80 -7.31 17.59 4.63
CA LYS A 80 -8.72 17.97 4.58
C LYS A 80 -8.98 19.19 5.45
N LEU A 81 -8.42 19.19 6.64
CA LEU A 81 -8.51 20.33 7.55
C LEU A 81 -7.90 21.56 6.87
N PRO A 82 -7.65 22.68 7.59
CA PRO A 82 -7.06 23.86 6.95
C PRO A 82 -5.60 23.62 6.57
N GLU A 83 -5.39 22.63 5.69
CA GLU A 83 -4.06 22.26 5.22
C GLU A 83 -3.01 22.31 6.33
N ALA A 84 -2.31 23.44 6.46
CA ALA A 84 -1.27 23.57 7.48
C ALA A 84 -0.14 22.58 7.27
N GLN A 85 -0.09 21.97 6.09
CA GLN A 85 0.95 20.99 5.75
C GLN A 85 1.13 20.93 4.24
N GLN A 86 0.13 20.38 3.55
CA GLN A 86 0.14 20.28 2.09
C GLN A 86 1.38 19.55 1.59
N ARG A 87 1.97 18.73 2.45
CA ARG A 87 3.18 18.01 2.10
C ARG A 87 2.95 16.50 2.07
N VAL A 88 2.34 16.00 1.00
CA VAL A 88 2.09 14.56 0.87
C VAL A 88 3.39 13.78 0.95
N GLY A 89 4.39 14.26 0.22
CA GLY A 89 5.70 13.63 0.22
C GLY A 89 6.30 13.54 1.61
N GLY A 90 6.25 14.65 2.35
CA GLY A 90 6.80 14.66 3.71
C GLY A 90 6.31 13.51 4.55
N CYS A 91 5.04 13.14 4.37
CA CYS A 91 4.47 12.03 5.13
C CYS A 91 4.78 10.70 4.46
N PHE A 92 4.37 10.58 3.20
CA PHE A 92 4.61 9.36 2.43
C PHE A 92 6.10 8.97 2.51
N LEU A 93 6.96 9.97 2.62
CA LEU A 93 8.40 9.74 2.72
C LEU A 93 8.75 9.01 4.01
N ASN A 94 8.00 9.31 5.06
CA ASN A 94 8.21 8.65 6.35
C ASN A 94 7.81 7.18 6.28
N LEU A 95 7.01 6.83 5.27
CA LEU A 95 6.54 5.46 5.09
C LEU A 95 7.51 4.65 4.22
N MET A 96 8.45 5.34 3.56
CA MET A 96 9.43 4.69 2.69
C MET A 96 10.14 3.54 3.39
N PRO A 97 10.84 3.80 4.51
CA PRO A 97 11.58 2.76 5.22
C PRO A 97 10.76 1.48 5.38
N GLN A 98 9.47 1.62 5.70
CA GLN A 98 8.59 0.47 5.86
C GLN A 98 8.03 0.01 4.50
N MET A 99 7.44 0.94 3.77
CA MET A 99 6.86 0.65 2.46
C MET A 99 7.88 -0.03 1.55
N LYS A 100 9.12 0.46 1.59
CA LYS A 100 10.19 -0.10 0.77
C LYS A 100 10.44 -1.57 1.11
N THR A 101 10.37 -1.90 2.39
CA THR A 101 10.62 -3.26 2.86
C THR A 101 9.52 -4.21 2.41
N LEU A 102 8.28 -3.73 2.41
CA LEU A 102 7.14 -4.54 2.02
C LEU A 102 6.92 -4.51 0.51
N TYR A 103 6.87 -3.31 -0.06
CA TYR A 103 6.66 -3.16 -1.50
C TYR A 103 7.67 -3.99 -2.28
N LEU A 104 8.94 -3.69 -2.08
CA LEU A 104 10.01 -4.39 -2.78
C LEU A 104 9.98 -5.89 -2.51
N THR A 105 10.03 -6.26 -1.23
CA THR A 105 10.01 -7.67 -0.85
C THR A 105 8.80 -8.39 -1.42
N TYR A 106 7.63 -7.79 -1.24
CA TYR A 106 6.38 -8.36 -1.72
C TYR A 106 6.52 -8.99 -3.11
N CYS A 107 7.15 -8.28 -4.03
CA CYS A 107 7.31 -8.78 -5.38
C CYS A 107 8.37 -9.88 -5.46
N ALA A 108 9.43 -9.74 -4.66
CA ALA A 108 10.50 -10.73 -4.64
C ALA A 108 10.05 -12.02 -3.95
N ASN A 109 9.14 -11.88 -2.98
CA ASN A 109 8.62 -13.03 -2.24
C ASN A 109 7.39 -13.61 -2.91
N HIS A 110 6.81 -12.87 -3.86
CA HIS A 110 5.59 -13.33 -4.55
C HIS A 110 5.64 -14.82 -4.86
N PRO A 111 6.75 -15.28 -5.48
CA PRO A 111 6.93 -16.69 -5.82
C PRO A 111 6.71 -17.63 -4.64
N SER A 112 7.01 -17.15 -3.43
CA SER A 112 6.83 -17.95 -2.23
C SER A 112 5.39 -17.89 -1.74
N ALA A 113 4.84 -16.69 -1.70
CA ALA A 113 3.48 -16.50 -1.22
C ALA A 113 2.49 -17.32 -2.03
N VAL A 114 2.52 -17.15 -3.35
CA VAL A 114 1.63 -17.89 -4.24
C VAL A 114 1.67 -19.38 -3.95
N ASN A 115 2.87 -19.90 -3.72
CA ASN A 115 3.04 -21.31 -3.41
C ASN A 115 2.38 -21.67 -2.09
N VAL A 116 2.62 -20.85 -1.06
CA VAL A 116 2.07 -21.09 0.26
C VAL A 116 0.59 -21.45 0.19
N LEU A 117 -0.18 -20.63 -0.52
CA LEU A 117 -1.61 -20.88 -0.65
C LEU A 117 -1.89 -22.16 -1.43
N THR A 118 -1.41 -22.24 -2.67
CA THR A 118 -1.59 -23.43 -3.48
C THR A 118 -1.20 -24.68 -2.69
N GLU A 119 -0.30 -24.49 -1.73
CA GLU A 119 0.15 -25.59 -0.88
C GLU A 119 -0.76 -25.74 0.34
N HIS A 120 -1.43 -24.65 0.72
CA HIS A 120 -2.32 -24.68 1.86
C HIS A 120 -3.74 -24.29 1.46
N SER A 121 -4.14 -24.72 0.27
CA SER A 121 -5.47 -24.40 -0.22
C SER A 121 -6.55 -24.94 0.70
N GLU A 122 -6.55 -26.25 0.90
CA GLU A 122 -7.52 -26.90 1.79
C GLU A 122 -7.20 -26.65 3.25
N GLU A 123 -5.94 -26.32 3.52
CA GLU A 123 -5.49 -26.04 4.87
C GLU A 123 -6.15 -24.78 5.41
N LEU A 124 -5.73 -23.66 4.87
CA LEU A 124 -6.26 -22.37 5.27
C LEU A 124 -7.77 -22.35 5.08
N GLY A 125 -8.24 -23.11 4.09
CA GLY A 125 -9.66 -23.23 3.84
C GLY A 125 -10.37 -23.90 5.00
N GLU A 126 -9.66 -24.78 5.68
CA GLU A 126 -10.21 -25.52 6.82
C GLU A 126 -10.59 -24.56 7.94
N PHE A 127 -9.66 -23.67 8.31
CA PHE A 127 -9.93 -22.72 9.38
C PHE A 127 -11.15 -21.86 9.02
N MET A 128 -11.25 -21.48 7.75
CA MET A 128 -12.37 -20.68 7.28
C MET A 128 -13.59 -21.53 6.95
N GLU A 129 -13.38 -22.83 6.79
CA GLU A 129 -14.47 -23.74 6.45
C GLU A 129 -15.56 -23.76 7.51
N THR A 130 -15.21 -23.34 8.71
CA THR A 130 -16.17 -23.34 9.80
C THR A 130 -16.91 -22.00 9.89
N LYS A 131 -16.94 -21.27 8.77
CA LYS A 131 -17.63 -19.97 8.73
C LYS A 131 -18.38 -19.78 7.40
N GLY A 132 -17.71 -20.11 6.31
CA GLY A 132 -18.33 -19.95 5.00
C GLY A 132 -17.56 -18.99 4.11
N ALA A 133 -16.35 -19.39 3.73
CA ALA A 133 -15.50 -18.55 2.88
C ALA A 133 -16.22 -18.16 1.60
N SER A 134 -15.62 -17.25 0.84
CA SER A 134 -16.17 -16.82 -0.44
C SER A 134 -16.24 -18.02 -1.40
N SER A 135 -16.05 -17.77 -2.70
CA SER A 135 -16.12 -18.85 -3.69
C SER A 135 -14.74 -19.21 -4.22
N PRO A 136 -13.87 -18.22 -4.51
CA PRO A 136 -12.51 -18.52 -4.97
C PRO A 136 -11.65 -19.09 -3.84
N GLY A 137 -12.12 -20.19 -3.23
CA GLY A 137 -11.40 -20.83 -2.15
C GLY A 137 -10.89 -19.82 -1.14
N ILE A 138 -9.83 -20.19 -0.43
CA ILE A 138 -9.23 -19.31 0.54
C ILE A 138 -8.02 -18.57 -0.04
N LEU A 139 -7.70 -18.85 -1.30
CA LEU A 139 -6.58 -18.21 -1.95
C LEU A 139 -6.90 -16.78 -2.40
N VAL A 140 -8.18 -16.39 -2.26
CA VAL A 140 -8.63 -15.04 -2.65
C VAL A 140 -7.59 -13.98 -2.34
N LEU A 141 -6.82 -14.22 -1.28
CA LEU A 141 -5.78 -13.28 -0.86
C LEU A 141 -4.92 -12.83 -2.03
N THR A 142 -3.93 -13.63 -2.39
CA THR A 142 -3.04 -13.29 -3.50
C THR A 142 -3.83 -12.88 -4.74
N THR A 143 -4.93 -13.57 -4.98
CA THR A 143 -5.76 -13.30 -6.13
C THR A 143 -6.11 -11.82 -6.23
N GLY A 144 -6.86 -11.32 -5.24
CA GLY A 144 -7.27 -9.92 -5.25
C GLY A 144 -6.25 -8.99 -4.61
N LEU A 145 -5.40 -9.54 -3.75
CA LEU A 145 -4.39 -8.75 -3.05
C LEU A 145 -3.10 -8.63 -3.87
N SER A 146 -3.18 -8.93 -5.17
CA SER A 146 -2.00 -8.87 -6.05
C SER A 146 -1.97 -7.57 -6.84
N LYS A 147 -2.50 -6.51 -6.25
CA LYS A 147 -2.52 -5.20 -6.89
C LYS A 147 -2.19 -4.09 -5.89
N PRO A 148 -1.01 -4.17 -5.24
CA PRO A 148 -0.59 -3.20 -4.23
C PRO A 148 0.19 -2.02 -4.81
N PHE A 149 0.92 -2.27 -5.90
CA PHE A 149 1.72 -1.23 -6.54
C PHE A 149 0.96 -0.55 -7.68
N MET A 150 -0.34 -0.80 -7.78
CA MET A 150 -1.17 -0.23 -8.83
C MET A 150 -1.48 1.25 -8.58
N ARG A 151 -1.35 1.68 -7.32
CA ARG A 151 -1.65 3.07 -6.96
C ARG A 151 -0.44 3.98 -7.15
N LEU A 152 0.75 3.38 -7.30
CA LEU A 152 1.97 4.16 -7.47
C LEU A 152 1.94 5.01 -8.74
N ASP A 153 1.03 4.67 -9.65
CA ASP A 153 0.92 5.38 -10.92
C ASP A 153 0.07 6.64 -10.79
N LYS A 154 -0.79 6.67 -9.78
CA LYS A 154 -1.67 7.81 -9.57
C LYS A 154 -1.18 8.72 -8.44
N TYR A 155 -0.50 8.11 -7.47
CA TYR A 155 0.02 8.85 -6.33
C TYR A 155 0.66 10.18 -6.72
N PRO A 156 1.62 10.14 -7.68
CA PRO A 156 2.37 11.32 -8.13
C PRO A 156 1.52 12.56 -8.39
N THR A 157 0.21 12.38 -8.55
CA THR A 157 -0.67 13.50 -8.82
C THR A 157 -0.65 14.49 -7.67
N LEU A 158 -1.06 14.01 -6.50
CA LEU A 158 -1.05 14.85 -5.31
C LEU A 158 0.38 15.28 -5.01
N LEU A 159 1.30 14.34 -5.21
CA LEU A 159 2.71 14.60 -5.00
C LEU A 159 3.15 15.88 -5.69
N LYS A 160 2.62 16.13 -6.89
CA LYS A 160 3.01 17.30 -7.68
C LYS A 160 2.14 18.52 -7.39
N GLU A 161 0.84 18.42 -7.63
CA GLU A 161 -0.05 19.56 -7.47
C GLU A 161 -0.27 19.93 -6.00
N LEU A 162 -0.30 18.93 -5.12
CA LEU A 162 -0.54 19.17 -3.71
C LEU A 162 0.68 19.80 -3.03
N GLU A 163 1.86 19.41 -3.48
CA GLU A 163 3.10 19.92 -2.91
C GLU A 163 3.33 21.38 -3.27
N ARG A 164 2.85 21.79 -4.44
CA ARG A 164 3.03 23.15 -4.90
C ARG A 164 2.65 24.17 -3.83
N HIS A 165 1.74 23.77 -2.94
CA HIS A 165 1.31 24.64 -1.87
C HIS A 165 0.56 25.86 -2.43
N MET A 166 1.33 26.84 -2.91
CA MET A 166 0.75 28.05 -3.48
C MET A 166 1.63 28.61 -4.59
N GLU A 167 2.47 27.75 -5.16
CA GLU A 167 3.37 28.16 -6.23
C GLU A 167 4.50 29.04 -5.69
N ASP A 168 4.24 30.33 -5.58
CA ASP A 168 5.23 31.27 -5.05
C ASP A 168 6.57 31.14 -5.76
N TYR A 169 7.64 31.59 -5.12
CA TYR A 169 8.97 31.51 -5.70
C TYR A 169 9.94 30.84 -4.74
N HIS A 170 9.89 31.22 -3.47
CA HIS A 170 10.79 30.66 -2.47
C HIS A 170 10.73 29.14 -2.50
N THR A 171 9.53 28.62 -2.76
CA THR A 171 9.31 27.19 -2.86
C THR A 171 10.42 26.51 -3.66
N ASP A 172 10.57 25.21 -3.49
CA ASP A 172 11.59 24.47 -4.22
C ASP A 172 11.09 23.07 -4.56
N ARG A 173 10.73 22.87 -5.82
CA ARG A 173 10.20 21.59 -6.29
C ARG A 173 11.22 20.47 -6.12
N GLN A 174 12.49 20.81 -6.05
CA GLN A 174 13.55 19.81 -5.92
C GLN A 174 13.19 18.76 -4.87
N ASP A 175 12.40 19.17 -3.89
CA ASP A 175 12.00 18.26 -2.81
C ASP A 175 11.02 17.21 -3.32
N ILE A 176 10.23 17.59 -4.32
CA ILE A 176 9.25 16.68 -4.92
C ILE A 176 9.95 15.63 -5.77
N GLN A 177 11.03 16.03 -6.43
CA GLN A 177 11.79 15.14 -7.28
C GLN A 177 12.21 13.88 -6.52
N LYS A 178 12.36 14.01 -5.21
CA LYS A 178 12.75 12.89 -4.38
C LYS A 178 11.57 12.01 -4.04
N SER A 179 10.40 12.62 -3.89
CA SER A 179 9.20 11.88 -3.56
C SER A 179 8.68 11.10 -4.76
N MET A 180 8.41 11.81 -5.84
CA MET A 180 7.89 11.20 -7.05
C MET A 180 8.86 10.16 -7.59
N ALA A 181 10.16 10.49 -7.54
CA ALA A 181 11.19 9.60 -8.02
C ALA A 181 11.30 8.34 -7.17
N ALA A 182 10.76 8.40 -5.95
CA ALA A 182 10.78 7.24 -5.06
C ALA A 182 9.53 6.39 -5.25
N PHE A 183 8.38 6.98 -5.01
CA PHE A 183 7.11 6.28 -5.15
C PHE A 183 7.03 5.57 -6.50
N LYS A 184 7.68 6.14 -7.51
CA LYS A 184 7.68 5.58 -8.84
C LYS A 184 8.65 4.40 -8.95
N ASN A 185 9.88 4.64 -8.51
CA ASN A 185 10.92 3.62 -8.57
C ASN A 185 10.43 2.31 -7.99
N LEU A 186 9.47 2.40 -7.07
CA LEU A 186 8.91 1.22 -6.43
C LEU A 186 8.45 0.20 -7.48
N SER A 187 7.75 0.65 -8.51
CA SER A 187 7.28 -0.24 -9.56
C SER A 187 8.37 -0.46 -10.61
N ALA A 188 9.13 0.58 -10.90
CA ALA A 188 10.22 0.50 -11.88
C ALA A 188 11.28 -0.52 -11.45
N GLN A 189 11.46 -0.66 -10.15
CA GLN A 189 12.44 -1.61 -9.62
C GLN A 189 11.82 -2.99 -9.49
N CYS A 190 10.57 -3.03 -9.02
CA CYS A 190 9.86 -4.29 -8.84
C CYS A 190 9.87 -5.12 -10.12
N GLN A 191 9.71 -4.45 -11.27
CA GLN A 191 9.72 -5.12 -12.57
C GLN A 191 11.04 -5.84 -12.78
N GLU A 192 12.11 -5.29 -12.20
CA GLU A 192 13.44 -5.88 -12.32
C GLU A 192 13.72 -6.80 -11.14
N VAL A 193 13.12 -6.48 -10.01
CA VAL A 193 13.27 -7.30 -8.80
C VAL A 193 12.80 -8.72 -9.05
N ARG A 194 11.73 -8.86 -9.81
CA ARG A 194 11.16 -10.18 -10.13
C ARG A 194 12.26 -11.17 -10.49
N LYS A 195 13.07 -10.81 -11.48
CA LYS A 195 14.17 -11.68 -11.92
C LYS A 195 15.39 -11.50 -11.03
N ARG A 196 15.48 -10.36 -10.36
CA ARG A 196 16.61 -10.07 -9.47
C ARG A 196 16.74 -11.13 -8.38
N LYS A 197 15.67 -11.29 -7.60
CA LYS A 197 15.64 -12.27 -6.51
C LYS A 197 15.48 -13.69 -7.06
N GLU A 198 14.68 -13.84 -8.09
CA GLU A 198 14.45 -15.14 -8.71
C GLU A 198 15.76 -15.82 -9.05
N LEU A 199 16.74 -15.02 -9.46
CA LEU A 199 18.06 -15.53 -9.82
C LEU A 199 18.65 -16.34 -8.67
N GLU A 200 18.79 -15.69 -7.51
CA GLU A 200 19.35 -16.35 -6.33
C GLU A 200 19.24 -15.43 -5.11
N LEU A 201 19.64 -14.17 -5.28
CA LEU A 201 19.59 -13.20 -4.20
C LEU A 201 20.42 -13.66 -3.01
N GLN A 202 21.73 -13.50 -3.11
CA GLN A 202 22.65 -13.91 -2.05
C GLN A 202 23.62 -12.78 -1.73
N ILE A 203 24.37 -12.36 -2.74
CA ILE A 203 25.31 -11.25 -2.59
C ILE A 203 24.66 -9.93 -3.01
N LEU A 204 23.59 -10.02 -3.79
CA LEU A 204 22.89 -8.83 -4.25
C LEU A 204 22.23 -8.09 -3.08
N THR A 205 22.74 -6.90 -2.78
CA THR A 205 22.22 -6.09 -1.68
C THR A 205 21.12 -5.15 -2.16
N GLU A 206 19.96 -5.21 -1.50
CA GLU A 206 18.84 -4.36 -1.88
C GLU A 206 18.99 -2.94 -1.35
N ALA A 207 18.66 -2.76 -0.08
CA ALA A 207 18.75 -1.45 0.56
C ALA A 207 18.38 -1.53 2.03
N ILE A 208 17.12 -1.84 2.31
CA ILE A 208 16.64 -1.95 3.69
C ILE A 208 17.56 -2.86 4.50
N ARG A 209 17.75 -2.53 5.77
CA ARG A 209 18.61 -3.33 6.64
C ARG A 209 17.89 -4.61 7.07
N MET A 1 -9.93 21.81 6.10
CA MET A 1 -10.77 22.13 7.28
C MET A 1 -10.01 23.00 8.29
N LYS A 2 -10.73 23.54 9.26
CA LYS A 2 -10.14 24.41 10.28
C LYS A 2 -9.63 25.70 9.64
N GLY A 3 -8.57 25.60 8.86
CA GLY A 3 -8.02 26.78 8.21
C GLY A 3 -8.02 26.66 6.70
N PHE A 4 -7.62 25.51 6.18
CA PHE A 4 -7.59 25.29 4.75
C PHE A 4 -8.98 24.96 4.22
N ASP A 5 -9.06 24.63 2.94
CA ASP A 5 -10.35 24.30 2.32
C ASP A 5 -11.21 25.55 2.20
N THR A 6 -10.57 26.69 1.96
CA THR A 6 -11.28 27.95 1.80
C THR A 6 -11.82 28.14 0.39
N THR A 7 -11.58 27.15 -0.48
CA THR A 7 -12.05 27.20 -1.85
C THR A 7 -11.29 28.27 -2.64
N ALA A 8 -11.49 29.53 -2.28
CA ALA A 8 -10.80 30.64 -2.94
C ALA A 8 -9.46 30.90 -2.28
N ILE A 9 -8.40 30.84 -3.07
CA ILE A 9 -7.05 31.07 -2.55
C ILE A 9 -6.01 30.94 -3.64
N ASN A 10 -6.33 31.46 -4.83
CA ASN A 10 -5.42 31.37 -5.96
C ASN A 10 -5.33 29.94 -6.47
N LYS A 11 -5.81 29.72 -7.69
CA LYS A 11 -5.78 28.38 -8.29
C LYS A 11 -6.72 27.44 -7.54
N SER A 12 -7.48 26.65 -8.30
CA SER A 12 -8.43 25.70 -7.72
C SER A 12 -8.04 24.26 -8.05
N TYR A 13 -7.23 24.08 -9.09
CA TYR A 13 -6.80 22.75 -9.50
C TYR A 13 -6.21 21.99 -8.31
N TYR A 14 -5.60 22.72 -7.40
CA TYR A 14 -5.00 22.12 -6.21
C TYR A 14 -6.05 21.34 -5.43
N ASN A 15 -7.20 21.97 -5.20
CA ASN A 15 -8.29 21.33 -4.48
C ASN A 15 -8.85 20.16 -5.28
N VAL A 16 -8.70 20.22 -6.60
CA VAL A 16 -9.16 19.15 -7.47
C VAL A 16 -8.18 17.98 -7.45
N VAL A 17 -6.89 18.30 -7.52
CA VAL A 17 -5.86 17.28 -7.52
C VAL A 17 -6.03 16.30 -6.37
N LEU A 18 -6.05 16.84 -5.16
CA LEU A 18 -6.22 16.00 -3.97
C LEU A 18 -7.54 15.25 -4.06
N GLN A 19 -8.54 15.90 -4.65
CA GLN A 19 -9.86 15.29 -4.81
C GLN A 19 -9.78 14.09 -5.74
N ASN A 20 -9.18 14.28 -6.90
CA ASN A 20 -9.00 13.21 -7.86
C ASN A 20 -8.32 12.02 -7.19
N ILE A 21 -7.32 12.33 -6.37
CA ILE A 21 -6.60 11.29 -5.65
C ILE A 21 -7.50 10.66 -4.59
N LEU A 22 -8.38 11.46 -3.99
CA LEU A 22 -9.31 10.96 -3.00
C LEU A 22 -10.23 9.93 -3.62
N GLU A 23 -10.81 10.28 -4.76
CA GLU A 23 -11.71 9.38 -5.48
C GLU A 23 -11.09 7.98 -5.59
N THR A 24 -9.80 7.96 -5.90
CA THR A 24 -9.07 6.71 -6.04
C THR A 24 -8.70 6.11 -4.68
N GLU A 25 -8.09 6.93 -3.83
CA GLU A 25 -7.70 6.47 -2.50
C GLU A 25 -8.91 6.00 -1.71
N ASN A 26 -9.97 6.80 -1.72
CA ASN A 26 -11.20 6.46 -1.02
C ASN A 26 -11.64 5.05 -1.42
N GLU A 27 -11.49 4.76 -2.71
CA GLU A 27 -11.83 3.44 -3.23
C GLU A 27 -10.85 2.40 -2.71
N TYR A 28 -9.61 2.83 -2.49
CA TYR A 28 -8.57 1.95 -1.98
C TYR A 28 -8.72 1.75 -0.47
N SER A 29 -9.03 2.83 0.24
CA SER A 29 -9.18 2.76 1.70
C SER A 29 -10.50 2.10 2.09
N LYS A 30 -11.54 2.39 1.32
CA LYS A 30 -12.86 1.83 1.61
C LYS A 30 -12.95 0.36 1.21
N GLU A 31 -12.15 -0.03 0.22
CA GLU A 31 -12.14 -1.40 -0.26
C GLU A 31 -11.57 -2.34 0.82
N LEU A 32 -10.42 -1.97 1.36
CA LEU A 32 -9.78 -2.77 2.40
C LEU A 32 -10.68 -2.90 3.62
N GLN A 33 -11.32 -1.79 4.00
CA GLN A 33 -12.22 -1.79 5.15
C GLN A 33 -13.32 -2.83 4.98
N THR A 34 -13.78 -2.97 3.74
CA THR A 34 -14.84 -3.92 3.44
C THR A 34 -14.45 -5.34 3.87
N VAL A 35 -13.47 -5.91 3.20
CA VAL A 35 -13.02 -7.27 3.51
C VAL A 35 -12.51 -7.38 4.95
N LEU A 36 -11.80 -6.35 5.41
CA LEU A 36 -11.25 -6.35 6.76
C LEU A 36 -12.31 -6.67 7.81
N SER A 37 -13.29 -5.78 7.93
CA SER A 37 -14.36 -5.93 8.93
C SER A 37 -15.37 -6.99 8.54
N THR A 38 -15.38 -7.38 7.27
CA THR A 38 -16.37 -8.33 6.77
C THR A 38 -16.00 -9.78 7.11
N TYR A 39 -14.85 -10.25 6.61
CA TYR A 39 -14.44 -11.62 6.87
C TYR A 39 -13.00 -11.73 7.40
N LEU A 40 -12.22 -10.67 7.27
CA LEU A 40 -10.84 -10.69 7.74
C LEU A 40 -10.75 -10.53 9.25
N ARG A 41 -11.70 -9.77 9.81
CA ARG A 41 -11.73 -9.51 11.23
C ARG A 41 -11.36 -10.74 12.07
N PRO A 42 -12.10 -11.84 11.89
CA PRO A 42 -11.81 -13.09 12.62
C PRO A 42 -10.36 -13.51 12.46
N LEU A 43 -9.84 -13.31 11.25
CA LEU A 43 -8.46 -13.66 10.92
C LEU A 43 -7.48 -12.62 11.45
N GLN A 44 -7.97 -11.41 11.66
CA GLN A 44 -7.13 -10.32 12.16
C GLN A 44 -6.38 -10.74 13.42
N THR A 45 -6.90 -11.76 14.10
CA THR A 45 -6.28 -12.27 15.31
C THR A 45 -5.19 -13.30 15.01
N SER A 46 -4.73 -13.33 13.76
CA SER A 46 -3.70 -14.27 13.33
C SER A 46 -4.19 -15.71 13.46
N GLU A 47 -5.51 -15.88 13.41
CA GLU A 47 -6.09 -17.21 13.53
C GLU A 47 -5.65 -18.12 12.38
N LYS A 48 -4.74 -19.05 12.70
CA LYS A 48 -4.24 -20.03 11.74
C LYS A 48 -3.09 -19.49 10.88
N LEU A 49 -3.10 -18.19 10.60
CA LEU A 49 -2.05 -17.59 9.78
C LEU A 49 -1.06 -16.82 10.65
N SER A 50 -1.00 -17.16 11.93
CA SER A 50 -0.09 -16.51 12.85
C SER A 50 1.36 -16.79 12.45
N SER A 51 2.22 -15.79 12.61
CA SER A 51 3.63 -15.94 12.25
C SER A 51 3.77 -16.28 10.77
N ALA A 52 3.71 -17.57 10.45
CA ALA A 52 3.79 -18.02 9.06
C ALA A 52 2.66 -17.40 8.25
N ASN A 53 2.84 -17.37 6.93
CA ASN A 53 1.84 -16.78 6.03
C ASN A 53 1.95 -15.26 5.99
N ILE A 54 2.82 -14.69 6.82
CA ILE A 54 3.01 -13.24 6.85
C ILE A 54 3.90 -12.81 5.69
N SER A 55 5.18 -13.17 5.77
CA SER A 55 6.17 -12.81 4.75
C SER A 55 5.58 -12.75 3.35
N TYR A 56 4.67 -13.66 3.04
CA TYR A 56 4.05 -13.73 1.72
C TYR A 56 2.77 -12.90 1.65
N LEU A 57 1.69 -13.42 2.24
CA LEU A 57 0.39 -12.76 2.16
C LEU A 57 0.18 -11.71 3.25
N MET A 58 -0.33 -12.14 4.40
CA MET A 58 -0.63 -11.23 5.51
C MET A 58 0.41 -10.14 5.67
N GLY A 59 1.69 -10.50 5.55
CA GLY A 59 2.76 -9.55 5.68
C GLY A 59 2.46 -8.22 4.99
N ASN A 60 1.74 -8.30 3.89
CA ASN A 60 1.33 -7.12 3.14
C ASN A 60 -0.05 -6.63 3.59
N LEU A 61 -1.08 -7.37 3.20
CA LEU A 61 -2.46 -7.01 3.54
C LEU A 61 -2.63 -6.77 5.03
N GLU A 62 -2.12 -7.69 5.85
CA GLU A 62 -2.25 -7.57 7.30
C GLU A 62 -1.66 -6.25 7.80
N GLU A 63 -0.70 -5.73 7.04
CA GLU A 63 -0.05 -4.47 7.40
C GLU A 63 -0.77 -3.28 6.78
N ILE A 64 -1.13 -3.41 5.50
CA ILE A 64 -1.81 -2.34 4.79
C ILE A 64 -2.99 -1.80 5.59
N CYS A 65 -3.55 -2.63 6.47
CA CYS A 65 -4.67 -2.21 7.30
C CYS A 65 -4.43 -0.83 7.91
N SER A 66 -3.36 -0.72 8.69
CA SER A 66 -3.00 0.54 9.32
C SER A 66 -2.50 1.55 8.28
N PHE A 67 -1.81 1.05 7.26
CA PHE A 67 -1.30 1.90 6.20
C PHE A 67 -2.45 2.60 5.49
N GLN A 68 -3.32 1.81 4.86
CA GLN A 68 -4.48 2.35 4.14
C GLN A 68 -5.20 3.42 4.97
N GLN A 69 -5.07 3.31 6.28
CA GLN A 69 -5.70 4.26 7.19
C GLN A 69 -4.88 5.56 7.28
N MET A 70 -3.59 5.41 7.54
CA MET A 70 -2.68 6.56 7.66
C MET A 70 -2.35 7.14 6.28
N LEU A 71 -2.36 6.27 5.28
CA LEU A 71 -2.03 6.66 3.91
C LEU A 71 -2.58 8.03 3.55
N VAL A 72 -3.91 8.12 3.48
CA VAL A 72 -4.57 9.37 3.13
C VAL A 72 -4.67 10.31 4.32
N GLN A 73 -4.94 9.75 5.50
CA GLN A 73 -5.10 10.55 6.71
C GLN A 73 -3.80 11.20 7.16
N SER A 74 -2.68 10.75 6.62
CA SER A 74 -1.38 11.28 7.03
C SER A 74 -0.98 12.53 6.26
N LEU A 75 -0.89 12.43 4.95
CA LEU A 75 -0.41 13.53 4.11
C LEU A 75 -1.52 14.51 3.73
N GLU A 76 -2.73 14.01 3.50
CA GLU A 76 -3.82 14.85 3.07
C GLU A 76 -4.35 15.73 4.20
N GLU A 77 -4.68 15.10 5.33
CA GLU A 77 -5.17 15.83 6.48
C GLU A 77 -4.21 16.92 6.88
N CYS A 78 -2.94 16.75 6.51
CA CYS A 78 -1.93 17.72 6.87
C CYS A 78 -2.08 18.97 6.00
N THR A 79 -2.26 18.76 4.70
CA THR A 79 -2.48 19.87 3.78
C THR A 79 -3.82 20.52 4.07
N LYS A 80 -4.89 19.70 4.01
CA LYS A 80 -6.24 20.17 4.30
C LYS A 80 -6.28 20.94 5.62
N LEU A 81 -5.38 20.56 6.52
CA LEU A 81 -5.25 21.27 7.79
C LEU A 81 -4.64 22.64 7.51
N PRO A 82 -4.37 23.47 8.53
CA PRO A 82 -3.79 24.80 8.30
C PRO A 82 -2.38 24.73 7.71
N GLU A 83 -2.25 24.12 6.52
CA GLU A 83 -0.96 24.01 5.86
C GLU A 83 0.01 23.17 6.69
N ALA A 84 0.56 23.78 7.74
CA ALA A 84 1.49 23.08 8.62
C ALA A 84 2.77 22.70 7.89
N GLN A 85 2.68 21.66 7.06
CA GLN A 85 3.83 21.19 6.30
C GLN A 85 3.38 20.60 4.97
N GLN A 86 2.60 21.37 4.23
CA GLN A 86 2.08 20.91 2.93
C GLN A 86 3.18 20.28 2.09
N ARG A 87 3.31 18.97 2.19
CA ARG A 87 4.31 18.22 1.44
C ARG A 87 4.07 16.73 1.56
N VAL A 88 4.00 16.05 0.41
CA VAL A 88 3.76 14.61 0.40
C VAL A 88 5.04 13.83 0.68
N GLY A 89 6.15 14.29 0.09
CA GLY A 89 7.42 13.62 0.28
C GLY A 89 7.73 13.40 1.74
N GLY A 90 7.86 14.49 2.49
CA GLY A 90 8.17 14.38 3.91
C GLY A 90 7.41 13.28 4.61
N CYS A 91 6.21 13.01 4.13
CA CYS A 91 5.36 11.98 4.72
C CYS A 91 5.69 10.60 4.15
N PHE A 92 5.43 10.43 2.86
CA PHE A 92 5.70 9.15 2.20
C PHE A 92 7.15 8.72 2.40
N LEU A 93 8.04 9.68 2.66
CA LEU A 93 9.46 9.38 2.86
C LEU A 93 9.73 8.79 4.24
N ASN A 94 8.93 9.19 5.22
CA ASN A 94 9.09 8.69 6.58
C ASN A 94 8.47 7.32 6.74
N LEU A 95 7.41 7.08 5.98
CA LEU A 95 6.72 5.79 6.04
C LEU A 95 7.27 4.80 5.00
N MET A 96 8.17 5.28 4.14
CA MET A 96 8.78 4.45 3.11
C MET A 96 9.31 3.14 3.70
N PRO A 97 10.19 3.24 4.72
CA PRO A 97 10.78 2.06 5.36
C PRO A 97 9.78 0.92 5.56
N GLN A 98 8.51 1.27 5.72
CA GLN A 98 7.49 0.25 5.94
C GLN A 98 6.91 -0.24 4.62
N MET A 99 6.37 0.67 3.81
CA MET A 99 5.77 0.30 2.53
C MET A 99 6.78 -0.42 1.64
N LYS A 100 8.04 -0.02 1.73
CA LYS A 100 9.09 -0.62 0.92
C LYS A 100 9.20 -2.12 1.17
N THR A 101 9.21 -2.48 2.46
CA THR A 101 9.34 -3.89 2.85
C THR A 101 8.19 -4.73 2.32
N LEU A 102 6.99 -4.17 2.33
CA LEU A 102 5.80 -4.89 1.87
C LEU A 102 5.74 -4.93 0.35
N TYR A 103 5.88 -3.76 -0.28
CA TYR A 103 5.81 -3.65 -1.73
C TYR A 103 6.64 -4.75 -2.41
N LEU A 104 7.97 -4.61 -2.35
CA LEU A 104 8.87 -5.57 -2.96
C LEU A 104 8.54 -7.00 -2.54
N THR A 105 8.56 -7.26 -1.24
CA THR A 105 8.27 -8.59 -0.72
C THR A 105 6.95 -9.11 -1.28
N TYR A 106 5.88 -8.36 -1.03
CA TYR A 106 4.56 -8.73 -1.52
C TYR A 106 4.59 -9.01 -3.02
N CYS A 107 5.10 -8.06 -3.78
CA CYS A 107 5.18 -8.19 -5.23
C CYS A 107 5.89 -9.47 -5.62
N ALA A 108 6.97 -9.79 -4.92
CA ALA A 108 7.75 -10.99 -5.19
C ALA A 108 6.96 -12.25 -4.88
N ASN A 109 6.31 -12.27 -3.72
CA ASN A 109 5.54 -13.43 -3.30
C ASN A 109 4.13 -13.44 -3.90
N HIS A 110 3.80 -12.42 -4.70
CA HIS A 110 2.48 -12.34 -5.32
C HIS A 110 2.06 -13.66 -5.95
N PRO A 111 2.93 -14.27 -6.77
CA PRO A 111 2.64 -15.55 -7.44
C PRO A 111 2.47 -16.69 -6.44
N SER A 112 3.32 -16.69 -5.41
CA SER A 112 3.27 -17.72 -4.39
C SER A 112 2.02 -17.56 -3.51
N ALA A 113 1.69 -16.30 -3.22
CA ALA A 113 0.51 -16.00 -2.41
C ALA A 113 -0.71 -16.76 -2.92
N VAL A 114 -1.00 -16.62 -4.21
CA VAL A 114 -2.13 -17.31 -4.83
C VAL A 114 -2.12 -18.79 -4.49
N ASN A 115 -0.92 -19.35 -4.38
CA ASN A 115 -0.77 -20.76 -4.07
C ASN A 115 -1.07 -21.04 -2.60
N VAL A 116 -0.65 -20.13 -1.74
CA VAL A 116 -0.87 -20.27 -0.31
C VAL A 116 -2.33 -20.60 0.01
N LEU A 117 -3.24 -19.93 -0.67
CA LEU A 117 -4.67 -20.15 -0.46
C LEU A 117 -5.12 -21.46 -1.10
N THR A 118 -4.84 -21.61 -2.38
CA THR A 118 -5.20 -22.83 -3.10
C THR A 118 -4.71 -24.05 -2.32
N GLU A 119 -3.65 -23.85 -1.55
CA GLU A 119 -3.09 -24.90 -0.72
C GLU A 119 -3.74 -24.89 0.67
N HIS A 120 -4.16 -23.70 1.11
CA HIS A 120 -4.79 -23.55 2.41
C HIS A 120 -6.28 -23.27 2.27
N SER A 121 -6.88 -23.82 1.20
CA SER A 121 -8.30 -23.61 0.96
C SER A 121 -9.14 -24.10 2.13
N GLU A 122 -8.76 -25.26 2.66
CA GLU A 122 -9.48 -25.86 3.79
C GLU A 122 -8.98 -25.27 5.12
N GLU A 123 -7.68 -25.00 5.20
CA GLU A 123 -7.09 -24.45 6.41
C GLU A 123 -7.70 -23.09 6.74
N LEU A 124 -7.66 -22.20 5.75
CA LEU A 124 -8.24 -20.87 5.92
C LEU A 124 -9.74 -20.97 6.08
N GLY A 125 -10.36 -21.80 5.25
CA GLY A 125 -11.80 -22.00 5.35
C GLY A 125 -12.21 -22.44 6.74
N GLU A 126 -11.29 -23.12 7.43
CA GLU A 126 -11.54 -23.60 8.78
C GLU A 126 -11.79 -22.45 9.73
N PHE A 127 -10.82 -21.54 9.82
CA PHE A 127 -10.96 -20.38 10.70
C PHE A 127 -12.20 -19.57 10.32
N MET A 128 -12.61 -19.67 9.05
CA MET A 128 -13.80 -18.97 8.56
C MET A 128 -15.09 -19.61 9.08
N GLU A 129 -14.97 -20.72 9.81
CA GLU A 129 -16.13 -21.43 10.34
C GLU A 129 -17.16 -20.48 10.94
N THR A 130 -16.71 -19.31 11.39
CA THR A 130 -17.62 -18.33 11.98
C THR A 130 -18.60 -17.77 10.94
N LYS A 131 -18.42 -18.12 9.67
CA LYS A 131 -19.34 -17.67 8.63
C LYS A 131 -19.15 -16.20 8.30
N GLY A 132 -17.92 -15.70 8.51
CA GLY A 132 -17.63 -14.31 8.24
C GLY A 132 -17.35 -14.04 6.77
N ALA A 133 -17.32 -15.10 5.96
CA ALA A 133 -17.08 -14.95 4.53
C ALA A 133 -18.23 -14.20 3.86
N SER A 134 -18.08 -13.88 2.58
CA SER A 134 -19.11 -13.18 1.85
C SER A 134 -19.68 -14.03 0.72
N SER A 135 -18.82 -14.46 -0.19
CA SER A 135 -19.26 -15.27 -1.32
C SER A 135 -18.13 -16.15 -1.84
N PRO A 136 -16.97 -15.58 -2.18
CA PRO A 136 -15.83 -16.36 -2.67
C PRO A 136 -15.07 -17.03 -1.52
N GLY A 137 -15.80 -17.67 -0.61
CA GLY A 137 -15.15 -18.35 0.49
C GLY A 137 -14.15 -17.47 1.23
N ILE A 138 -12.97 -18.02 1.50
CA ILE A 138 -11.94 -17.28 2.21
C ILE A 138 -10.80 -16.87 1.26
N LEU A 139 -10.76 -17.48 0.08
CA LEU A 139 -9.73 -17.17 -0.91
C LEU A 139 -9.96 -15.79 -1.55
N VAL A 140 -11.06 -15.12 -1.18
CA VAL A 140 -11.39 -13.80 -1.73
C VAL A 140 -10.15 -12.92 -1.88
N LEU A 141 -9.16 -13.12 -1.01
CA LEU A 141 -7.93 -12.33 -1.03
C LEU A 141 -7.43 -12.10 -2.45
N THR A 142 -7.15 -13.20 -3.15
CA THR A 142 -6.63 -13.13 -4.51
C THR A 142 -7.51 -12.30 -5.42
N THR A 143 -8.73 -12.77 -5.66
CA THR A 143 -9.65 -12.07 -6.55
C THR A 143 -10.03 -10.69 -5.99
N GLY A 144 -10.63 -10.69 -4.81
CA GLY A 144 -11.08 -9.45 -4.21
C GLY A 144 -9.96 -8.44 -3.98
N LEU A 145 -8.93 -8.84 -3.26
CA LEU A 145 -7.82 -7.94 -2.95
C LEU A 145 -6.69 -8.06 -3.96
N SER A 146 -7.02 -8.47 -5.18
CA SER A 146 -6.02 -8.61 -6.23
C SER A 146 -5.23 -7.32 -6.40
N LYS A 147 -5.82 -6.38 -7.13
CA LYS A 147 -5.17 -5.10 -7.40
C LYS A 147 -4.81 -4.40 -6.09
N PRO A 148 -3.52 -4.39 -5.72
CA PRO A 148 -3.05 -3.79 -4.48
C PRO A 148 -2.55 -2.36 -4.66
N PHE A 149 -1.40 -2.21 -5.30
CA PHE A 149 -0.80 -0.90 -5.50
C PHE A 149 -1.05 -0.35 -6.91
N MET A 150 -1.95 -0.99 -7.65
CA MET A 150 -2.27 -0.55 -9.01
C MET A 150 -2.45 0.97 -9.09
N ARG A 151 -2.86 1.58 -7.98
CA ARG A 151 -3.10 3.02 -7.93
C ARG A 151 -1.79 3.83 -7.89
N LEU A 152 -0.67 3.14 -7.71
CA LEU A 152 0.63 3.80 -7.63
C LEU A 152 0.97 4.57 -8.90
N ASP A 153 0.26 4.28 -9.98
CA ASP A 153 0.51 4.93 -11.27
C ASP A 153 0.04 6.39 -11.27
N LYS A 154 -0.73 6.77 -10.26
CA LYS A 154 -1.22 8.15 -10.16
C LYS A 154 -0.45 8.90 -9.06
N TYR A 155 0.13 8.16 -8.13
CA TYR A 155 0.89 8.73 -7.03
C TYR A 155 1.79 9.88 -7.51
N PRO A 156 2.71 9.59 -8.45
CA PRO A 156 3.65 10.60 -8.98
C PRO A 156 2.98 11.94 -9.27
N THR A 157 1.67 11.93 -9.47
CA THR A 157 0.94 13.15 -9.78
C THR A 157 1.04 14.16 -8.65
N LEU A 158 0.79 13.72 -7.42
CA LEU A 158 0.85 14.58 -6.26
C LEU A 158 2.31 14.94 -5.95
N LEU A 159 3.19 13.95 -6.09
CA LEU A 159 4.61 14.15 -5.81
C LEU A 159 5.20 15.28 -6.62
N LYS A 160 4.56 15.59 -7.74
CA LYS A 160 5.07 16.63 -8.63
C LYS A 160 4.50 18.00 -8.28
N GLU A 161 3.20 18.18 -8.49
CA GLU A 161 2.54 19.47 -8.29
C GLU A 161 2.38 19.80 -6.80
N LEU A 162 2.04 18.79 -6.00
CA LEU A 162 1.80 19.01 -4.58
C LEU A 162 3.07 19.52 -3.88
N GLU A 163 4.21 18.97 -4.27
CA GLU A 163 5.50 19.36 -3.67
C GLU A 163 5.92 20.76 -4.09
N ARG A 164 5.67 21.10 -5.35
CA ARG A 164 6.01 22.41 -5.87
C ARG A 164 4.94 23.45 -5.53
N HIS A 165 3.99 23.09 -4.65
CA HIS A 165 2.90 23.99 -4.25
C HIS A 165 3.33 25.44 -4.20
N MET A 166 4.60 25.68 -3.85
CA MET A 166 5.14 27.02 -3.80
C MET A 166 6.65 27.03 -3.98
N GLU A 167 7.10 26.63 -5.18
CA GLU A 167 8.53 26.60 -5.50
C GLU A 167 9.25 27.84 -4.94
N ASP A 168 9.86 27.67 -3.77
CA ASP A 168 10.58 28.76 -3.12
C ASP A 168 11.75 29.23 -3.97
N TYR A 169 11.65 30.46 -4.47
CA TYR A 169 12.70 31.03 -5.31
C TYR A 169 12.67 30.46 -6.73
N HIS A 170 11.73 29.54 -6.99
CA HIS A 170 11.63 28.93 -8.30
C HIS A 170 12.83 28.03 -8.58
N THR A 171 13.29 27.34 -7.54
CA THR A 171 14.44 26.45 -7.66
C THR A 171 14.40 25.37 -6.59
N ASP A 172 13.25 24.74 -6.44
CA ASP A 172 13.06 23.68 -5.44
C ASP A 172 12.68 22.36 -6.11
N ARG A 173 12.22 22.43 -7.36
CA ARG A 173 11.80 21.26 -8.09
C ARG A 173 12.86 20.16 -8.06
N GLN A 174 14.11 20.57 -8.11
CA GLN A 174 15.24 19.64 -8.09
C GLN A 174 15.12 18.67 -6.91
N ASP A 175 14.38 19.06 -5.88
CA ASP A 175 14.21 18.22 -4.70
C ASP A 175 13.16 17.14 -4.98
N ILE A 176 12.16 17.50 -5.78
CA ILE A 176 11.11 16.55 -6.15
C ILE A 176 11.68 15.37 -6.93
N GLN A 177 12.71 15.64 -7.72
CA GLN A 177 13.35 14.61 -8.52
C GLN A 177 13.78 13.44 -7.65
N LYS A 178 13.95 13.69 -6.36
CA LYS A 178 14.36 12.64 -5.42
C LYS A 178 13.14 11.86 -4.92
N SER A 179 12.09 12.60 -4.54
CA SER A 179 10.86 11.98 -4.04
C SER A 179 10.27 11.05 -5.09
N MET A 180 10.22 11.52 -6.33
CA MET A 180 9.68 10.74 -7.43
C MET A 180 10.62 9.61 -7.83
N ALA A 181 11.92 9.88 -7.75
CA ALA A 181 12.93 8.88 -8.11
C ALA A 181 13.01 7.77 -7.07
N ALA A 182 12.53 8.05 -5.86
CA ALA A 182 12.55 7.07 -4.78
C ALA A 182 11.31 6.18 -4.83
N PHE A 183 10.15 6.81 -4.93
CA PHE A 183 8.90 6.08 -5.02
C PHE A 183 8.84 5.23 -6.28
N LYS A 184 9.47 5.73 -7.34
CA LYS A 184 9.51 5.01 -8.61
C LYS A 184 10.45 3.82 -8.55
N ASN A 185 11.59 4.01 -7.89
CA ASN A 185 12.60 2.95 -7.76
C ASN A 185 11.93 1.63 -7.38
N LEU A 186 10.80 1.75 -6.69
CA LEU A 186 10.04 0.57 -6.28
C LEU A 186 9.62 -0.26 -7.48
N SER A 187 9.29 0.42 -8.56
CA SER A 187 8.86 -0.25 -9.79
C SER A 187 10.06 -0.86 -10.50
N ALA A 188 11.07 -0.03 -10.74
CA ALA A 188 12.28 -0.47 -11.42
C ALA A 188 12.89 -1.68 -10.72
N GLN A 189 12.73 -1.74 -9.40
CA GLN A 189 13.25 -2.83 -8.61
C GLN A 189 12.23 -3.98 -8.53
N CYS A 190 10.96 -3.60 -8.51
CA CYS A 190 9.87 -4.56 -8.44
C CYS A 190 10.03 -5.67 -9.49
N GLN A 191 10.57 -5.30 -10.65
CA GLN A 191 10.74 -6.26 -11.74
C GLN A 191 11.83 -7.27 -11.41
N GLU A 192 12.86 -6.82 -10.69
CA GLU A 192 13.96 -7.69 -10.29
C GLU A 192 13.64 -8.36 -8.96
N VAL A 193 12.91 -7.64 -8.12
CA VAL A 193 12.52 -8.16 -6.82
C VAL A 193 11.83 -9.51 -6.94
N ARG A 194 11.25 -9.76 -8.12
CA ARG A 194 10.56 -11.02 -8.37
C ARG A 194 11.38 -12.22 -7.92
N LYS A 195 12.59 -12.31 -8.45
CA LYS A 195 13.49 -13.41 -8.13
C LYS A 195 14.03 -13.27 -6.70
N ARG A 196 13.99 -12.06 -6.16
CA ARG A 196 14.45 -11.81 -4.80
C ARG A 196 13.76 -12.77 -3.83
N LYS A 197 14.54 -13.67 -3.24
CA LYS A 197 14.03 -14.66 -2.28
C LYS A 197 13.58 -15.94 -2.99
N GLU A 198 12.88 -15.77 -4.11
CA GLU A 198 12.43 -16.91 -4.89
C GLU A 198 13.59 -17.87 -5.17
N LEU A 199 14.72 -17.30 -5.54
CA LEU A 199 15.92 -18.08 -5.85
C LEU A 199 16.36 -18.91 -4.64
N GLU A 200 16.41 -18.27 -3.48
CA GLU A 200 16.80 -18.93 -2.26
C GLU A 200 18.18 -19.57 -2.34
N LEU A 201 18.82 -19.64 -1.19
CA LEU A 201 20.12 -20.28 -1.06
C LEU A 201 20.72 -20.00 0.31
N GLN A 202 20.17 -20.67 1.31
CA GLN A 202 20.66 -20.54 2.67
C GLN A 202 20.51 -21.87 3.40
N ILE A 203 19.30 -22.39 3.42
CA ILE A 203 19.02 -23.67 4.04
C ILE A 203 18.99 -24.80 3.00
N LEU A 204 18.86 -24.42 1.71
CA LEU A 204 18.82 -25.40 0.64
C LEU A 204 20.08 -26.27 0.63
N THR A 205 19.93 -27.55 0.27
CA THR A 205 21.06 -28.47 0.22
C THR A 205 20.64 -29.85 -0.31
N GLU A 206 21.29 -30.30 -1.38
CA GLU A 206 20.99 -31.61 -1.97
C GLU A 206 20.93 -32.69 -0.90
N ALA A 207 20.41 -33.86 -1.27
CA ALA A 207 20.28 -34.97 -0.33
C ALA A 207 21.41 -35.98 -0.50
N ILE A 208 22.13 -35.91 -1.62
CA ILE A 208 23.24 -36.82 -1.88
C ILE A 208 24.43 -36.45 -1.00
N ARG A 209 24.64 -37.21 0.07
CA ARG A 209 25.75 -36.96 0.98
C ARG A 209 27.09 -37.23 0.31
N MET A 1 -2.83 29.13 7.55
CA MET A 1 -2.25 27.77 7.69
C MET A 1 -3.02 26.93 8.70
N LYS A 2 -3.63 27.60 9.67
CA LYS A 2 -4.40 26.92 10.70
C LYS A 2 -5.56 26.13 10.10
N GLY A 3 -6.30 26.78 9.21
CA GLY A 3 -7.42 26.12 8.57
C GLY A 3 -7.16 25.79 7.12
N PHE A 4 -5.91 25.94 6.67
CA PHE A 4 -5.56 25.66 5.30
C PHE A 4 -6.44 26.46 4.34
N ASP A 5 -7.02 27.54 4.84
CA ASP A 5 -7.88 28.39 4.01
C ASP A 5 -7.21 28.74 2.69
N THR A 6 -7.69 28.14 1.61
CA THR A 6 -7.13 28.38 0.28
C THR A 6 -8.10 29.15 -0.61
N THR A 7 -9.28 29.47 -0.08
CA THR A 7 -10.28 30.20 -0.86
C THR A 7 -10.69 29.41 -2.09
N ALA A 8 -11.97 29.05 -2.17
CA ALA A 8 -12.48 28.28 -3.30
C ALA A 8 -12.44 29.10 -4.58
N ILE A 9 -11.38 28.88 -5.37
CA ILE A 9 -11.22 29.58 -6.63
C ILE A 9 -11.99 28.86 -7.74
N ASN A 10 -12.24 29.55 -8.85
CA ASN A 10 -13.00 28.98 -9.96
C ASN A 10 -12.14 28.09 -10.86
N LYS A 11 -10.90 27.83 -10.44
CA LYS A 11 -10.02 26.97 -11.22
C LYS A 11 -8.76 26.62 -10.43
N SER A 12 -8.71 25.38 -9.95
CA SER A 12 -7.56 24.92 -9.18
C SER A 12 -7.47 23.40 -9.20
N TYR A 13 -6.83 22.87 -10.24
CA TYR A 13 -6.67 21.42 -10.38
C TYR A 13 -6.05 20.83 -9.12
N TYR A 14 -5.25 21.63 -8.43
CA TYR A 14 -4.61 21.18 -7.20
C TYR A 14 -5.62 20.56 -6.24
N ASN A 15 -6.59 21.37 -5.82
CA ASN A 15 -7.63 20.90 -4.91
C ASN A 15 -8.40 19.72 -5.51
N VAL A 16 -8.39 19.62 -6.83
CA VAL A 16 -9.08 18.55 -7.52
C VAL A 16 -8.33 17.23 -7.37
N VAL A 17 -7.01 17.30 -7.46
CA VAL A 17 -6.18 16.12 -7.33
C VAL A 17 -6.47 15.38 -6.02
N LEU A 18 -6.21 16.03 -4.90
CA LEU A 18 -6.44 15.41 -3.60
C LEU A 18 -7.86 14.88 -3.52
N GLN A 19 -8.78 15.55 -4.20
CA GLN A 19 -10.17 15.13 -4.22
C GLN A 19 -10.32 13.84 -5.01
N ASN A 20 -9.86 13.85 -6.25
CA ASN A 20 -9.92 12.67 -7.10
C ASN A 20 -9.14 11.53 -6.48
N ILE A 21 -8.01 11.87 -5.87
CA ILE A 21 -7.18 10.87 -5.21
C ILE A 21 -7.99 10.15 -4.14
N LEU A 22 -8.93 10.85 -3.51
CA LEU A 22 -9.77 10.23 -2.49
C LEU A 22 -10.59 9.11 -3.12
N GLU A 23 -11.17 9.38 -4.28
CA GLU A 23 -11.97 8.39 -4.99
C GLU A 23 -11.25 7.05 -5.04
N THR A 24 -9.96 7.09 -5.34
CA THR A 24 -9.14 5.89 -5.43
C THR A 24 -8.86 5.29 -4.05
N GLU A 25 -8.29 6.10 -3.16
CA GLU A 25 -7.95 5.64 -1.81
C GLU A 25 -9.21 5.23 -1.04
N ASN A 26 -10.26 6.03 -1.19
CA ASN A 26 -11.53 5.75 -0.52
C ASN A 26 -11.98 4.33 -0.80
N GLU A 27 -11.66 3.85 -2.01
CA GLU A 27 -11.97 2.49 -2.39
C GLU A 27 -10.94 1.52 -1.83
N TYR A 28 -9.72 2.03 -1.67
CA TYR A 28 -8.61 1.23 -1.16
C TYR A 28 -8.77 1.02 0.35
N SER A 29 -9.14 2.07 1.05
CA SER A 29 -9.30 2.02 2.50
C SER A 29 -10.53 1.19 2.88
N LYS A 30 -11.59 1.31 2.09
CA LYS A 30 -12.82 0.57 2.35
C LYS A 30 -12.70 -0.89 1.92
N GLU A 31 -11.94 -1.13 0.87
CA GLU A 31 -11.75 -2.48 0.35
C GLU A 31 -11.19 -3.40 1.44
N LEU A 32 -10.21 -2.89 2.17
CA LEU A 32 -9.56 -3.66 3.22
C LEU A 32 -10.46 -3.76 4.45
N GLN A 33 -11.12 -2.66 4.80
CA GLN A 33 -12.01 -2.64 5.96
C GLN A 33 -13.14 -3.64 5.80
N THR A 34 -13.69 -3.73 4.59
CA THR A 34 -14.78 -4.65 4.31
C THR A 34 -14.36 -6.09 4.60
N VAL A 35 -13.36 -6.56 3.89
CA VAL A 35 -12.87 -7.93 4.05
C VAL A 35 -12.29 -8.14 5.45
N LEU A 36 -11.57 -7.14 5.94
CA LEU A 36 -10.95 -7.23 7.26
C LEU A 36 -11.97 -7.58 8.34
N SER A 37 -13.10 -6.88 8.34
CA SER A 37 -14.14 -7.14 9.32
C SER A 37 -15.06 -8.27 8.87
N THR A 38 -15.26 -8.38 7.57
CA THR A 38 -16.14 -9.39 6.99
C THR A 38 -15.49 -10.77 7.02
N TYR A 39 -14.17 -10.81 7.14
CA TYR A 39 -13.44 -12.08 7.13
C TYR A 39 -12.43 -12.18 8.25
N LEU A 40 -11.41 -11.33 8.18
CA LEU A 40 -10.30 -11.35 9.13
C LEU A 40 -10.69 -10.85 10.54
N ARG A 41 -11.93 -10.42 10.71
CA ARG A 41 -12.40 -9.91 12.01
C ARG A 41 -11.85 -10.73 13.18
N PRO A 42 -12.09 -12.05 13.18
CA PRO A 42 -11.61 -12.95 14.24
C PRO A 42 -10.20 -13.47 13.99
N LEU A 43 -9.87 -13.67 12.71
CA LEU A 43 -8.55 -14.18 12.33
C LEU A 43 -7.47 -13.12 12.56
N GLN A 44 -7.88 -11.85 12.60
CA GLN A 44 -6.95 -10.73 12.79
C GLN A 44 -5.95 -11.01 13.89
N THR A 45 -6.32 -11.87 14.85
CA THR A 45 -5.42 -12.19 15.95
C THR A 45 -4.31 -13.15 15.52
N SER A 46 -4.27 -13.50 14.24
CA SER A 46 -3.26 -14.42 13.73
C SER A 46 -3.51 -15.83 14.26
N GLU A 47 -4.79 -16.15 14.46
CA GLU A 47 -5.19 -17.45 14.99
C GLU A 47 -4.33 -18.59 14.44
N LYS A 48 -4.62 -18.99 13.20
CA LYS A 48 -3.90 -20.09 12.58
C LYS A 48 -2.74 -19.61 11.70
N LEU A 49 -2.72 -18.32 11.40
CA LEU A 49 -1.67 -17.76 10.53
C LEU A 49 -0.50 -17.21 11.33
N SER A 50 -0.38 -17.63 12.60
CA SER A 50 0.72 -17.17 13.45
C SER A 50 1.86 -18.18 13.44
N SER A 51 2.05 -18.84 12.30
CA SER A 51 3.12 -19.83 12.16
C SER A 51 4.16 -19.40 11.13
N ALA A 52 3.73 -18.56 10.19
CA ALA A 52 4.63 -18.06 9.14
C ALA A 52 3.85 -17.38 8.01
N ASN A 53 2.58 -17.74 7.86
CA ASN A 53 1.72 -17.18 6.81
C ASN A 53 1.95 -15.68 6.64
N ILE A 54 2.36 -15.00 7.72
CA ILE A 54 2.60 -13.55 7.67
C ILE A 54 3.35 -13.16 6.38
N SER A 55 4.59 -13.64 6.27
CA SER A 55 5.46 -13.32 5.13
C SER A 55 4.69 -13.21 3.81
N TYR A 56 3.75 -14.13 3.59
CA TYR A 56 2.99 -14.14 2.34
C TYR A 56 1.71 -13.32 2.43
N LEU A 57 0.71 -13.85 3.14
CA LEU A 57 -0.60 -13.21 3.21
C LEU A 57 -0.67 -12.12 4.29
N MET A 58 -1.05 -12.52 5.50
CA MET A 58 -1.22 -11.58 6.61
C MET A 58 -0.17 -10.48 6.62
N GLY A 59 1.10 -10.86 6.43
CA GLY A 59 2.19 -9.90 6.44
C GLY A 59 1.83 -8.62 5.69
N ASN A 60 1.00 -8.75 4.66
CA ASN A 60 0.57 -7.61 3.87
C ASN A 60 -0.73 -7.02 4.44
N LEU A 61 -1.83 -7.73 4.23
CA LEU A 61 -3.14 -7.26 4.68
C LEU A 61 -3.15 -6.99 6.18
N GLU A 62 -2.57 -7.90 6.95
CA GLU A 62 -2.55 -7.77 8.40
C GLU A 62 -1.84 -6.49 8.84
N GLU A 63 -0.78 -6.13 8.12
CA GLU A 63 -0.01 -4.93 8.44
C GLU A 63 -0.62 -3.71 7.75
N ILE A 64 -0.91 -3.84 6.46
CA ILE A 64 -1.48 -2.74 5.70
C ILE A 64 -2.65 -2.10 6.45
N CYS A 65 -3.38 -2.90 7.21
CA CYS A 65 -4.52 -2.40 7.98
C CYS A 65 -4.18 -1.09 8.67
N SER A 66 -3.05 -1.07 9.37
CA SER A 66 -2.59 0.14 10.05
C SER A 66 -2.18 1.19 9.02
N PHE A 67 -1.59 0.74 7.92
CA PHE A 67 -1.15 1.64 6.86
C PHE A 67 -2.35 2.27 6.15
N GLN A 68 -3.18 1.44 5.53
CA GLN A 68 -4.36 1.92 4.81
C GLN A 68 -5.08 3.04 5.57
N GLN A 69 -4.98 3.01 6.90
CA GLN A 69 -5.60 4.02 7.73
C GLN A 69 -4.79 5.32 7.70
N MET A 70 -3.54 5.24 8.12
CA MET A 70 -2.65 6.39 8.15
C MET A 70 -2.35 6.88 6.74
N LEU A 71 -2.32 5.95 5.79
CA LEU A 71 -2.04 6.26 4.38
C LEU A 71 -2.68 7.57 3.94
N VAL A 72 -4.01 7.64 4.02
CA VAL A 72 -4.74 8.82 3.60
C VAL A 72 -4.74 9.91 4.67
N GLN A 73 -5.09 9.53 5.90
CA GLN A 73 -5.16 10.47 7.01
C GLN A 73 -3.83 11.21 7.17
N SER A 74 -2.74 10.48 7.01
CA SER A 74 -1.40 11.03 7.18
C SER A 74 -1.24 12.41 6.54
N LEU A 75 -0.92 12.43 5.26
CA LEU A 75 -0.64 13.69 4.56
C LEU A 75 -1.90 14.47 4.21
N GLU A 76 -3.08 13.87 4.30
CA GLU A 76 -4.32 14.57 3.97
C GLU A 76 -4.80 15.42 5.14
N GLU A 77 -5.12 14.77 6.25
CA GLU A 77 -5.61 15.49 7.42
C GLU A 77 -4.65 16.60 7.82
N CYS A 78 -3.39 16.47 7.41
CA CYS A 78 -2.39 17.46 7.77
C CYS A 78 -2.31 18.57 6.73
N THR A 79 -2.45 18.21 5.46
CA THR A 79 -2.44 19.20 4.38
C THR A 79 -3.73 20.00 4.40
N LYS A 80 -4.85 19.28 4.44
CA LYS A 80 -6.17 19.87 4.41
C LYS A 80 -6.43 20.78 5.62
N LEU A 81 -5.76 20.50 6.74
CA LEU A 81 -6.01 21.28 7.95
C LEU A 81 -4.79 22.13 8.37
N PRO A 82 -3.74 21.53 8.98
CA PRO A 82 -2.59 22.30 9.47
C PRO A 82 -1.57 22.66 8.40
N GLU A 83 -1.83 22.25 7.16
CA GLU A 83 -0.91 22.52 6.04
C GLU A 83 0.56 22.32 6.47
N ALA A 84 1.19 23.39 6.95
CA ALA A 84 2.58 23.32 7.39
C ALA A 84 3.54 23.26 6.20
N GLN A 85 3.61 22.10 5.58
CA GLN A 85 4.51 21.90 4.44
C GLN A 85 3.78 21.30 3.24
N GLN A 86 2.70 20.56 3.48
CA GLN A 86 1.95 19.93 2.42
C GLN A 86 2.86 19.04 1.57
N ARG A 87 3.94 18.56 2.18
CA ARG A 87 4.90 17.72 1.48
C ARG A 87 4.58 16.24 1.69
N VAL A 88 4.06 15.60 0.64
CA VAL A 88 3.72 14.18 0.71
C VAL A 88 4.96 13.32 0.92
N GLY A 89 5.99 13.58 0.12
CA GLY A 89 7.22 12.82 0.21
C GLY A 89 7.71 12.66 1.64
N GLY A 90 7.87 13.77 2.34
CA GLY A 90 8.34 13.73 3.72
C GLY A 90 7.63 12.68 4.54
N CYS A 91 6.39 12.39 4.19
CA CYS A 91 5.61 11.38 4.89
C CYS A 91 5.81 10.00 4.27
N PHE A 92 5.44 9.88 3.00
CA PHE A 92 5.59 8.63 2.27
C PHE A 92 7.00 8.07 2.41
N LEU A 93 7.96 8.97 2.59
CA LEU A 93 9.36 8.58 2.72
C LEU A 93 9.61 7.90 4.06
N ASN A 94 8.80 8.24 5.06
CA ASN A 94 8.94 7.67 6.38
C ASN A 94 8.25 6.30 6.47
N LEU A 95 7.24 6.11 5.64
CA LEU A 95 6.49 4.86 5.62
C LEU A 95 7.09 3.85 4.63
N MET A 96 7.98 4.33 3.76
CA MET A 96 8.61 3.46 2.77
C MET A 96 9.17 2.20 3.42
N PRO A 97 9.97 2.35 4.48
CA PRO A 97 10.56 1.21 5.19
C PRO A 97 9.57 0.09 5.39
N GLN A 98 8.30 0.45 5.56
CA GLN A 98 7.24 -0.54 5.78
C GLN A 98 6.75 -1.12 4.46
N MET A 99 6.26 -0.25 3.57
CA MET A 99 5.76 -0.67 2.27
C MET A 99 6.84 -1.41 1.49
N LYS A 100 8.09 -1.00 1.68
CA LYS A 100 9.22 -1.60 0.97
C LYS A 100 9.28 -3.10 1.24
N THR A 101 8.99 -3.48 2.48
CA THR A 101 9.04 -4.89 2.88
C THR A 101 7.79 -5.63 2.40
N LEU A 102 6.64 -4.97 2.53
CA LEU A 102 5.38 -5.58 2.13
C LEU A 102 5.24 -5.63 0.60
N TYR A 103 5.81 -4.62 -0.06
CA TYR A 103 5.74 -4.53 -1.52
C TYR A 103 6.63 -5.58 -2.19
N LEU A 104 7.93 -5.47 -1.97
CA LEU A 104 8.88 -6.40 -2.57
C LEU A 104 8.54 -7.85 -2.23
N THR A 105 8.52 -8.15 -0.93
CA THR A 105 8.22 -9.50 -0.47
C THR A 105 6.94 -10.03 -1.12
N TYR A 106 5.87 -9.27 -1.02
CA TYR A 106 4.59 -9.67 -1.59
C TYR A 106 4.73 -10.06 -3.06
N CYS A 107 5.48 -9.26 -3.81
CA CYS A 107 5.70 -9.52 -5.23
C CYS A 107 6.19 -10.94 -5.46
N ALA A 108 7.10 -11.39 -4.60
CA ALA A 108 7.66 -12.74 -4.71
C ALA A 108 6.76 -13.77 -4.06
N ASN A 109 5.90 -13.33 -3.14
CA ASN A 109 4.99 -14.23 -2.44
C ASN A 109 3.67 -14.36 -3.18
N HIS A 110 3.41 -13.47 -4.14
CA HIS A 110 2.17 -13.49 -4.91
C HIS A 110 1.86 -14.91 -5.40
N PRO A 111 2.84 -15.58 -6.04
CA PRO A 111 2.65 -16.94 -6.57
C PRO A 111 2.20 -17.92 -5.49
N SER A 112 2.93 -17.96 -4.39
CA SER A 112 2.61 -18.87 -3.29
C SER A 112 1.33 -18.45 -2.59
N ALA A 113 1.13 -17.13 -2.47
CA ALA A 113 -0.06 -16.59 -1.82
C ALA A 113 -1.34 -17.31 -2.26
N VAL A 114 -1.64 -17.23 -3.55
CA VAL A 114 -2.82 -17.88 -4.10
C VAL A 114 -2.91 -19.33 -3.65
N ASN A 115 -1.76 -19.97 -3.47
CA ASN A 115 -1.71 -21.36 -3.03
C ASN A 115 -1.99 -21.48 -1.54
N VAL A 116 -1.52 -20.50 -0.78
CA VAL A 116 -1.73 -20.48 0.67
C VAL A 116 -3.20 -20.72 1.01
N LEU A 117 -4.08 -20.06 0.27
CA LEU A 117 -5.51 -20.18 0.50
C LEU A 117 -6.05 -21.47 -0.10
N THR A 118 -5.76 -21.71 -1.37
CA THR A 118 -6.20 -22.94 -2.04
C THR A 118 -5.83 -24.14 -1.19
N GLU A 119 -4.77 -24.00 -0.41
CA GLU A 119 -4.32 -25.05 0.47
C GLU A 119 -4.98 -24.94 1.84
N HIS A 120 -5.35 -23.71 2.22
CA HIS A 120 -6.00 -23.48 3.50
C HIS A 120 -7.48 -23.17 3.29
N SER A 121 -8.03 -23.72 2.22
CA SER A 121 -9.45 -23.51 1.90
C SER A 121 -10.34 -23.99 3.04
N GLU A 122 -9.96 -25.10 3.66
CA GLU A 122 -10.73 -25.68 4.75
C GLU A 122 -10.45 -24.97 6.07
N GLU A 123 -9.19 -24.62 6.30
CA GLU A 123 -8.82 -23.95 7.54
C GLU A 123 -9.44 -22.57 7.61
N LEU A 124 -9.18 -21.75 6.60
CA LEU A 124 -9.76 -20.42 6.53
C LEU A 124 -11.28 -20.52 6.41
N GLY A 125 -11.74 -21.43 5.57
CA GLY A 125 -13.16 -21.63 5.40
C GLY A 125 -13.83 -22.05 6.69
N GLU A 126 -13.06 -22.69 7.58
CA GLU A 126 -13.57 -23.13 8.86
C GLU A 126 -14.03 -21.94 9.70
N PHE A 127 -13.14 -20.98 9.92
CA PHE A 127 -13.50 -19.81 10.70
C PHE A 127 -14.66 -19.07 10.04
N MET A 128 -14.77 -19.20 8.73
CA MET A 128 -15.83 -18.55 7.96
C MET A 128 -17.17 -19.28 8.11
N GLU A 129 -17.20 -20.34 8.93
CA GLU A 129 -18.42 -21.12 9.14
C GLU A 129 -19.55 -20.29 9.75
N THR A 130 -19.24 -19.08 10.21
CA THR A 130 -20.24 -18.21 10.82
C THR A 130 -21.19 -17.58 9.79
N LYS A 131 -21.03 -17.94 8.51
CA LYS A 131 -21.90 -17.42 7.45
C LYS A 131 -21.52 -15.98 7.10
N GLY A 132 -20.30 -15.59 7.45
CA GLY A 132 -19.84 -14.24 7.15
C GLY A 132 -19.17 -14.15 5.78
N ALA A 133 -19.36 -15.18 4.96
CA ALA A 133 -18.77 -15.20 3.62
C ALA A 133 -19.59 -14.38 2.64
N SER A 134 -18.95 -13.94 1.57
CA SER A 134 -19.61 -13.13 0.55
C SER A 134 -20.05 -14.00 -0.62
N SER A 135 -19.08 -14.50 -1.39
CA SER A 135 -19.37 -15.36 -2.54
C SER A 135 -18.19 -16.27 -2.86
N PRO A 136 -16.99 -15.71 -3.06
CA PRO A 136 -15.80 -16.52 -3.34
C PRO A 136 -15.26 -17.17 -2.07
N GLY A 137 -16.15 -17.82 -1.31
CA GLY A 137 -15.73 -18.47 -0.08
C GLY A 137 -15.00 -17.53 0.86
N ILE A 138 -13.84 -17.96 1.32
CA ILE A 138 -13.02 -17.15 2.23
C ILE A 138 -11.76 -16.65 1.54
N LEU A 139 -11.40 -17.26 0.42
CA LEU A 139 -10.19 -16.88 -0.31
C LEU A 139 -10.32 -15.48 -0.91
N VAL A 140 -11.51 -14.89 -0.83
CA VAL A 140 -11.76 -13.53 -1.37
C VAL A 140 -10.56 -12.61 -1.16
N LEU A 141 -9.82 -12.83 -0.08
CA LEU A 141 -8.64 -12.02 0.25
C LEU A 141 -7.82 -11.66 -0.99
N THR A 142 -7.24 -12.67 -1.63
CA THR A 142 -6.41 -12.46 -2.81
C THR A 142 -7.11 -11.54 -3.82
N THR A 143 -8.25 -11.99 -4.33
CA THR A 143 -9.00 -11.24 -5.32
C THR A 143 -9.12 -9.76 -4.94
N GLY A 144 -9.62 -9.50 -3.73
CA GLY A 144 -9.78 -8.13 -3.28
C GLY A 144 -8.47 -7.48 -2.90
N LEU A 145 -7.47 -8.30 -2.59
CA LEU A 145 -6.16 -7.79 -2.20
C LEU A 145 -5.24 -7.63 -3.41
N SER A 146 -5.82 -7.61 -4.61
CA SER A 146 -5.04 -7.45 -5.83
C SER A 146 -5.12 -6.02 -6.35
N LYS A 147 -6.18 -5.32 -6.00
CA LYS A 147 -6.40 -3.94 -6.42
C LYS A 147 -5.20 -3.05 -6.08
N PRO A 148 -4.68 -3.15 -4.84
CA PRO A 148 -3.57 -2.31 -4.38
C PRO A 148 -2.43 -2.18 -5.39
N PHE A 149 -2.31 -3.15 -6.29
CA PHE A 149 -1.25 -3.13 -7.30
C PHE A 149 -1.62 -2.21 -8.48
N MET A 150 -2.76 -1.55 -8.39
CA MET A 150 -3.21 -0.66 -9.46
C MET A 150 -2.91 0.81 -9.15
N ARG A 151 -2.96 1.15 -7.87
CA ARG A 151 -2.74 2.54 -7.44
C ARG A 151 -1.32 3.01 -7.70
N LEU A 152 -0.44 2.12 -8.11
CA LEU A 152 0.95 2.47 -8.36
C LEU A 152 1.08 3.46 -9.52
N ASP A 153 0.02 3.60 -10.31
CA ASP A 153 0.03 4.52 -11.44
C ASP A 153 -0.61 5.86 -11.07
N LYS A 154 -0.74 6.12 -9.78
CA LYS A 154 -1.34 7.36 -9.31
C LYS A 154 -0.43 8.07 -8.31
N TYR A 155 0.19 7.29 -7.42
CA TYR A 155 1.07 7.82 -6.39
C TYR A 155 1.89 9.02 -6.86
N PRO A 156 2.79 8.80 -7.85
CA PRO A 156 3.65 9.86 -8.37
C PRO A 156 2.88 11.11 -8.80
N THR A 157 1.58 10.96 -8.99
CA THR A 157 0.75 12.09 -9.41
C THR A 157 0.77 13.19 -8.36
N LEU A 158 0.50 12.83 -7.12
CA LEU A 158 0.51 13.79 -6.02
C LEU A 158 1.93 14.20 -5.69
N LEU A 159 2.84 13.25 -5.78
CA LEU A 159 4.25 13.48 -5.47
C LEU A 159 4.83 14.61 -6.32
N LYS A 160 4.18 14.91 -7.44
CA LYS A 160 4.67 15.94 -8.35
C LYS A 160 4.10 17.32 -8.02
N GLU A 161 2.82 17.52 -8.34
CA GLU A 161 2.19 18.83 -8.14
C GLU A 161 1.88 19.10 -6.67
N LEU A 162 1.51 18.07 -5.93
CA LEU A 162 1.19 18.23 -4.52
C LEU A 162 2.42 18.60 -3.70
N GLU A 163 3.59 18.22 -4.21
CA GLU A 163 4.85 18.52 -3.53
C GLU A 163 5.15 20.01 -3.54
N ARG A 164 5.03 20.63 -4.71
CA ARG A 164 5.32 22.06 -4.82
C ARG A 164 4.21 22.90 -4.18
N HIS A 165 2.99 22.77 -4.70
CA HIS A 165 1.84 23.52 -4.20
C HIS A 165 2.18 24.99 -3.99
N MET A 166 3.17 25.47 -4.75
CA MET A 166 3.62 26.86 -4.67
C MET A 166 4.92 27.03 -5.46
N GLU A 167 4.88 26.62 -6.72
CA GLU A 167 6.06 26.72 -7.58
C GLU A 167 6.17 28.08 -8.25
N ASP A 168 5.38 29.05 -7.79
CA ASP A 168 5.40 30.39 -8.36
C ASP A 168 6.69 31.13 -8.01
N TYR A 169 7.48 30.55 -7.12
CA TYR A 169 8.73 31.16 -6.70
C TYR A 169 9.43 30.31 -5.65
N HIS A 170 8.65 29.77 -4.71
CA HIS A 170 9.20 28.94 -3.64
C HIS A 170 9.82 27.66 -4.19
N THR A 171 11.13 27.71 -4.44
CA THR A 171 11.85 26.56 -4.95
C THR A 171 11.82 25.41 -3.95
N ASP A 172 11.12 24.33 -4.30
CA ASP A 172 11.01 23.18 -3.43
C ASP A 172 10.81 21.89 -4.23
N ARG A 173 11.21 21.92 -5.50
CA ARG A 173 11.06 20.76 -6.37
C ARG A 173 12.17 19.74 -6.12
N GLN A 174 13.37 20.24 -5.84
CA GLN A 174 14.52 19.39 -5.58
C GLN A 174 14.17 18.24 -4.64
N ASP A 175 13.15 18.44 -3.81
CA ASP A 175 12.74 17.42 -2.86
C ASP A 175 11.92 16.33 -3.54
N ILE A 176 11.24 16.70 -4.62
CA ILE A 176 10.40 15.75 -5.36
C ILE A 176 11.22 14.65 -6.01
N GLN A 177 12.48 14.97 -6.33
CA GLN A 177 13.37 13.99 -6.96
C GLN A 177 13.44 12.73 -6.12
N LYS A 178 13.62 12.92 -4.82
CA LYS A 178 13.74 11.81 -3.88
C LYS A 178 12.41 11.07 -3.72
N SER A 179 11.31 11.79 -3.91
CA SER A 179 9.98 11.19 -3.78
C SER A 179 9.64 10.33 -4.99
N MET A 180 9.71 10.95 -6.17
CA MET A 180 9.44 10.23 -7.41
C MET A 180 10.43 9.10 -7.61
N ALA A 181 11.66 9.31 -7.14
CA ALA A 181 12.71 8.31 -7.25
C ALA A 181 12.59 7.24 -6.18
N ALA A 182 11.82 7.52 -5.13
CA ALA A 182 11.65 6.58 -4.04
C ALA A 182 10.51 5.61 -4.30
N PHE A 183 9.30 6.15 -4.46
CA PHE A 183 8.13 5.33 -4.71
C PHE A 183 8.31 4.45 -5.94
N LYS A 184 8.99 4.98 -6.95
CA LYS A 184 9.25 4.24 -8.18
C LYS A 184 10.24 3.10 -7.94
N ASN A 185 11.33 3.42 -7.26
CA ASN A 185 12.36 2.42 -6.97
C ASN A 185 11.73 1.14 -6.43
N LEU A 186 10.58 1.30 -5.79
CA LEU A 186 9.87 0.16 -5.22
C LEU A 186 9.37 -0.76 -6.34
N SER A 187 8.65 -0.18 -7.29
CA SER A 187 8.12 -0.95 -8.42
C SER A 187 9.22 -1.27 -9.41
N ALA A 188 10.17 -0.35 -9.56
CA ALA A 188 11.29 -0.55 -10.48
C ALA A 188 12.13 -1.77 -10.08
N GLN A 189 12.15 -2.05 -8.78
CA GLN A 189 12.90 -3.18 -8.26
C GLN A 189 12.21 -4.50 -8.61
N CYS A 190 10.91 -4.57 -8.31
CA CYS A 190 10.13 -5.77 -8.58
C CYS A 190 10.33 -6.22 -10.03
N GLN A 191 10.67 -5.28 -10.89
CA GLN A 191 10.89 -5.58 -12.30
C GLN A 191 12.20 -6.32 -12.52
N GLU A 192 13.21 -5.96 -11.75
CA GLU A 192 14.53 -6.58 -11.87
C GLU A 192 14.67 -7.73 -10.87
N VAL A 193 14.08 -7.58 -9.70
CA VAL A 193 14.13 -8.62 -8.67
C VAL A 193 13.67 -9.95 -9.24
N ARG A 194 12.70 -9.90 -10.14
CA ARG A 194 12.16 -11.09 -10.77
C ARG A 194 13.28 -11.99 -11.30
N LYS A 195 14.17 -11.40 -12.09
CA LYS A 195 15.29 -12.13 -12.65
C LYS A 195 16.45 -12.19 -11.66
N ARG A 196 16.47 -11.24 -10.72
CA ARG A 196 17.51 -11.17 -9.72
C ARG A 196 17.62 -12.47 -8.93
N LYS A 197 16.48 -12.94 -8.40
CA LYS A 197 16.46 -14.16 -7.61
C LYS A 197 16.26 -15.40 -8.49
N GLU A 198 15.71 -15.19 -9.68
CA GLU A 198 15.48 -16.28 -10.61
C GLU A 198 16.80 -16.82 -11.15
N LEU A 199 17.65 -15.91 -11.62
CA LEU A 199 18.96 -16.28 -12.14
C LEU A 199 19.87 -16.76 -11.03
N GLU A 200 19.80 -16.09 -9.88
CA GLU A 200 20.62 -16.44 -8.74
C GLU A 200 20.60 -17.93 -8.43
N LEU A 201 21.36 -18.30 -7.41
CA LEU A 201 21.47 -19.67 -6.96
C LEU A 201 22.40 -20.48 -7.85
N GLN A 202 23.45 -19.82 -8.34
CA GLN A 202 24.44 -20.50 -9.18
C GLN A 202 25.51 -21.13 -8.30
N ILE A 203 26.37 -20.29 -7.74
CA ILE A 203 27.42 -20.77 -6.85
C ILE A 203 26.96 -20.77 -5.40
N LEU A 204 25.86 -20.07 -5.12
CA LEU A 204 25.31 -20.00 -3.77
C LEU A 204 25.08 -21.40 -3.20
N THR A 205 24.48 -21.45 -2.01
CA THR A 205 24.19 -22.72 -1.34
C THR A 205 25.42 -23.64 -1.33
N GLU A 206 26.60 -23.04 -1.38
CA GLU A 206 27.84 -23.81 -1.37
C GLU A 206 27.89 -24.76 -0.19
N ALA A 207 28.27 -24.26 0.97
CA ALA A 207 28.36 -25.08 2.18
C ALA A 207 28.58 -24.21 3.41
N ILE A 208 29.84 -23.91 3.70
CA ILE A 208 30.18 -23.07 4.85
C ILE A 208 29.89 -23.79 6.15
N ARG A 209 30.14 -25.10 6.17
CA ARG A 209 29.90 -25.90 7.36
C ARG A 209 30.83 -27.12 7.40
#